data_4ANI
#
_entry.id   4ANI
#
_cell.length_a   279.975
_cell.length_b   279.975
_cell.length_c   278.820
_cell.angle_alpha   90.00
_cell.angle_beta   90.00
_cell.angle_gamma   90.00
#
_symmetry.space_group_name_H-M   'I 41 2 2'
#
loop_
_entity.id
_entity.type
_entity.pdbx_description
1 polymer 'PROTEIN GRPE'
2 polymer 'CHAPERONE PROTEIN DNAK'
#
loop_
_entity_poly.entity_id
_entity_poly.type
_entity_poly.pdbx_seq_one_letter_code
_entity_poly.pdbx_strand_id
1 'polypeptide(L)'
;MEQGEKQVMEQATYDEPEREQPIEEEAAPQPEEESGGVPLEEAGGEEAAEPAEKAPTAEELAAAKAQIAELEAKLSEMEH
RYLRLYADFENFRRRTRQEMEAAEKYRAQSLASDLLPVLDNFERALKIETDNEQAKSILQGMEMVYRSLVDALKKEGVEA
IEAVGKPFDPYLHQAVMQAEAEGYEPNTVVEELQKGYKLKDRVLRPAMVKVSQ
;
A,B,E,F
2 'polypeptide(L)'
;MSKIIGIDLGTTNSCVAVLEGGEVKVIPNPEGNRTTPSVVAFKNGERLVGEVAKRQAITNPNTIISIKRHMGTDYKVEIE
GKQYTPQEISAIILQYLKSYAEDYLGEPVTRAVITVPAYFNDAQRQATKDAGRIAGLEVERIINEPTAAALAYGLDKEED
QTILVYDLGGGTFDVSILELGDGVFEVKATAGDNHLGGDDFDQVIIDYLVNQFKQEHGIDLSKDKMALQRLKDAAEKAKK
ELSGVTQTQISLPFISANENGPLHLEMTLTRAKFEELSAHLVERTMGPVRQALQDAGLTPADIDKVILVGGSTRIPAVQE
AIKRELGKEPHKGVNPDEVVAIGAAIQGGVIAGEVKDVVLLDVTPLSLGIETMGGVFTKLIERNTTIPTSKSQVFTTAAD
NQTTVDIHVLQGERPMAADNKSLGRFQLTGIPPAPRGVPQIEVTFDIDANGIVHVRAKDLGTNKEQSITIKSSSGLSEEE
IQRMIKEAEENAEADRKRKEAAELRNEAD
;
C,D,G,H
#
# COMPACT_ATOMS: atom_id res chain seq x y z
N ALA A 58 -24.33 1.82 -60.54
CA ALA A 58 -23.89 3.14 -60.09
C ALA A 58 -25.02 3.88 -59.37
N GLU A 59 -25.91 3.11 -58.72
CA GLU A 59 -26.87 3.62 -57.73
C GLU A 59 -26.38 3.15 -56.36
N GLU A 60 -26.34 1.83 -56.20
CA GLU A 60 -25.70 1.18 -55.06
C GLU A 60 -24.21 1.45 -55.18
N LEU A 61 -23.76 1.60 -56.42
CA LEU A 61 -22.33 1.70 -56.75
C LEU A 61 -21.74 3.08 -56.36
N ALA A 62 -22.47 4.16 -56.65
CA ALA A 62 -22.01 5.52 -56.29
C ALA A 62 -22.64 6.08 -55.01
N ALA A 63 -23.55 5.29 -54.41
CA ALA A 63 -24.23 5.67 -53.17
C ALA A 63 -23.19 6.12 -52.15
N ALA A 64 -22.11 5.35 -52.09
CA ALA A 64 -20.95 5.68 -51.29
C ALA A 64 -20.38 7.07 -51.53
N LYS A 65 -19.91 7.35 -52.75
CA LYS A 65 -19.31 8.64 -53.07
C LYS A 65 -20.21 9.77 -52.60
N ALA A 66 -21.53 9.60 -52.77
CA ALA A 66 -22.52 10.54 -52.23
C ALA A 66 -22.49 10.69 -50.70
N GLN A 67 -22.82 9.64 -49.97
CA GLN A 67 -22.91 9.76 -48.51
C GLN A 67 -21.59 10.15 -47.90
N ILE A 68 -20.50 9.63 -48.46
CA ILE A 68 -19.17 10.05 -48.10
C ILE A 68 -19.15 11.57 -48.23
N ALA A 69 -19.54 12.07 -49.40
CA ALA A 69 -19.64 13.53 -49.66
C ALA A 69 -20.48 14.33 -48.64
N GLU A 70 -21.41 13.65 -47.96
CA GLU A 70 -22.06 14.27 -46.81
C GLU A 70 -21.24 14.20 -45.54
N LEU A 71 -20.74 13.01 -45.22
CA LEU A 71 -20.19 12.76 -43.91
C LEU A 71 -18.84 13.36 -43.66
N GLU A 72 -17.94 13.30 -44.64
CA GLU A 72 -16.66 13.99 -44.46
C GLU A 72 -16.89 15.42 -43.94
N ALA A 73 -17.91 16.08 -44.47
CA ALA A 73 -18.16 17.47 -44.14
C ALA A 73 -19.22 17.57 -43.07
N LYS A 74 -19.70 16.44 -42.60
CA LYS A 74 -20.42 16.47 -41.35
C LYS A 74 -19.36 16.54 -40.27
N LEU A 75 -18.37 15.67 -40.35
CA LEU A 75 -17.27 15.82 -39.44
C LEU A 75 -16.64 17.19 -39.57
N SER A 76 -15.87 17.50 -40.62
CA SER A 76 -14.97 18.68 -40.52
C SER A 76 -15.57 19.95 -39.89
N GLU A 77 -16.73 20.36 -40.41
CA GLU A 77 -17.58 21.36 -39.77
C GLU A 77 -17.68 21.00 -38.27
N MET A 78 -18.34 19.89 -37.96
CA MET A 78 -18.51 19.57 -36.56
C MET A 78 -17.21 19.40 -35.82
N GLU A 79 -16.10 19.20 -36.50
CA GLU A 79 -14.84 18.99 -35.82
C GLU A 79 -14.31 20.33 -35.39
N HIS A 80 -14.65 21.39 -36.13
CA HIS A 80 -14.32 22.72 -35.60
C HIS A 80 -15.23 23.06 -34.43
N ARG A 81 -16.52 22.87 -34.61
CA ARG A 81 -17.44 23.09 -33.49
C ARG A 81 -16.93 22.30 -32.28
N TYR A 82 -16.17 21.24 -32.60
CA TYR A 82 -15.66 20.30 -31.61
C TYR A 82 -14.44 20.84 -30.86
N LEU A 83 -13.42 21.33 -31.57
CA LEU A 83 -12.23 21.84 -30.86
C LEU A 83 -12.49 23.19 -30.20
N ARG A 84 -13.46 23.93 -30.72
CA ARG A 84 -13.60 25.29 -30.23
C ARG A 84 -13.89 25.27 -28.74
N LEU A 85 -14.85 24.46 -28.33
CA LEU A 85 -15.21 24.42 -26.93
C LEU A 85 -13.90 24.30 -26.22
N TYR A 86 -12.97 23.55 -26.75
CA TYR A 86 -11.64 23.62 -26.16
C TYR A 86 -11.05 25.03 -26.16
N ALA A 87 -10.68 25.57 -27.30
CA ALA A 87 -9.88 26.81 -27.26
C ALA A 87 -10.46 27.77 -26.25
N ASP A 88 -11.75 28.00 -26.37
CA ASP A 88 -12.39 28.80 -25.38
C ASP A 88 -12.00 28.25 -24.01
N PHE A 89 -12.54 27.09 -23.64
CA PHE A 89 -12.34 26.56 -22.28
C PHE A 89 -10.89 26.47 -21.84
N GLU A 90 -10.11 25.63 -22.50
CA GLU A 90 -8.70 25.43 -22.17
C GLU A 90 -8.05 26.78 -22.01
N ASN A 91 -8.61 27.80 -22.65
CA ASN A 91 -8.20 29.16 -22.33
C ASN A 91 -8.76 29.57 -20.96
N PHE A 92 -10.07 29.44 -20.83
CA PHE A 92 -10.84 29.92 -19.70
C PHE A 92 -10.23 29.50 -18.39
N ARG A 93 -9.64 28.32 -18.35
CA ARG A 93 -8.85 27.98 -17.20
C ARG A 93 -7.91 29.16 -17.11
N ARG A 94 -6.96 29.25 -18.03
CA ARG A 94 -5.86 30.21 -17.92
C ARG A 94 -6.34 31.56 -17.47
N ARG A 95 -7.42 32.05 -18.04
CA ARG A 95 -7.89 33.36 -17.60
C ARG A 95 -8.34 33.33 -16.13
N THR A 96 -9.25 32.45 -15.75
CA THR A 96 -9.66 32.47 -14.36
C THR A 96 -8.44 32.34 -13.51
N ARG A 97 -7.57 31.44 -13.91
CA ARG A 97 -6.29 31.20 -13.26
C ARG A 97 -5.59 32.53 -13.01
N GLN A 98 -5.76 33.49 -13.91
CA GLN A 98 -5.17 34.81 -13.71
C GLN A 98 -6.03 35.66 -12.78
N GLU A 99 -7.34 35.45 -12.82
CA GLU A 99 -8.29 36.26 -12.06
C GLU A 99 -8.19 36.05 -10.55
N MET A 100 -8.10 34.81 -10.11
CA MET A 100 -7.87 34.55 -8.69
C MET A 100 -6.63 35.32 -8.26
N GLU A 101 -5.49 35.02 -8.88
CA GLU A 101 -4.24 35.65 -8.49
C GLU A 101 -4.30 37.16 -8.75
N ALA A 102 -5.39 37.60 -9.40
CA ALA A 102 -5.71 39.01 -9.51
C ALA A 102 -6.30 39.53 -8.21
N ALA A 103 -7.33 38.85 -7.72
CA ALA A 103 -7.96 39.28 -6.48
C ALA A 103 -7.00 39.23 -5.30
N GLU A 104 -6.13 38.22 -5.25
CA GLU A 104 -5.23 38.16 -4.10
C GLU A 104 -4.51 39.49 -3.90
N LYS A 105 -3.84 39.99 -4.92
CA LYS A 105 -3.10 41.23 -4.77
C LYS A 105 -4.02 42.43 -4.74
N TYR A 106 -5.00 42.47 -5.63
CA TYR A 106 -5.79 43.69 -5.76
C TYR A 106 -7.14 43.72 -5.07
N ARG A 107 -7.51 42.69 -4.32
CA ARG A 107 -8.93 42.54 -3.92
C ARG A 107 -9.46 43.52 -2.88
N ALA A 108 -8.56 44.34 -2.33
CA ALA A 108 -8.94 45.39 -1.41
C ALA A 108 -9.76 46.46 -2.11
N GLN A 109 -9.53 46.60 -3.40
CA GLN A 109 -9.75 47.84 -4.12
C GLN A 109 -11.05 48.52 -3.73
N SER A 110 -12.16 47.79 -3.72
CA SER A 110 -13.44 48.45 -3.67
C SER A 110 -13.34 49.51 -2.62
N LEU A 111 -12.81 49.10 -1.49
CA LEU A 111 -12.60 50.04 -0.39
C LEU A 111 -11.72 51.22 -0.80
N ALA A 112 -10.45 51.01 -1.10
CA ALA A 112 -9.61 52.16 -1.36
C ALA A 112 -10.36 53.12 -2.29
N SER A 113 -10.98 52.59 -3.33
CA SER A 113 -11.77 53.43 -4.24
C SER A 113 -12.77 54.23 -3.44
N ASP A 114 -13.74 53.53 -2.87
CA ASP A 114 -14.87 54.13 -2.15
C ASP A 114 -14.42 54.92 -0.92
N LEU A 115 -13.13 54.85 -0.66
CA LEU A 115 -12.47 55.66 0.33
C LEU A 115 -12.11 57.02 -0.26
N LEU A 116 -11.55 57.03 -1.45
CA LEU A 116 -10.95 58.27 -1.91
C LEU A 116 -11.78 59.56 -1.78
N PRO A 117 -13.11 59.49 -1.95
CA PRO A 117 -13.76 60.78 -1.69
C PRO A 117 -13.58 61.21 -0.25
N VAL A 118 -13.81 60.34 0.73
CA VAL A 118 -13.63 60.71 2.15
C VAL A 118 -12.17 61.07 2.42
N LEU A 119 -11.28 60.18 2.07
CA LEU A 119 -9.86 60.42 2.23
C LEU A 119 -9.49 61.71 1.51
N ASP A 120 -10.37 62.16 0.64
CA ASP A 120 -10.21 63.47 0.04
C ASP A 120 -10.76 64.57 0.90
N ASN A 121 -11.96 64.38 1.43
CA ASN A 121 -12.58 65.44 2.16
C ASN A 121 -11.56 65.84 3.11
N PHE A 122 -10.83 64.87 3.62
CA PHE A 122 -9.69 65.20 4.47
C PHE A 122 -8.69 66.18 3.84
N GLU A 123 -8.31 66.01 2.58
CA GLU A 123 -7.36 66.96 1.98
C GLU A 123 -8.01 68.31 1.92
N ARG A 124 -9.32 68.31 1.69
CA ARG A 124 -10.11 69.53 1.58
C ARG A 124 -10.23 70.28 2.91
N ALA A 125 -10.51 69.53 3.95
CA ALA A 125 -10.70 70.05 5.30
C ALA A 125 -9.35 70.41 5.84
N LEU A 126 -8.35 69.69 5.39
CA LEU A 126 -7.00 69.82 5.89
C LEU A 126 -6.60 71.26 5.72
N LYS A 127 -6.86 71.85 4.55
CA LYS A 127 -6.64 73.26 4.43
C LYS A 127 -8.04 73.81 4.51
N ILE A 128 -8.42 74.24 5.70
CA ILE A 128 -9.58 75.09 5.91
C ILE A 128 -9.11 76.46 6.34
N GLU A 129 -7.81 76.69 6.42
CA GLU A 129 -7.42 77.72 7.36
C GLU A 129 -7.44 79.10 6.75
N THR A 130 -8.56 79.73 7.05
CA THR A 130 -8.75 81.13 7.18
C THR A 130 -8.85 81.40 8.70
N ASP A 131 -8.79 80.31 9.49
CA ASP A 131 -9.35 80.34 10.85
C ASP A 131 -8.53 80.90 12.04
N ASN A 132 -9.09 80.79 13.24
CA ASN A 132 -8.64 81.60 14.39
C ASN A 132 -8.36 80.92 15.77
N GLU A 133 -9.42 80.35 16.34
CA GLU A 133 -9.53 79.92 17.76
C GLU A 133 -9.27 78.47 18.21
N GLN A 134 -9.91 78.15 19.33
CA GLN A 134 -10.07 76.79 19.88
C GLN A 134 -10.51 75.74 18.87
N ALA A 135 -11.22 76.16 17.82
CA ALA A 135 -11.72 75.29 16.73
C ALA A 135 -10.61 74.70 15.91
N LYS A 136 -9.57 75.49 15.70
CA LYS A 136 -8.41 74.94 15.09
C LYS A 136 -7.87 73.79 15.94
N SER A 137 -8.20 73.71 17.22
CA SER A 137 -7.86 72.49 17.96
C SER A 137 -8.53 71.26 17.34
N ILE A 138 -9.83 71.39 17.08
CA ILE A 138 -10.57 70.38 16.33
C ILE A 138 -9.83 69.99 15.07
N LEU A 139 -9.35 70.96 14.29
CA LEU A 139 -8.61 70.56 13.10
C LEU A 139 -7.17 70.09 13.32
N GLN A 140 -6.61 70.32 14.51
CA GLN A 140 -5.29 69.80 14.80
C GLN A 140 -5.59 68.42 15.25
N GLY A 141 -6.90 68.14 15.28
CA GLY A 141 -7.40 66.81 15.47
C GLY A 141 -7.43 65.97 14.22
N MET A 142 -7.72 66.60 13.10
CA MET A 142 -7.81 65.78 11.90
C MET A 142 -6.47 65.50 11.24
N GLU A 143 -5.58 66.46 11.10
CA GLU A 143 -4.32 66.18 10.40
C GLU A 143 -3.53 65.08 11.07
N MET A 144 -4.07 64.51 12.16
CA MET A 144 -3.62 63.19 12.66
C MET A 144 -4.30 62.03 11.92
N VAL A 145 -5.61 61.93 12.09
CA VAL A 145 -6.40 60.89 11.44
C VAL A 145 -6.06 60.77 9.97
N TYR A 146 -6.08 61.89 9.26
CA TYR A 146 -5.89 61.92 7.81
C TYR A 146 -4.44 62.08 7.40
N ARG A 147 -3.54 62.01 8.39
CA ARG A 147 -2.15 61.65 8.11
C ARG A 147 -2.04 60.17 8.39
N SER A 148 -3.05 59.64 9.06
CA SER A 148 -3.10 58.21 9.37
C SER A 148 -3.77 57.31 8.34
N LEU A 149 -4.92 57.73 7.83
CA LEU A 149 -5.64 56.92 6.88
C LEU A 149 -4.64 56.62 5.80
N VAL A 150 -3.72 57.56 5.59
CA VAL A 150 -2.67 57.40 4.60
C VAL A 150 -1.75 56.25 4.88
N ASP A 151 -1.31 56.15 6.13
CA ASP A 151 -0.50 55.03 6.53
C ASP A 151 -1.33 53.74 6.50
N ALA A 152 -2.63 53.89 6.75
CA ALA A 152 -3.56 52.79 6.65
C ALA A 152 -3.51 52.22 5.23
N LEU A 153 -4.08 52.92 4.26
CA LEU A 153 -4.07 52.41 2.92
C LEU A 153 -2.64 51.97 2.63
N LYS A 154 -1.66 52.70 3.17
CA LYS A 154 -0.26 52.45 2.81
C LYS A 154 0.20 51.06 3.17
N LYS A 155 -0.36 50.50 4.25
CA LYS A 155 -0.10 49.10 4.59
C LYS A 155 -0.41 48.24 3.36
N GLU A 156 -1.51 48.58 2.71
CA GLU A 156 -1.96 47.83 1.55
C GLU A 156 -1.24 48.32 0.33
N GLY A 157 -0.29 49.22 0.54
CA GLY A 157 0.56 49.69 -0.54
C GLY A 157 -0.12 50.65 -1.50
N VAL A 158 -1.16 51.35 -1.03
CA VAL A 158 -1.84 52.32 -1.88
C VAL A 158 -1.21 53.67 -1.70
N GLU A 159 -0.51 54.12 -2.71
CA GLU A 159 0.11 55.41 -2.63
C GLU A 159 -0.77 56.43 -3.34
N ALA A 160 -0.27 57.65 -3.43
CA ALA A 160 -0.97 58.64 -4.22
C ALA A 160 -0.09 58.97 -5.40
N ILE A 161 -0.74 59.15 -6.54
CA ILE A 161 -0.02 59.41 -7.78
C ILE A 161 0.67 60.76 -7.73
N GLU A 162 1.88 60.82 -8.26
CA GLU A 162 2.71 62.00 -8.16
C GLU A 162 2.61 62.94 -9.37
N ALA A 163 2.21 64.17 -9.06
CA ALA A 163 1.86 65.24 -10.01
C ALA A 163 2.89 66.38 -9.92
N VAL A 164 2.55 67.56 -10.43
CA VAL A 164 3.39 68.74 -10.17
C VAL A 164 4.78 68.79 -10.82
N GLY A 165 4.76 69.17 -12.10
CA GLY A 165 5.97 69.47 -12.84
C GLY A 165 6.61 68.25 -13.43
N LYS A 166 5.75 67.40 -13.99
CA LYS A 166 6.17 66.17 -14.63
C LYS A 166 5.42 66.05 -15.95
N PRO A 167 6.00 65.34 -16.92
CA PRO A 167 5.41 65.26 -18.27
C PRO A 167 4.08 64.55 -18.26
N PHE A 168 3.02 65.23 -17.80
CA PHE A 168 1.80 64.55 -17.36
C PHE A 168 1.28 63.58 -18.41
N ASP A 169 1.18 62.32 -18.02
CA ASP A 169 0.82 61.25 -18.93
C ASP A 169 -0.55 60.79 -18.52
N PRO A 170 -1.58 61.16 -19.28
CA PRO A 170 -2.97 61.09 -18.81
C PRO A 170 -3.25 59.69 -18.33
N TYR A 171 -2.36 58.79 -18.72
CA TYR A 171 -2.40 57.44 -18.23
C TYR A 171 -2.59 57.56 -16.73
N LEU A 172 -1.73 58.30 -16.06
CA LEU A 172 -1.85 58.57 -14.61
C LEU A 172 -2.44 59.91 -14.18
N HIS A 173 -2.84 60.76 -15.12
CA HIS A 173 -3.56 61.97 -14.75
C HIS A 173 -4.66 62.31 -15.69
N GLN A 174 -5.63 63.00 -15.12
CA GLN A 174 -6.71 63.57 -15.89
C GLN A 174 -6.41 65.03 -15.82
N ALA A 175 -6.41 65.70 -16.98
CA ALA A 175 -6.21 67.15 -17.02
C ALA A 175 -7.56 67.84 -17.17
N VAL A 176 -7.72 68.97 -16.53
CA VAL A 176 -8.95 69.71 -16.72
C VAL A 176 -8.61 71.12 -17.10
N MET A 177 -7.96 71.81 -16.17
CA MET A 177 -7.53 73.17 -16.39
C MET A 177 -6.26 73.21 -17.21
N GLN A 178 -6.32 73.87 -18.35
CA GLN A 178 -5.11 74.36 -18.97
C GLN A 178 -5.01 75.70 -18.31
N ALA A 179 -3.83 76.04 -17.82
CA ALA A 179 -3.62 77.37 -17.25
C ALA A 179 -2.87 78.18 -18.29
N GLU A 180 -3.27 79.44 -18.44
CA GLU A 180 -2.63 80.26 -19.43
C GLU A 180 -1.46 80.79 -18.62
N ALA A 181 -0.27 80.26 -18.91
CA ALA A 181 0.90 80.61 -18.12
C ALA A 181 2.17 80.55 -18.94
N GLU A 182 3.03 81.54 -18.68
CA GLU A 182 4.45 81.48 -18.95
C GLU A 182 5.24 81.12 -17.67
N GLY A 183 4.49 80.76 -16.62
CA GLY A 183 5.04 80.52 -15.29
C GLY A 183 6.04 79.39 -15.11
N TYR A 184 5.75 78.21 -15.68
CA TYR A 184 6.70 77.10 -15.62
C TYR A 184 7.20 76.71 -17.02
N GLU A 185 6.33 76.03 -17.76
CA GLU A 185 6.61 75.53 -19.10
C GLU A 185 5.23 75.32 -19.75
N PRO A 186 5.19 74.73 -20.96
CA PRO A 186 3.92 74.24 -21.49
C PRO A 186 3.60 72.80 -21.04
N ASN A 187 2.43 72.27 -21.43
CA ASN A 187 2.18 70.81 -21.48
C ASN A 187 2.31 70.06 -20.15
N THR A 188 2.84 70.75 -19.14
CA THR A 188 3.27 70.07 -17.93
C THR A 188 2.32 70.36 -16.77
N VAL A 189 2.19 69.37 -15.89
CA VAL A 189 1.29 69.43 -14.75
C VAL A 189 1.57 70.67 -13.93
N VAL A 190 0.55 71.48 -13.69
CA VAL A 190 0.77 72.62 -12.80
C VAL A 190 0.38 72.27 -11.37
N GLU A 191 -0.91 72.13 -11.09
CA GLU A 191 -1.29 71.82 -9.72
C GLU A 191 -2.28 70.66 -9.55
N GLU A 192 -2.02 69.82 -8.55
CA GLU A 192 -2.91 68.74 -8.22
C GLU A 192 -4.15 69.38 -7.62
N LEU A 193 -5.32 68.85 -7.97
CA LEU A 193 -6.60 69.41 -7.50
C LEU A 193 -7.35 68.43 -6.60
N GLN A 194 -7.74 67.32 -7.17
CA GLN A 194 -8.12 66.17 -6.38
C GLN A 194 -6.95 65.22 -6.55
N LYS A 195 -6.28 64.91 -5.44
CA LYS A 195 -5.03 64.16 -5.50
C LYS A 195 -5.15 62.79 -6.20
N GLY A 196 -4.04 62.33 -6.77
CA GLY A 196 -4.03 61.09 -7.54
C GLY A 196 -3.73 59.86 -6.73
N TYR A 197 -4.22 58.71 -7.21
CA TYR A 197 -4.06 57.46 -6.48
C TYR A 197 -3.80 56.21 -7.34
N LYS A 198 -2.73 55.51 -6.99
CA LYS A 198 -2.29 54.34 -7.73
C LYS A 198 -2.13 53.15 -6.78
N LEU A 199 -2.93 52.11 -6.94
CA LEU A 199 -2.92 51.03 -5.98
C LEU A 199 -1.92 50.00 -6.40
N LYS A 200 -0.81 49.91 -5.68
CA LYS A 200 0.17 48.91 -6.01
C LYS A 200 0.22 48.84 -7.53
N ASP A 201 0.74 49.88 -8.17
CA ASP A 201 1.01 49.88 -9.62
C ASP A 201 -0.24 49.78 -10.49
N ARG A 202 -1.32 49.29 -9.92
CA ARG A 202 -2.59 49.34 -10.57
C ARG A 202 -2.97 50.77 -10.32
N VAL A 203 -3.93 51.32 -11.04
CA VAL A 203 -4.20 52.73 -10.86
C VAL A 203 -5.65 53.14 -10.66
N LEU A 204 -5.94 53.67 -9.48
CA LEU A 204 -7.30 54.08 -9.18
C LEU A 204 -7.52 55.41 -9.80
N ARG A 205 -8.62 56.07 -9.48
CA ARG A 205 -8.93 57.36 -10.09
C ARG A 205 -7.67 58.22 -10.05
N PRO A 206 -7.33 58.86 -11.17
CA PRO A 206 -6.01 59.45 -11.21
C PRO A 206 -6.09 60.83 -10.66
N ALA A 207 -4.96 61.51 -10.61
CA ALA A 207 -4.97 62.89 -10.16
C ALA A 207 -5.58 63.75 -11.23
N MET A 208 -6.64 64.48 -10.90
CA MET A 208 -7.15 65.49 -11.81
C MET A 208 -6.43 66.81 -11.52
N VAL A 209 -6.07 67.56 -12.57
CA VAL A 209 -5.13 68.66 -12.37
C VAL A 209 -5.28 69.91 -13.25
N LYS A 210 -4.46 70.91 -12.89
CA LYS A 210 -4.23 72.19 -13.60
C LYS A 210 -2.93 72.02 -14.38
N VAL A 211 -2.96 72.37 -15.67
CA VAL A 211 -1.80 72.17 -16.55
C VAL A 211 -1.52 73.33 -17.51
N SER A 212 -0.22 73.56 -17.76
CA SER A 212 0.31 74.68 -18.54
C SER A 212 -0.19 74.76 -19.98
N GLN A 213 -0.54 75.96 -20.45
CA GLN A 213 -0.93 76.15 -21.86
C GLN A 213 0.25 75.93 -22.81
N GLU B 60 -12.02 -1.08 -52.58
CA GLU B 60 -12.51 -0.91 -53.94
C GLU B 60 -14.02 -0.66 -53.89
N LEU B 61 -14.79 -1.73 -54.09
CA LEU B 61 -16.24 -1.61 -54.11
C LEU B 61 -16.80 -1.37 -52.72
N ALA B 62 -16.15 -1.98 -51.73
CA ALA B 62 -16.62 -1.88 -50.36
C ALA B 62 -15.88 -0.88 -49.41
N ALA B 63 -14.86 -0.17 -49.92
CA ALA B 63 -14.20 0.88 -49.14
C ALA B 63 -15.27 1.87 -48.70
N ALA B 64 -16.34 1.87 -49.48
CA ALA B 64 -17.57 2.55 -49.14
C ALA B 64 -18.04 2.11 -47.77
N LYS B 65 -18.58 0.90 -47.69
CA LYS B 65 -19.28 0.48 -46.48
C LYS B 65 -18.42 0.55 -45.19
N ALA B 66 -17.10 0.47 -45.39
CA ALA B 66 -16.13 0.69 -44.31
C ALA B 66 -16.04 2.18 -43.92
N GLN B 67 -16.05 3.06 -44.91
CA GLN B 67 -16.19 4.49 -44.65
C GLN B 67 -17.47 4.75 -43.89
N ILE B 68 -18.42 3.83 -44.03
CA ILE B 68 -19.70 3.87 -43.28
C ILE B 68 -19.58 3.43 -41.81
N ALA B 69 -18.92 2.32 -41.55
CA ALA B 69 -18.55 2.01 -40.17
C ALA B 69 -17.83 3.20 -39.51
N GLU B 70 -16.66 3.54 -40.08
CA GLU B 70 -15.80 4.64 -39.62
C GLU B 70 -16.55 5.95 -39.35
N LEU B 71 -17.08 6.55 -40.40
CA LEU B 71 -17.79 7.80 -40.20
C LEU B 71 -18.90 7.62 -39.16
N GLU B 72 -19.94 6.84 -39.44
CA GLU B 72 -21.10 6.85 -38.51
C GLU B 72 -20.65 6.75 -37.03
N ALA B 73 -19.70 5.86 -36.74
CA ALA B 73 -19.24 5.72 -35.36
C ALA B 73 -18.30 6.83 -34.85
N LYS B 74 -17.63 7.55 -35.75
CA LYS B 74 -16.86 8.73 -35.32
C LYS B 74 -17.71 9.99 -35.09
N LEU B 75 -18.76 10.18 -35.87
CA LEU B 75 -19.74 11.19 -35.48
C LEU B 75 -20.22 10.77 -34.12
N SER B 76 -20.79 9.58 -33.98
CA SER B 76 -21.30 9.26 -32.66
C SER B 76 -20.29 9.56 -31.55
N GLU B 77 -19.03 9.18 -31.72
CA GLU B 77 -18.09 9.49 -30.65
C GLU B 77 -17.81 10.99 -30.49
N MET B 78 -18.02 11.81 -31.52
CA MET B 78 -17.96 13.27 -31.29
C MET B 78 -19.24 13.77 -30.61
N GLU B 79 -20.40 13.65 -31.27
CA GLU B 79 -21.61 14.18 -30.67
C GLU B 79 -21.71 13.72 -29.23
N HIS B 80 -21.13 12.59 -28.90
CA HIS B 80 -21.07 12.23 -27.48
C HIS B 80 -19.80 12.56 -26.71
N ARG B 81 -18.71 12.96 -27.35
CA ARG B 81 -17.54 13.43 -26.59
C ARG B 81 -17.64 14.91 -26.24
N TYR B 82 -18.24 15.67 -27.15
CA TYR B 82 -18.45 17.11 -26.93
C TYR B 82 -19.83 17.54 -26.46
N LEU B 83 -20.66 16.59 -26.06
CA LEU B 83 -21.67 16.90 -25.08
C LEU B 83 -20.95 16.91 -23.76
N ARG B 84 -20.14 15.89 -23.55
CA ARG B 84 -19.40 15.82 -22.32
C ARG B 84 -18.57 17.09 -22.20
N LEU B 85 -17.88 17.49 -23.25
CA LEU B 85 -17.04 18.65 -23.09
C LEU B 85 -17.90 19.72 -22.44
N TYR B 86 -19.12 19.89 -22.93
CA TYR B 86 -20.01 20.86 -22.31
C TYR B 86 -19.98 20.61 -20.87
N ALA B 87 -20.45 19.45 -20.50
CA ALA B 87 -20.65 19.18 -19.09
C ALA B 87 -19.47 19.65 -18.29
N ASP B 88 -18.25 19.47 -18.80
CA ASP B 88 -17.12 19.88 -17.97
C ASP B 88 -16.87 21.38 -17.98
N PHE B 89 -17.01 22.00 -19.12
CA PHE B 89 -16.95 23.44 -19.12
C PHE B 89 -17.97 23.90 -18.12
N GLU B 90 -19.25 23.76 -18.45
CA GLU B 90 -20.31 24.31 -17.63
C GLU B 90 -20.25 23.88 -16.16
N ASN B 91 -19.53 22.83 -15.82
CA ASN B 91 -19.22 22.56 -14.41
C ASN B 91 -17.94 23.18 -13.93
N PHE B 92 -17.31 24.02 -14.75
CA PHE B 92 -16.45 25.07 -14.21
C PHE B 92 -17.34 25.98 -13.40
N ARG B 93 -18.47 26.40 -13.97
CA ARG B 93 -19.21 27.49 -13.38
C ARG B 93 -19.29 27.33 -11.88
N ARG B 94 -20.11 26.37 -11.44
CA ARG B 94 -20.47 26.28 -10.03
C ARG B 94 -19.20 26.46 -9.22
N ARG B 95 -18.13 25.79 -9.64
CA ARG B 95 -16.91 25.84 -8.87
C ARG B 95 -16.17 27.19 -8.98
N THR B 96 -16.18 27.79 -10.14
CA THR B 96 -15.63 29.12 -10.34
C THR B 96 -16.35 30.20 -9.57
N ARG B 97 -17.57 30.52 -10.00
CA ARG B 97 -18.29 31.56 -9.31
C ARG B 97 -18.13 31.23 -7.85
N GLN B 98 -18.62 30.08 -7.43
CA GLN B 98 -18.64 29.77 -6.02
C GLN B 98 -17.29 30.03 -5.32
N GLU B 99 -16.19 29.53 -5.87
CA GLU B 99 -14.91 29.75 -5.20
C GLU B 99 -14.62 31.23 -5.03
N MET B 100 -14.98 32.03 -6.02
CA MET B 100 -14.85 33.46 -5.81
C MET B 100 -15.64 33.86 -4.61
N GLU B 101 -16.96 33.75 -4.73
CA GLU B 101 -17.79 34.40 -3.74
C GLU B 101 -17.11 34.08 -2.45
N ALA B 102 -16.89 32.80 -2.27
CA ALA B 102 -16.41 32.29 -1.01
C ALA B 102 -15.14 32.97 -0.51
N ALA B 103 -14.14 33.12 -1.35
CA ALA B 103 -12.91 33.67 -0.83
C ALA B 103 -12.87 35.17 -0.92
N GLU B 104 -14.02 35.76 -1.27
CA GLU B 104 -14.10 37.22 -1.35
C GLU B 104 -14.26 38.04 -0.03
N LYS B 105 -15.15 37.60 0.86
CA LYS B 105 -15.43 38.31 2.13
C LYS B 105 -14.16 38.73 2.79
N TYR B 106 -13.42 37.73 3.20
CA TYR B 106 -12.25 37.94 3.99
C TYR B 106 -11.31 39.03 3.47
N ARG B 107 -11.43 39.50 2.23
CA ARG B 107 -10.34 40.31 1.67
C ARG B 107 -10.04 41.61 2.36
N ALA B 108 -11.08 42.41 2.52
CA ALA B 108 -10.90 43.73 3.07
C ALA B 108 -10.44 43.63 4.53
N GLN B 109 -10.70 42.48 5.13
CA GLN B 109 -10.71 42.37 6.58
C GLN B 109 -9.53 43.13 7.16
N SER B 110 -8.33 42.87 6.69
CA SER B 110 -7.17 43.48 7.30
C SER B 110 -7.27 44.98 7.23
N LEU B 111 -7.60 45.47 6.05
CA LEU B 111 -7.75 46.89 5.91
C LEU B 111 -8.68 47.30 7.00
N ALA B 112 -9.94 46.91 6.88
CA ALA B 112 -10.91 47.50 7.76
C ALA B 112 -10.41 47.48 9.20
N SER B 113 -10.06 46.31 9.71
CA SER B 113 -9.68 46.25 11.11
C SER B 113 -8.68 47.36 11.35
N ASP B 114 -7.79 47.60 10.39
CA ASP B 114 -6.89 48.74 10.53
C ASP B 114 -7.59 50.09 10.49
N LEU B 115 -8.73 50.19 9.83
CA LEU B 115 -9.45 51.46 9.77
C LEU B 115 -10.17 51.70 11.06
N LEU B 116 -10.20 50.70 11.90
CA LEU B 116 -10.95 50.89 13.13
C LEU B 116 -10.52 52.00 14.12
N PRO B 117 -9.21 52.32 14.20
CA PRO B 117 -8.91 53.56 14.90
C PRO B 117 -9.60 54.80 14.30
N VAL B 118 -9.53 54.99 12.98
CA VAL B 118 -10.24 56.11 12.38
C VAL B 118 -11.71 56.02 12.74
N LEU B 119 -12.20 54.81 12.85
CA LEU B 119 -13.59 54.67 13.25
C LEU B 119 -13.80 54.94 14.73
N ASP B 120 -12.71 54.95 15.48
CA ASP B 120 -12.76 55.38 16.85
C ASP B 120 -12.89 56.91 16.91
N ASN B 121 -11.96 57.63 16.30
CA ASN B 121 -12.00 59.08 16.38
C ASN B 121 -13.26 59.58 15.69
N PHE B 122 -13.91 58.65 14.99
CA PHE B 122 -15.31 58.82 14.52
C PHE B 122 -16.19 59.31 15.67
N GLU B 123 -16.44 58.39 16.60
CA GLU B 123 -17.31 58.67 17.73
C GLU B 123 -16.63 59.80 18.44
N ARG B 124 -15.33 59.93 18.25
CA ARG B 124 -14.59 60.92 19.03
C ARG B 124 -14.92 62.40 18.74
N ALA B 125 -15.03 62.77 17.47
CA ALA B 125 -15.28 64.17 17.12
C ALA B 125 -16.55 64.65 17.79
N LEU B 126 -17.68 64.14 17.32
CA LEU B 126 -18.96 64.53 17.87
C LEU B 126 -19.13 64.03 19.30
N LYS B 127 -18.21 63.18 19.74
CA LYS B 127 -18.22 62.74 21.13
C LYS B 127 -17.59 63.87 21.93
N ILE B 128 -17.01 64.85 21.24
CA ILE B 128 -16.91 66.19 21.84
C ILE B 128 -17.94 67.03 21.14
N GLU B 129 -19.13 67.05 21.73
CA GLU B 129 -20.24 67.65 21.06
C GLU B 129 -20.13 69.04 21.55
N THR B 130 -19.33 69.24 22.59
CA THR B 130 -19.47 70.51 23.28
C THR B 130 -18.78 71.49 22.39
N ASP B 131 -19.60 72.37 21.82
CA ASP B 131 -19.09 73.44 21.05
C ASP B 131 -20.06 74.54 20.83
N ASN B 132 -19.44 75.65 20.47
CA ASN B 132 -20.08 76.90 20.16
C ASN B 132 -19.18 77.62 19.16
N GLU B 133 -19.47 78.89 18.95
CA GLU B 133 -18.82 79.74 17.97
C GLU B 133 -18.83 79.25 16.53
N GLN B 134 -17.71 79.45 15.83
CA GLN B 134 -17.72 79.38 14.37
C GLN B 134 -17.64 77.99 13.77
N ALA B 135 -16.51 77.37 14.05
CA ALA B 135 -16.08 76.10 13.45
C ALA B 135 -16.92 74.89 13.79
N LYS B 136 -17.87 75.04 14.69
CA LYS B 136 -18.71 73.91 15.03
C LYS B 136 -19.40 73.39 13.79
N SER B 137 -19.45 74.22 12.77
CA SER B 137 -20.07 73.79 11.51
C SER B 137 -19.14 72.74 10.86
N ILE B 138 -17.84 72.97 10.95
CA ILE B 138 -16.83 72.01 10.53
C ILE B 138 -17.10 70.68 11.20
N LEU B 139 -17.56 70.69 12.44
CA LEU B 139 -17.87 69.42 13.11
C LEU B 139 -19.19 68.83 12.68
N GLN B 140 -20.16 69.66 12.35
CA GLN B 140 -21.26 69.13 11.57
C GLN B 140 -20.70 68.39 10.34
N GLY B 141 -19.66 69.00 9.76
CA GLY B 141 -18.95 68.45 8.60
C GLY B 141 -18.42 67.04 8.78
N MET B 142 -17.74 66.77 9.88
CA MET B 142 -17.42 65.38 10.12
C MET B 142 -18.68 64.57 10.28
N GLU B 143 -19.72 65.03 10.96
CA GLU B 143 -20.89 64.17 10.99
C GLU B 143 -21.39 63.87 9.60
N MET B 144 -20.88 64.59 8.62
CA MET B 144 -21.13 64.20 7.23
C MET B 144 -20.18 63.08 6.83
N VAL B 145 -18.91 63.40 6.77
CA VAL B 145 -17.91 62.47 6.31
C VAL B 145 -18.09 61.12 6.96
N TYR B 146 -18.35 61.08 8.26
CA TYR B 146 -18.49 59.80 8.96
C TYR B 146 -19.72 59.00 8.54
N ARG B 147 -20.88 59.63 8.49
CA ARG B 147 -22.06 58.93 8.00
C ARG B 147 -21.64 58.26 6.70
N SER B 148 -20.78 58.92 5.92
CA SER B 148 -20.26 58.31 4.67
C SER B 148 -19.27 57.16 4.86
N LEU B 149 -18.18 57.40 5.59
CA LEU B 149 -17.14 56.41 5.67
C LEU B 149 -17.72 55.13 6.22
N VAL B 150 -18.58 55.26 7.20
CA VAL B 150 -19.22 54.06 7.67
C VAL B 150 -20.17 53.47 6.65
N ASP B 151 -20.97 54.31 6.00
CA ASP B 151 -21.82 53.73 4.96
C ASP B 151 -20.99 52.91 3.97
N ALA B 152 -19.73 53.29 3.79
CA ALA B 152 -18.84 52.64 2.81
C ALA B 152 -18.09 51.48 3.44
N LEU B 153 -18.32 51.26 4.72
CA LEU B 153 -18.00 49.97 5.33
C LEU B 153 -19.16 49.01 5.18
N LYS B 154 -20.35 49.38 5.61
CA LYS B 154 -21.46 48.47 5.34
C LYS B 154 -21.34 48.05 3.88
N LYS B 155 -20.70 48.89 3.08
CA LYS B 155 -20.47 48.60 1.66
C LYS B 155 -19.94 47.18 1.43
N GLU B 156 -18.86 46.76 2.12
CA GLU B 156 -18.30 45.42 1.89
C GLU B 156 -18.70 44.46 2.97
N GLY B 157 -17.96 44.53 4.05
CA GLY B 157 -18.22 43.76 5.24
C GLY B 157 -18.81 44.64 6.33
N VAL B 158 -18.35 44.39 7.54
CA VAL B 158 -18.28 45.41 8.57
C VAL B 158 -19.60 46.02 8.98
N GLU B 159 -20.37 45.31 9.80
CA GLU B 159 -21.42 45.99 10.54
C GLU B 159 -21.01 46.07 12.00
N ALA B 160 -21.48 47.09 12.69
CA ALA B 160 -21.07 47.27 14.06
C ALA B 160 -21.89 46.35 14.94
N ILE B 161 -21.31 45.88 16.03
CA ILE B 161 -21.99 44.93 16.89
C ILE B 161 -22.79 45.64 17.98
N GLU B 162 -24.11 45.49 17.97
CA GLU B 162 -24.93 46.32 18.86
C GLU B 162 -25.41 45.69 20.16
N ALA B 163 -24.88 46.24 21.24
CA ALA B 163 -25.13 45.70 22.57
C ALA B 163 -26.18 46.50 23.33
N VAL B 164 -25.80 47.67 23.85
CA VAL B 164 -26.78 48.53 24.49
C VAL B 164 -27.79 47.68 25.27
N GLY B 165 -27.28 47.01 26.31
CA GLY B 165 -28.11 46.29 27.23
C GLY B 165 -28.36 44.84 26.92
N LYS B 166 -28.29 44.43 25.66
CA LYS B 166 -28.50 43.01 25.36
C LYS B 166 -27.50 42.34 26.29
N PRO B 167 -27.81 41.12 26.72
CA PRO B 167 -27.11 40.79 27.97
C PRO B 167 -25.59 40.70 27.94
N PHE B 168 -25.05 39.84 27.12
CA PHE B 168 -23.85 40.07 26.31
C PHE B 168 -23.21 38.72 25.99
N ASP B 169 -22.41 38.63 24.92
CA ASP B 169 -21.66 37.40 24.67
C ASP B 169 -20.25 37.75 24.90
N PRO B 170 -19.64 37.11 25.88
CA PRO B 170 -18.25 37.46 26.11
C PRO B 170 -17.55 37.38 24.78
N TYR B 171 -18.18 36.71 23.83
CA TYR B 171 -17.59 36.56 22.51
C TYR B 171 -17.63 37.82 21.68
N LEU B 172 -18.66 38.64 21.84
CA LEU B 172 -18.64 39.97 21.22
C LEU B 172 -18.25 41.16 22.13
N HIS B 173 -18.10 40.94 23.44
CA HIS B 173 -17.92 42.03 24.39
C HIS B 173 -16.75 41.88 25.37
N GLN B 174 -15.74 42.73 25.26
CA GLN B 174 -14.72 42.79 26.30
C GLN B 174 -15.14 43.83 27.28
N ALA B 175 -15.51 43.39 28.47
CA ALA B 175 -16.07 44.29 29.46
C ALA B 175 -14.92 44.90 30.23
N VAL B 176 -15.05 46.18 30.57
CA VAL B 176 -14.06 46.78 31.47
C VAL B 176 -14.73 47.50 32.61
N MET B 177 -15.48 48.54 32.28
CA MET B 177 -16.10 49.30 33.33
C MET B 177 -17.20 48.48 33.94
N GLN B 178 -17.11 48.29 35.25
CA GLN B 178 -18.12 47.57 35.99
C GLN B 178 -19.00 48.61 36.65
N ALA B 179 -20.19 48.80 36.09
CA ALA B 179 -21.07 49.88 36.53
C ALA B 179 -21.86 49.55 37.78
N GLU B 180 -22.29 50.62 38.45
CA GLU B 180 -23.23 50.51 39.55
C GLU B 180 -24.57 51.17 39.19
N ALA B 181 -25.63 50.37 39.30
CA ALA B 181 -27.00 50.83 39.17
C ALA B 181 -27.92 49.69 39.58
N GLU B 182 -29.21 49.91 39.44
CA GLU B 182 -30.21 48.96 39.91
C GLU B 182 -31.19 48.51 38.85
N GLY B 183 -31.93 49.47 38.28
CA GLY B 183 -33.07 49.17 37.44
C GLY B 183 -32.83 48.23 36.26
N TYR B 184 -31.55 47.95 35.93
CA TYR B 184 -31.20 47.04 34.83
C TYR B 184 -30.59 45.71 35.28
N GLU B 185 -31.09 44.63 34.69
CA GLU B 185 -30.80 43.27 35.16
C GLU B 185 -29.32 42.95 35.25
N PRO B 186 -28.91 42.14 36.23
CA PRO B 186 -27.50 41.85 36.47
C PRO B 186 -26.74 41.30 35.24
N ASN B 187 -25.44 41.57 35.20
CA ASN B 187 -24.61 41.24 34.07
C ASN B 187 -25.51 41.50 32.87
N THR B 188 -25.77 42.78 32.66
CA THR B 188 -26.41 43.28 31.47
C THR B 188 -25.65 44.52 31.03
N VAL B 189 -25.29 44.54 29.76
CA VAL B 189 -24.45 45.58 29.20
C VAL B 189 -25.05 46.91 29.55
N VAL B 190 -24.23 47.87 29.97
CA VAL B 190 -24.73 49.23 30.14
C VAL B 190 -24.35 50.18 29.04
N GLU B 191 -23.07 50.46 28.85
CA GLU B 191 -22.72 51.32 27.73
C GLU B 191 -21.39 50.97 27.10
N GLU B 192 -21.21 51.38 25.86
CA GLU B 192 -20.01 51.00 25.15
C GLU B 192 -18.96 52.07 25.20
N LEU B 193 -17.88 51.83 25.93
CA LEU B 193 -16.72 52.71 25.86
C LEU B 193 -16.23 52.83 24.38
N GLN B 194 -16.17 51.69 23.69
CA GLN B 194 -15.74 51.65 22.30
C GLN B 194 -16.55 50.62 21.52
N LYS B 195 -17.14 51.05 20.41
CA LYS B 195 -18.01 50.21 19.59
C LYS B 195 -17.40 48.86 19.19
N GLY B 196 -18.25 47.83 19.12
CA GLY B 196 -17.89 46.54 18.51
C GLY B 196 -18.18 46.33 17.03
N TYR B 197 -17.32 45.59 16.37
CA TYR B 197 -17.43 45.46 14.95
C TYR B 197 -17.26 44.02 14.53
N LYS B 198 -18.26 43.51 13.83
CA LYS B 198 -18.18 42.16 13.30
C LYS B 198 -18.36 42.23 11.81
N LEU B 199 -17.53 41.48 11.10
CA LEU B 199 -17.49 41.51 9.65
C LEU B 199 -18.22 40.28 9.15
N LYS B 200 -19.45 40.44 8.71
CA LYS B 200 -20.23 39.31 8.26
C LYS B 200 -19.99 38.05 9.13
N ASP B 201 -20.46 38.04 10.36
CA ASP B 201 -20.47 36.79 11.13
C ASP B 201 -19.12 36.24 11.59
N ARG B 202 -18.04 36.91 11.24
CA ARG B 202 -16.74 36.66 11.82
C ARG B 202 -16.62 37.95 12.62
N VAL B 203 -15.78 38.02 13.64
CA VAL B 203 -15.83 39.23 14.46
C VAL B 203 -14.54 39.98 14.75
N LEU B 204 -14.43 41.20 14.24
CA LEU B 204 -13.15 41.90 14.24
C LEU B 204 -12.79 42.54 15.53
N ARG B 205 -13.74 43.28 16.11
CA ARG B 205 -13.51 43.94 17.37
C ARG B 205 -14.66 43.58 18.28
N PRO B 206 -14.36 43.22 19.53
CA PRO B 206 -15.40 42.99 20.51
C PRO B 206 -15.73 44.38 20.92
N ALA B 207 -16.86 44.65 21.55
CA ALA B 207 -17.12 46.01 22.03
C ALA B 207 -16.54 46.21 23.42
N MET B 208 -16.09 47.41 23.75
CA MET B 208 -15.59 47.64 25.10
C MET B 208 -16.72 48.10 26.02
N VAL B 209 -17.10 47.28 27.02
CA VAL B 209 -18.34 47.56 27.75
C VAL B 209 -18.33 47.72 29.28
N LYS B 210 -19.26 48.58 29.70
CA LYS B 210 -19.63 48.86 31.08
C LYS B 210 -20.93 48.12 31.26
N VAL B 211 -20.91 47.07 32.07
CA VAL B 211 -22.04 46.19 32.21
C VAL B 211 -22.55 46.27 33.62
N SER B 212 -23.85 46.05 33.82
CA SER B 212 -24.42 46.16 35.15
C SER B 212 -23.64 45.32 36.15
N GLN B 213 -23.25 45.94 37.25
CA GLN B 213 -22.67 45.19 38.36
C GLN B 213 -22.65 46.05 39.63
N MET C 1 -10.36 28.37 -36.59
CA MET C 1 -10.08 29.76 -36.93
C MET C 1 -10.57 30.62 -35.77
N SER C 2 -10.44 31.95 -35.88
CA SER C 2 -10.70 32.86 -34.76
C SER C 2 -12.16 33.11 -34.44
N LYS C 3 -12.38 33.58 -33.22
CA LYS C 3 -13.72 33.80 -32.69
C LYS C 3 -14.19 35.08 -33.31
N ILE C 4 -15.48 35.15 -33.61
CA ILE C 4 -16.03 36.31 -34.28
C ILE C 4 -16.70 37.13 -33.22
N ILE C 5 -16.08 38.27 -32.93
CA ILE C 5 -16.47 39.16 -31.84
C ILE C 5 -17.46 40.18 -32.29
N GLY C 6 -18.62 40.25 -31.65
CA GLY C 6 -19.59 41.31 -31.92
C GLY C 6 -19.16 42.68 -31.39
N ILE C 7 -19.22 43.71 -32.22
CA ILE C 7 -18.83 45.03 -31.74
C ILE C 7 -19.96 46.00 -31.95
N ASP C 8 -20.19 46.79 -30.92
CA ASP C 8 -21.17 47.84 -30.96
C ASP C 8 -20.44 49.15 -31.07
N LEU C 9 -20.73 49.88 -32.14
CA LEU C 9 -20.07 51.13 -32.42
C LEU C 9 -21.01 52.22 -31.98
N GLY C 10 -20.67 52.86 -30.88
CA GLY C 10 -21.48 53.94 -30.38
C GLY C 10 -20.91 55.23 -30.86
N THR C 11 -21.78 56.22 -30.98
CA THR C 11 -21.38 57.56 -31.28
C THR C 11 -20.60 58.06 -30.09
N THR C 12 -21.17 57.82 -28.92
CA THR C 12 -20.63 58.31 -27.67
C THR C 12 -19.50 57.38 -27.23
N ASN C 13 -19.84 56.16 -26.84
CA ASN C 13 -18.86 55.11 -26.68
C ASN C 13 -19.28 53.86 -27.45
N SER C 14 -18.32 52.95 -27.64
CA SER C 14 -18.53 51.63 -28.25
C SER C 14 -18.09 50.48 -27.32
N CYS C 15 -18.75 49.34 -27.43
CA CYS C 15 -18.61 48.22 -26.47
C CYS C 15 -18.54 46.84 -27.15
N VAL C 16 -17.77 45.89 -26.61
CA VAL C 16 -17.44 44.69 -27.41
C VAL C 16 -17.64 43.31 -26.79
N ALA C 17 -18.51 42.48 -27.37
CA ALA C 17 -18.85 41.19 -26.77
C ALA C 17 -18.40 39.96 -27.56
N VAL C 18 -17.88 38.93 -26.88
CA VAL C 18 -17.50 37.68 -27.56
C VAL C 18 -18.10 36.45 -26.91
N LEU C 19 -18.12 35.32 -27.61
CA LEU C 19 -18.82 34.16 -27.10
C LEU C 19 -18.00 32.89 -26.85
N GLU C 20 -17.83 32.52 -25.57
CA GLU C 20 -17.27 31.23 -25.11
C GLU C 20 -18.46 30.43 -24.68
N GLY C 21 -18.24 29.24 -24.16
CA GLY C 21 -19.32 28.57 -23.48
C GLY C 21 -20.49 28.65 -24.43
N GLY C 22 -21.69 28.59 -23.92
CA GLY C 22 -22.86 28.83 -24.75
C GLY C 22 -23.49 30.19 -24.45
N GLU C 23 -22.95 30.85 -23.43
CA GLU C 23 -23.48 32.12 -22.93
C GLU C 23 -22.39 33.12 -23.18
N VAL C 24 -22.73 34.40 -23.29
CA VAL C 24 -21.78 35.37 -23.79
C VAL C 24 -21.16 36.34 -22.82
N LYS C 25 -19.89 36.20 -22.50
CA LYS C 25 -19.24 37.19 -21.66
C LYS C 25 -19.01 38.44 -22.49
N VAL C 26 -18.71 39.56 -21.83
CA VAL C 26 -18.48 40.83 -22.49
C VAL C 26 -17.14 41.43 -22.12
N ILE C 27 -16.27 41.55 -23.09
CA ILE C 27 -14.88 41.83 -22.80
C ILE C 27 -14.66 43.17 -22.15
N PRO C 28 -14.12 43.16 -20.93
CA PRO C 28 -13.60 44.34 -20.25
C PRO C 28 -12.27 44.82 -20.80
N ASN C 29 -12.10 46.14 -20.89
CA ASN C 29 -10.88 46.76 -21.40
C ASN C 29 -9.93 47.17 -20.28
N PRO C 30 -8.73 47.68 -20.61
CA PRO C 30 -7.71 47.84 -19.57
C PRO C 30 -8.22 48.57 -18.33
N GLU C 31 -9.20 49.44 -18.52
CA GLU C 31 -9.62 50.30 -17.43
C GLU C 31 -10.29 49.50 -16.37
N GLY C 32 -11.07 48.52 -16.75
CA GLY C 32 -11.83 47.76 -15.78
C GLY C 32 -13.28 48.15 -15.85
N ASN C 33 -13.58 49.04 -16.77
CA ASN C 33 -14.97 49.33 -17.00
C ASN C 33 -15.33 48.66 -18.31
N ARG C 34 -16.56 48.23 -18.42
CA ARG C 34 -16.98 47.44 -19.58
C ARG C 34 -16.95 48.19 -20.90
N THR C 35 -17.60 49.34 -20.98
CA THR C 35 -17.68 50.07 -22.24
C THR C 35 -16.61 51.16 -22.28
N THR C 36 -15.92 51.35 -23.42
CA THR C 36 -14.91 52.42 -23.54
C THR C 36 -15.43 53.41 -24.55
N PRO C 37 -15.21 54.71 -24.28
CA PRO C 37 -15.85 55.82 -24.98
C PRO C 37 -15.16 56.02 -26.31
N SER C 38 -15.88 56.39 -27.36
CA SER C 38 -15.21 56.50 -28.67
C SER C 38 -14.70 57.93 -28.87
N VAL C 39 -13.40 58.10 -28.68
CA VAL C 39 -12.81 59.39 -28.85
C VAL C 39 -11.38 59.09 -29.11
N VAL C 40 -10.71 59.87 -29.94
CA VAL C 40 -9.34 59.49 -30.28
C VAL C 40 -8.39 60.66 -30.27
N ALA C 41 -7.20 60.49 -29.76
CA ALA C 41 -6.27 61.61 -29.88
C ALA C 41 -4.92 61.17 -30.41
N PHE C 42 -4.16 62.12 -30.92
CA PHE C 42 -2.78 61.86 -31.27
C PHE C 42 -1.95 62.97 -30.66
N LYS C 43 -0.77 62.61 -30.18
CA LYS C 43 0.19 63.60 -29.70
C LYS C 43 1.44 63.56 -30.58
N ASN C 44 2.27 62.53 -30.45
CA ASN C 44 3.36 62.35 -31.40
C ASN C 44 3.49 60.90 -31.85
N GLY C 45 3.18 60.63 -33.11
CA GLY C 45 3.37 59.29 -33.65
C GLY C 45 2.51 58.29 -32.91
N GLU C 46 1.79 58.79 -31.91
CA GLU C 46 1.01 57.94 -31.03
C GLU C 46 -0.47 58.24 -31.14
N ARG C 47 -1.23 57.18 -31.34
CA ARG C 47 -2.66 57.24 -31.21
C ARG C 47 -3.01 56.73 -29.81
N LEU C 48 -3.82 57.51 -29.10
CA LEU C 48 -4.39 57.07 -27.85
C LEU C 48 -5.87 57.05 -28.11
N VAL C 49 -6.59 56.22 -27.39
CA VAL C 49 -8.01 56.05 -27.70
C VAL C 49 -8.83 55.72 -26.47
N GLY C 50 -10.10 56.15 -26.46
CA GLY C 50 -11.03 55.83 -25.38
C GLY C 50 -10.88 56.71 -24.14
N GLU C 51 -11.18 56.18 -22.96
CA GLU C 51 -11.02 56.98 -21.78
C GLU C 51 -9.69 57.73 -21.78
N VAL C 52 -8.59 57.00 -21.76
CA VAL C 52 -7.30 57.65 -21.59
C VAL C 52 -7.06 58.81 -22.54
N ALA C 53 -7.74 58.87 -23.68
CA ALA C 53 -7.65 60.07 -24.51
C ALA C 53 -8.60 61.15 -24.03
N LYS C 54 -9.82 60.73 -23.72
CA LYS C 54 -10.91 61.61 -23.35
C LYS C 54 -10.49 62.45 -22.18
N ARG C 55 -9.46 62.02 -21.48
CA ARG C 55 -8.91 62.83 -20.41
C ARG C 55 -8.01 63.95 -20.91
N GLN C 56 -7.14 63.65 -21.87
CA GLN C 56 -6.17 64.63 -22.29
C GLN C 56 -6.81 65.48 -23.34
N ALA C 57 -8.09 65.24 -23.52
CA ALA C 57 -8.88 65.97 -24.49
C ALA C 57 -8.59 67.47 -24.45
N ILE C 58 -8.41 67.99 -23.25
CA ILE C 58 -8.24 69.42 -23.10
C ILE C 58 -6.79 69.87 -23.22
N THR C 59 -5.84 68.95 -23.20
CA THR C 59 -4.45 69.31 -23.49
C THR C 59 -4.19 69.20 -24.96
N ASN C 60 -5.09 68.52 -25.66
CA ASN C 60 -4.84 68.27 -27.06
C ASN C 60 -5.64 69.20 -27.92
N PRO C 61 -4.96 69.84 -28.87
CA PRO C 61 -5.68 70.38 -30.01
C PRO C 61 -6.40 69.24 -30.71
N ASN C 62 -5.70 68.14 -30.98
CA ASN C 62 -6.29 67.05 -31.73
C ASN C 62 -6.92 65.99 -30.85
N THR C 63 -8.23 66.04 -30.75
CA THR C 63 -8.99 64.94 -30.18
C THR C 63 -10.30 64.77 -30.89
N ILE C 64 -10.40 63.74 -31.70
CA ILE C 64 -11.57 63.58 -32.50
C ILE C 64 -12.67 63.09 -31.62
N ILE C 65 -13.89 63.54 -31.91
CA ILE C 65 -14.98 63.33 -30.99
C ILE C 65 -16.25 62.99 -31.73
N SER C 66 -17.04 62.09 -31.17
CA SER C 66 -18.34 61.73 -31.71
C SER C 66 -18.31 61.59 -33.21
N ILE C 67 -17.22 61.02 -33.72
CA ILE C 67 -17.00 60.88 -35.16
C ILE C 67 -18.13 60.16 -35.84
N LYS C 68 -18.85 59.32 -35.14
CA LYS C 68 -19.87 58.50 -35.81
C LYS C 68 -20.99 59.32 -36.43
N ARG C 69 -20.98 60.63 -36.20
CA ARG C 69 -21.91 61.50 -36.92
C ARG C 69 -21.50 61.55 -38.39
N HIS C 70 -20.21 61.76 -38.62
CA HIS C 70 -19.70 61.99 -39.98
C HIS C 70 -19.41 60.71 -40.75
N MET C 71 -19.57 59.55 -40.14
CA MET C 71 -19.51 58.34 -40.95
C MET C 71 -20.63 58.39 -41.97
N GLY C 72 -20.29 58.02 -43.20
CA GLY C 72 -21.16 58.25 -44.35
C GLY C 72 -20.96 59.59 -45.06
N THR C 73 -19.73 60.09 -45.10
CA THR C 73 -19.47 61.41 -45.68
C THR C 73 -18.05 61.62 -46.20
N ASP C 74 -17.88 62.71 -46.93
CA ASP C 74 -16.59 63.11 -47.49
C ASP C 74 -15.80 63.95 -46.50
N TYR C 75 -16.39 64.17 -45.34
CA TYR C 75 -15.77 64.99 -44.31
C TYR C 75 -14.35 64.46 -44.21
N LYS C 76 -13.41 65.37 -44.04
CA LYS C 76 -12.06 64.96 -43.66
C LYS C 76 -11.75 65.80 -42.43
N VAL C 77 -10.71 65.47 -41.69
CA VAL C 77 -10.25 66.43 -40.67
C VAL C 77 -8.72 66.56 -40.70
N GLU C 78 -8.21 67.68 -40.22
CA GLU C 78 -6.79 67.97 -40.45
C GLU C 78 -5.90 67.94 -39.21
N ILE C 79 -4.96 67.01 -39.20
CA ILE C 79 -3.93 66.96 -38.16
C ILE C 79 -2.59 66.53 -38.75
N GLU C 80 -1.56 67.34 -38.50
CA GLU C 80 -0.19 67.15 -39.03
C GLU C 80 -0.04 67.28 -40.56
N GLY C 81 -0.77 68.25 -41.10
CA GLY C 81 -0.90 68.45 -42.53
C GLY C 81 -1.95 67.49 -43.04
N LYS C 82 -2.20 66.44 -42.25
CA LYS C 82 -2.93 65.27 -42.73
C LYS C 82 -4.42 65.26 -42.35
N GLN C 83 -5.24 65.08 -43.39
CA GLN C 83 -6.68 64.81 -43.29
C GLN C 83 -6.99 63.32 -43.00
N TYR C 84 -8.15 63.08 -42.37
CA TYR C 84 -8.56 61.72 -42.09
C TYR C 84 -10.04 61.55 -42.34
N THR C 85 -10.39 60.34 -42.76
CA THR C 85 -11.78 59.92 -42.95
C THR C 85 -12.34 59.24 -41.72
N PRO C 86 -13.68 59.23 -41.59
CA PRO C 86 -14.30 58.50 -40.48
C PRO C 86 -13.76 57.09 -40.47
N GLN C 87 -13.74 56.48 -41.64
CA GLN C 87 -13.28 55.12 -41.78
C GLN C 87 -11.95 54.99 -41.05
N GLU C 88 -11.14 56.05 -41.12
CA GLU C 88 -9.79 56.02 -40.58
C GLU C 88 -9.76 56.17 -39.06
N ILE C 89 -10.48 57.17 -38.59
CA ILE C 89 -10.67 57.32 -37.17
C ILE C 89 -11.34 56.10 -36.48
N SER C 90 -12.62 55.92 -36.75
CA SER C 90 -13.33 54.80 -36.17
C SER C 90 -12.53 53.53 -36.42
N ALA C 91 -11.73 53.50 -37.48
CA ALA C 91 -10.84 52.37 -37.67
C ALA C 91 -9.93 52.28 -36.45
N ILE C 92 -9.27 53.39 -36.12
CA ILE C 92 -8.41 53.43 -34.95
C ILE C 92 -9.11 52.91 -33.68
N ILE C 93 -10.31 53.42 -33.41
CA ILE C 93 -11.07 52.91 -32.27
C ILE C 93 -11.18 51.40 -32.38
N LEU C 94 -11.59 50.90 -33.53
CA LEU C 94 -11.77 49.48 -33.68
C LEU C 94 -10.47 48.77 -33.42
N GLN C 95 -9.36 49.44 -33.69
CA GLN C 95 -8.03 48.85 -33.50
C GLN C 95 -7.77 48.62 -32.02
N TYR C 96 -7.88 49.67 -31.21
CA TYR C 96 -7.77 49.50 -29.77
C TYR C 96 -8.71 48.38 -29.34
N LEU C 97 -9.98 48.48 -29.73
CA LEU C 97 -10.94 47.45 -29.39
C LEU C 97 -10.40 46.05 -29.64
N LYS C 98 -10.23 45.72 -30.90
CA LYS C 98 -9.76 44.42 -31.22
C LYS C 98 -8.58 44.10 -30.31
N SER C 99 -7.57 44.97 -30.22
CA SER C 99 -6.44 44.68 -29.34
C SER C 99 -6.83 44.21 -27.94
N TYR C 100 -7.76 44.90 -27.28
CA TYR C 100 -8.06 44.40 -25.95
C TYR C 100 -8.84 43.07 -26.00
N ALA C 101 -9.83 42.92 -26.87
CA ALA C 101 -10.54 41.65 -26.92
C ALA C 101 -9.58 40.49 -27.19
N GLU C 102 -8.61 40.73 -28.05
CA GLU C 102 -7.52 39.80 -28.18
C GLU C 102 -7.06 39.57 -26.76
N ASP C 103 -6.71 40.66 -26.10
CA ASP C 103 -6.07 40.53 -24.81
C ASP C 103 -6.79 39.53 -23.95
N TYR C 104 -8.08 39.72 -23.74
CA TYR C 104 -8.85 38.77 -22.94
C TYR C 104 -8.64 37.38 -23.52
N LEU C 105 -8.79 37.23 -24.84
CA LEU C 105 -8.66 35.89 -25.38
C LEU C 105 -7.22 35.46 -25.39
N GLY C 106 -6.41 36.15 -26.19
CA GLY C 106 -4.97 35.92 -26.30
C GLY C 106 -4.47 35.21 -27.56
N GLU C 107 -5.36 34.45 -28.19
CA GLU C 107 -5.10 34.00 -29.51
C GLU C 107 -5.57 35.19 -30.30
N PRO C 108 -4.84 35.58 -31.35
CA PRO C 108 -5.16 36.78 -32.13
C PRO C 108 -6.60 36.71 -32.65
N VAL C 109 -7.20 37.85 -33.00
CA VAL C 109 -8.58 37.85 -33.47
C VAL C 109 -8.81 38.60 -34.78
N THR C 110 -9.18 37.83 -35.80
CA THR C 110 -9.40 38.33 -37.16
C THR C 110 -10.82 38.52 -37.63
N ARG C 111 -11.81 38.13 -36.86
CA ARG C 111 -13.15 38.15 -37.45
C ARG C 111 -14.26 38.74 -36.58
N ALA C 112 -14.78 39.89 -37.01
CA ALA C 112 -15.68 40.74 -36.22
C ALA C 112 -17.15 40.63 -36.61
N VAL C 113 -17.97 41.49 -36.04
CA VAL C 113 -19.25 41.81 -36.64
C VAL C 113 -19.37 43.22 -36.17
N ILE C 114 -20.04 44.08 -36.90
CA ILE C 114 -20.21 45.43 -36.40
C ILE C 114 -21.67 45.78 -36.45
N THR C 115 -22.12 46.58 -35.51
CA THR C 115 -23.50 47.01 -35.57
C THR C 115 -23.61 48.51 -35.79
N VAL C 116 -24.74 48.95 -36.34
CA VAL C 116 -24.88 50.34 -36.67
C VAL C 116 -26.27 50.77 -36.33
N PRO C 117 -26.51 52.10 -36.29
CA PRO C 117 -27.81 52.64 -35.88
C PRO C 117 -28.88 52.11 -36.78
N ALA C 118 -30.12 52.21 -36.34
CA ALA C 118 -31.23 51.64 -37.07
C ALA C 118 -31.34 52.15 -38.51
N TYR C 119 -30.98 53.40 -38.71
CA TYR C 119 -31.25 54.09 -39.97
C TYR C 119 -30.08 54.19 -40.94
N PHE C 120 -28.88 53.73 -40.59
CA PHE C 120 -27.73 54.00 -41.45
C PHE C 120 -28.08 53.65 -42.88
N ASN C 121 -27.67 54.51 -43.81
CA ASN C 121 -27.95 54.31 -45.23
C ASN C 121 -26.88 53.42 -45.89
N ASP C 122 -26.97 53.20 -47.20
CA ASP C 122 -26.06 52.27 -47.88
C ASP C 122 -24.62 52.74 -47.89
N ALA C 123 -24.38 53.97 -48.31
CA ALA C 123 -23.02 54.47 -48.36
C ALA C 123 -22.46 54.53 -46.94
N GLN C 124 -23.32 54.85 -45.99
CA GLN C 124 -22.94 54.80 -44.57
C GLN C 124 -22.44 53.40 -44.19
N ARG C 125 -23.36 52.43 -44.19
CA ARG C 125 -23.01 51.11 -43.74
C ARG C 125 -21.72 50.80 -44.42
N GLN C 126 -21.70 50.96 -45.73
CA GLN C 126 -20.55 50.59 -46.51
C GLN C 126 -19.32 51.19 -45.89
N ALA C 127 -19.42 52.46 -45.50
CA ALA C 127 -18.25 53.21 -45.04
C ALA C 127 -17.77 52.75 -43.65
N THR C 128 -18.68 52.25 -42.83
CA THR C 128 -18.22 51.66 -41.57
C THR C 128 -17.53 50.36 -41.87
N LYS C 129 -18.16 49.52 -42.69
CA LYS C 129 -17.59 48.25 -43.09
C LYS C 129 -16.15 48.49 -43.48
N ASP C 130 -16.00 49.51 -44.33
CA ASP C 130 -14.68 50.02 -44.76
C ASP C 130 -13.88 50.28 -43.51
N ALA C 131 -14.45 51.09 -42.63
CA ALA C 131 -13.73 51.52 -41.47
C ALA C 131 -13.09 50.27 -40.90
N GLY C 132 -13.89 49.22 -40.81
CA GLY C 132 -13.50 48.02 -40.11
C GLY C 132 -12.37 47.29 -40.78
N ARG C 133 -12.45 47.17 -42.10
CA ARG C 133 -11.40 46.44 -42.80
C ARG C 133 -10.11 47.28 -42.92
N ILE C 134 -10.25 48.59 -42.77
CA ILE C 134 -9.08 49.43 -42.61
C ILE C 134 -8.48 48.92 -41.33
N ALA C 135 -9.37 48.64 -40.38
CA ALA C 135 -9.01 48.19 -39.03
C ALA C 135 -8.39 46.80 -39.03
N GLY C 136 -8.40 46.16 -40.19
CA GLY C 136 -7.85 44.84 -40.29
C GLY C 136 -8.83 43.75 -39.88
N LEU C 137 -10.08 44.13 -39.68
CA LEU C 137 -11.04 43.15 -39.26
C LEU C 137 -11.99 42.75 -40.38
N GLU C 138 -11.78 41.55 -40.90
CA GLU C 138 -12.72 40.99 -41.85
C GLU C 138 -14.09 41.17 -41.21
N VAL C 139 -15.07 41.61 -41.98
CA VAL C 139 -16.35 41.93 -41.41
C VAL C 139 -17.45 41.03 -41.92
N GLU C 140 -17.91 40.10 -41.10
CA GLU C 140 -18.67 38.96 -41.62
C GLU C 140 -20.15 39.21 -41.66
N ARG C 141 -20.53 40.43 -41.35
CA ARG C 141 -21.90 40.86 -41.53
C ARG C 141 -21.96 42.21 -40.89
N ILE C 142 -23.01 42.97 -41.13
CA ILE C 142 -23.21 44.21 -40.39
C ILE C 142 -24.67 44.34 -40.07
N ILE C 143 -24.99 44.39 -38.78
CA ILE C 143 -26.38 44.52 -38.38
C ILE C 143 -26.58 45.70 -37.48
N ASN C 144 -27.78 46.25 -37.60
CA ASN C 144 -28.22 47.49 -36.98
C ASN C 144 -28.57 47.34 -35.52
N GLU C 145 -28.12 48.28 -34.71
CA GLU C 145 -28.09 48.06 -33.31
C GLU C 145 -29.33 47.31 -32.95
N PRO C 146 -30.49 47.83 -33.33
CA PRO C 146 -31.70 47.21 -32.81
C PRO C 146 -31.90 45.77 -33.16
N THR C 147 -31.80 45.37 -34.41
CA THR C 147 -32.05 43.96 -34.70
C THR C 147 -31.09 43.16 -33.85
N ALA C 148 -29.90 43.71 -33.63
CA ALA C 148 -28.91 43.11 -32.75
C ALA C 148 -29.49 42.89 -31.36
N ALA C 149 -29.79 43.99 -30.68
CA ALA C 149 -30.30 43.88 -29.32
C ALA C 149 -31.43 42.89 -29.32
N ALA C 150 -32.41 43.08 -30.18
CA ALA C 150 -33.52 42.16 -30.20
C ALA C 150 -33.04 40.75 -30.27
N LEU C 151 -31.93 40.58 -30.97
CA LEU C 151 -31.44 39.24 -31.27
C LEU C 151 -30.77 38.58 -30.09
N ALA C 152 -30.09 39.36 -29.27
CA ALA C 152 -29.52 38.75 -28.08
C ALA C 152 -30.62 38.27 -27.16
N TYR C 153 -31.87 38.65 -27.43
CA TYR C 153 -33.00 38.00 -26.80
C TYR C 153 -33.47 36.93 -27.75
N GLY C 154 -32.92 36.97 -28.95
CA GLY C 154 -33.12 35.95 -29.95
C GLY C 154 -34.52 35.68 -30.44
N LEU C 155 -35.48 36.56 -30.14
CA LEU C 155 -36.88 36.27 -30.41
C LEU C 155 -37.00 35.92 -31.90
N ASP C 156 -35.90 36.11 -32.62
CA ASP C 156 -35.85 35.85 -34.04
C ASP C 156 -36.40 34.47 -34.40
N LYS C 157 -36.38 33.57 -33.43
CA LYS C 157 -36.86 32.23 -33.68
C LYS C 157 -38.32 32.05 -33.24
N GLU C 158 -38.92 33.12 -32.74
CA GLU C 158 -40.31 33.07 -32.35
C GLU C 158 -41.13 33.43 -33.57
N GLU C 159 -42.45 33.41 -33.42
CA GLU C 159 -43.36 33.52 -34.54
C GLU C 159 -43.31 34.88 -35.25
N ASP C 160 -43.82 34.93 -36.47
CA ASP C 160 -43.89 36.19 -37.16
C ASP C 160 -44.68 37.12 -36.29
N GLN C 161 -44.06 38.26 -35.98
CA GLN C 161 -44.66 39.24 -35.06
C GLN C 161 -43.93 40.58 -35.10
N THR C 162 -44.28 41.49 -34.20
CA THR C 162 -43.72 42.81 -34.31
C THR C 162 -43.18 43.42 -33.02
N ILE C 163 -41.96 43.92 -33.14
CA ILE C 163 -41.19 44.42 -32.00
C ILE C 163 -41.02 45.94 -32.04
N LEU C 164 -40.91 46.55 -30.87
CA LEU C 164 -40.58 47.96 -30.77
C LEU C 164 -39.40 48.11 -29.86
N VAL C 165 -38.29 48.54 -30.40
CA VAL C 165 -37.17 48.73 -29.54
C VAL C 165 -37.04 50.19 -29.26
N TYR C 166 -36.61 50.47 -28.05
CA TYR C 166 -36.51 51.80 -27.52
C TYR C 166 -35.11 51.83 -26.96
N ASP C 167 -34.22 52.59 -27.58
CA ASP C 167 -32.84 52.62 -27.10
C ASP C 167 -32.59 54.03 -26.65
N LEU C 168 -32.38 54.26 -25.38
CA LEU C 168 -31.88 55.55 -25.02
C LEU C 168 -30.52 55.43 -24.38
N GLY C 169 -29.48 55.78 -25.11
CA GLY C 169 -28.12 55.69 -24.59
C GLY C 169 -28.01 56.87 -23.65
N GLY C 170 -26.79 57.33 -23.41
CA GLY C 170 -26.57 58.47 -22.53
C GLY C 170 -27.10 59.84 -22.94
N GLY C 171 -26.72 60.34 -24.12
CA GLY C 171 -27.12 61.64 -24.62
C GLY C 171 -28.12 61.72 -25.76
N THR C 172 -28.46 60.60 -26.37
CA THR C 172 -29.22 60.62 -27.61
C THR C 172 -30.23 59.51 -27.72
N PHE C 173 -31.49 59.78 -27.91
CA PHE C 173 -32.48 58.72 -27.80
C PHE C 173 -32.92 58.25 -29.19
N ASP C 174 -33.08 56.95 -29.43
CA ASP C 174 -33.52 56.41 -30.74
C ASP C 174 -34.65 55.42 -30.53
N VAL C 175 -35.55 55.29 -31.50
CA VAL C 175 -36.54 54.23 -31.45
C VAL C 175 -36.55 53.53 -32.75
N SER C 176 -36.88 52.24 -32.76
CA SER C 176 -37.05 51.55 -34.02
C SER C 176 -38.23 50.61 -33.92
N ILE C 177 -38.99 50.46 -34.99
CA ILE C 177 -40.06 49.47 -35.00
C ILE C 177 -39.74 48.42 -36.06
N LEU C 178 -39.57 47.16 -35.62
CA LEU C 178 -39.09 46.07 -36.49
C LEU C 178 -40.04 44.88 -36.62
N GLU C 179 -40.24 44.45 -37.86
CA GLU C 179 -41.14 43.35 -38.15
C GLU C 179 -40.38 42.08 -38.38
N LEU C 180 -40.77 41.05 -37.65
CA LEU C 180 -40.13 39.77 -37.81
C LEU C 180 -41.03 38.92 -38.68
N GLY C 181 -40.62 38.81 -39.95
CA GLY C 181 -41.06 37.73 -40.82
C GLY C 181 -40.00 36.67 -40.98
N ASP C 182 -40.45 35.43 -41.17
CA ASP C 182 -39.57 34.39 -41.63
C ASP C 182 -38.25 34.34 -40.87
N GLY C 183 -38.30 34.31 -39.53
CA GLY C 183 -37.07 34.20 -38.77
C GLY C 183 -36.05 35.17 -39.33
N VAL C 184 -36.57 36.27 -39.86
CA VAL C 184 -35.76 37.27 -40.53
C VAL C 184 -36.26 38.63 -40.12
N PHE C 185 -35.35 39.60 -40.03
CA PHE C 185 -35.67 40.90 -39.45
C PHE C 185 -35.59 42.08 -40.41
N GLU C 186 -36.68 42.82 -40.46
CA GLU C 186 -36.77 43.98 -41.29
C GLU C 186 -37.21 45.21 -40.48
N VAL C 187 -36.58 46.34 -40.78
CA VAL C 187 -36.78 47.57 -40.04
C VAL C 187 -37.93 48.29 -40.68
N LYS C 188 -39.06 48.35 -40.02
CA LYS C 188 -40.19 49.06 -40.58
C LYS C 188 -40.21 50.58 -40.34
N ALA C 189 -39.70 51.06 -39.20
CA ALA C 189 -39.66 52.53 -38.98
C ALA C 189 -38.58 53.08 -38.03
N THR C 190 -38.06 54.28 -38.31
CA THR C 190 -37.06 54.94 -37.46
C THR C 190 -37.59 56.20 -36.83
N ALA C 191 -37.25 56.40 -35.57
CA ALA C 191 -37.62 57.63 -34.89
C ALA C 191 -36.52 58.02 -33.94
N GLY C 192 -36.53 59.25 -33.46
CA GLY C 192 -35.52 59.66 -32.51
C GLY C 192 -35.43 61.09 -32.02
N ASP C 193 -34.35 61.35 -31.32
CA ASP C 193 -33.91 62.68 -31.00
C ASP C 193 -32.43 62.53 -30.80
N ASN C 194 -31.64 63.48 -31.23
CA ASN C 194 -30.21 63.39 -30.94
C ASN C 194 -29.76 64.26 -29.76
N HIS C 195 -30.65 65.01 -29.13
CA HIS C 195 -30.28 65.57 -27.83
C HIS C 195 -30.87 65.11 -26.50
N LEU C 196 -31.86 64.24 -26.53
CA LEU C 196 -32.41 63.73 -25.30
C LEU C 196 -31.65 62.48 -24.88
N GLY C 197 -31.46 62.32 -23.58
CA GLY C 197 -30.86 61.12 -23.05
C GLY C 197 -30.92 60.98 -21.54
N GLY C 198 -30.09 60.11 -21.00
CA GLY C 198 -29.96 60.07 -19.55
C GLY C 198 -29.15 61.25 -19.08
N ASP C 199 -28.06 61.54 -19.78
CA ASP C 199 -27.14 62.58 -19.38
C ASP C 199 -27.93 63.82 -18.99
N ASP C 200 -28.90 64.20 -19.82
CA ASP C 200 -29.75 65.35 -19.52
C ASP C 200 -30.69 65.06 -18.34
N PHE C 201 -30.99 63.79 -18.14
CA PHE C 201 -31.57 63.37 -16.88
C PHE C 201 -30.68 63.74 -15.69
N ASP C 202 -29.36 63.63 -15.84
CA ASP C 202 -28.43 64.08 -14.82
C ASP C 202 -28.52 65.57 -14.67
N GLN C 203 -28.60 66.24 -15.80
CA GLN C 203 -28.67 67.68 -15.75
C GLN C 203 -29.77 68.10 -14.81
N VAL C 204 -31.03 67.80 -15.14
CA VAL C 204 -32.07 68.47 -14.35
C VAL C 204 -31.77 68.43 -12.86
N ILE C 205 -31.27 67.31 -12.36
CA ILE C 205 -30.84 67.26 -10.97
C ILE C 205 -29.78 68.31 -10.74
N ILE C 206 -28.65 68.16 -11.41
CA ILE C 206 -27.52 69.03 -11.10
C ILE C 206 -27.98 70.48 -10.99
N ASP C 207 -28.74 70.92 -11.97
CA ASP C 207 -29.27 72.28 -11.89
C ASP C 207 -30.06 72.43 -10.61
N TYR C 208 -31.10 71.63 -10.44
CA TYR C 208 -32.01 71.80 -9.32
C TYR C 208 -31.22 72.07 -8.08
N LEU C 209 -30.13 71.35 -7.93
CA LEU C 209 -29.23 71.67 -6.84
C LEU C 209 -28.76 73.10 -6.95
N VAL C 210 -27.94 73.42 -7.94
CA VAL C 210 -27.33 74.74 -7.84
C VAL C 210 -28.39 75.85 -7.73
N ASN C 211 -29.63 75.55 -8.09
CA ASN C 211 -30.74 76.47 -7.86
C ASN C 211 -31.21 76.53 -6.41
N GLN C 212 -31.23 75.39 -5.72
CA GLN C 212 -31.54 75.39 -4.29
C GLN C 212 -30.43 76.05 -3.47
N PHE C 213 -29.20 75.85 -3.90
CA PHE C 213 -28.06 76.44 -3.21
C PHE C 213 -27.79 77.94 -3.53
N LYS C 214 -28.20 78.41 -4.70
CA LYS C 214 -28.22 79.84 -4.93
C LYS C 214 -29.39 80.46 -4.16
N GLN C 215 -30.54 79.77 -4.18
CA GLN C 215 -31.77 80.23 -3.50
C GLN C 215 -31.68 80.13 -1.97
N GLU C 216 -30.60 79.53 -1.47
CA GLU C 216 -30.30 79.64 -0.03
C GLU C 216 -29.06 80.49 0.22
N HIS C 217 -27.90 79.96 -0.11
CA HIS C 217 -26.64 80.59 0.30
C HIS C 217 -26.10 81.46 -0.80
N GLY C 218 -26.86 81.55 -1.88
CA GLY C 218 -26.60 82.51 -2.91
C GLY C 218 -25.17 82.55 -3.41
N ILE C 219 -24.50 81.39 -3.42
CA ILE C 219 -23.28 81.27 -4.21
C ILE C 219 -23.63 80.30 -5.32
N ASP C 220 -23.12 80.58 -6.52
CA ASP C 220 -23.41 79.74 -7.67
C ASP C 220 -22.23 78.81 -7.91
N LEU C 221 -22.47 77.54 -7.61
CA LEU C 221 -21.42 76.54 -7.64
C LEU C 221 -21.12 76.25 -9.10
N SER C 222 -22.13 76.39 -9.94
CA SER C 222 -21.96 76.12 -11.35
C SER C 222 -20.70 76.80 -11.79
N LYS C 223 -20.42 77.94 -11.19
CA LYS C 223 -19.26 78.69 -11.59
C LYS C 223 -17.94 78.10 -11.05
N ASP C 224 -17.97 77.38 -9.92
CA ASP C 224 -16.77 76.62 -9.57
C ASP C 224 -16.67 75.32 -10.37
N LYS C 225 -15.54 75.16 -11.01
CA LYS C 225 -15.32 74.01 -11.84
C LYS C 225 -15.48 72.70 -11.08
N MET C 226 -14.52 72.36 -10.23
CA MET C 226 -14.53 71.03 -9.65
C MET C 226 -15.75 70.88 -8.81
N ALA C 227 -16.39 72.00 -8.47
CA ALA C 227 -17.62 71.95 -7.69
C ALA C 227 -18.73 71.45 -8.61
N LEU C 228 -18.69 71.92 -9.85
CA LEU C 228 -19.52 71.35 -10.87
C LEU C 228 -19.28 69.88 -10.71
N GLN C 229 -17.99 69.53 -10.78
CA GLN C 229 -17.51 68.14 -10.82
C GLN C 229 -18.16 67.24 -9.78
N ARG C 230 -17.83 67.47 -8.52
CA ARG C 230 -18.36 66.70 -7.41
C ARG C 230 -19.87 66.69 -7.50
N LEU C 231 -20.45 67.80 -7.95
CA LEU C 231 -21.88 67.79 -8.09
C LEU C 231 -22.33 66.74 -9.08
N LYS C 232 -21.84 66.82 -10.31
CA LYS C 232 -22.13 65.83 -11.35
C LYS C 232 -22.05 64.44 -10.73
N ASP C 233 -20.89 64.08 -10.19
CA ASP C 233 -20.77 62.80 -9.54
C ASP C 233 -22.02 62.55 -8.75
N ALA C 234 -22.17 63.29 -7.66
CA ALA C 234 -23.20 63.02 -6.67
C ALA C 234 -24.56 62.87 -7.35
N ALA C 235 -24.75 63.63 -8.40
CA ALA C 235 -26.00 63.61 -9.10
C ALA C 235 -26.20 62.24 -9.68
N GLU C 236 -25.26 61.82 -10.52
CA GLU C 236 -25.43 60.56 -11.22
C GLU C 236 -25.66 59.47 -10.21
N LYS C 237 -24.76 59.38 -9.24
CA LYS C 237 -24.89 58.35 -8.23
C LYS C 237 -26.29 58.37 -7.56
N ALA C 238 -26.84 59.56 -7.33
CA ALA C 238 -28.14 59.67 -6.68
C ALA C 238 -29.28 59.31 -7.61
N LYS C 239 -29.01 59.40 -8.89
CA LYS C 239 -29.96 58.93 -9.90
C LYS C 239 -30.02 57.43 -9.80
N LYS C 240 -28.84 56.81 -9.86
CA LYS C 240 -28.72 55.37 -9.73
C LYS C 240 -29.56 54.90 -8.53
N GLU C 241 -29.12 55.26 -7.32
CA GLU C 241 -29.89 54.83 -6.15
C GLU C 241 -31.37 55.10 -6.44
N LEU C 242 -31.66 56.29 -6.98
CA LEU C 242 -33.05 56.73 -7.17
C LEU C 242 -33.83 55.85 -8.11
N SER C 243 -33.13 54.94 -8.77
CA SER C 243 -33.79 54.06 -9.70
C SER C 243 -34.57 52.95 -8.97
N GLY C 244 -33.99 52.37 -7.93
CA GLY C 244 -34.66 51.31 -7.19
C GLY C 244 -35.28 51.61 -5.83
N VAL C 245 -34.86 52.71 -5.20
CA VAL C 245 -35.28 53.04 -3.85
C VAL C 245 -36.05 54.35 -3.91
N THR C 246 -36.89 54.65 -2.91
CA THR C 246 -37.77 55.82 -3.00
C THR C 246 -37.18 57.13 -2.49
N GLN C 247 -35.93 57.15 -2.08
CA GLN C 247 -35.37 58.39 -1.61
C GLN C 247 -33.89 58.32 -1.71
N THR C 248 -33.22 59.44 -1.61
CA THR C 248 -31.85 59.36 -1.19
C THR C 248 -31.28 60.65 -0.71
N GLN C 249 -30.24 60.56 0.08
CA GLN C 249 -29.51 61.73 0.51
C GLN C 249 -28.54 62.03 -0.58
N ILE C 250 -28.33 63.29 -0.87
CA ILE C 250 -27.12 63.66 -1.55
C ILE C 250 -26.39 64.32 -0.43
N SER C 251 -25.11 64.08 -0.34
CA SER C 251 -24.42 64.65 0.76
C SER C 251 -23.07 65.10 0.34
N LEU C 252 -22.83 66.38 0.49
CA LEU C 252 -21.62 67.00 0.02
C LEU C 252 -21.20 68.02 1.04
N PRO C 253 -20.49 67.58 2.04
CA PRO C 253 -19.87 68.41 3.07
C PRO C 253 -18.66 69.13 2.51
N PHE C 254 -18.45 70.36 2.92
CA PHE C 254 -17.33 71.19 2.45
C PHE C 254 -17.40 71.50 0.97
N ILE C 255 -18.62 71.70 0.48
CA ILE C 255 -18.81 72.05 -0.93
C ILE C 255 -17.89 73.21 -1.24
N SER C 256 -17.92 74.17 -0.33
CA SER C 256 -17.22 75.44 -0.47
C SER C 256 -17.26 76.13 0.89
N ALA C 257 -16.87 77.41 0.90
CA ALA C 257 -16.99 78.20 2.12
C ALA C 257 -17.23 79.70 1.82
N ASN C 258 -18.07 80.36 2.62
CA ASN C 258 -18.20 81.80 2.49
C ASN C 258 -17.06 82.49 3.21
N GLU C 259 -17.22 83.80 3.41
CA GLU C 259 -16.33 84.50 4.32
C GLU C 259 -16.68 84.10 5.78
N ASN C 260 -17.89 83.58 5.96
CA ASN C 260 -18.29 83.00 7.24
C ASN C 260 -17.58 81.67 7.55
N GLY C 261 -16.97 81.05 6.52
CA GLY C 261 -16.36 79.73 6.64
C GLY C 261 -17.07 78.59 5.91
N PRO C 262 -16.56 77.35 6.07
CA PRO C 262 -17.02 76.12 5.39
C PRO C 262 -18.52 75.88 5.31
N LEU C 263 -18.91 75.53 4.10
CA LEU C 263 -20.30 75.41 3.67
C LEU C 263 -20.68 73.94 3.42
N HIS C 264 -21.88 73.55 3.83
CA HIS C 264 -22.27 72.15 3.72
C HIS C 264 -23.60 71.92 3.03
N LEU C 265 -23.57 71.20 1.92
CA LEU C 265 -24.82 70.86 1.22
C LEU C 265 -25.30 69.51 1.51
N GLU C 266 -26.52 69.44 1.98
CA GLU C 266 -27.10 68.16 2.30
C GLU C 266 -28.39 68.13 1.59
N MET C 267 -29.00 66.96 1.48
CA MET C 267 -30.40 66.94 1.18
C MET C 267 -30.99 65.58 0.96
N THR C 268 -32.31 65.56 0.94
CA THR C 268 -33.03 64.34 0.70
C THR C 268 -33.92 64.54 -0.51
N LEU C 269 -33.83 63.61 -1.45
CA LEU C 269 -34.47 63.72 -2.76
C LEU C 269 -35.43 62.57 -2.94
N THR C 270 -36.66 62.88 -3.32
CA THR C 270 -37.65 61.85 -3.49
C THR C 270 -37.58 61.22 -4.85
N ARG C 271 -38.34 60.15 -5.03
CA ARG C 271 -38.60 59.59 -6.33
C ARG C 271 -39.66 60.48 -6.90
N ALA C 272 -40.70 60.69 -6.11
CA ALA C 272 -41.81 61.49 -6.56
C ALA C 272 -41.27 62.77 -7.13
N LYS C 273 -40.47 63.48 -6.34
CA LYS C 273 -39.93 64.79 -6.74
C LYS C 273 -39.11 64.70 -8.02
N PHE C 274 -38.15 63.79 -8.05
CA PHE C 274 -37.32 63.69 -9.23
C PHE C 274 -38.16 63.37 -10.46
N GLU C 275 -39.25 62.64 -10.27
CA GLU C 275 -40.19 62.39 -11.34
C GLU C 275 -40.92 63.66 -11.72
N GLU C 276 -41.08 64.57 -10.78
CA GLU C 276 -41.48 65.91 -11.14
C GLU C 276 -40.43 66.41 -12.11
N LEU C 277 -39.25 66.71 -11.60
CA LEU C 277 -38.28 67.47 -12.38
C LEU C 277 -37.96 66.78 -13.64
N SER C 278 -38.36 65.53 -13.77
CA SER C 278 -38.13 64.83 -15.00
C SER C 278 -39.30 64.59 -15.97
N ALA C 279 -40.55 64.71 -15.53
CA ALA C 279 -41.62 64.06 -16.32
C ALA C 279 -41.72 64.53 -17.76
N HIS C 280 -41.21 65.73 -18.02
CA HIS C 280 -41.22 66.26 -19.37
C HIS C 280 -40.28 65.46 -20.30
N LEU C 281 -39.04 65.19 -19.89
CA LEU C 281 -38.17 64.36 -20.72
C LEU C 281 -38.89 63.11 -21.19
N VAL C 282 -39.26 62.26 -20.25
CA VAL C 282 -39.95 61.04 -20.62
C VAL C 282 -41.04 61.36 -21.63
N GLU C 283 -41.80 62.41 -21.36
CA GLU C 283 -42.93 62.59 -22.24
C GLU C 283 -42.56 63.27 -23.53
N ARG C 284 -41.27 63.57 -23.70
CA ARG C 284 -40.70 63.94 -24.98
C ARG C 284 -40.41 62.65 -25.67
N THR C 285 -40.21 61.66 -24.84
CA THR C 285 -39.81 60.35 -25.32
C THR C 285 -40.98 59.50 -25.77
N MET C 286 -42.20 59.91 -25.45
CA MET C 286 -43.32 59.22 -26.11
C MET C 286 -43.45 59.73 -27.55
N GLY C 287 -42.78 60.83 -27.85
CA GLY C 287 -43.02 61.46 -29.12
C GLY C 287 -42.56 60.65 -30.30
N PRO C 288 -41.26 60.39 -30.40
CA PRO C 288 -40.90 59.72 -31.63
C PRO C 288 -41.60 58.40 -31.65
N VAL C 289 -41.80 57.81 -30.48
CA VAL C 289 -42.47 56.53 -30.43
C VAL C 289 -43.71 56.67 -31.29
N ARG C 290 -44.55 57.64 -30.95
CA ARG C 290 -45.79 57.77 -31.70
C ARG C 290 -45.55 58.12 -33.17
N GLN C 291 -44.49 58.90 -33.41
CA GLN C 291 -44.17 59.35 -34.76
C GLN C 291 -44.03 58.15 -35.68
N ALA C 292 -43.10 57.28 -35.31
CA ALA C 292 -42.84 56.09 -36.09
C ALA C 292 -44.06 55.22 -36.07
N LEU C 293 -44.79 55.20 -34.95
CA LEU C 293 -46.04 54.48 -34.94
C LEU C 293 -46.87 54.84 -36.17
N GLN C 294 -47.02 56.15 -36.44
CA GLN C 294 -47.79 56.63 -37.62
C GLN C 294 -47.05 56.44 -38.94
N ASP C 295 -45.72 56.38 -38.87
CA ASP C 295 -44.96 56.11 -40.07
C ASP C 295 -45.26 54.68 -40.51
N ALA C 296 -45.67 53.85 -39.56
CA ALA C 296 -46.09 52.46 -39.80
C ALA C 296 -47.59 52.37 -39.95
N GLY C 297 -48.25 53.50 -39.82
CA GLY C 297 -49.70 53.59 -39.89
C GLY C 297 -50.29 52.79 -38.75
N LEU C 298 -49.60 52.82 -37.62
CA LEU C 298 -49.85 51.82 -36.58
C LEU C 298 -50.32 52.27 -35.19
N THR C 299 -50.60 51.27 -34.38
CA THR C 299 -51.32 51.41 -33.14
C THR C 299 -50.57 50.60 -32.09
N PRO C 300 -50.74 50.94 -30.82
CA PRO C 300 -50.10 50.12 -29.78
C PRO C 300 -50.46 48.65 -29.95
N ALA C 301 -51.74 48.37 -30.16
CA ALA C 301 -52.20 47.00 -30.23
C ALA C 301 -51.24 46.28 -31.12
N ASP C 302 -50.96 46.91 -32.26
CA ASP C 302 -50.09 46.32 -33.25
C ASP C 302 -48.80 45.79 -32.57
N ILE C 303 -48.10 46.63 -31.82
CA ILE C 303 -46.82 46.20 -31.27
C ILE C 303 -46.97 44.96 -30.42
N ASP C 304 -46.23 43.91 -30.77
CA ASP C 304 -46.31 42.58 -30.12
C ASP C 304 -45.48 42.43 -28.83
N LYS C 305 -44.30 43.04 -28.82
CA LYS C 305 -43.41 43.01 -27.66
C LYS C 305 -42.45 44.18 -27.76
N VAL C 306 -41.81 44.53 -26.66
CA VAL C 306 -40.87 45.63 -26.69
C VAL C 306 -39.59 45.33 -25.97
N ILE C 307 -38.50 45.74 -26.57
CA ILE C 307 -37.19 45.57 -25.98
C ILE C 307 -36.77 46.93 -25.46
N LEU C 308 -35.93 46.94 -24.43
CA LEU C 308 -35.41 48.18 -23.89
C LEU C 308 -33.92 48.19 -24.07
N VAL C 309 -33.34 49.33 -24.43
CA VAL C 309 -31.91 49.37 -24.60
C VAL C 309 -31.31 50.59 -23.96
N GLY C 310 -30.02 50.54 -23.65
CA GLY C 310 -29.34 51.67 -23.07
C GLY C 310 -29.61 51.69 -21.59
N GLY C 311 -28.66 52.20 -20.81
CA GLY C 311 -28.69 52.05 -19.37
C GLY C 311 -29.82 52.80 -18.71
N SER C 312 -30.17 53.92 -19.28
CA SER C 312 -31.04 54.78 -18.58
C SER C 312 -32.46 54.36 -18.85
N THR C 313 -32.62 53.17 -19.41
CA THR C 313 -33.95 52.59 -19.46
C THR C 313 -34.25 51.97 -18.12
N ARG C 314 -33.29 52.05 -17.22
CA ARG C 314 -33.51 51.50 -15.89
C ARG C 314 -34.32 52.49 -15.07
N ILE C 315 -34.64 53.62 -15.67
CA ILE C 315 -35.34 54.71 -14.97
C ILE C 315 -36.83 54.44 -14.78
N PRO C 316 -37.26 54.27 -13.52
CA PRO C 316 -38.55 53.68 -13.17
C PRO C 316 -39.68 54.35 -13.90
N ALA C 317 -39.67 55.66 -13.91
CA ALA C 317 -40.77 56.35 -14.53
C ALA C 317 -40.73 56.07 -16.00
N VAL C 318 -39.55 56.02 -16.58
CA VAL C 318 -39.45 55.82 -18.02
C VAL C 318 -40.36 54.66 -18.34
N GLN C 319 -39.99 53.51 -17.80
CA GLN C 319 -40.75 52.31 -18.01
C GLN C 319 -42.22 52.59 -17.76
N GLU C 320 -42.52 53.29 -16.66
CA GLU C 320 -43.91 53.59 -16.30
C GLU C 320 -44.67 54.20 -17.49
N ALA C 321 -44.08 55.24 -18.08
CA ALA C 321 -44.68 55.89 -19.22
C ALA C 321 -44.85 54.90 -20.36
N ILE C 322 -43.86 54.03 -20.55
CA ILE C 322 -43.97 53.06 -21.64
C ILE C 322 -45.18 52.15 -21.46
N LYS C 323 -45.41 51.73 -20.21
CA LYS C 323 -46.53 50.86 -19.86
C LYS C 323 -47.88 51.56 -20.05
N ARG C 324 -48.01 52.80 -19.59
CA ARG C 324 -49.31 53.48 -19.71
C ARG C 324 -49.38 54.08 -21.10
N GLU C 325 -48.36 53.78 -21.90
CA GLU C 325 -48.31 54.13 -23.31
C GLU C 325 -48.86 53.03 -24.22
N LEU C 326 -48.21 51.87 -24.21
CA LEU C 326 -48.68 50.78 -25.07
C LEU C 326 -49.51 49.73 -24.38
N GLY C 327 -49.68 49.86 -23.05
CA GLY C 327 -50.39 48.85 -22.27
C GLY C 327 -49.70 47.49 -22.28
N LYS C 328 -48.38 47.51 -22.41
CA LYS C 328 -47.64 46.27 -22.57
C LYS C 328 -46.27 46.36 -21.90
N GLU C 329 -45.89 45.23 -21.30
CA GLU C 329 -44.70 45.12 -20.46
C GLU C 329 -43.39 44.90 -21.23
N PRO C 330 -42.37 45.69 -20.92
CA PRO C 330 -41.12 45.73 -21.64
C PRO C 330 -40.36 44.48 -21.33
N HIS C 331 -39.68 43.87 -22.30
CA HIS C 331 -38.91 42.70 -21.93
C HIS C 331 -37.51 43.15 -21.58
N LYS C 332 -37.29 43.19 -20.28
CA LYS C 332 -36.04 43.68 -19.73
C LYS C 332 -35.11 42.56 -19.35
N GLY C 333 -35.45 41.34 -19.72
CA GLY C 333 -34.71 40.20 -19.22
C GLY C 333 -33.20 40.31 -19.26
N VAL C 334 -32.65 41.05 -20.22
CA VAL C 334 -31.19 41.11 -20.34
C VAL C 334 -30.67 42.46 -19.94
N ASN C 335 -29.40 42.52 -19.57
CA ASN C 335 -28.88 43.76 -19.07
C ASN C 335 -28.99 44.83 -20.13
N PRO C 336 -29.84 45.83 -19.89
CA PRO C 336 -30.11 46.70 -21.02
C PRO C 336 -28.90 47.48 -21.51
N ASP C 337 -27.81 47.55 -20.76
CA ASP C 337 -26.71 48.36 -21.28
C ASP C 337 -25.83 47.69 -22.34
N GLU C 338 -25.52 46.42 -22.20
CA GLU C 338 -24.68 45.77 -23.18
C GLU C 338 -25.49 44.96 -24.19
N VAL C 339 -26.81 44.91 -24.03
CA VAL C 339 -27.62 43.95 -24.77
C VAL C 339 -27.27 44.00 -26.22
N VAL C 340 -26.89 45.18 -26.68
CA VAL C 340 -26.52 45.37 -28.07
C VAL C 340 -25.25 44.59 -28.50
N ALA C 341 -24.15 44.78 -27.79
CA ALA C 341 -22.93 44.06 -28.15
C ALA C 341 -23.10 42.59 -27.90
N ILE C 342 -24.05 42.23 -27.06
CA ILE C 342 -24.32 40.82 -26.78
C ILE C 342 -25.05 40.19 -27.95
N GLY C 343 -26.00 40.93 -28.52
CA GLY C 343 -26.60 40.48 -29.76
C GLY C 343 -25.55 40.33 -30.85
N ALA C 344 -24.66 41.31 -30.96
CA ALA C 344 -23.61 41.24 -31.97
C ALA C 344 -22.82 39.95 -31.80
N ALA C 345 -22.24 39.78 -30.64
CA ALA C 345 -21.53 38.55 -30.40
C ALA C 345 -22.37 37.32 -30.77
N ILE C 346 -23.67 37.34 -30.51
CA ILE C 346 -24.49 36.17 -30.90
C ILE C 346 -24.45 35.96 -32.41
N GLN C 347 -24.68 37.01 -33.19
CA GLN C 347 -24.72 36.85 -34.66
C GLN C 347 -23.39 36.44 -35.25
N GLY C 348 -22.28 36.89 -34.66
CA GLY C 348 -20.98 36.38 -35.04
C GLY C 348 -20.78 34.97 -34.54
N GLY C 349 -21.54 34.62 -33.52
CA GLY C 349 -21.49 33.27 -33.06
C GLY C 349 -22.04 32.45 -34.19
N VAL C 350 -23.28 32.70 -34.56
CA VAL C 350 -23.89 31.82 -35.54
C VAL C 350 -23.06 31.83 -36.78
N ILE C 351 -22.52 33.00 -37.09
CA ILE C 351 -21.74 33.14 -38.29
C ILE C 351 -20.57 32.21 -38.23
N ALA C 352 -19.76 32.30 -37.20
CA ALA C 352 -18.53 31.51 -37.22
C ALA C 352 -18.72 30.10 -36.77
N GLY C 353 -19.98 29.72 -36.54
CA GLY C 353 -20.30 28.32 -36.44
C GLY C 353 -20.69 27.56 -35.19
N GLU C 354 -20.95 28.19 -34.05
CA GLU C 354 -21.64 27.40 -33.04
C GLU C 354 -23.11 27.74 -33.05
N VAL C 355 -23.91 26.83 -33.61
CA VAL C 355 -25.34 27.03 -33.69
C VAL C 355 -25.86 26.67 -32.34
N LYS C 356 -27.17 26.74 -32.18
CA LYS C 356 -27.80 26.54 -30.87
C LYS C 356 -27.93 25.06 -30.44
N ASP C 357 -27.27 24.74 -29.33
CA ASP C 357 -27.48 23.46 -28.69
C ASP C 357 -28.69 23.75 -27.85
N VAL C 358 -29.56 22.79 -27.74
CA VAL C 358 -30.66 22.94 -26.82
C VAL C 358 -30.13 22.80 -25.37
N VAL C 359 -29.44 21.70 -25.08
CA VAL C 359 -28.76 21.53 -23.79
C VAL C 359 -29.62 21.73 -22.53
N LEU C 360 -30.48 20.76 -22.24
CA LEU C 360 -31.30 20.81 -21.04
C LEU C 360 -30.94 19.61 -20.16
N LEU C 361 -31.74 19.41 -19.11
CA LEU C 361 -31.62 18.27 -18.19
C LEU C 361 -30.19 18.23 -17.78
N ASP C 362 -29.58 19.41 -17.73
CA ASP C 362 -28.17 19.41 -17.48
C ASP C 362 -27.97 19.69 -16.02
N VAL C 363 -28.19 18.67 -15.20
CA VAL C 363 -27.81 18.76 -13.80
C VAL C 363 -28.28 17.59 -13.00
N THR C 364 -27.49 17.25 -11.99
CA THR C 364 -27.83 16.21 -11.09
C THR C 364 -28.91 16.86 -10.32
N PRO C 365 -30.00 16.15 -10.09
CA PRO C 365 -31.03 16.61 -9.18
C PRO C 365 -30.60 16.59 -7.72
N LEU C 366 -29.68 15.72 -7.37
CA LEU C 366 -29.43 15.53 -5.96
C LEU C 366 -28.08 14.99 -5.62
N SER C 367 -27.68 15.13 -4.36
CA SER C 367 -26.36 14.68 -3.95
C SER C 367 -26.18 13.15 -3.94
N LEU C 368 -25.16 12.68 -4.66
CA LEU C 368 -24.88 11.27 -4.73
C LEU C 368 -23.64 10.97 -3.95
N GLY C 369 -23.74 9.91 -3.17
CA GLY C 369 -22.66 9.45 -2.31
C GLY C 369 -22.77 7.98 -1.91
N ILE C 370 -21.92 7.51 -1.00
CA ILE C 370 -22.05 6.14 -0.57
C ILE C 370 -21.77 6.10 0.90
N GLU C 371 -22.55 5.30 1.60
CA GLU C 371 -22.43 5.26 3.03
C GLU C 371 -21.03 4.88 3.34
N THR C 372 -20.43 5.53 4.31
CA THR C 372 -19.19 5.04 4.86
C THR C 372 -19.33 4.86 6.36
N MET C 373 -18.22 4.48 6.97
CA MET C 373 -18.19 3.92 8.31
C MET C 373 -18.96 4.75 9.33
N GLY C 374 -19.88 4.13 10.04
CA GLY C 374 -20.73 4.87 10.95
C GLY C 374 -21.81 5.60 10.21
N GLY C 375 -22.48 4.90 9.30
CA GLY C 375 -23.73 5.37 8.75
C GLY C 375 -23.60 6.77 8.19
N VAL C 376 -22.39 7.25 8.04
CA VAL C 376 -22.24 8.62 7.58
C VAL C 376 -22.45 8.53 6.09
N PHE C 377 -23.08 9.51 5.45
CA PHE C 377 -23.32 9.37 4.02
C PHE C 377 -22.30 10.21 3.28
N THR C 378 -21.27 9.61 2.67
CA THR C 378 -20.24 10.49 2.11
C THR C 378 -20.61 10.96 0.72
N LYS C 379 -20.54 12.26 0.51
CA LYS C 379 -20.98 12.82 -0.74
C LYS C 379 -19.87 12.65 -1.72
N LEU C 380 -20.24 12.41 -2.96
CA LEU C 380 -19.27 12.21 -4.01
C LEU C 380 -19.55 13.16 -5.13
N ILE C 381 -20.74 13.07 -5.70
CA ILE C 381 -21.13 14.01 -6.72
C ILE C 381 -22.27 14.80 -6.18
N GLU C 382 -22.09 16.13 -6.18
CA GLU C 382 -22.95 17.09 -5.49
C GLU C 382 -24.19 17.46 -6.25
N ARG C 383 -25.21 17.87 -5.53
CA ARG C 383 -26.45 18.31 -6.15
C ARG C 383 -26.19 19.45 -7.12
N ASN C 384 -26.90 19.46 -8.24
CA ASN C 384 -26.75 20.51 -9.24
C ASN C 384 -25.34 20.62 -9.79
N THR C 385 -24.76 19.47 -10.11
CA THR C 385 -23.59 19.42 -10.98
C THR C 385 -24.07 18.83 -12.30
N THR C 386 -23.59 19.39 -13.41
CA THR C 386 -24.11 19.07 -14.71
C THR C 386 -23.76 17.68 -15.11
N ILE C 387 -24.76 16.92 -15.54
CA ILE C 387 -24.73 15.44 -15.60
C ILE C 387 -23.66 14.65 -16.38
N PRO C 388 -23.36 15.07 -17.61
CA PRO C 388 -22.43 14.21 -18.32
C PRO C 388 -21.07 14.32 -17.70
N THR C 389 -20.88 13.66 -16.54
CA THR C 389 -19.59 13.81 -15.80
C THR C 389 -19.46 12.67 -14.85
N SER C 390 -18.27 12.46 -14.30
CA SER C 390 -18.02 11.36 -13.38
C SER C 390 -16.97 11.68 -12.32
N LYS C 391 -17.08 11.04 -11.16
CA LYS C 391 -16.13 11.32 -10.07
C LYS C 391 -15.68 10.04 -9.41
N SER C 392 -14.47 10.04 -8.87
CA SER C 392 -13.90 8.79 -8.40
C SER C 392 -13.14 8.97 -7.15
N GLN C 393 -13.42 8.13 -6.17
CA GLN C 393 -12.81 8.33 -4.88
C GLN C 393 -12.26 7.04 -4.34
N VAL C 394 -11.21 7.15 -3.55
CA VAL C 394 -10.56 5.99 -3.01
C VAL C 394 -10.77 5.80 -1.52
N PHE C 395 -11.56 4.80 -1.21
CA PHE C 395 -11.79 4.40 0.16
C PHE C 395 -10.95 3.21 0.44
N THR C 396 -10.56 3.05 1.70
CA THR C 396 -10.02 1.80 2.15
C THR C 396 -10.93 1.13 3.19
N THR C 397 -10.44 0.07 3.80
CA THR C 397 -11.26 -0.82 4.60
C THR C 397 -11.54 -0.38 6.03
N ALA C 398 -12.66 -0.88 6.57
CA ALA C 398 -13.06 -0.69 7.98
C ALA C 398 -12.08 -1.20 9.05
N ALA C 399 -11.90 -2.52 9.07
CA ALA C 399 -11.17 -3.26 10.12
C ALA C 399 -10.01 -4.12 9.62
N ASP C 400 -9.04 -4.41 10.48
CA ASP C 400 -7.90 -5.23 10.06
C ASP C 400 -8.41 -6.55 9.48
N ASN C 401 -7.93 -6.91 8.29
CA ASN C 401 -8.30 -8.19 7.70
C ASN C 401 -9.70 -8.24 7.10
N GLN C 402 -10.42 -7.13 7.09
CA GLN C 402 -11.74 -7.12 6.53
C GLN C 402 -11.63 -7.78 5.20
N THR C 403 -12.52 -8.72 4.94
CA THR C 403 -12.49 -9.47 3.70
C THR C 403 -13.16 -8.69 2.63
N THR C 404 -14.24 -8.04 3.02
CA THR C 404 -15.18 -7.60 2.04
C THR C 404 -15.71 -6.19 2.38
N VAL C 405 -16.07 -5.45 1.33
CA VAL C 405 -16.65 -4.12 1.52
C VAL C 405 -18.03 -4.06 0.91
N ASP C 406 -18.94 -3.47 1.65
CA ASP C 406 -20.31 -3.41 1.20
C ASP C 406 -20.67 -1.95 0.90
N ILE C 407 -20.81 -1.60 -0.38
CA ILE C 407 -21.08 -0.22 -0.75
C ILE C 407 -22.57 0.03 -0.89
N HIS C 408 -23.02 1.09 -0.24
CA HIS C 408 -24.41 1.47 -0.23
C HIS C 408 -24.46 2.82 -0.95
N VAL C 409 -25.00 2.83 -2.16
CA VAL C 409 -25.09 4.07 -2.91
C VAL C 409 -26.33 4.84 -2.43
N LEU C 410 -26.14 6.09 -2.00
CA LEU C 410 -27.24 6.91 -1.49
C LEU C 410 -27.40 8.30 -2.12
N GLN C 411 -28.66 8.71 -2.30
CA GLN C 411 -29.01 9.93 -3.01
C GLN C 411 -29.95 10.85 -2.22
N GLY C 412 -29.45 12.02 -1.83
CA GLY C 412 -30.20 12.99 -1.05
C GLY C 412 -29.26 14.11 -0.72
N GLU C 413 -29.64 15.02 0.16
CA GLU C 413 -28.65 15.94 0.71
C GLU C 413 -28.19 15.64 2.13
N ARG C 414 -28.82 14.69 2.78
CA ARG C 414 -28.74 14.63 4.22
C ARG C 414 -27.56 13.83 4.75
N PRO C 415 -26.81 14.40 5.68
CA PRO C 415 -25.58 13.87 6.28
C PRO C 415 -25.73 12.54 6.99
N MET C 416 -26.94 12.01 7.16
CA MET C 416 -27.04 10.64 7.68
C MET C 416 -27.68 9.64 6.73
N ALA C 417 -27.12 8.44 6.71
CA ALA C 417 -27.60 7.40 5.82
C ALA C 417 -29.11 7.31 5.88
N ALA C 418 -29.59 7.21 7.10
CA ALA C 418 -31.01 6.99 7.37
C ALA C 418 -31.88 7.92 6.55
N ASP C 419 -31.42 9.17 6.41
CA ASP C 419 -32.26 10.20 5.84
C ASP C 419 -32.19 10.27 4.33
N ASN C 420 -31.48 9.35 3.70
CA ASN C 420 -31.38 9.51 2.27
C ASN C 420 -32.10 8.44 1.50
N LYS C 421 -32.10 8.59 0.19
CA LYS C 421 -32.71 7.61 -0.68
C LYS C 421 -31.69 6.51 -0.92
N SER C 422 -32.12 5.26 -0.69
CA SER C 422 -31.24 4.15 -0.91
C SER C 422 -31.51 3.76 -2.35
N LEU C 423 -30.55 4.04 -3.23
CA LEU C 423 -30.69 3.75 -4.65
C LEU C 423 -30.36 2.30 -4.98
N GLY C 424 -29.29 1.80 -4.35
CA GLY C 424 -28.87 0.44 -4.56
C GLY C 424 -27.69 0.12 -3.68
N ARG C 425 -27.45 -1.18 -3.54
CA ARG C 425 -26.39 -1.68 -2.68
C ARG C 425 -25.73 -2.87 -3.35
N PHE C 426 -24.43 -2.99 -3.18
CA PHE C 426 -23.78 -4.18 -3.65
C PHE C 426 -22.48 -4.30 -2.92
N GLN C 427 -21.86 -5.47 -2.97
CA GLN C 427 -20.66 -5.72 -2.18
C GLN C 427 -19.55 -6.23 -3.06
N LEU C 428 -18.33 -6.20 -2.55
CA LEU C 428 -17.19 -6.72 -3.26
C LEU C 428 -16.35 -7.54 -2.32
N THR C 429 -15.86 -8.68 -2.81
CA THR C 429 -15.21 -9.68 -1.97
C THR C 429 -13.87 -10.11 -2.52
N GLY C 430 -13.04 -10.67 -1.66
CA GLY C 430 -11.83 -11.31 -2.13
C GLY C 430 -10.62 -10.50 -1.80
N ILE C 431 -10.84 -9.26 -1.45
CA ILE C 431 -9.71 -8.41 -1.17
C ILE C 431 -8.84 -9.19 -0.23
N PRO C 432 -7.54 -9.08 -0.42
CA PRO C 432 -6.59 -9.74 0.47
C PRO C 432 -6.85 -9.33 1.90
N PRO C 433 -6.99 -10.29 2.79
CA PRO C 433 -6.99 -9.93 4.19
C PRO C 433 -5.70 -9.28 4.59
N ALA C 434 -5.82 -8.12 5.21
CA ALA C 434 -4.68 -7.34 5.59
C ALA C 434 -5.23 -6.06 6.20
N PRO C 435 -4.39 -5.32 6.96
CA PRO C 435 -4.74 -4.34 8.00
C PRO C 435 -5.73 -3.30 7.51
N ARG C 436 -6.35 -2.56 8.43
CA ARG C 436 -7.31 -1.51 8.04
C ARG C 436 -6.64 -0.36 7.34
N GLY C 437 -7.34 0.22 6.37
CA GLY C 437 -6.92 1.47 5.76
C GLY C 437 -5.81 1.31 4.74
N VAL C 438 -5.19 0.14 4.76
CA VAL C 438 -4.13 -0.22 3.86
C VAL C 438 -4.49 -0.50 2.43
N PRO C 439 -5.56 -1.22 2.20
CA PRO C 439 -5.94 -1.57 0.84
C PRO C 439 -6.61 -0.40 0.16
N GLN C 440 -6.43 -0.25 -1.15
CA GLN C 440 -7.05 0.85 -1.87
C GLN C 440 -8.34 0.32 -2.40
N ILE C 441 -9.39 1.10 -2.44
CA ILE C 441 -10.55 0.64 -3.19
C ILE C 441 -11.14 1.80 -3.94
N GLU C 442 -11.31 1.67 -5.24
CA GLU C 442 -11.69 2.85 -6.05
C GLU C 442 -13.09 2.76 -6.60
N VAL C 443 -13.96 3.60 -6.06
CA VAL C 443 -15.31 3.61 -6.58
C VAL C 443 -15.45 4.82 -7.46
N THR C 444 -15.95 4.62 -8.67
CA THR C 444 -16.16 5.75 -9.55
C THR C 444 -17.65 5.79 -9.85
N PHE C 445 -18.20 6.98 -9.94
CA PHE C 445 -19.58 7.18 -10.34
C PHE C 445 -19.51 7.79 -11.71
N ASP C 446 -20.38 7.36 -12.60
CA ASP C 446 -20.43 7.98 -13.91
C ASP C 446 -21.86 8.21 -14.34
N ILE C 447 -22.17 9.44 -14.69
CA ILE C 447 -23.51 9.80 -15.11
C ILE C 447 -23.51 10.23 -16.59
N ASP C 448 -24.46 9.58 -17.31
CA ASP C 448 -24.64 9.77 -18.75
C ASP C 448 -25.59 10.90 -18.97
N ALA C 449 -25.80 11.28 -20.20
CA ALA C 449 -26.65 12.42 -20.45
C ALA C 449 -28.11 12.17 -20.08
N ASN C 450 -28.46 10.93 -19.79
CA ASN C 450 -29.86 10.61 -19.50
C ASN C 450 -30.30 10.91 -18.07
N GLY C 451 -29.36 10.78 -17.15
CA GLY C 451 -29.68 10.80 -15.73
C GLY C 451 -29.52 9.42 -15.13
N ILE C 452 -29.05 8.49 -15.94
CA ILE C 452 -28.76 7.14 -15.48
C ILE C 452 -27.29 7.04 -15.06
N VAL C 453 -27.04 6.41 -13.93
CA VAL C 453 -25.70 6.43 -13.37
C VAL C 453 -25.17 5.08 -12.92
N HIS C 454 -23.94 4.81 -13.35
CA HIS C 454 -23.32 3.52 -13.10
C HIS C 454 -22.26 3.71 -12.05
N VAL C 455 -22.02 2.68 -11.28
CA VAL C 455 -21.07 2.78 -10.22
C VAL C 455 -20.19 1.60 -10.32
N ARG C 456 -18.90 1.82 -10.23
CA ARG C 456 -17.97 0.71 -10.26
C ARG C 456 -17.07 0.77 -9.05
N ALA C 457 -16.78 -0.38 -8.48
CA ALA C 457 -15.97 -0.40 -7.30
C ALA C 457 -14.87 -1.37 -7.59
N LYS C 458 -13.63 -0.93 -7.54
CA LYS C 458 -12.56 -1.79 -8.02
C LYS C 458 -11.31 -1.75 -7.14
N ASP C 459 -10.89 -2.90 -6.65
CA ASP C 459 -9.72 -2.96 -5.81
C ASP C 459 -8.56 -2.41 -6.62
N LEU C 460 -7.52 -1.89 -5.98
CA LEU C 460 -6.30 -1.46 -6.68
C LEU C 460 -5.07 -2.36 -6.58
N GLY C 461 -5.17 -3.42 -5.78
CA GLY C 461 -4.17 -4.46 -5.84
C GLY C 461 -4.66 -5.66 -6.60
N THR C 462 -5.99 -5.80 -6.70
CA THR C 462 -6.60 -6.87 -7.48
C THR C 462 -6.88 -6.59 -8.92
N ASN C 463 -7.39 -5.43 -9.20
CA ASN C 463 -8.19 -5.26 -10.40
C ASN C 463 -9.41 -6.15 -10.34
N LYS C 464 -9.78 -6.60 -9.16
CA LYS C 464 -11.06 -7.28 -9.04
C LYS C 464 -12.12 -6.21 -8.89
N GLU C 465 -13.29 -6.37 -9.47
CA GLU C 465 -14.24 -5.27 -9.40
C GLU C 465 -15.68 -5.62 -9.65
N GLN C 466 -16.58 -4.76 -9.19
CA GLN C 466 -18.01 -5.01 -9.27
C GLN C 466 -18.81 -3.73 -9.45
N SER C 467 -19.94 -3.82 -10.12
CA SER C 467 -20.61 -2.62 -10.55
C SER C 467 -22.11 -2.79 -10.61
N ILE C 468 -22.83 -1.69 -10.40
CA ILE C 468 -24.28 -1.67 -10.61
C ILE C 468 -24.69 -0.44 -11.41
N THR C 469 -25.85 -0.49 -12.06
CA THR C 469 -26.34 0.70 -12.71
C THR C 469 -27.68 1.05 -12.09
N ILE C 470 -27.73 2.18 -11.39
CA ILE C 470 -28.92 2.55 -10.63
C ILE C 470 -30.02 3.03 -11.55
N LYS C 471 -31.17 2.36 -11.49
CA LYS C 471 -32.14 2.38 -12.56
C LYS C 471 -32.30 3.78 -13.12
N SER C 472 -32.85 4.67 -12.33
CA SER C 472 -33.30 5.94 -12.87
C SER C 472 -32.66 7.21 -12.24
N SER C 473 -32.85 7.41 -10.93
CA SER C 473 -32.46 8.66 -10.28
C SER C 473 -33.27 9.72 -11.00
N SER C 474 -34.46 9.27 -11.41
CA SER C 474 -35.44 10.04 -12.15
C SER C 474 -36.71 9.17 -12.15
N GLY C 475 -37.72 9.55 -12.94
CA GLY C 475 -38.84 8.68 -13.21
C GLY C 475 -39.93 8.87 -12.18
N LEU C 476 -39.71 9.86 -11.32
CA LEU C 476 -40.71 10.34 -10.39
C LEU C 476 -40.85 11.86 -10.50
N SER C 477 -41.95 12.37 -9.92
CA SER C 477 -42.30 13.79 -9.89
C SER C 477 -41.41 14.67 -9.01
N GLU C 478 -40.93 15.76 -9.60
CA GLU C 478 -39.95 16.66 -9.00
C GLU C 478 -40.46 17.27 -7.70
N GLU C 479 -41.74 17.03 -7.41
CA GLU C 479 -42.37 17.46 -6.16
C GLU C 479 -41.58 16.96 -4.94
N GLU C 480 -41.33 15.65 -4.88
CA GLU C 480 -40.48 15.07 -3.86
C GLU C 480 -39.15 15.80 -3.77
N ILE C 481 -38.54 16.05 -4.93
CA ILE C 481 -37.30 16.78 -4.99
C ILE C 481 -37.36 18.06 -4.19
N GLN C 482 -38.20 19.00 -4.61
CA GLN C 482 -38.28 20.25 -3.87
C GLN C 482 -38.62 20.01 -2.39
N ARG C 483 -39.44 18.99 -2.12
CA ARG C 483 -39.81 18.68 -0.73
C ARG C 483 -38.56 18.34 0.07
N MET C 484 -37.57 17.75 -0.59
CA MET C 484 -36.29 17.44 0.04
C MET C 484 -35.32 18.59 0.07
N ILE C 485 -35.40 19.45 -0.93
CA ILE C 485 -34.55 20.61 -0.92
C ILE C 485 -34.87 21.24 0.41
N LYS C 486 -36.17 21.46 0.60
CA LYS C 486 -36.69 21.98 1.85
C LYS C 486 -36.29 21.09 3.03
N GLU C 487 -36.53 19.80 2.91
CA GLU C 487 -36.42 18.86 4.03
C GLU C 487 -34.98 18.71 4.53
N ALA C 488 -34.04 19.09 3.67
CA ALA C 488 -32.63 19.10 4.01
C ALA C 488 -32.46 19.99 5.21
N GLU C 489 -32.66 21.27 4.95
CA GLU C 489 -32.61 22.32 5.95
C GLU C 489 -33.58 22.03 7.07
N GLU C 490 -34.72 21.44 6.70
CA GLU C 490 -35.84 21.23 7.60
C GLU C 490 -35.30 20.70 8.91
N ASN C 491 -34.64 19.55 8.87
CA ASN C 491 -33.72 19.27 9.94
C ASN C 491 -32.34 19.71 9.51
N ALA C 492 -31.92 20.81 10.09
CA ALA C 492 -30.58 21.32 9.93
C ALA C 492 -29.65 20.68 10.95
N GLU C 493 -30.21 20.28 12.08
CA GLU C 493 -29.31 19.90 13.15
C GLU C 493 -28.91 18.44 13.23
N ALA C 494 -29.25 17.68 12.17
CA ALA C 494 -28.83 16.28 12.04
C ALA C 494 -27.31 16.27 12.14
N ASP C 495 -26.74 17.47 12.15
CA ASP C 495 -25.32 17.71 12.33
C ASP C 495 -24.84 17.07 13.63
N ARG C 496 -25.80 16.61 14.42
CA ARG C 496 -25.53 15.78 15.59
C ARG C 496 -24.80 14.44 15.29
N LYS C 497 -24.68 14.09 14.01
CA LYS C 497 -23.80 12.97 13.61
C LYS C 497 -22.34 13.28 13.88
N ARG C 498 -22.05 14.50 14.34
CA ARG C 498 -20.70 14.78 14.76
C ARG C 498 -20.49 13.81 15.91
N LYS C 499 -21.61 13.23 16.30
CA LYS C 499 -21.70 12.22 17.33
C LYS C 499 -20.75 11.06 16.97
N GLU C 500 -20.24 11.10 15.74
CA GLU C 500 -19.47 10.01 15.16
C GLU C 500 -18.00 10.13 15.38
N ALA C 501 -17.56 11.25 15.96
CA ALA C 501 -16.19 11.35 16.42
C ALA C 501 -16.07 10.38 17.58
N ALA C 502 -17.21 10.17 18.22
CA ALA C 502 -17.36 9.13 19.20
C ALA C 502 -17.13 7.85 18.44
N GLU C 503 -17.83 7.73 17.32
CA GLU C 503 -17.86 6.49 16.57
C GLU C 503 -16.60 6.40 15.71
N LEU C 504 -15.73 7.38 15.90
CA LEU C 504 -14.37 7.35 15.36
C LEU C 504 -13.46 6.70 16.38
N ARG C 505 -14.09 6.08 17.37
CA ARG C 505 -13.37 5.35 18.40
C ARG C 505 -12.92 3.96 17.94
N ASN C 506 -13.23 3.62 16.69
CA ASN C 506 -12.89 2.30 16.11
C ASN C 506 -11.43 1.87 16.31
N GLU C 507 -10.53 2.85 16.40
CA GLU C 507 -9.09 2.59 16.50
C GLU C 507 -8.73 2.07 17.89
N ALA C 508 -8.21 0.84 17.90
CA ALA C 508 -7.99 0.06 19.11
C ALA C 508 -6.51 -0.30 19.26
N ASP C 509 -5.92 0.12 20.39
CA ASP C 509 -4.51 -0.09 20.64
C ASP C 509 -4.33 -0.47 22.10
N MET D 1 -3.26 5.29 18.92
CA MET D 1 -1.86 5.67 18.72
C MET D 1 -1.70 7.13 18.24
N SER D 2 -2.03 8.07 19.15
CA SER D 2 -1.91 9.51 18.94
C SER D 2 -0.46 10.01 19.03
N LYS D 3 -0.21 11.20 18.48
CA LYS D 3 1.13 11.76 18.55
C LYS D 3 1.39 12.09 20.02
N ILE D 4 2.53 12.70 20.33
CA ILE D 4 2.76 13.18 21.68
C ILE D 4 2.84 14.70 21.66
N ILE D 5 1.79 15.35 22.16
CA ILE D 5 1.68 16.81 22.11
C ILE D 5 2.52 17.45 23.19
N GLY D 6 3.37 18.41 22.82
CA GLY D 6 4.13 19.18 23.79
C GLY D 6 3.31 20.36 24.27
N ILE D 7 3.46 20.70 25.55
CA ILE D 7 2.78 21.86 26.10
C ILE D 7 3.69 22.59 27.06
N ASP D 8 3.52 23.90 27.09
CA ASP D 8 4.26 24.77 27.97
C ASP D 8 3.23 25.41 28.86
N LEU D 9 3.27 25.05 30.15
CA LEU D 9 2.27 25.50 31.09
C LEU D 9 2.93 26.61 31.86
N GLY D 10 2.51 27.85 31.55
CA GLY D 10 3.06 29.04 32.15
C GLY D 10 2.21 29.83 33.13
N THR D 11 2.87 30.72 33.82
CA THR D 11 2.19 31.58 34.75
C THR D 11 1.32 32.54 33.95
N THR D 12 1.95 33.27 33.04
CA THR D 12 1.32 34.36 32.31
C THR D 12 0.31 33.89 31.25
N ASN D 13 0.81 33.17 30.22
CA ASN D 13 0.01 32.41 29.25
C ASN D 13 0.77 31.17 28.74
N SER D 14 0.04 30.14 28.31
CA SER D 14 0.66 28.84 27.97
C SER D 14 0.49 28.46 26.51
N CYS D 15 1.41 27.62 25.98
CA CYS D 15 1.53 27.41 24.52
C CYS D 15 1.74 25.96 24.07
N VAL D 16 1.16 25.55 22.94
CA VAL D 16 1.11 24.11 22.62
C VAL D 16 1.60 23.61 21.26
N ALA D 17 2.68 22.83 21.24
CA ALA D 17 3.35 22.46 19.97
C ALA D 17 3.29 20.97 19.63
N VAL D 18 3.27 20.63 18.35
CA VAL D 18 3.32 19.24 17.97
C VAL D 18 4.22 19.08 16.76
N LEU D 19 4.66 17.86 16.50
CA LEU D 19 5.46 17.62 15.31
C LEU D 19 4.78 16.63 14.36
N GLU D 20 4.64 17.03 13.10
CA GLU D 20 4.26 16.10 12.07
C GLU D 20 5.02 16.48 10.80
N GLY D 21 5.61 15.47 10.19
CA GLY D 21 6.67 15.65 9.21
C GLY D 21 8.00 15.54 9.92
N GLY D 22 9.09 15.93 9.24
CA GLY D 22 10.33 16.20 9.94
C GLY D 22 10.16 17.57 10.57
N GLU D 23 8.92 18.06 10.51
CA GLU D 23 8.56 19.42 10.87
C GLU D 23 7.60 19.52 12.07
N VAL D 24 7.88 20.51 12.93
CA VAL D 24 7.15 20.73 14.19
C VAL D 24 6.61 22.14 14.28
N LYS D 25 5.30 22.28 14.37
CA LYS D 25 4.66 23.60 14.34
C LYS D 25 3.85 23.83 15.62
N VAL D 26 3.42 25.08 15.83
CA VAL D 26 2.73 25.49 17.05
C VAL D 26 1.22 25.62 16.85
N ILE D 27 0.44 24.70 17.40
CA ILE D 27 -0.99 24.73 17.17
C ILE D 27 -1.53 26.04 17.71
N PRO D 28 -2.37 26.73 16.96
CA PRO D 28 -3.08 27.92 17.38
C PRO D 28 -4.34 27.53 18.13
N ASN D 29 -4.84 28.35 19.07
CA ASN D 29 -6.14 28.14 19.74
C ASN D 29 -7.28 28.83 18.99
N PRO D 30 -8.53 28.45 19.24
CA PRO D 30 -9.60 28.74 18.29
C PRO D 30 -9.56 30.16 17.79
N GLU D 31 -9.08 31.09 18.60
CA GLU D 31 -8.97 32.48 18.18
C GLU D 31 -7.65 32.67 17.47
N GLY D 32 -7.23 33.90 17.27
CA GLY D 32 -5.97 34.15 16.61
C GLY D 32 -4.95 33.69 17.61
N ASN D 33 -3.75 34.25 17.57
CA ASN D 33 -2.86 34.03 18.68
C ASN D 33 -2.39 32.59 18.91
N ARG D 34 -1.35 32.24 18.18
CA ARG D 34 -0.71 30.96 18.40
C ARG D 34 -0.58 30.73 19.90
N THR D 35 -0.38 31.80 20.66
CA THR D 35 -0.19 31.69 22.11
C THR D 35 -1.49 31.94 22.88
N THR D 36 -1.78 31.04 23.80
CA THR D 36 -3.00 31.18 24.56
C THR D 36 -2.75 31.62 26.01
N PRO D 37 -3.45 32.66 26.46
CA PRO D 37 -3.30 33.15 27.82
C PRO D 37 -3.84 32.10 28.75
N SER D 38 -3.16 31.85 29.86
CA SER D 38 -3.62 30.82 30.80
C SER D 38 -4.44 31.46 31.89
N VAL D 39 -5.70 31.11 31.95
CA VAL D 39 -6.59 31.66 32.97
C VAL D 39 -7.88 30.91 32.80
N VAL D 40 -8.75 30.98 33.80
CA VAL D 40 -10.09 30.48 33.59
C VAL D 40 -11.04 31.05 34.60
N ALA D 41 -12.29 31.17 34.17
CA ALA D 41 -13.36 31.61 35.04
C ALA D 41 -14.57 30.74 34.72
N PHE D 42 -15.51 30.64 35.66
CA PHE D 42 -16.71 29.85 35.45
C PHE D 42 -17.91 30.74 35.58
N LYS D 43 -18.91 30.50 34.74
CA LYS D 43 -20.15 31.23 34.87
C LYS D 43 -21.29 30.25 34.92
N ASN D 44 -21.46 29.50 33.85
CA ASN D 44 -22.66 28.71 33.72
C ASN D 44 -22.60 27.35 34.40
N GLY D 45 -21.52 27.13 35.15
CA GLY D 45 -21.20 25.79 35.59
C GLY D 45 -20.42 25.27 34.42
N GLU D 46 -20.37 26.14 33.41
CA GLU D 46 -19.59 25.92 32.22
C GLU D 46 -18.36 26.77 32.25
N ARG D 47 -17.23 26.10 32.09
CA ARG D 47 -15.94 26.73 32.15
C ARG D 47 -15.70 27.64 30.92
N LEU D 48 -15.01 28.77 31.13
CA LEU D 48 -14.45 29.55 30.04
C LEU D 48 -12.98 29.76 30.36
N VAL D 49 -12.12 29.73 29.35
CA VAL D 49 -10.67 29.71 29.56
C VAL D 49 -9.96 30.35 28.40
N GLY D 50 -8.73 30.81 28.59
CA GLY D 50 -7.97 31.45 27.53
C GLY D 50 -8.56 32.81 27.28
N GLU D 51 -8.09 33.55 26.26
CA GLU D 51 -8.48 34.96 26.17
C GLU D 51 -9.95 35.23 26.40
N VAL D 52 -10.83 34.47 25.76
CA VAL D 52 -12.24 34.72 25.93
C VAL D 52 -12.52 34.76 27.41
N ALA D 53 -11.60 34.21 28.19
CA ALA D 53 -11.66 34.37 29.63
C ALA D 53 -11.28 35.77 30.10
N LYS D 54 -10.09 36.22 29.77
CA LYS D 54 -9.69 37.52 30.27
C LYS D 54 -10.80 38.54 29.96
N ARG D 55 -11.59 38.27 28.92
CA ARG D 55 -12.57 39.28 28.49
C ARG D 55 -13.61 39.61 29.53
N GLN D 56 -14.26 38.59 30.04
CA GLN D 56 -15.32 38.75 31.04
C GLN D 56 -14.83 38.69 32.48
N ALA D 57 -13.50 38.71 32.67
CA ALA D 57 -12.94 38.59 34.01
C ALA D 57 -13.68 39.45 35.02
N ILE D 58 -13.96 40.69 34.65
CA ILE D 58 -14.51 41.68 35.57
C ILE D 58 -16.02 41.58 35.74
N THR D 59 -16.66 40.60 35.14
CA THR D 59 -18.06 40.32 35.48
C THR D 59 -18.11 39.48 36.71
N ASN D 60 -17.72 38.23 36.51
CA ASN D 60 -17.78 37.21 37.52
C ASN D 60 -16.50 37.29 38.34
N PRO D 61 -16.63 37.66 39.62
CA PRO D 61 -15.44 37.82 40.44
C PRO D 61 -14.71 36.51 40.42
N ASN D 62 -15.37 35.45 39.95
CA ASN D 62 -14.68 34.17 39.89
C ASN D 62 -13.93 34.09 38.57
N THR D 63 -12.64 34.35 38.67
CA THR D 63 -11.71 34.22 37.59
C THR D 63 -10.43 33.73 38.21
N ILE D 64 -9.94 32.60 37.77
CA ILE D 64 -8.69 32.15 38.34
C ILE D 64 -7.60 32.68 37.45
N ILE D 65 -6.64 33.36 38.04
CA ILE D 65 -5.58 34.01 37.29
C ILE D 65 -4.41 33.17 37.68
N SER D 66 -3.20 33.60 37.36
CA SER D 66 -2.16 32.64 37.24
C SER D 66 -2.21 31.79 38.47
N ILE D 67 -2.57 30.53 38.25
CA ILE D 67 -2.66 29.55 39.31
C ILE D 67 -1.30 28.99 39.54
N LYS D 68 -0.58 28.81 38.45
CA LYS D 68 0.58 27.94 38.41
C LYS D 68 1.57 28.34 39.49
N ARG D 69 1.31 29.47 40.13
CA ARG D 69 2.08 29.82 41.31
C ARG D 69 1.74 28.93 42.53
N HIS D 70 0.51 28.41 42.57
CA HIS D 70 0.00 27.56 43.68
C HIS D 70 0.04 26.02 43.56
N MET D 71 0.69 25.46 42.55
CA MET D 71 0.70 24.01 42.38
C MET D 71 1.73 23.31 43.27
N GLY D 72 1.32 22.23 43.91
CA GLY D 72 2.20 21.52 44.83
C GLY D 72 2.02 22.00 46.26
N THR D 73 0.95 22.74 46.52
CA THR D 73 0.71 23.21 47.87
C THR D 73 -0.71 23.03 48.26
N ASP D 74 -0.93 22.99 49.56
CA ASP D 74 -2.20 22.56 50.13
C ASP D 74 -3.36 23.39 49.59
N TYR D 75 -3.01 24.47 48.91
CA TYR D 75 -3.91 25.55 48.55
C TYR D 75 -5.20 25.06 47.92
N LYS D 76 -6.30 25.73 48.23
CA LYS D 76 -7.57 25.51 47.53
C LYS D 76 -8.23 26.87 47.30
N VAL D 77 -9.14 26.94 46.33
CA VAL D 77 -9.84 28.18 46.07
C VAL D 77 -11.36 28.03 45.94
N GLU D 78 -12.07 28.92 46.61
CA GLU D 78 -13.54 28.90 46.61
C GLU D 78 -14.15 29.49 45.34
N ILE D 79 -15.00 28.72 44.68
CA ILE D 79 -15.78 29.26 43.58
C ILE D 79 -17.26 29.09 43.89
N GLU D 80 -17.94 30.18 44.19
CA GLU D 80 -19.36 30.13 44.60
C GLU D 80 -19.64 29.04 45.64
N GLY D 81 -18.73 28.95 46.62
CA GLY D 81 -18.79 28.03 47.74
C GLY D 81 -17.92 26.78 47.62
N LYS D 82 -17.64 26.38 46.38
CA LYS D 82 -16.90 25.15 46.16
C LYS D 82 -15.40 25.40 45.99
N GLN D 83 -14.62 24.50 46.58
CA GLN D 83 -13.15 24.59 46.62
C GLN D 83 -12.53 23.79 45.48
N TYR D 84 -11.45 24.32 44.92
CA TYR D 84 -10.73 23.67 43.83
C TYR D 84 -9.23 23.67 44.14
N THR D 85 -8.48 22.85 43.42
CA THR D 85 -7.05 22.81 43.65
C THR D 85 -6.36 23.25 42.41
N PRO D 86 -5.14 23.75 42.56
CA PRO D 86 -4.50 24.22 41.34
C PRO D 86 -4.59 23.13 40.28
N GLN D 87 -4.22 21.91 40.62
CA GLN D 87 -4.05 20.93 39.58
C GLN D 87 -5.37 20.80 38.89
N GLU D 88 -6.45 21.02 39.61
CA GLU D 88 -7.71 20.90 38.95
C GLU D 88 -7.88 22.05 37.98
N ILE D 89 -7.54 23.23 38.44
CA ILE D 89 -7.64 24.39 37.59
C ILE D 89 -6.77 24.25 36.34
N SER D 90 -5.45 24.26 36.56
CA SER D 90 -4.49 24.13 35.49
C SER D 90 -4.97 22.97 34.68
N ALA D 91 -5.59 22.02 35.35
CA ALA D 91 -6.13 20.90 34.61
C ALA D 91 -7.08 21.42 33.54
N ILE D 92 -8.14 22.14 33.91
CA ILE D 92 -9.13 22.55 32.91
C ILE D 92 -8.45 23.35 31.82
N ILE D 93 -7.48 24.16 32.21
CA ILE D 93 -6.69 24.84 31.21
C ILE D 93 -6.23 23.78 30.20
N LEU D 94 -5.59 22.73 30.70
CA LEU D 94 -5.10 21.70 29.80
C LEU D 94 -6.23 21.15 28.94
N GLN D 95 -7.39 20.90 29.56
CA GLN D 95 -8.53 20.34 28.84
C GLN D 95 -8.76 21.18 27.61
N TYR D 96 -8.45 22.46 27.71
CA TYR D 96 -8.51 23.31 26.52
C TYR D 96 -7.35 23.05 25.60
N LEU D 97 -6.13 23.07 26.13
CA LEU D 97 -5.01 22.90 25.22
C LEU D 97 -5.18 21.64 24.37
N LYS D 98 -5.30 20.50 25.05
CA LYS D 98 -5.61 19.26 24.38
C LYS D 98 -6.83 19.43 23.49
N SER D 99 -7.94 19.91 24.03
CA SER D 99 -9.14 19.99 23.20
C SER D 99 -8.80 20.56 21.84
N TYR D 100 -8.43 21.84 21.81
CA TYR D 100 -8.25 22.51 20.53
C TYR D 100 -7.07 21.95 19.72
N ALA D 101 -6.14 21.27 20.36
CA ALA D 101 -5.16 20.55 19.59
C ALA D 101 -5.87 19.41 18.85
N GLU D 102 -6.91 18.86 19.46
CA GLU D 102 -7.67 17.80 18.84
C GLU D 102 -8.44 18.40 17.69
N ASP D 103 -9.02 19.56 17.94
CA ASP D 103 -9.68 20.29 16.88
C ASP D 103 -8.75 20.37 15.68
N TYR D 104 -7.52 20.79 15.93
CA TYR D 104 -6.57 21.00 14.85
C TYR D 104 -6.17 19.73 14.17
N LEU D 105 -6.06 18.63 14.89
CA LEU D 105 -5.72 17.41 14.19
C LEU D 105 -6.90 16.60 13.69
N GLY D 106 -8.08 16.84 14.24
CA GLY D 106 -9.23 16.02 13.89
C GLY D 106 -8.97 14.64 14.47
N GLU D 107 -7.74 14.49 14.95
CA GLU D 107 -7.21 13.26 15.48
C GLU D 107 -7.16 13.37 16.98
N PRO D 108 -8.04 12.66 17.68
CA PRO D 108 -8.05 12.81 19.13
C PRO D 108 -6.62 12.67 19.67
N VAL D 109 -6.26 13.35 20.75
CA VAL D 109 -4.91 13.20 21.26
C VAL D 109 -4.83 13.00 22.75
N THR D 110 -3.84 12.23 23.18
CA THR D 110 -3.67 11.87 24.57
C THR D 110 -2.24 12.04 25.02
N ARG D 111 -1.38 11.26 24.40
CA ARG D 111 -0.02 11.23 24.84
C ARG D 111 0.45 12.66 24.87
N ALA D 112 1.17 13.04 25.91
CA ALA D 112 1.64 14.40 25.97
C ALA D 112 2.86 14.57 26.83
N VAL D 113 3.55 15.66 26.59
CA VAL D 113 4.67 16.03 27.41
C VAL D 113 4.39 17.46 27.84
N ILE D 114 4.57 17.77 29.12
CA ILE D 114 4.25 19.08 29.67
C ILE D 114 5.45 19.63 30.42
N THR D 115 5.67 20.94 30.33
CA THR D 115 6.88 21.49 30.91
C THR D 115 6.69 22.44 32.12
N VAL D 116 7.61 22.36 33.07
CA VAL D 116 7.52 23.13 34.27
C VAL D 116 8.90 23.64 34.54
N PRO D 117 8.99 24.71 35.33
CA PRO D 117 10.18 25.52 35.54
C PRO D 117 11.28 24.81 36.29
N ALA D 118 12.49 25.32 36.16
CA ALA D 118 13.69 24.63 36.64
C ALA D 118 13.68 24.43 38.14
N TYR D 119 13.12 25.42 38.83
CA TYR D 119 13.13 25.44 40.28
C TYR D 119 12.06 24.57 40.92
N PHE D 120 11.15 24.04 40.12
CA PHE D 120 10.02 23.28 40.65
C PHE D 120 10.53 22.04 41.38
N ASN D 121 9.66 21.45 42.18
CA ASN D 121 10.04 20.31 43.00
C ASN D 121 9.27 19.02 42.69
N ASP D 122 9.56 17.98 43.46
CA ASP D 122 8.86 16.69 43.38
C ASP D 122 7.36 16.86 43.65
N ALA D 123 7.00 17.48 44.77
CA ALA D 123 5.62 17.79 45.04
C ALA D 123 4.99 18.46 43.82
N GLN D 124 5.42 19.69 43.56
CA GLN D 124 4.89 20.47 42.46
C GLN D 124 4.83 19.63 41.19
N ARG D 125 5.91 18.93 40.89
CA ARG D 125 5.95 18.08 39.70
C ARG D 125 4.80 17.07 39.64
N GLN D 126 4.51 16.40 40.74
CA GLN D 126 3.41 15.45 40.73
C GLN D 126 2.09 16.18 40.73
N ALA D 127 2.15 17.49 40.93
CA ALA D 127 0.96 18.35 40.85
C ALA D 127 0.60 18.71 39.41
N THR D 128 1.60 19.06 38.61
CA THR D 128 1.35 19.31 37.19
C THR D 128 0.99 17.98 36.55
N LYS D 129 1.84 16.98 36.75
CA LYS D 129 1.60 15.62 36.22
C LYS D 129 0.21 15.15 36.57
N ASP D 130 -0.10 15.32 37.83
CA ASP D 130 -1.42 15.03 38.36
C ASP D 130 -2.45 15.72 37.51
N ALA D 131 -2.31 17.03 37.39
CA ALA D 131 -3.27 17.86 36.68
C ALA D 131 -3.49 17.29 35.30
N GLY D 132 -2.40 16.82 34.72
CA GLY D 132 -2.39 16.36 33.35
C GLY D 132 -3.27 15.15 33.22
N ARG D 133 -2.97 14.13 34.01
CA ARG D 133 -3.84 12.96 33.92
C ARG D 133 -5.27 13.42 34.20
N ILE D 134 -5.42 14.39 35.10
CA ILE D 134 -6.74 14.84 35.53
C ILE D 134 -7.51 15.38 34.34
N ALA D 135 -6.79 16.00 33.43
CA ALA D 135 -7.39 16.58 32.26
C ALA D 135 -7.66 15.43 31.31
N GLY D 136 -6.99 14.33 31.57
CA GLY D 136 -7.11 13.15 30.75
C GLY D 136 -5.92 12.99 29.85
N LEU D 137 -4.88 13.79 30.03
CA LEU D 137 -3.73 13.62 29.19
C LEU D 137 -2.73 12.72 29.89
N GLU D 138 -2.58 11.51 29.38
CA GLU D 138 -1.58 10.65 29.95
C GLU D 138 -0.33 11.42 29.63
N VAL D 139 0.56 11.48 30.59
CA VAL D 139 1.82 12.12 30.35
C VAL D 139 2.73 11.07 29.85
N GLU D 140 3.52 11.38 28.82
CA GLU D 140 4.71 10.57 28.55
C GLU D 140 5.91 11.02 29.36
N ARG D 141 6.06 12.33 29.56
CA ARG D 141 7.14 12.82 30.41
C ARG D 141 6.81 14.19 30.89
N ILE D 142 7.55 14.66 31.89
CA ILE D 142 7.47 16.05 32.32
C ILE D 142 8.89 16.57 32.46
N ILE D 143 9.18 17.72 31.87
CA ILE D 143 10.54 18.20 31.86
C ILE D 143 10.58 19.69 31.99
N ASN D 144 11.72 20.20 32.44
CA ASN D 144 11.89 21.59 32.86
C ASN D 144 12.25 22.63 31.78
N GLU D 145 11.43 23.66 31.70
CA GLU D 145 11.38 24.52 30.54
C GLU D 145 12.74 24.87 29.97
N PRO D 146 13.67 25.35 30.78
CA PRO D 146 14.89 25.68 30.06
C PRO D 146 15.49 24.49 29.31
N THR D 147 15.60 23.33 29.94
CA THR D 147 16.09 22.19 29.17
C THR D 147 15.29 22.14 27.86
N ALA D 148 13.97 22.21 27.99
CA ALA D 148 13.08 22.04 26.84
C ALA D 148 13.42 23.03 25.77
N ALA D 149 13.88 24.19 26.19
CA ALA D 149 14.19 25.30 25.31
C ALA D 149 15.66 25.21 24.97
N ALA D 150 16.27 24.10 25.36
CA ALA D 150 17.58 23.74 24.87
C ALA D 150 17.44 22.88 23.61
N LEU D 151 16.21 22.44 23.35
CA LEU D 151 15.95 21.60 22.20
C LEU D 151 15.61 22.47 21.01
N ALA D 152 15.62 23.78 21.23
CA ALA D 152 15.66 24.74 20.15
C ALA D 152 16.89 24.36 19.43
N TYR D 153 18.02 24.66 20.05
CA TYR D 153 19.30 24.29 19.47
C TYR D 153 19.66 22.80 19.75
N GLY D 154 18.84 22.13 20.57
CA GLY D 154 18.92 20.69 20.80
C GLY D 154 20.29 20.13 21.13
N LEU D 155 21.03 20.84 21.97
CA LEU D 155 22.45 20.64 22.14
C LEU D 155 22.88 19.33 22.76
N ASP D 156 21.92 18.52 23.19
CA ASP D 156 22.21 17.22 23.82
C ASP D 156 23.20 16.39 22.97
N LYS D 157 23.16 16.66 21.66
CA LYS D 157 23.98 15.99 20.67
C LYS D 157 25.31 16.72 20.50
N GLU D 158 25.55 17.73 21.34
CA GLU D 158 26.82 18.45 21.34
C GLU D 158 27.77 18.22 22.54
N GLU D 159 28.88 18.94 22.48
CA GLU D 159 29.96 18.87 23.48
C GLU D 159 29.44 19.10 24.89
N ASP D 160 29.82 18.20 25.80
CA ASP D 160 29.46 18.38 27.19
C ASP D 160 29.84 19.80 27.49
N GLN D 161 28.93 20.56 28.11
CA GLN D 161 29.25 21.97 28.31
C GLN D 161 28.18 22.70 29.10
N THR D 162 28.59 23.80 29.71
CA THR D 162 27.75 24.56 30.63
C THR D 162 27.13 25.76 29.92
N ILE D 163 25.83 25.96 30.17
CA ILE D 163 25.04 26.89 29.38
C ILE D 163 23.98 27.60 30.20
N LEU D 164 23.82 28.89 29.92
CA LEU D 164 22.84 29.70 30.60
C LEU D 164 21.62 29.92 29.72
N VAL D 165 20.45 29.77 30.30
CA VAL D 165 19.26 30.22 29.62
C VAL D 165 18.76 31.42 30.40
N TYR D 166 18.44 32.48 29.69
CA TYR D 166 17.95 33.70 30.27
C TYR D 166 16.51 33.88 29.81
N ASP D 167 15.54 33.66 30.69
CA ASP D 167 14.15 33.79 30.28
C ASP D 167 13.51 35.02 30.86
N LEU D 168 12.95 35.84 30.01
CA LEU D 168 12.14 36.93 30.47
C LEU D 168 10.71 36.56 30.10
N GLY D 169 9.90 36.14 31.06
CA GLY D 169 8.51 35.79 30.76
C GLY D 169 7.71 37.05 30.45
N GLY D 170 6.42 36.89 30.26
CA GLY D 170 5.57 38.05 30.07
C GLY D 170 5.45 38.86 31.35
N GLY D 171 5.03 38.18 32.40
CA GLY D 171 4.94 38.76 33.73
C GLY D 171 5.91 38.23 34.78
N THR D 172 6.90 37.45 34.39
CA THR D 172 7.81 36.87 35.35
C THR D 172 9.19 37.28 34.92
N PHE D 173 10.22 36.77 35.57
CA PHE D 173 11.53 36.69 34.95
C PHE D 173 12.25 35.58 35.67
N ASP D 174 13.03 34.77 34.96
CA ASP D 174 13.80 33.74 35.64
C ASP D 174 15.12 33.59 34.93
N VAL D 175 16.13 33.08 35.62
CA VAL D 175 17.36 32.70 34.94
C VAL D 175 17.78 31.31 35.37
N SER D 176 18.46 30.61 34.49
CA SER D 176 18.87 29.26 34.82
C SER D 176 20.24 29.01 34.26
N ILE D 177 20.93 28.05 34.86
CA ILE D 177 22.20 27.59 34.35
C ILE D 177 22.34 26.07 34.49
N LEU D 178 22.79 25.41 33.43
CA LEU D 178 22.96 23.97 33.47
C LEU D 178 24.24 23.52 32.76
N GLU D 179 25.10 22.79 33.48
CA GLU D 179 26.15 22.04 32.81
C GLU D 179 25.42 20.91 32.11
N LEU D 180 25.66 20.71 30.83
CA LEU D 180 25.15 19.52 30.20
C LEU D 180 26.25 18.48 30.37
N GLY D 181 26.03 17.56 31.33
CA GLY D 181 26.93 16.44 31.56
C GLY D 181 26.44 15.13 30.97
N ASP D 182 27.38 14.30 30.55
CA ASP D 182 27.08 13.04 29.86
C ASP D 182 25.95 13.16 28.83
N GLY D 183 25.84 14.33 28.19
CA GLY D 183 24.84 14.59 27.15
C GLY D 183 23.51 15.14 27.63
N VAL D 184 23.37 15.28 28.96
CA VAL D 184 22.11 15.67 29.59
C VAL D 184 22.34 16.83 30.54
N PHE D 185 21.29 17.20 31.28
CA PHE D 185 21.33 18.42 32.06
C PHE D 185 21.31 18.32 33.59
N GLU D 186 22.46 18.59 34.18
CA GLU D 186 22.56 18.80 35.61
C GLU D 186 22.34 20.30 35.73
N VAL D 187 21.19 20.66 36.26
CA VAL D 187 20.73 22.01 36.12
C VAL D 187 21.40 22.66 37.30
N LYS D 188 22.44 23.43 37.04
CA LYS D 188 23.36 23.75 38.10
C LYS D 188 22.91 24.89 39.03
N ALA D 189 22.17 25.86 38.48
CA ALA D 189 21.73 26.99 39.30
C ALA D 189 20.41 27.59 38.86
N THR D 190 19.55 27.95 39.79
CA THR D 190 18.35 28.67 39.39
C THR D 190 18.43 30.04 40.01
N ALA D 191 17.70 31.00 39.44
CA ALA D 191 17.64 32.36 39.99
C ALA D 191 16.54 33.24 39.35
N GLY D 192 16.49 34.51 39.77
CA GLY D 192 15.66 35.51 39.11
C GLY D 192 14.33 35.89 39.75
N ASP D 193 13.96 37.17 39.63
CA ASP D 193 12.87 37.80 40.38
C ASP D 193 11.45 37.61 39.86
N ASN D 194 10.49 37.40 40.75
CA ASN D 194 9.14 37.11 40.29
C ASN D 194 8.17 38.26 40.03
N HIS D 195 8.59 39.52 40.12
CA HIS D 195 7.82 40.50 39.34
C HIS D 195 8.69 41.27 38.38
N LEU D 196 8.57 40.87 37.11
CA LEU D 196 9.34 41.42 36.00
C LEU D 196 8.66 41.04 34.70
N GLY D 197 8.96 41.77 33.65
CA GLY D 197 8.46 41.41 32.35
C GLY D 197 8.19 42.57 31.43
N GLY D 198 7.62 42.25 30.28
CA GLY D 198 7.40 43.28 29.29
C GLY D 198 6.60 44.35 29.98
N ASP D 199 5.46 43.97 30.50
CA ASP D 199 4.54 44.95 31.00
C ASP D 199 5.28 45.84 31.98
N ASP D 200 6.38 45.35 32.53
CA ASP D 200 7.16 46.17 33.46
C ASP D 200 8.02 47.15 32.68
N PHE D 201 8.00 47.02 31.35
CA PHE D 201 8.49 48.02 30.40
C PHE D 201 7.35 48.86 29.87
N ASP D 202 6.37 48.16 29.27
CA ASP D 202 5.24 48.83 28.67
C ASP D 202 4.91 49.92 29.67
N GLN D 203 4.96 49.57 30.95
CA GLN D 203 4.65 50.54 31.98
C GLN D 203 5.53 51.81 31.85
N VAL D 204 6.84 51.70 32.09
CA VAL D 204 7.67 52.91 32.14
C VAL D 204 7.36 53.78 30.95
N ILE D 205 7.07 53.16 29.82
CA ILE D 205 6.62 53.99 28.70
C ILE D 205 5.35 54.72 29.11
N ILE D 206 4.36 53.99 29.59
CA ILE D 206 3.06 54.59 29.93
C ILE D 206 3.22 55.73 30.94
N ASP D 207 4.09 55.51 31.93
CA ASP D 207 4.39 56.51 32.94
C ASP D 207 4.99 57.74 32.29
N TYR D 208 6.12 57.54 31.61
CA TYR D 208 6.83 58.65 31.00
C TYR D 208 5.80 59.49 30.27
N LEU D 209 4.98 58.83 29.49
CA LEU D 209 3.97 59.55 28.76
C LEU D 209 3.06 60.36 29.67
N VAL D 210 2.19 59.69 30.42
CA VAL D 210 1.18 60.41 31.20
C VAL D 210 1.76 61.55 32.03
N ASN D 211 2.94 61.32 32.59
CA ASN D 211 3.60 62.33 33.41
C ASN D 211 4.00 63.50 32.52
N GLN D 212 4.48 63.19 31.32
CA GLN D 212 4.81 64.24 30.37
C GLN D 212 3.57 65.07 30.01
N PHE D 213 2.47 64.39 29.75
CA PHE D 213 1.20 65.08 29.50
C PHE D 213 0.76 65.97 30.67
N LYS D 214 0.42 65.39 31.83
CA LYS D 214 -0.01 66.23 32.93
C LYS D 214 0.98 67.38 32.97
N GLN D 215 2.25 67.07 32.76
CA GLN D 215 3.32 68.07 32.78
C GLN D 215 2.98 69.26 31.89
N GLU D 216 2.91 69.07 30.58
CA GLU D 216 2.64 70.23 29.74
C GLU D 216 1.22 70.78 29.81
N HIS D 217 0.22 69.93 29.66
CA HIS D 217 -1.16 70.42 29.69
C HIS D 217 -1.98 70.22 30.97
N GLY D 218 -1.40 69.56 31.96
CA GLY D 218 -2.06 69.51 33.25
C GLY D 218 -3.35 68.75 33.41
N ILE D 219 -3.29 67.45 33.14
CA ILE D 219 -4.25 66.48 33.71
C ILE D 219 -3.54 65.14 33.88
N ASP D 220 -3.97 64.38 34.90
CA ASP D 220 -3.38 63.09 35.28
C ASP D 220 -4.26 62.00 34.63
N LEU D 221 -3.70 61.29 33.66
CA LEU D 221 -4.51 60.51 32.72
C LEU D 221 -5.07 59.23 33.28
N SER D 222 -4.39 58.73 34.30
CA SER D 222 -4.71 57.46 34.90
C SER D 222 -6.15 57.49 35.39
N LYS D 223 -6.72 58.68 35.38
CA LYS D 223 -8.06 58.89 35.92
C LYS D 223 -9.13 58.25 35.00
N ASP D 224 -9.22 58.70 33.75
CA ASP D 224 -10.17 58.08 32.84
C ASP D 224 -9.56 56.85 32.20
N LYS D 225 -10.18 55.72 32.50
CA LYS D 225 -9.80 54.40 32.01
C LYS D 225 -9.82 54.32 30.48
N MET D 226 -10.66 55.14 29.84
CA MET D 226 -10.68 55.23 28.39
C MET D 226 -9.24 55.37 27.90
N ALA D 227 -8.71 56.57 28.13
CA ALA D 227 -7.45 56.97 27.56
C ALA D 227 -6.36 56.30 28.33
N LEU D 228 -6.75 55.73 29.46
CA LEU D 228 -5.85 54.84 30.15
C LEU D 228 -5.53 53.80 29.13
N GLN D 229 -6.53 53.00 28.77
CA GLN D 229 -6.33 51.91 27.84
C GLN D 229 -5.63 52.41 26.60
N ARG D 230 -6.21 53.42 25.96
CA ARG D 230 -5.63 53.90 24.73
C ARG D 230 -4.15 54.00 24.99
N LEU D 231 -3.79 54.59 26.11
CA LEU D 231 -2.40 54.75 26.44
C LEU D 231 -1.70 53.42 26.51
N LYS D 232 -2.18 52.56 27.38
CA LYS D 232 -1.51 51.30 27.57
C LYS D 232 -1.14 50.88 26.17
N ASP D 233 -2.16 50.52 25.41
CA ASP D 233 -1.93 49.87 24.12
C ASP D 233 -0.87 50.64 23.38
N ALA D 234 -1.09 51.94 23.28
CA ALA D 234 -0.23 52.75 22.49
C ALA D 234 1.20 52.45 22.87
N ALA D 235 1.44 52.48 24.15
CA ALA D 235 2.77 52.31 24.63
C ALA D 235 3.24 50.99 24.15
N GLU D 236 2.38 49.98 24.24
CA GLU D 236 2.84 48.62 23.89
C GLU D 236 3.30 48.55 22.46
N LYS D 237 2.39 48.89 21.54
CA LYS D 237 2.70 48.88 20.12
C LYS D 237 3.99 49.62 19.93
N ALA D 238 4.15 50.70 20.67
CA ALA D 238 5.39 51.43 20.66
C ALA D 238 6.54 50.53 21.09
N LYS D 239 6.33 49.67 22.07
CA LYS D 239 7.34 48.70 22.50
C LYS D 239 7.74 47.79 21.35
N LYS D 240 6.78 47.00 20.89
CA LYS D 240 7.09 46.08 19.81
C LYS D 240 7.85 46.87 18.76
N GLU D 241 7.31 48.01 18.36
CA GLU D 241 7.98 48.80 17.33
C GLU D 241 9.46 49.01 17.63
N LEU D 242 9.75 49.54 18.80
CA LEU D 242 11.14 49.87 19.10
C LEU D 242 11.96 48.62 19.27
N SER D 243 11.31 47.47 19.16
CA SER D 243 12.09 46.23 19.06
C SER D 243 13.12 46.31 17.92
N GLY D 244 12.68 46.68 16.70
CA GLY D 244 13.57 46.78 15.56
C GLY D 244 14.00 48.13 15.00
N VAL D 245 13.29 49.20 15.33
CA VAL D 245 13.49 50.47 14.61
C VAL D 245 14.05 51.51 15.56
N THR D 246 14.68 52.57 15.04
CA THR D 246 15.32 53.54 15.94
C THR D 246 14.53 54.79 16.38
N GLN D 247 13.26 54.93 16.00
CA GLN D 247 12.45 56.06 16.47
C GLN D 247 11.00 55.68 16.32
N THR D 248 10.09 56.41 16.95
CA THR D 248 8.70 56.27 16.55
C THR D 248 7.82 57.43 16.97
N GLN D 249 6.64 57.51 16.41
CA GLN D 249 5.71 58.58 16.75
C GLN D 249 4.50 57.95 17.34
N ILE D 250 4.05 58.49 18.45
CA ILE D 250 2.78 58.07 18.99
C ILE D 250 1.86 59.22 18.75
N SER D 251 0.63 58.94 18.38
CA SER D 251 -0.37 59.95 18.51
C SER D 251 -1.34 59.36 19.43
N LEU D 252 -2.14 60.16 20.08
CA LEU D 252 -3.41 59.67 20.55
C LEU D 252 -4.36 60.84 20.49
N PRO D 253 -4.65 61.34 19.35
CA PRO D 253 -5.41 62.59 19.30
C PRO D 253 -6.79 62.40 19.87
N PHE D 254 -7.50 63.49 20.15
CA PHE D 254 -8.83 63.44 20.72
C PHE D 254 -8.84 62.68 22.03
N ILE D 255 -7.68 62.60 22.68
CA ILE D 255 -7.52 61.76 23.87
C ILE D 255 -8.40 62.22 25.02
N SER D 256 -8.31 63.53 25.30
CA SER D 256 -9.05 64.25 26.33
C SER D 256 -8.98 65.74 25.95
N ALA D 257 -9.62 66.65 26.69
CA ALA D 257 -9.62 68.08 26.33
C ALA D 257 -9.87 69.11 27.48
N ASN D 258 -9.26 70.29 27.37
CA ASN D 258 -9.53 71.43 28.28
C ASN D 258 -10.61 72.39 27.78
N GLU D 259 -10.69 73.58 28.37
CA GLU D 259 -11.68 74.58 27.90
C GLU D 259 -11.38 75.27 26.54
N ASN D 260 -10.16 75.11 26.00
CA ASN D 260 -9.87 75.52 24.62
C ASN D 260 -10.33 74.42 23.69
N GLY D 261 -11.01 73.43 24.29
CA GLY D 261 -11.51 72.25 23.59
C GLY D 261 -10.65 70.99 23.63
N PRO D 262 -10.77 70.15 22.61
CA PRO D 262 -9.99 68.95 22.38
C PRO D 262 -8.48 69.09 22.55
N LEU D 263 -7.96 68.07 23.18
CA LEU D 263 -6.57 67.92 23.55
C LEU D 263 -5.96 66.68 22.88
N HIS D 264 -4.94 66.90 22.07
CA HIS D 264 -4.37 65.86 21.25
C HIS D 264 -3.04 65.42 21.75
N LEU D 265 -2.96 64.21 22.23
CA LEU D 265 -1.66 63.76 22.65
C LEU D 265 -0.89 63.31 21.46
N GLU D 266 0.24 63.95 21.22
CA GLU D 266 1.12 63.56 20.13
C GLU D 266 2.49 63.38 20.70
N MET D 267 3.40 62.80 19.93
CA MET D 267 4.80 62.96 20.24
C MET D 267 5.67 62.09 19.37
N THR D 268 6.97 62.38 19.41
CA THR D 268 7.96 61.48 18.85
C THR D 268 8.91 61.05 19.97
N LEU D 269 9.33 59.79 19.94
CA LEU D 269 10.18 59.25 20.98
C LEU D 269 11.33 58.51 20.33
N THR D 270 12.39 58.39 21.09
CA THR D 270 13.63 57.87 20.59
C THR D 270 13.72 56.43 20.91
N ARG D 271 14.85 55.85 20.50
CA ARG D 271 15.27 54.61 21.07
C ARG D 271 15.81 55.00 22.42
N ALA D 272 16.88 55.77 22.43
CA ALA D 272 17.59 56.03 23.68
C ALA D 272 16.71 56.45 24.85
N LYS D 273 15.94 57.52 24.70
CA LYS D 273 15.15 58.05 25.81
C LYS D 273 14.42 56.92 26.53
N PHE D 274 14.04 55.92 25.76
CA PHE D 274 13.41 54.75 26.32
C PHE D 274 14.46 53.81 26.90
N GLU D 275 15.58 53.64 26.20
CA GLU D 275 16.64 52.78 26.71
C GLU D 275 17.06 53.23 28.09
N GLU D 276 17.52 54.47 28.16
CA GLU D 276 17.80 55.11 29.44
C GLU D 276 16.57 55.12 30.34
N LEU D 277 15.40 55.32 29.76
CA LEU D 277 14.18 55.46 30.53
C LEU D 277 13.81 54.10 31.04
N SER D 278 14.34 53.08 30.40
CA SER D 278 14.09 51.74 30.87
C SER D 278 15.29 51.32 31.66
N ALA D 279 16.29 52.18 31.75
CA ALA D 279 17.59 51.72 32.24
C ALA D 279 17.52 51.00 33.59
N HIS D 280 16.46 51.25 34.38
CA HIS D 280 16.31 50.60 35.67
C HIS D 280 16.00 49.10 35.57
N LEU D 281 14.94 48.74 34.85
CA LEU D 281 14.67 47.34 34.59
C LEU D 281 15.98 46.73 34.17
N VAL D 282 16.61 47.43 33.24
CA VAL D 282 17.88 47.04 32.66
C VAL D 282 18.87 46.54 33.71
N GLU D 283 19.28 47.39 34.64
CA GLU D 283 20.34 46.99 35.57
C GLU D 283 19.90 46.19 36.80
N ARG D 284 18.60 46.24 37.10
CA ARG D 284 18.07 45.42 38.18
C ARG D 284 18.09 43.96 37.76
N THR D 285 17.87 43.71 36.47
CA THR D 285 17.84 42.35 35.96
C THR D 285 18.94 41.44 36.52
N MET D 286 20.16 41.72 36.11
CA MET D 286 21.25 40.75 36.11
C MET D 286 21.60 40.16 37.46
N GLY D 287 21.15 40.78 38.54
CA GLY D 287 21.58 40.36 39.86
C GLY D 287 21.42 38.88 39.98
N PRO D 288 20.19 38.39 39.75
CA PRO D 288 19.93 36.96 39.70
C PRO D 288 20.91 36.18 38.81
N VAL D 289 21.29 36.79 37.69
CA VAL D 289 22.18 36.13 36.75
C VAL D 289 23.56 35.88 37.38
N ARG D 290 24.12 36.94 37.96
CA ARG D 290 25.46 36.85 38.53
C ARG D 290 25.49 35.95 39.81
N GLN D 291 24.50 36.21 40.70
CA GLN D 291 24.35 35.48 41.95
C GLN D 291 24.30 34.02 41.61
N ALA D 292 23.58 33.72 40.53
CA ALA D 292 23.57 32.38 40.05
C ALA D 292 24.97 31.97 39.63
N LEU D 293 25.68 32.89 38.99
CA LEU D 293 27.01 32.53 38.48
C LEU D 293 27.95 31.93 39.53
N GLN D 294 28.01 32.56 40.71
CA GLN D 294 28.84 31.99 41.79
C GLN D 294 28.06 30.85 42.41
N ASP D 295 26.76 31.03 42.42
CA ASP D 295 25.83 30.11 43.07
C ASP D 295 26.09 28.68 42.59
N ALA D 296 26.61 28.51 41.38
CA ALA D 296 27.07 27.17 40.99
C ALA D 296 28.58 26.92 41.10
N GLY D 297 29.32 27.96 41.44
CA GLY D 297 30.77 27.90 41.50
C GLY D 297 31.44 28.24 40.18
N LEU D 298 30.71 28.91 39.30
CA LEU D 298 31.20 29.13 37.95
C LEU D 298 31.53 30.58 37.68
N THR D 299 32.55 30.78 36.83
CA THR D 299 33.00 32.11 36.40
C THR D 299 32.25 32.60 35.16
N PRO D 300 32.07 33.93 35.02
CA PRO D 300 31.36 34.45 33.85
C PRO D 300 31.83 33.83 32.52
N ALA D 301 33.11 33.50 32.46
CA ALA D 301 33.63 32.87 31.27
C ALA D 301 33.44 31.33 31.32
N ASP D 302 32.89 30.82 32.42
CA ASP D 302 32.69 29.37 32.60
C ASP D 302 31.56 28.80 31.72
N ILE D 303 30.71 29.68 31.19
CA ILE D 303 29.63 29.28 30.27
C ILE D 303 30.20 28.83 28.93
N ASP D 304 29.43 28.09 28.14
CA ASP D 304 29.75 27.99 26.73
C ASP D 304 28.92 29.04 25.98
N LYS D 305 27.61 28.92 26.06
CA LYS D 305 26.75 29.99 25.53
C LYS D 305 25.46 30.28 26.31
N VAL D 306 24.68 31.23 25.79
CA VAL D 306 23.53 31.77 26.47
C VAL D 306 22.32 31.85 25.55
N ILE D 307 21.30 31.07 25.89
CA ILE D 307 20.06 30.96 25.12
C ILE D 307 19.24 32.23 25.30
N LEU D 308 17.97 32.18 24.93
CA LEU D 308 17.06 33.27 25.19
C LEU D 308 15.66 32.67 25.19
N VAL D 309 14.69 33.39 25.73
CA VAL D 309 13.33 32.88 25.74
C VAL D 309 12.46 34.08 25.84
N GLY D 310 11.19 33.91 26.17
CA GLY D 310 10.53 35.07 26.71
C GLY D 310 10.31 36.17 25.71
N GLY D 311 9.32 36.02 24.85
CA GLY D 311 9.21 36.91 23.73
C GLY D 311 9.51 38.38 24.02
N SER D 312 9.26 38.87 25.22
CA SER D 312 9.66 40.26 25.46
C SER D 312 11.17 40.40 25.36
N THR D 313 11.87 39.29 25.39
CA THR D 313 13.33 39.30 25.34
C THR D 313 13.88 39.91 24.08
N ARG D 314 13.06 40.08 23.05
CA ARG D 314 13.62 40.60 21.82
C ARG D 314 13.54 42.06 22.05
N ILE D 315 14.67 42.64 22.42
CA ILE D 315 14.70 44.00 22.89
C ILE D 315 16.03 44.56 22.52
N PRO D 316 16.07 45.87 22.30
CA PRO D 316 17.42 46.30 21.99
C PRO D 316 18.36 46.07 23.15
N ALA D 317 17.99 46.63 24.29
CA ALA D 317 18.94 46.84 25.39
C ALA D 317 19.20 45.60 26.25
N VAL D 318 18.17 44.80 26.46
CA VAL D 318 18.40 43.52 27.08
C VAL D 318 19.57 42.99 26.29
N GLN D 319 19.31 42.66 25.03
CA GLN D 319 20.31 41.96 24.24
C GLN D 319 21.62 42.70 24.40
N GLU D 320 21.68 43.95 23.93
CA GLU D 320 22.95 44.68 23.90
C GLU D 320 23.66 44.48 25.22
N ALA D 321 22.88 44.45 26.30
CA ALA D 321 23.42 44.52 27.64
C ALA D 321 23.83 43.16 28.21
N ILE D 322 23.54 42.08 27.48
CA ILE D 322 23.82 40.73 27.98
C ILE D 322 25.18 40.10 27.58
N LYS D 323 25.29 39.72 26.32
CA LYS D 323 26.44 38.96 25.81
C LYS D 323 27.77 39.60 26.20
N ARG D 324 27.74 40.92 26.40
CA ARG D 324 28.90 41.72 26.72
C ARG D 324 29.39 41.49 28.15
N GLU D 325 28.45 41.19 29.04
CA GLU D 325 28.73 40.88 30.45
C GLU D 325 28.99 39.37 30.52
N LEU D 326 29.10 38.79 29.34
CA LEU D 326 28.94 37.38 29.14
C LEU D 326 29.89 36.84 28.06
N GLY D 327 29.63 35.61 27.64
CA GLY D 327 30.33 34.99 26.55
C GLY D 327 29.68 35.48 25.27
N LYS D 328 29.62 34.61 24.27
CA LYS D 328 29.32 35.00 22.87
C LYS D 328 27.87 35.51 22.62
N GLU D 329 27.54 35.76 21.34
CA GLU D 329 26.22 36.27 20.88
C GLU D 329 24.98 35.43 21.28
N PRO D 330 24.01 36.05 21.98
CA PRO D 330 22.81 35.32 22.42
C PRO D 330 22.12 34.53 21.28
N HIS D 331 21.65 33.31 21.57
CA HIS D 331 21.10 32.47 20.51
C HIS D 331 19.73 32.82 20.05
N LYS D 332 19.56 32.71 18.74
CA LYS D 332 18.58 33.50 18.02
C LYS D 332 17.47 32.68 17.42
N GLY D 333 16.51 33.38 16.82
CA GLY D 333 15.74 32.87 15.71
C GLY D 333 14.70 31.86 16.11
N VAL D 334 14.93 31.21 17.24
CA VAL D 334 13.94 30.34 17.81
C VAL D 334 12.96 31.35 18.36
N ASN D 335 11.69 31.24 18.04
CA ASN D 335 10.82 32.36 18.34
C ASN D 335 10.35 32.27 19.76
N PRO D 336 10.92 33.11 20.61
CA PRO D 336 10.94 32.84 22.04
C PRO D 336 9.57 32.54 22.63
N ASP D 337 8.57 33.35 22.35
CA ASP D 337 7.29 33.16 23.02
C ASP D 337 6.81 31.72 22.89
N GLU D 338 7.19 31.04 21.82
CA GLU D 338 6.98 29.61 21.76
C GLU D 338 8.19 28.75 21.99
N VAL D 339 9.37 29.33 22.15
CA VAL D 339 10.56 28.50 22.12
C VAL D 339 10.32 27.24 22.93
N VAL D 340 9.83 27.46 24.14
CA VAL D 340 9.62 26.38 25.10
C VAL D 340 8.66 25.31 24.58
N ALA D 341 7.49 25.73 24.14
CA ALA D 341 6.52 24.80 23.57
C ALA D 341 7.16 23.99 22.42
N ILE D 342 7.97 24.66 21.62
CA ILE D 342 8.73 24.00 20.58
C ILE D 342 9.48 22.84 21.23
N GLY D 343 10.29 23.13 22.25
CA GLY D 343 11.02 22.06 22.93
C GLY D 343 10.16 20.86 23.34
N ALA D 344 9.03 21.20 23.92
CA ALA D 344 8.10 20.18 24.34
C ALA D 344 7.94 19.27 23.19
N ALA D 345 7.27 19.80 22.19
CA ALA D 345 6.88 18.95 21.07
C ALA D 345 8.04 18.10 20.58
N ILE D 346 9.24 18.68 20.51
CA ILE D 346 10.40 17.92 20.04
C ILE D 346 10.52 16.64 20.86
N GLN D 347 10.73 16.83 22.16
CA GLN D 347 10.87 15.68 23.06
C GLN D 347 9.71 14.69 22.97
N GLY D 348 8.51 15.19 22.66
CA GLY D 348 7.37 14.31 22.48
C GLY D 348 7.58 13.47 21.23
N GLY D 349 7.92 14.14 20.14
CA GLY D 349 8.14 13.47 18.89
C GLY D 349 9.04 12.32 19.22
N VAL D 350 10.10 12.61 19.94
CA VAL D 350 11.04 11.57 20.30
C VAL D 350 10.41 10.43 21.09
N ILE D 351 9.54 10.79 22.02
CA ILE D 351 8.91 9.79 22.86
C ILE D 351 8.07 8.80 22.07
N ALA D 352 7.55 9.22 20.92
CA ALA D 352 6.79 8.27 20.08
C ALA D 352 7.75 7.42 19.27
N GLY D 353 8.93 7.96 19.00
CA GLY D 353 9.88 7.35 18.09
C GLY D 353 10.68 6.24 18.73
N GLU D 354 10.13 5.70 19.82
CA GLU D 354 10.74 4.62 20.60
C GLU D 354 11.00 3.32 19.84
N VAL D 355 9.93 2.69 19.36
CA VAL D 355 10.03 1.31 18.94
C VAL D 355 10.90 1.10 17.69
N LYS D 356 12.02 0.41 17.84
CA LYS D 356 12.89 0.06 16.72
C LYS D 356 12.91 -1.41 16.24
N ASP D 357 12.01 -2.23 16.78
CA ASP D 357 12.07 -3.68 16.51
C ASP D 357 11.66 -4.01 15.09
N VAL D 358 11.73 -5.30 14.75
CA VAL D 358 11.51 -5.76 13.38
C VAL D 358 10.79 -7.09 13.42
N VAL D 359 10.45 -7.68 12.27
CA VAL D 359 9.56 -8.83 12.28
C VAL D 359 9.57 -9.66 10.98
N LEU D 360 8.55 -10.48 10.77
CA LEU D 360 8.60 -11.42 9.66
C LEU D 360 7.80 -11.07 8.38
N LEU D 361 6.51 -11.37 8.47
CA LEU D 361 5.65 -11.63 7.30
C LEU D 361 6.38 -12.43 6.24
N ASP D 362 5.96 -12.28 4.99
CA ASP D 362 6.68 -13.00 3.96
C ASP D 362 6.50 -12.41 2.57
N VAL D 363 7.59 -12.37 1.82
CA VAL D 363 7.69 -11.54 0.65
C VAL D 363 7.41 -12.24 -0.67
N THR D 364 7.03 -13.52 -0.64
CA THR D 364 6.95 -14.28 -1.88
C THR D 364 8.28 -14.08 -2.60
N PRO D 365 9.35 -14.72 -2.11
CA PRO D 365 10.71 -14.31 -2.49
C PRO D 365 10.99 -14.34 -3.99
N LEU D 366 10.14 -14.98 -4.81
CA LEU D 366 10.33 -14.92 -6.26
C LEU D 366 9.08 -14.65 -7.11
N SER D 367 9.19 -13.72 -8.04
CA SER D 367 8.06 -13.15 -8.76
C SER D 367 7.42 -14.13 -9.68
N LEU D 368 6.10 -14.23 -9.67
CA LEU D 368 5.46 -15.34 -10.38
C LEU D 368 4.73 -14.85 -11.58
N GLY D 369 4.48 -15.74 -12.53
CA GLY D 369 3.67 -15.36 -13.68
C GLY D 369 3.20 -16.51 -14.54
N ILE D 370 2.69 -16.22 -15.72
CA ILE D 370 2.29 -17.25 -16.66
C ILE D 370 3.08 -17.09 -17.97
N GLU D 371 3.44 -18.17 -18.65
CA GLU D 371 3.97 -18.01 -19.99
C GLU D 371 2.89 -17.20 -20.61
N THR D 372 3.24 -16.13 -21.27
CA THR D 372 2.19 -15.45 -21.97
C THR D 372 2.23 -15.97 -23.36
N MET D 373 1.28 -15.52 -24.16
CA MET D 373 1.24 -15.90 -25.54
C MET D 373 2.48 -15.33 -26.25
N GLY D 374 2.83 -15.86 -27.41
CA GLY D 374 4.03 -15.43 -28.09
C GLY D 374 5.27 -16.08 -27.48
N GLY D 375 5.05 -16.74 -26.35
CA GLY D 375 6.10 -17.51 -25.70
C GLY D 375 7.02 -16.75 -24.79
N VAL D 376 6.45 -15.79 -24.08
CA VAL D 376 7.21 -14.93 -23.21
C VAL D 376 6.76 -15.12 -21.77
N PHE D 377 7.61 -14.70 -20.82
CA PHE D 377 7.21 -14.66 -19.43
C PHE D 377 6.54 -13.33 -19.11
N THR D 378 5.36 -13.35 -18.51
CA THR D 378 4.77 -12.12 -18.04
C THR D 378 4.31 -12.21 -16.59
N LYS D 379 5.00 -11.51 -15.71
CA LYS D 379 4.70 -11.52 -14.30
C LYS D 379 3.24 -11.19 -14.02
N LEU D 380 2.59 -12.00 -13.21
CA LEU D 380 1.42 -11.52 -12.49
C LEU D 380 1.66 -11.11 -11.04
N ILE D 381 2.79 -11.47 -10.44
CA ILE D 381 3.00 -10.95 -9.09
C ILE D 381 4.43 -10.61 -8.87
N GLU D 382 4.69 -9.33 -8.71
CA GLU D 382 6.04 -8.85 -8.68
C GLU D 382 6.71 -9.46 -7.48
N ARG D 383 8.03 -9.37 -7.46
CA ARG D 383 8.82 -10.21 -6.60
C ARG D 383 8.47 -10.09 -5.15
N ASN D 384 8.99 -9.10 -4.47
CA ASN D 384 8.78 -9.15 -3.05
C ASN D 384 7.48 -8.46 -2.89
N THR D 385 6.48 -9.21 -2.45
CA THR D 385 5.17 -8.66 -2.29
C THR D 385 4.74 -8.73 -0.84
N THR D 386 4.27 -9.88 -0.39
CA THR D 386 3.62 -9.87 0.90
C THR D 386 2.95 -11.17 1.38
N ILE D 387 2.34 -11.10 2.54
CA ILE D 387 1.47 -12.18 2.96
C ILE D 387 0.46 -12.30 1.85
N PRO D 388 -0.24 -13.43 1.80
CA PRO D 388 -1.07 -13.73 0.65
C PRO D 388 -1.89 -12.55 0.22
N THR D 389 -2.02 -12.45 -1.11
CA THR D 389 -2.60 -11.34 -1.78
C THR D 389 -3.32 -11.96 -2.95
N SER D 390 -3.74 -11.17 -3.91
CA SER D 390 -4.25 -11.76 -5.12
C SER D 390 -3.96 -10.82 -6.24
N LYS D 391 -3.72 -11.36 -7.42
CA LYS D 391 -3.73 -10.52 -8.60
C LYS D 391 -4.64 -11.14 -9.63
N SER D 392 -5.05 -10.38 -10.62
CA SER D 392 -5.96 -10.88 -11.59
C SER D 392 -5.56 -10.08 -12.78
N GLN D 393 -5.65 -10.67 -13.96
CA GLN D 393 -5.36 -9.92 -15.16
C GLN D 393 -6.18 -10.62 -16.19
N VAL D 394 -6.10 -10.18 -17.43
CA VAL D 394 -6.81 -10.86 -18.47
C VAL D 394 -5.77 -11.20 -19.52
N PHE D 395 -6.07 -12.17 -20.37
CA PHE D 395 -5.56 -12.14 -21.73
C PHE D 395 -6.42 -13.03 -22.62
N THR D 396 -6.13 -13.03 -23.93
CA THR D 396 -7.09 -13.45 -24.95
C THR D 396 -6.58 -14.45 -25.96
N THR D 397 -7.42 -14.65 -26.95
CA THR D 397 -7.26 -15.63 -28.00
C THR D 397 -5.87 -15.54 -28.62
N ALA D 398 -5.20 -16.69 -28.74
CA ALA D 398 -3.95 -16.77 -29.50
C ALA D 398 -4.11 -16.38 -31.00
N ALA D 399 -4.75 -17.25 -31.77
CA ALA D 399 -5.02 -16.95 -33.18
C ALA D 399 -6.45 -17.33 -33.48
N ASP D 400 -6.91 -17.08 -34.69
CA ASP D 400 -8.34 -17.11 -34.95
C ASP D 400 -9.04 -18.38 -34.46
N ASN D 401 -10.16 -18.16 -33.78
CA ASN D 401 -11.02 -19.24 -33.28
C ASN D 401 -10.29 -20.32 -32.47
N GLN D 402 -9.60 -19.92 -31.41
CA GLN D 402 -8.96 -20.89 -30.51
C GLN D 402 -10.05 -21.67 -29.80
N THR D 403 -9.83 -22.95 -29.62
CA THR D 403 -10.74 -23.74 -28.80
C THR D 403 -10.24 -23.97 -27.37
N THR D 404 -8.96 -23.71 -27.14
CA THR D 404 -8.33 -24.22 -25.91
C THR D 404 -7.13 -23.38 -25.51
N VAL D 405 -6.89 -23.28 -24.20
CA VAL D 405 -5.79 -22.46 -23.75
C VAL D 405 -5.00 -23.03 -22.58
N ASP D 406 -3.71 -23.21 -22.80
CA ASP D 406 -2.82 -23.71 -21.76
C ASP D 406 -2.57 -22.57 -20.79
N ILE D 407 -2.10 -22.92 -19.61
CA ILE D 407 -1.54 -21.98 -18.65
C ILE D 407 -0.34 -22.69 -18.04
N HIS D 408 0.83 -22.09 -18.17
CA HIS D 408 2.06 -22.65 -17.69
C HIS D 408 2.40 -21.68 -16.60
N VAL D 409 2.42 -22.05 -15.32
CA VAL D 409 2.63 -21.01 -14.34
C VAL D 409 4.01 -21.00 -13.69
N LEU D 410 4.85 -20.07 -14.11
CA LEU D 410 6.28 -20.18 -13.89
C LEU D 410 6.77 -19.18 -12.91
N GLN D 411 7.83 -19.55 -12.21
CA GLN D 411 8.40 -18.74 -11.15
C GLN D 411 9.80 -18.26 -11.55
N GLY D 412 10.02 -16.95 -11.53
CA GLY D 412 11.29 -16.41 -11.96
C GLY D 412 11.43 -14.90 -12.10
N GLU D 413 12.39 -14.51 -12.91
CA GLU D 413 12.68 -13.10 -13.11
C GLU D 413 12.68 -12.80 -14.58
N ARG D 414 13.59 -13.45 -15.27
CA ARG D 414 13.90 -13.16 -16.66
C ARG D 414 12.69 -13.19 -17.59
N PRO D 415 12.80 -12.48 -18.71
CA PRO D 415 11.65 -12.18 -19.55
C PRO D 415 11.17 -13.42 -20.20
N MET D 416 12.10 -14.36 -20.39
CA MET D 416 11.96 -15.43 -21.39
C MET D 416 11.41 -16.78 -20.91
N ALA D 417 10.30 -17.18 -21.51
CA ALA D 417 9.48 -18.19 -20.92
C ALA D 417 10.37 -19.27 -20.36
N ALA D 418 11.04 -20.00 -21.24
CA ALA D 418 11.79 -21.14 -20.78
C ALA D 418 12.98 -20.75 -19.93
N ASP D 419 13.27 -19.47 -19.83
CA ASP D 419 14.54 -19.12 -19.22
C ASP D 419 14.51 -19.11 -17.71
N ASN D 420 13.38 -19.53 -17.17
CA ASN D 420 13.15 -19.62 -15.74
C ASN D 420 12.84 -21.04 -15.26
N LYS D 421 12.44 -21.14 -13.98
CA LYS D 421 11.80 -22.35 -13.43
C LYS D 421 10.30 -22.44 -13.75
N SER D 422 9.75 -23.65 -13.76
CA SER D 422 8.33 -23.83 -14.08
C SER D 422 7.55 -24.56 -13.01
N LEU D 423 6.29 -24.84 -13.30
CA LEU D 423 5.38 -25.48 -12.38
C LEU D 423 4.18 -25.94 -13.15
N GLY D 424 3.17 -26.45 -12.44
CA GLY D 424 2.11 -27.20 -13.07
C GLY D 424 1.59 -26.52 -14.30
N ARG D 425 1.24 -27.32 -15.28
CA ARG D 425 0.82 -26.82 -16.56
C ARG D 425 -0.59 -27.32 -16.80
N PHE D 426 -1.59 -26.45 -16.76
CA PHE D 426 -2.99 -26.90 -16.92
C PHE D 426 -3.66 -26.27 -18.07
N GLN D 427 -4.82 -26.75 -18.48
CA GLN D 427 -5.51 -26.03 -19.56
C GLN D 427 -7.02 -25.84 -19.43
N LEU D 428 -7.56 -25.00 -20.31
CA LEU D 428 -8.98 -24.69 -20.31
C LEU D 428 -9.60 -24.89 -21.67
N THR D 429 -10.66 -25.69 -21.70
CA THR D 429 -11.41 -25.93 -22.92
C THR D 429 -12.82 -25.45 -22.72
N GLY D 430 -13.68 -25.66 -23.72
CA GLY D 430 -15.05 -25.20 -23.64
C GLY D 430 -15.20 -23.89 -24.40
N ILE D 431 -14.07 -23.36 -24.84
CA ILE D 431 -14.06 -22.15 -25.64
C ILE D 431 -14.76 -22.33 -27.00
N PRO D 432 -15.67 -21.41 -27.33
CA PRO D 432 -16.43 -21.51 -28.58
C PRO D 432 -15.74 -20.90 -29.82
N PRO D 433 -16.38 -21.05 -31.00
CA PRO D 433 -15.84 -20.58 -32.29
C PRO D 433 -15.87 -19.05 -32.44
N ALA D 434 -15.09 -18.39 -31.59
CA ALA D 434 -14.98 -16.95 -31.56
C ALA D 434 -13.65 -16.55 -32.17
N PRO D 435 -13.70 -15.73 -33.22
CA PRO D 435 -12.56 -15.23 -34.01
C PRO D 435 -11.64 -14.28 -33.20
N ARG D 436 -10.36 -14.18 -33.58
CA ARG D 436 -9.36 -13.41 -32.81
C ARG D 436 -9.64 -11.91 -32.82
N GLY D 437 -9.59 -11.31 -31.64
CA GLY D 437 -10.51 -10.23 -31.33
C GLY D 437 -10.74 -10.19 -29.83
N VAL D 438 -11.99 -9.92 -29.46
CA VAL D 438 -12.38 -9.81 -28.06
C VAL D 438 -13.28 -11.00 -27.61
N PRO D 439 -12.67 -12.18 -27.46
CA PRO D 439 -13.08 -13.26 -26.58
C PRO D 439 -12.25 -13.19 -25.31
N GLN D 440 -12.57 -12.33 -24.34
CA GLN D 440 -11.73 -12.14 -23.15
C GLN D 440 -11.74 -13.24 -22.05
N ILE D 441 -10.62 -13.39 -21.36
CA ILE D 441 -10.54 -14.41 -20.33
C ILE D 441 -9.85 -13.91 -19.08
N GLU D 442 -10.57 -13.87 -17.94
CA GLU D 442 -10.02 -13.43 -16.63
C GLU D 442 -9.23 -14.56 -15.96
N VAL D 443 -7.96 -14.33 -15.72
CA VAL D 443 -7.16 -15.34 -15.08
C VAL D 443 -6.53 -14.71 -13.91
N THR D 444 -6.63 -15.38 -12.77
CA THR D 444 -6.16 -14.79 -11.55
C THR D 444 -5.15 -15.69 -10.92
N PHE D 445 -4.37 -15.12 -10.02
CA PHE D 445 -3.58 -15.91 -9.12
C PHE D 445 -3.91 -15.46 -7.72
N ASP D 446 -4.59 -16.32 -6.98
CA ASP D 446 -4.80 -16.12 -5.59
C ASP D 446 -3.48 -16.39 -4.91
N ILE D 447 -3.30 -15.98 -3.69
CA ILE D 447 -2.19 -16.51 -2.90
C ILE D 447 -2.75 -16.64 -1.50
N ASP D 448 -2.29 -17.63 -0.73
CA ASP D 448 -2.71 -17.68 0.67
C ASP D 448 -1.54 -17.87 1.64
N ALA D 449 -1.84 -17.92 2.92
CA ALA D 449 -0.89 -17.47 3.95
C ALA D 449 0.58 -17.91 3.88
N ASN D 450 0.82 -19.20 3.73
CA ASN D 450 2.14 -19.77 4.00
C ASN D 450 3.06 -19.91 2.79
N GLY D 451 2.61 -19.41 1.64
CA GLY D 451 3.28 -19.63 0.37
C GLY D 451 2.48 -20.51 -0.57
N ILE D 452 1.30 -20.92 -0.14
CA ILE D 452 0.36 -21.62 -1.03
C ILE D 452 -0.13 -20.67 -2.12
N VAL D 453 -0.22 -21.15 -3.36
CA VAL D 453 -0.71 -20.31 -4.46
C VAL D 453 -1.77 -20.99 -5.29
N HIS D 454 -2.99 -20.52 -5.24
CA HIS D 454 -4.03 -21.11 -6.07
C HIS D 454 -3.77 -20.54 -7.42
N VAL D 455 -4.64 -20.81 -8.37
CA VAL D 455 -4.69 -20.03 -9.57
C VAL D 455 -6.03 -20.29 -10.14
N ARG D 456 -6.52 -19.40 -10.96
CA ARG D 456 -7.85 -19.55 -11.50
C ARG D 456 -7.66 -19.36 -12.96
N ALA D 457 -8.53 -19.93 -13.75
CA ALA D 457 -8.59 -19.58 -15.13
C ALA D 457 -10.05 -19.57 -15.48
N LYS D 458 -10.54 -18.47 -15.98
CA LYS D 458 -11.95 -18.41 -16.27
C LYS D 458 -12.24 -17.61 -17.51
N ASP D 459 -13.12 -18.12 -18.34
CA ASP D 459 -13.61 -17.34 -19.45
C ASP D 459 -14.64 -16.40 -18.87
N LEU D 460 -14.90 -15.31 -19.58
CA LEU D 460 -15.82 -14.29 -19.09
C LEU D 460 -17.28 -14.64 -19.33
N GLY D 461 -17.71 -14.49 -20.57
CA GLY D 461 -19.12 -14.66 -20.92
C GLY D 461 -19.73 -16.05 -20.79
N THR D 462 -18.92 -17.09 -20.87
CA THR D 462 -19.49 -18.42 -20.75
C THR D 462 -19.30 -18.98 -19.34
N ASN D 463 -18.56 -18.26 -18.51
CA ASN D 463 -18.45 -18.60 -17.09
C ASN D 463 -17.74 -19.92 -16.72
N LYS D 464 -16.79 -20.37 -17.54
CA LYS D 464 -16.15 -21.68 -17.40
C LYS D 464 -14.88 -21.67 -16.52
N GLU D 465 -14.95 -22.36 -15.40
CA GLU D 465 -14.08 -22.10 -14.26
C GLU D 465 -12.83 -22.96 -14.06
N GLN D 466 -12.49 -23.81 -15.02
CA GLN D 466 -11.40 -24.80 -14.83
C GLN D 466 -10.05 -24.21 -14.35
N SER D 467 -9.47 -24.78 -13.30
CA SER D 467 -8.30 -24.18 -12.67
C SER D 467 -7.52 -25.10 -11.74
N ILE D 468 -6.29 -24.73 -11.41
CA ILE D 468 -5.43 -25.61 -10.64
C ILE D 468 -5.16 -25.07 -9.25
N THR D 469 -4.33 -25.76 -8.50
CA THR D 469 -3.66 -25.20 -7.34
C THR D 469 -2.23 -25.68 -7.33
N ILE D 470 -1.29 -24.79 -7.14
CA ILE D 470 0.09 -25.21 -6.97
C ILE D 470 0.26 -25.64 -5.53
N LYS D 471 1.02 -26.71 -5.33
CA LYS D 471 1.54 -27.07 -4.03
C LYS D 471 2.92 -26.46 -4.02
N SER D 472 3.29 -25.66 -3.02
CA SER D 472 4.61 -25.05 -3.16
C SER D 472 5.58 -26.08 -2.62
N SER D 473 6.20 -26.74 -3.59
CA SER D 473 6.93 -27.97 -3.45
C SER D 473 8.20 -27.92 -4.29
N SER D 474 7.95 -27.88 -5.60
CA SER D 474 8.98 -27.99 -6.63
C SER D 474 9.89 -26.77 -6.66
N GLY D 475 9.29 -25.59 -6.62
CA GLY D 475 10.05 -24.35 -6.60
C GLY D 475 11.05 -24.36 -5.44
N LEU D 476 12.30 -23.98 -5.72
CA LEU D 476 13.35 -24.06 -4.72
C LEU D 476 13.67 -22.71 -4.16
N SER D 477 13.37 -22.54 -2.90
CA SER D 477 13.88 -21.34 -2.27
C SER D 477 14.80 -21.74 -1.15
N GLU D 478 16.06 -21.95 -1.47
CA GLU D 478 17.06 -22.13 -0.44
C GLU D 478 18.21 -21.25 -0.79
N GLU D 479 18.62 -21.47 -2.02
CA GLU D 479 19.64 -20.72 -2.67
C GLU D 479 18.96 -20.30 -3.92
N GLU D 480 18.35 -21.29 -4.55
CA GLU D 480 18.02 -21.28 -5.96
C GLU D 480 17.46 -19.95 -6.45
N ILE D 481 16.70 -19.29 -5.58
CA ILE D 481 16.21 -17.96 -5.87
C ILE D 481 17.33 -16.91 -5.87
N GLN D 482 18.05 -16.85 -4.76
CA GLN D 482 19.09 -15.83 -4.61
C GLN D 482 20.21 -16.03 -5.59
N ARG D 483 20.08 -17.12 -6.33
CA ARG D 483 20.88 -17.36 -7.52
C ARG D 483 20.16 -16.74 -8.73
N MET D 484 19.06 -17.36 -9.13
CA MET D 484 18.51 -17.05 -10.43
C MET D 484 18.00 -15.64 -10.57
N ILE D 485 18.05 -14.86 -9.49
CA ILE D 485 17.87 -13.42 -9.66
C ILE D 485 19.14 -12.76 -10.17
N LYS D 486 20.26 -13.05 -9.50
CA LYS D 486 21.52 -12.46 -9.93
C LYS D 486 21.77 -12.92 -11.32
N GLU D 487 21.21 -14.08 -11.66
CA GLU D 487 21.22 -14.44 -13.04
C GLU D 487 20.58 -13.27 -13.78
N ALA D 488 19.37 -12.90 -13.43
CA ALA D 488 18.73 -11.79 -14.13
C ALA D 488 19.61 -10.55 -14.20
N GLU D 489 20.50 -10.36 -13.23
CA GLU D 489 21.39 -9.18 -13.28
C GLU D 489 22.53 -9.34 -14.29
N GLU D 490 23.27 -10.44 -14.18
CA GLU D 490 24.32 -10.78 -15.13
C GLU D 490 23.79 -10.64 -16.54
N ASN D 491 22.65 -11.28 -16.74
CA ASN D 491 22.12 -11.52 -18.06
C ASN D 491 21.05 -10.52 -18.52
N ALA D 492 20.84 -9.46 -17.72
CA ALA D 492 19.70 -8.55 -17.88
C ALA D 492 19.48 -8.06 -19.31
N GLU D 493 20.55 -8.04 -20.08
CA GLU D 493 20.43 -7.68 -21.48
C GLU D 493 19.49 -8.68 -22.18
N ALA D 494 18.99 -9.60 -21.37
CA ALA D 494 17.98 -10.53 -21.80
C ALA D 494 16.83 -9.74 -22.39
N ASP D 495 16.84 -8.41 -22.29
CA ASP D 495 15.78 -7.59 -22.92
C ASP D 495 15.68 -7.86 -24.42
N ARG D 496 16.69 -8.53 -24.90
CA ARG D 496 16.76 -8.96 -26.27
C ARG D 496 15.42 -9.60 -26.55
N LYS D 497 14.74 -9.99 -25.49
CA LYS D 497 13.52 -10.75 -25.58
C LYS D 497 12.70 -10.19 -26.68
N ARG D 498 12.72 -8.87 -26.82
CA ARG D 498 11.70 -8.20 -27.60
C ARG D 498 11.61 -8.85 -28.98
N LYS D 499 12.58 -9.71 -29.27
CA LYS D 499 12.58 -10.43 -30.52
C LYS D 499 11.20 -10.95 -30.78
N GLU D 500 10.64 -11.64 -29.79
CA GLU D 500 9.40 -12.40 -30.01
C GLU D 500 8.25 -11.44 -29.93
N ALA D 501 8.52 -10.38 -29.20
CA ALA D 501 7.67 -9.22 -29.25
C ALA D 501 7.58 -8.87 -30.70
N ALA D 502 8.72 -8.70 -31.36
CA ALA D 502 8.74 -8.42 -32.81
C ALA D 502 8.07 -9.56 -33.58
N GLU D 503 8.14 -10.76 -33.02
CA GLU D 503 7.55 -11.94 -33.61
C GLU D 503 6.07 -11.78 -33.72
N LEU D 504 5.62 -10.63 -33.26
CA LEU D 504 4.27 -10.16 -33.47
C LEU D 504 4.03 -10.39 -34.94
N ARG D 505 5.12 -10.64 -35.65
CA ARG D 505 5.02 -10.93 -37.08
C ARG D 505 3.84 -11.85 -37.38
N ASN D 506 3.87 -13.08 -36.86
CA ASN D 506 2.86 -14.05 -37.31
C ASN D 506 1.42 -13.68 -36.91
N GLU D 507 1.30 -12.52 -36.30
CA GLU D 507 0.02 -11.94 -35.90
C GLU D 507 -0.64 -11.40 -37.16
N ALA D 508 0.03 -11.64 -38.29
CA ALA D 508 -0.51 -11.33 -39.60
C ALA D 508 -1.55 -12.40 -39.95
N ASP D 509 -1.82 -13.27 -38.97
CA ASP D 509 -3.00 -14.15 -38.92
C ASP D 509 -2.70 -15.63 -39.18
N ALA E 58 58.92 -1.07 -33.51
CA ALA E 58 59.18 -2.33 -34.21
C ALA E 58 58.90 -3.55 -33.33
N GLU E 59 59.90 -3.99 -32.58
CA GLU E 59 59.71 -5.04 -31.56
C GLU E 59 58.78 -4.47 -30.49
N GLU E 60 58.68 -3.14 -30.49
CA GLU E 60 57.92 -2.37 -29.52
C GLU E 60 56.44 -2.62 -29.72
N LEU E 61 56.12 -3.04 -30.93
CA LEU E 61 54.76 -3.31 -31.37
C LEU E 61 54.23 -4.72 -30.94
N ALA E 62 55.17 -5.68 -30.84
CA ALA E 62 54.88 -7.11 -30.79
C ALA E 62 54.25 -7.65 -29.51
N ALA E 63 54.65 -7.11 -28.36
CA ALA E 63 54.19 -7.59 -27.05
C ALA E 63 52.70 -7.32 -26.87
N ALA E 64 52.15 -6.52 -27.77
CA ALA E 64 50.75 -6.15 -27.79
C ALA E 64 49.83 -7.36 -27.86
N LYS E 65 49.83 -8.00 -29.03
CA LYS E 65 49.08 -9.22 -29.26
C LYS E 65 49.82 -10.40 -28.67
N ALA E 66 51.05 -10.17 -28.19
CA ALA E 66 51.71 -11.14 -27.30
C ALA E 66 50.91 -11.36 -26.00
N GLN E 67 50.94 -10.34 -25.12
CA GLN E 67 50.16 -10.35 -23.88
C GLN E 67 48.71 -10.66 -24.20
N ILE E 68 48.14 -9.90 -25.14
CA ILE E 68 46.78 -10.15 -25.56
C ILE E 68 46.62 -11.66 -25.79
N ALA E 69 47.54 -12.23 -26.56
CA ALA E 69 47.55 -13.65 -26.85
C ALA E 69 47.43 -14.49 -25.57
N GLU E 70 48.44 -14.43 -24.70
CA GLU E 70 48.39 -15.25 -23.50
C GLU E 70 47.05 -15.10 -22.78
N LEU E 71 46.53 -13.87 -22.76
CA LEU E 71 45.33 -13.54 -21.99
C LEU E 71 44.01 -14.14 -22.49
N GLU E 72 43.61 -13.82 -23.72
CA GLU E 72 42.35 -14.40 -24.19
C GLU E 72 42.58 -15.89 -24.19
N ALA E 73 43.84 -16.25 -24.43
CA ALA E 73 44.22 -17.65 -24.48
C ALA E 73 43.76 -18.35 -23.20
N LYS E 74 44.21 -17.85 -22.04
CA LYS E 74 43.81 -18.48 -20.78
C LYS E 74 42.30 -18.38 -20.73
N LEU E 75 41.80 -17.29 -21.28
CA LEU E 75 40.39 -17.00 -21.23
C LEU E 75 39.56 -18.16 -21.73
N SER E 76 39.89 -18.66 -22.90
CA SER E 76 39.06 -19.69 -23.53
C SER E 76 38.65 -20.73 -22.48
N GLU E 77 39.66 -21.42 -21.95
CA GLU E 77 39.44 -22.33 -20.84
C GLU E 77 38.57 -21.61 -19.78
N MET E 78 38.96 -20.39 -19.44
CA MET E 78 38.26 -19.68 -18.39
C MET E 78 36.80 -19.89 -18.63
N GLU E 79 36.31 -19.36 -19.74
CA GLU E 79 34.93 -19.56 -20.14
C GLU E 79 34.51 -21.03 -19.94
N HIS E 80 35.13 -21.96 -20.68
CA HIS E 80 34.65 -23.34 -20.73
C HIS E 80 34.34 -23.89 -19.34
N ARG E 81 35.43 -24.15 -18.62
CA ARG E 81 35.32 -24.75 -17.31
C ARG E 81 34.28 -23.92 -16.60
N TYR E 82 34.42 -22.63 -16.79
CA TYR E 82 33.68 -21.65 -16.05
C TYR E 82 32.18 -21.79 -16.17
N LEU E 83 31.64 -22.34 -17.26
CA LEU E 83 30.24 -22.76 -17.19
C LEU E 83 30.01 -24.25 -17.02
N ARG E 84 31.11 -25.01 -16.98
CA ARG E 84 30.97 -26.44 -16.65
C ARG E 84 30.12 -26.61 -15.38
N LEU E 85 30.61 -26.02 -14.28
CA LEU E 85 29.96 -26.15 -12.99
C LEU E 85 28.49 -25.89 -13.16
N TYR E 86 28.19 -24.74 -13.77
CA TYR E 86 26.82 -24.33 -13.97
C TYR E 86 26.09 -25.52 -14.52
N ALA E 87 26.39 -25.84 -15.77
CA ALA E 87 25.59 -26.81 -16.49
C ALA E 87 25.33 -28.07 -15.67
N ASP E 88 26.35 -28.53 -14.95
CA ASP E 88 26.20 -29.78 -14.20
C ASP E 88 25.25 -29.65 -12.99
N PHE E 89 25.53 -28.70 -12.10
CA PHE E 89 24.64 -28.50 -10.96
C PHE E 89 23.23 -28.30 -11.49
N GLU E 90 23.12 -27.46 -12.52
CA GLU E 90 21.84 -27.13 -13.16
C GLU E 90 21.16 -28.37 -13.75
N ASN E 91 21.96 -29.42 -13.92
CA ASN E 91 21.41 -30.74 -14.26
C ASN E 91 20.87 -31.51 -13.05
N PHE E 92 21.66 -31.56 -11.98
CA PHE E 92 21.29 -32.46 -10.87
C PHE E 92 20.30 -31.89 -9.86
N ARG E 93 20.00 -30.62 -10.02
CA ARG E 93 18.81 -30.06 -9.39
C ARG E 93 17.60 -30.74 -10.03
N ARG E 94 17.75 -31.07 -11.31
CA ARG E 94 16.71 -31.75 -12.05
C ARG E 94 16.75 -33.18 -11.61
N ARG E 95 17.97 -33.64 -11.32
CA ARG E 95 18.15 -35.00 -10.82
C ARG E 95 17.30 -35.18 -9.57
N THR E 96 17.73 -34.54 -8.49
CA THR E 96 17.02 -34.65 -7.23
C THR E 96 15.52 -34.34 -7.45
N ARG E 97 15.27 -33.52 -8.48
CA ARG E 97 13.91 -33.19 -8.97
C ARG E 97 13.08 -34.40 -9.44
N GLN E 98 13.74 -35.38 -10.01
CA GLN E 98 13.06 -36.65 -10.16
C GLN E 98 13.14 -37.53 -8.92
N GLU E 99 14.18 -37.35 -8.10
CA GLU E 99 14.44 -38.20 -6.89
C GLU E 99 13.34 -38.17 -5.83
N MET E 100 12.67 -37.04 -5.72
CA MET E 100 11.45 -36.97 -4.93
C MET E 100 10.31 -37.77 -5.60
N GLU E 101 10.32 -37.76 -6.93
CA GLU E 101 9.30 -38.45 -7.73
C GLU E 101 9.42 -39.97 -7.60
N ALA E 102 10.67 -40.42 -7.47
CA ALA E 102 10.98 -41.84 -7.34
C ALA E 102 10.71 -42.34 -5.91
N ALA E 103 10.84 -41.45 -4.90
CA ALA E 103 10.63 -41.77 -3.48
C ALA E 103 9.16 -41.60 -3.11
N GLU E 104 8.38 -41.18 -4.10
CA GLU E 104 6.96 -40.87 -3.94
C GLU E 104 6.10 -42.13 -3.96
N LYS E 105 6.61 -43.17 -4.62
CA LYS E 105 6.03 -44.51 -4.59
C LYS E 105 7.09 -45.42 -3.99
N TYR E 106 8.18 -45.56 -4.75
CA TYR E 106 9.18 -46.63 -4.57
C TYR E 106 10.12 -46.55 -3.34
N ARG E 107 10.12 -45.43 -2.61
CA ARG E 107 10.97 -45.32 -1.40
C ARG E 107 10.57 -46.40 -0.39
N ALA E 108 9.34 -46.93 -0.53
CA ALA E 108 8.86 -48.02 0.31
C ALA E 108 9.07 -49.47 -0.22
N GLN E 109 9.35 -49.63 -1.51
CA GLN E 109 9.39 -50.99 -2.12
C GLN E 109 10.44 -51.82 -1.42
N SER E 110 11.27 -51.14 -0.62
CA SER E 110 12.36 -51.74 0.16
C SER E 110 11.91 -52.79 1.18
N LEU E 111 10.73 -52.63 1.76
CA LEU E 111 10.25 -53.65 2.68
C LEU E 111 9.60 -54.79 1.88
N ALA E 112 9.32 -54.52 0.61
CA ALA E 112 8.67 -55.47 -0.30
C ALA E 112 9.62 -56.40 -1.10
N SER E 113 10.91 -56.05 -1.14
CA SER E 113 11.93 -56.90 -1.75
C SER E 113 12.64 -57.79 -0.71
N ASP E 114 13.26 -57.15 0.29
CA ASP E 114 13.95 -57.81 1.42
C ASP E 114 13.01 -58.58 2.35
N LEU E 115 11.71 -58.38 2.18
CA LEU E 115 10.67 -59.16 2.87
C LEU E 115 10.06 -60.28 2.02
N LEU E 116 10.47 -60.38 0.76
CA LEU E 116 9.92 -61.38 -0.18
C LEU E 116 10.48 -62.83 -0.02
N PRO E 117 11.56 -62.95 0.76
CA PRO E 117 12.15 -64.26 1.10
C PRO E 117 11.31 -64.98 2.17
N VAL E 118 11.00 -64.24 3.25
CA VAL E 118 10.10 -64.71 4.30
C VAL E 118 8.65 -64.87 3.78
N LEU E 119 8.26 -63.98 2.86
CA LEU E 119 6.92 -63.99 2.25
C LEU E 119 6.68 -65.13 1.25
N ASP E 120 7.71 -65.44 0.44
CA ASP E 120 7.66 -66.61 -0.43
C ASP E 120 7.94 -67.90 0.38
N ASN E 121 8.55 -67.73 1.57
CA ASN E 121 8.81 -68.83 2.53
C ASN E 121 7.50 -69.34 3.15
N PHE E 122 6.69 -68.42 3.65
CA PHE E 122 5.32 -68.77 4.03
C PHE E 122 4.44 -69.08 2.79
N GLU E 123 4.74 -68.47 1.63
CA GLU E 123 3.94 -68.64 0.40
C GLU E 123 4.03 -70.03 -0.25
N ARG E 124 5.17 -70.69 -0.05
CA ARG E 124 5.40 -72.05 -0.53
C ARG E 124 4.95 -73.14 0.47
N ALA E 125 4.58 -72.72 1.69
CA ALA E 125 4.16 -73.62 2.80
C ALA E 125 2.62 -73.84 2.96
N LEU E 126 1.83 -73.24 2.06
CA LEU E 126 0.36 -73.40 2.02
C LEU E 126 -0.09 -74.86 1.83
N GLN E 134 -3.70 -84.78 14.49
CA GLN E 134 -4.59 -83.88 15.21
C GLN E 134 -4.23 -82.44 14.86
N ALA E 135 -2.92 -82.20 14.74
CA ALA E 135 -2.36 -80.87 14.52
C ALA E 135 -2.84 -80.35 13.19
N LYS E 136 -3.54 -81.24 12.47
CA LYS E 136 -4.03 -81.01 11.12
C LYS E 136 -4.75 -79.65 10.92
N SER E 137 -5.49 -79.20 11.94
CA SER E 137 -6.32 -77.96 11.89
C SER E 137 -5.59 -76.66 12.25
N ILE E 138 -4.27 -76.74 12.52
CA ILE E 138 -3.48 -75.56 12.88
C ILE E 138 -2.91 -74.85 11.65
N LEU E 139 -3.07 -75.47 10.49
CA LEU E 139 -2.63 -74.85 9.25
C LEU E 139 -3.76 -74.03 8.65
N GLN E 140 -4.93 -74.08 9.28
CA GLN E 140 -6.06 -73.26 8.86
C GLN E 140 -5.91 -71.83 9.37
N GLY E 141 -5.12 -71.69 10.43
CA GLY E 141 -4.85 -70.40 11.04
C GLY E 141 -3.96 -69.58 10.11
N MET E 142 -3.77 -70.13 8.92
CA MET E 142 -3.03 -69.49 7.82
C MET E 142 -3.94 -68.71 6.87
N GLU E 143 -5.24 -68.60 7.21
CA GLU E 143 -6.18 -67.71 6.51
C GLU E 143 -5.71 -66.25 6.64
N MET E 144 -4.97 -65.97 7.73
CA MET E 144 -4.54 -64.62 8.18
C MET E 144 -3.06 -64.22 7.93
N VAL E 145 -2.11 -64.91 8.56
CA VAL E 145 -0.68 -64.50 8.53
C VAL E 145 0.01 -64.39 7.13
N TYR E 146 -0.05 -65.45 6.31
CA TYR E 146 0.48 -65.44 4.93
C TYR E 146 -0.59 -65.16 3.84
N ARG E 147 -1.82 -64.88 4.28
CA ARG E 147 -2.90 -64.40 3.43
C ARG E 147 -3.06 -62.88 3.58
N SER E 148 -3.31 -62.43 4.82
CA SER E 148 -3.48 -61.00 5.14
C SER E 148 -2.37 -60.11 4.59
N LEU E 149 -1.13 -60.58 4.63
CA LEU E 149 0.03 -59.83 4.13
C LEU E 149 -0.09 -59.50 2.63
N VAL E 150 -0.95 -60.24 1.95
CA VAL E 150 -1.19 -60.10 0.51
C VAL E 150 -1.93 -58.82 0.18
N ASP E 151 -3.05 -58.66 0.87
CA ASP E 151 -3.94 -57.51 0.75
C ASP E 151 -3.37 -56.29 1.49
N ALA E 152 -2.66 -56.56 2.59
CA ALA E 152 -2.03 -55.49 3.35
C ALA E 152 -0.72 -55.05 2.70
N LEU E 153 -0.15 -55.93 1.88
CA LEU E 153 0.92 -55.56 0.98
C LEU E 153 0.44 -55.35 -0.48
N LYS E 154 -0.88 -55.47 -0.72
CA LYS E 154 -1.52 -55.01 -1.98
C LYS E 154 -2.28 -53.64 -1.92
N LYS E 155 -2.29 -53.01 -0.74
CA LYS E 155 -2.89 -51.67 -0.51
C LYS E 155 -1.86 -50.52 -0.61
N GLU E 156 -0.60 -50.90 -0.86
CA GLU E 156 0.45 -49.99 -1.29
C GLU E 156 0.60 -50.07 -2.83
N GLY E 157 -0.20 -50.92 -3.46
CA GLY E 157 -0.13 -51.14 -4.91
C GLY E 157 0.68 -52.32 -5.45
N VAL E 158 0.84 -53.40 -4.67
CA VAL E 158 1.68 -54.55 -5.07
C VAL E 158 0.95 -55.68 -5.78
N GLU E 159 1.26 -55.83 -7.07
CA GLU E 159 0.81 -56.96 -7.90
C GLU E 159 1.98 -57.95 -8.09
N ALA E 160 1.73 -59.26 -7.97
CA ALA E 160 2.80 -60.24 -8.20
C ALA E 160 3.12 -60.48 -9.68
N PRO E 167 3.92 -62.61 -21.65
CA PRO E 167 5.27 -62.95 -22.09
C PRO E 167 6.33 -62.74 -20.97
N PHE E 168 6.87 -63.85 -20.48
CA PHE E 168 8.15 -63.81 -19.80
C PHE E 168 9.22 -63.20 -20.77
N ASP E 169 9.94 -62.19 -20.27
CA ASP E 169 10.99 -61.53 -21.04
C ASP E 169 12.00 -60.89 -20.08
N PRO E 170 13.25 -60.70 -20.50
CA PRO E 170 14.24 -59.94 -19.73
C PRO E 170 14.45 -60.36 -18.24
N TYR E 171 14.81 -61.63 -18.02
CA TYR E 171 15.05 -62.21 -16.69
C TYR E 171 13.77 -62.48 -15.93
N LEU E 172 12.63 -62.11 -16.52
CA LEU E 172 11.31 -62.07 -15.85
C LEU E 172 10.82 -63.34 -15.13
N HIS E 173 11.06 -64.51 -15.74
CA HIS E 173 10.97 -65.81 -15.07
C HIS E 173 12.43 -66.23 -14.83
N GLN E 174 12.90 -66.21 -13.57
CA GLN E 174 14.35 -66.34 -13.34
C GLN E 174 14.63 -67.82 -13.49
N ALA E 175 15.40 -68.15 -14.53
CA ALA E 175 15.39 -69.52 -15.06
C ALA E 175 16.50 -70.37 -14.43
N VAL E 176 16.08 -71.30 -13.59
CA VAL E 176 17.00 -72.25 -12.98
C VAL E 176 17.63 -73.10 -14.11
N MET E 177 16.74 -73.69 -14.92
CA MET E 177 17.10 -74.34 -16.16
C MET E 177 15.78 -74.77 -16.81
N PRO E 186 7.60 -74.67 -27.04
CA PRO E 186 8.76 -73.83 -26.71
C PRO E 186 8.49 -72.33 -26.85
N ASN E 187 9.47 -71.54 -26.40
CA ASN E 187 9.46 -70.05 -26.25
C ASN E 187 8.68 -69.50 -25.03
N THR E 188 7.74 -70.30 -24.52
CA THR E 188 6.94 -69.97 -23.34
C THR E 188 7.61 -70.31 -22.00
N VAL E 189 7.19 -69.63 -20.93
CA VAL E 189 7.64 -69.93 -19.56
C VAL E 189 6.83 -71.07 -18.92
N VAL E 190 7.48 -71.93 -18.14
CA VAL E 190 6.82 -73.14 -17.63
C VAL E 190 5.93 -72.97 -16.38
N GLU E 191 6.57 -72.80 -15.22
CA GLU E 191 5.89 -72.64 -13.94
C GLU E 191 6.68 -71.63 -13.10
N GLU E 192 6.33 -71.52 -11.82
CA GLU E 192 7.01 -70.57 -10.92
C GLU E 192 7.84 -71.24 -9.81
N LEU E 193 9.17 -71.06 -9.83
CA LEU E 193 10.02 -71.68 -8.82
C LEU E 193 9.87 -70.97 -7.47
N GLN E 194 10.42 -69.77 -7.35
CA GLN E 194 10.12 -68.85 -6.23
C GLN E 194 9.58 -67.55 -6.82
N LYS E 195 8.31 -67.23 -6.60
CA LYS E 195 7.71 -66.11 -7.33
C LYS E 195 8.18 -64.69 -6.87
N GLY E 196 7.71 -63.65 -7.56
CA GLY E 196 8.09 -62.29 -7.24
C GLY E 196 7.04 -61.29 -7.69
N TYR E 197 7.07 -60.09 -7.11
CA TYR E 197 6.12 -59.03 -7.45
C TYR E 197 6.76 -57.66 -7.92
N LYS E 198 6.19 -57.06 -8.97
CA LYS E 198 6.48 -55.66 -9.32
C LYS E 198 5.86 -54.72 -8.26
N LEU E 199 6.57 -53.64 -7.92
CA LEU E 199 6.20 -52.75 -6.82
C LEU E 199 5.06 -51.88 -7.32
N LYS E 200 4.49 -52.28 -8.46
CA LYS E 200 3.77 -51.41 -9.41
C LYS E 200 4.67 -50.47 -10.22
N ASP E 201 5.26 -51.03 -11.28
CA ASP E 201 6.18 -50.32 -12.15
C ASP E 201 7.55 -50.06 -11.50
N ARG E 202 8.03 -51.07 -10.78
CA ARG E 202 9.39 -51.11 -10.23
C ARG E 202 9.84 -52.59 -10.08
N VAL E 203 11.14 -52.82 -9.85
CA VAL E 203 11.60 -54.15 -9.42
C VAL E 203 12.70 -54.13 -8.34
N LEU E 204 12.48 -54.85 -7.24
CA LEU E 204 13.43 -54.86 -6.13
C LEU E 204 14.17 -56.20 -5.95
N ARG E 205 13.44 -57.30 -5.70
CA ARG E 205 14.01 -58.68 -5.74
C ARG E 205 13.31 -59.62 -6.78
N PRO E 206 14.10 -60.39 -7.52
CA PRO E 206 13.59 -61.15 -8.67
C PRO E 206 12.71 -62.39 -8.33
N ALA E 207 12.37 -63.19 -9.36
CA ALA E 207 11.49 -64.36 -9.19
C ALA E 207 11.94 -65.62 -9.96
N MET E 208 12.03 -66.72 -9.21
CA MET E 208 12.39 -68.04 -9.75
C MET E 208 11.30 -68.73 -10.59
N VAL E 209 11.67 -69.13 -11.81
CA VAL E 209 10.83 -69.93 -12.69
C VAL E 209 11.67 -71.00 -13.46
N LYS E 210 10.98 -71.95 -14.11
CA LYS E 210 11.62 -72.94 -15.00
C LYS E 210 11.02 -72.93 -16.42
N VAL E 211 11.88 -72.94 -17.43
CA VAL E 211 11.41 -72.91 -18.82
C VAL E 211 11.28 -74.32 -19.44
N SER E 212 10.23 -74.50 -20.24
CA SER E 212 10.16 -75.66 -21.11
C SER E 212 10.91 -75.26 -22.36
N GLN E 213 12.05 -75.92 -22.56
CA GLN E 213 13.00 -75.54 -23.61
C GLN E 213 12.70 -76.25 -24.93
N GLU F 60 44.74 1.62 -29.29
CA GLU F 60 45.45 0.58 -30.06
C GLU F 60 46.74 0.21 -29.36
N LEU F 61 47.65 1.18 -29.38
CA LEU F 61 48.96 1.06 -28.75
C LEU F 61 48.81 0.53 -27.30
N ALA F 62 48.27 1.35 -26.40
CA ALA F 62 47.98 0.90 -25.04
C ALA F 62 46.52 0.44 -24.88
N ALA F 63 45.78 0.41 -25.99
CA ALA F 63 44.45 -0.21 -26.00
C ALA F 63 44.69 -1.72 -25.94
N ALA F 64 45.89 -2.11 -26.35
CA ALA F 64 46.35 -3.47 -26.14
C ALA F 64 46.27 -3.69 -24.65
N LYS F 65 47.00 -2.85 -23.90
CA LYS F 65 47.03 -2.89 -22.45
C LYS F 65 45.64 -2.74 -21.89
N ALA F 66 44.79 -2.04 -22.65
CA ALA F 66 43.42 -1.77 -22.25
C ALA F 66 42.63 -3.08 -22.18
N GLN F 67 42.66 -3.84 -23.26
CA GLN F 67 41.97 -5.12 -23.27
C GLN F 67 42.67 -6.06 -22.29
N ILE F 68 43.99 -5.93 -22.18
CA ILE F 68 44.76 -6.76 -21.26
C ILE F 68 44.12 -6.63 -19.91
N ALA F 69 43.92 -5.38 -19.54
CA ALA F 69 43.19 -5.00 -18.35
C ALA F 69 41.84 -5.68 -18.32
N GLU F 70 41.09 -5.50 -19.41
CA GLU F 70 39.72 -5.97 -19.51
C GLU F 70 39.67 -7.42 -19.06
N LEU F 71 40.65 -8.18 -19.53
CA LEU F 71 40.69 -9.63 -19.42
C LEU F 71 41.20 -10.09 -18.06
N GLU F 72 42.25 -9.45 -17.55
CA GLU F 72 42.69 -9.72 -16.18
C GLU F 72 41.49 -9.50 -15.25
N ALA F 73 40.87 -8.35 -15.44
CA ALA F 73 39.65 -7.98 -14.76
C ALA F 73 38.62 -9.11 -14.87
N LYS F 74 38.46 -9.68 -16.06
CA LYS F 74 37.49 -10.76 -16.20
C LYS F 74 38.06 -12.03 -15.61
N LEU F 75 39.34 -11.97 -15.22
CA LEU F 75 39.94 -13.09 -14.49
C LEU F 75 39.41 -13.06 -13.09
N SER F 76 39.62 -11.94 -12.44
CA SER F 76 39.14 -11.83 -11.08
C SER F 76 37.68 -12.19 -11.17
N GLU F 77 37.01 -11.39 -12.00
CA GLU F 77 35.58 -11.38 -12.20
C GLU F 77 35.08 -12.79 -12.45
N MET F 78 35.85 -13.51 -13.25
CA MET F 78 35.49 -14.85 -13.61
C MET F 78 35.62 -15.82 -12.44
N GLU F 79 36.81 -15.88 -11.86
CA GLU F 79 37.06 -16.79 -10.75
C GLU F 79 35.96 -16.61 -9.72
N HIS F 80 35.65 -15.34 -9.40
CA HIS F 80 34.57 -15.00 -8.47
C HIS F 80 33.29 -15.68 -8.91
N ARG F 81 32.96 -15.42 -10.18
CA ARG F 81 31.77 -15.98 -10.77
C ARG F 81 31.74 -17.47 -10.46
N TYR F 82 32.93 -18.07 -10.39
CA TYR F 82 33.06 -19.47 -10.06
C TYR F 82 32.82 -19.75 -8.56
N LEU F 83 33.66 -19.20 -7.69
CA LEU F 83 33.65 -19.53 -6.26
C LEU F 83 32.30 -19.34 -5.60
N ARG F 84 31.55 -18.37 -6.10
CA ARG F 84 30.15 -18.27 -5.70
C ARG F 84 29.45 -19.55 -6.14
N LEU F 85 29.81 -20.04 -7.33
CA LEU F 85 29.29 -21.32 -7.79
C LEU F 85 29.64 -22.45 -6.84
N TYR F 86 30.93 -22.61 -6.55
CA TYR F 86 31.38 -23.69 -5.66
C TYR F 86 30.53 -23.60 -4.40
N ALA F 87 30.33 -22.37 -3.94
CA ALA F 87 29.49 -22.11 -2.79
C ALA F 87 28.14 -22.80 -2.93
N ASP F 88 27.39 -22.38 -3.93
CA ASP F 88 26.03 -22.84 -4.13
C ASP F 88 25.94 -24.34 -4.34
N PHE F 89 26.77 -24.82 -5.26
CA PHE F 89 26.85 -26.24 -5.46
C PHE F 89 27.02 -26.90 -4.08
N GLU F 90 28.22 -26.84 -3.49
CA GLU F 90 28.51 -27.69 -2.33
C GLU F 90 27.42 -27.50 -1.27
N ASN F 91 26.90 -26.28 -1.20
CA ASN F 91 25.87 -25.96 -0.26
C ASN F 91 24.62 -26.80 -0.42
N PHE F 92 24.21 -27.10 -1.65
CA PHE F 92 23.00 -27.88 -1.83
C PHE F 92 22.89 -29.09 -0.84
N ARG F 93 24.05 -29.72 -0.55
CA ARG F 93 24.07 -31.04 0.09
C ARG F 93 23.40 -31.14 1.45
N ARG F 94 23.82 -30.28 2.38
CA ARG F 94 23.27 -30.31 3.73
C ARG F 94 21.77 -30.51 3.56
N ARG F 95 21.17 -29.49 2.93
CA ARG F 95 19.73 -29.46 2.67
C ARG F 95 19.24 -30.80 2.14
N THR F 96 19.64 -31.15 0.91
CA THR F 96 19.08 -32.33 0.25
C THR F 96 19.18 -33.58 1.12
N ARG F 97 20.37 -33.83 1.65
CA ARG F 97 20.62 -34.97 2.52
C ARG F 97 19.51 -35.04 3.56
N GLN F 98 19.23 -33.90 4.20
CA GLN F 98 18.22 -33.91 5.28
C GLN F 98 16.78 -34.06 4.77
N GLU F 99 16.54 -33.50 3.59
CA GLU F 99 15.28 -33.62 2.88
C GLU F 99 14.90 -35.10 2.61
N MET F 100 15.85 -35.87 2.07
CA MET F 100 15.64 -37.30 1.80
C MET F 100 15.64 -38.15 3.12
N GLU F 101 16.33 -37.65 4.15
CA GLU F 101 16.19 -38.15 5.54
C GLU F 101 14.71 -38.30 5.89
N ALA F 102 14.08 -37.13 5.97
CA ALA F 102 12.68 -37.06 6.36
C ALA F 102 11.79 -37.79 5.35
N ALA F 103 12.25 -37.82 4.09
CA ALA F 103 11.54 -38.59 3.07
C ALA F 103 11.35 -40.05 3.51
N GLU F 104 12.46 -40.72 3.87
CA GLU F 104 12.43 -42.18 4.18
C GLU F 104 12.38 -42.66 5.66
N LYS F 105 12.31 -41.74 6.62
CA LYS F 105 11.91 -42.18 7.97
C LYS F 105 10.46 -42.73 7.99
N TYR F 106 9.53 -41.92 7.49
CA TYR F 106 8.11 -42.30 7.31
C TYR F 106 7.82 -42.88 5.90
N ARG F 107 6.54 -42.94 5.56
CA ARG F 107 6.00 -43.26 4.22
C ARG F 107 5.89 -44.76 3.83
N ALA F 108 6.53 -45.62 4.63
CA ALA F 108 6.22 -47.05 4.66
C ALA F 108 5.26 -47.31 5.82
N GLN F 109 4.82 -46.23 6.46
CA GLN F 109 3.90 -46.32 7.59
C GLN F 109 2.64 -47.09 7.19
N SER F 110 2.21 -46.92 5.94
CA SER F 110 1.06 -47.66 5.41
C SER F 110 1.39 -49.16 5.28
N LEU F 111 2.54 -49.47 4.67
CA LEU F 111 3.01 -50.85 4.60
C LEU F 111 2.97 -51.46 6.00
N ALA F 112 3.46 -50.70 6.98
CA ALA F 112 3.70 -51.16 8.36
C ALA F 112 2.44 -51.39 9.22
N SER F 113 1.55 -50.40 9.30
CA SER F 113 0.31 -50.57 10.05
C SER F 113 -0.74 -51.35 9.24
N ASP F 114 -0.44 -51.61 7.96
CA ASP F 114 -1.20 -52.59 7.19
C ASP F 114 -0.69 -54.00 7.51
N LEU F 115 0.62 -54.10 7.72
CA LEU F 115 1.28 -55.38 7.98
C LEU F 115 1.18 -55.80 9.43
N LEU F 116 0.57 -54.97 10.29
CA LEU F 116 0.44 -55.26 11.74
C LEU F 116 -0.66 -56.30 12.14
N PRO F 117 -1.52 -56.66 11.19
CA PRO F 117 -2.47 -57.80 11.30
C PRO F 117 -1.95 -59.19 10.88
N VAL F 118 -1.10 -59.23 9.86
CA VAL F 118 -0.53 -60.49 9.39
C VAL F 118 0.69 -60.95 10.24
N LEU F 119 1.34 -59.99 10.89
CA LEU F 119 2.33 -60.27 11.94
C LEU F 119 1.66 -60.19 13.31
N ASP F 120 0.33 -60.03 13.30
CA ASP F 120 -0.49 -60.28 14.48
C ASP F 120 -0.86 -61.78 14.63
N ASN F 121 -1.04 -62.48 13.51
CA ASN F 121 -1.18 -63.95 13.49
C ASN F 121 0.15 -64.72 13.22
N PHE F 122 1.21 -64.00 12.81
CA PHE F 122 2.59 -64.54 12.76
C PHE F 122 3.44 -64.13 13.97
N GLU F 123 2.86 -63.28 14.83
CA GLU F 123 3.21 -63.09 16.25
C GLU F 123 2.24 -63.73 17.28
N ARG F 124 1.18 -64.38 16.80
CA ARG F 124 0.12 -64.86 17.68
C ARG F 124 -0.28 -66.35 17.48
N ALA F 125 -0.75 -66.71 16.27
CA ALA F 125 -1.12 -68.10 15.97
C ALA F 125 0.08 -69.04 16.07
N GLN F 134 3.11 -83.95 15.46
CA GLN F 134 2.79 -84.25 14.07
C GLN F 134 3.40 -83.18 13.17
N ALA F 135 2.82 -81.99 13.29
CA ALA F 135 3.20 -80.79 12.55
C ALA F 135 4.30 -79.95 13.24
N LYS F 136 4.88 -80.47 14.33
CA LYS F 136 5.92 -79.76 15.11
C LYS F 136 7.07 -79.25 14.22
N SER F 137 7.38 -79.99 13.15
CA SER F 137 8.40 -79.59 12.16
C SER F 137 7.89 -78.42 11.33
N ILE F 138 6.58 -78.48 11.02
CA ILE F 138 5.83 -77.40 10.36
C ILE F 138 5.70 -76.10 11.22
N LEU F 139 5.72 -76.25 12.54
CA LEU F 139 5.84 -75.11 13.46
C LEU F 139 7.29 -74.61 13.65
N GLN F 140 8.28 -75.51 13.48
CA GLN F 140 9.72 -75.12 13.46
C GLN F 140 10.08 -74.26 12.24
N GLY F 141 9.43 -74.57 11.11
CA GLY F 141 9.60 -73.81 9.88
C GLY F 141 9.31 -72.32 10.00
N MET F 142 8.36 -71.95 10.86
CA MET F 142 7.99 -70.54 11.07
C MET F 142 9.19 -69.73 11.59
N GLU F 143 10.28 -70.45 11.85
CA GLU F 143 11.58 -69.88 12.24
C GLU F 143 12.08 -68.69 11.36
N MET F 144 12.31 -68.94 10.06
CA MET F 144 12.78 -67.88 9.15
C MET F 144 11.66 -66.94 8.69
N VAL F 145 10.41 -67.40 8.72
CA VAL F 145 9.25 -66.53 8.50
C VAL F 145 9.13 -65.36 9.52
N TYR F 146 8.88 -65.64 10.81
CA TYR F 146 8.79 -64.57 11.83
C TYR F 146 10.17 -64.19 12.40
N ARG F 147 11.19 -64.85 11.88
CA ARG F 147 12.59 -64.44 12.08
C ARG F 147 13.01 -63.28 11.14
N SER F 148 12.72 -63.41 9.83
CA SER F 148 13.04 -62.40 8.82
C SER F 148 11.86 -61.45 8.55
N LEU F 149 10.73 -61.63 9.24
CA LEU F 149 9.62 -60.62 9.33
C LEU F 149 9.44 -59.76 10.62
N VAL F 150 10.20 -60.00 11.68
CA VAL F 150 10.51 -58.92 12.61
C VAL F 150 11.95 -58.46 12.35
N ASP F 151 12.63 -59.22 11.50
CA ASP F 151 13.98 -58.90 11.05
C ASP F 151 13.98 -57.92 9.88
N ALA F 152 12.95 -57.99 9.04
CA ALA F 152 12.80 -57.11 7.88
C ALA F 152 12.07 -55.82 8.26
N LEU F 153 11.56 -55.79 9.50
CA LEU F 153 11.09 -54.58 10.16
C LEU F 153 12.26 -53.83 10.84
N LYS F 154 13.49 -54.32 10.66
CA LYS F 154 14.67 -53.88 11.43
C LYS F 154 15.60 -52.82 10.79
N LYS F 155 16.20 -53.15 9.65
CA LYS F 155 17.09 -52.23 8.92
C LYS F 155 16.35 -50.91 8.64
N GLU F 156 15.02 -51.01 8.57
CA GLU F 156 14.11 -49.86 8.52
C GLU F 156 13.93 -49.22 9.90
N GLY F 157 13.60 -50.04 10.91
CA GLY F 157 13.39 -49.54 12.26
C GLY F 157 12.00 -49.43 12.87
N VAL F 158 10.98 -50.09 12.32
CA VAL F 158 9.70 -50.13 13.03
C VAL F 158 9.67 -51.34 14.00
N GLU F 159 9.81 -50.99 15.27
CA GLU F 159 10.01 -51.97 16.32
C GLU F 159 8.65 -52.33 16.87
N ALA F 160 8.65 -52.95 18.03
CA ALA F 160 7.43 -53.22 18.74
C ALA F 160 7.52 -52.30 19.93
N ILE F 161 6.56 -52.43 20.86
CA ILE F 161 6.61 -51.69 22.13
C ILE F 161 7.24 -52.47 23.31
N GLU F 162 8.44 -52.00 23.72
CA GLU F 162 9.19 -52.60 24.82
C GLU F 162 9.23 -51.64 26.01
N ALA F 163 8.47 -52.01 27.06
CA ALA F 163 8.48 -51.40 28.39
C ALA F 163 8.58 -52.55 29.35
N VAL F 164 7.57 -53.41 29.28
CA VAL F 164 7.50 -54.64 30.07
C VAL F 164 7.46 -54.43 31.60
N GLY F 165 6.28 -54.07 32.12
CA GLY F 165 6.16 -53.92 33.54
C GLY F 165 6.90 -52.72 34.04
N LYS F 166 6.48 -51.56 33.55
CA LYS F 166 7.03 -50.29 33.98
C LYS F 166 5.90 -49.30 34.12
N PRO F 167 6.26 -48.02 34.27
CA PRO F 167 5.30 -46.93 34.16
C PRO F 167 4.39 -47.13 32.93
N PHE F 168 4.96 -47.57 31.79
CA PHE F 168 4.18 -47.90 30.59
C PHE F 168 3.37 -46.73 30.02
N ASP F 169 4.07 -45.80 29.34
CA ASP F 169 3.45 -44.58 28.85
C ASP F 169 2.15 -44.92 28.11
N PRO F 170 1.06 -44.30 28.54
CA PRO F 170 -0.29 -44.69 28.15
C PRO F 170 -0.67 -44.32 26.70
N TYR F 171 0.07 -43.37 26.12
CA TYR F 171 -0.08 -43.07 24.70
C TYR F 171 0.81 -44.01 23.85
N LEU F 172 1.80 -44.64 24.50
CA LEU F 172 2.78 -45.48 23.80
C LEU F 172 2.35 -46.95 23.69
N PRO F 186 2.09 -50.55 41.75
CA PRO F 186 0.81 -50.15 41.15
C PRO F 186 1.02 -49.59 39.76
N ASN F 187 0.10 -49.92 38.85
CA ASN F 187 0.13 -49.42 37.48
C ASN F 187 1.34 -49.92 36.68
N THR F 188 1.61 -51.23 36.78
CA THR F 188 2.71 -51.89 36.05
C THR F 188 2.21 -52.83 34.93
N VAL F 189 2.97 -52.97 33.85
CA VAL F 189 2.43 -53.66 32.68
C VAL F 189 2.43 -55.18 32.94
N VAL F 190 1.22 -55.74 33.04
CA VAL F 190 1.00 -57.15 33.43
C VAL F 190 1.11 -58.16 32.29
N GLU F 191 0.56 -57.76 31.15
CA GLU F 191 0.70 -58.49 29.91
C GLU F 191 0.35 -57.57 28.75
N GLU F 192 0.56 -58.06 27.52
CA GLU F 192 0.32 -57.31 26.28
C GLU F 192 -0.35 -58.17 25.19
N LEU F 193 -1.53 -57.73 24.72
CA LEU F 193 -2.28 -58.48 23.70
C LEU F 193 -1.76 -58.30 22.26
N GLN F 194 -1.81 -57.06 21.74
CA GLN F 194 -1.29 -56.75 20.40
C GLN F 194 0.19 -56.32 20.36
N LYS F 195 0.99 -57.05 19.57
CA LYS F 195 2.41 -56.78 19.40
C LYS F 195 2.66 -55.43 18.71
N GLY F 196 3.63 -54.65 19.23
CA GLY F 196 3.88 -53.30 18.73
C GLY F 196 4.35 -53.11 17.29
N TYR F 197 3.86 -52.03 16.66
CA TYR F 197 4.40 -51.54 15.38
C TYR F 197 4.74 -50.02 15.39
N LYS F 198 6.03 -49.67 15.37
CA LYS F 198 6.44 -48.27 15.44
C LYS F 198 7.65 -48.02 14.57
N LEU F 199 7.55 -47.10 13.61
CA LEU F 199 8.70 -46.72 12.77
C LEU F 199 9.21 -45.28 12.98
N LYS F 200 10.36 -45.13 13.67
CA LYS F 200 11.12 -43.86 13.77
C LYS F 200 10.50 -42.54 14.37
N ASP F 201 10.35 -42.49 15.70
CA ASP F 201 9.83 -41.31 16.43
C ASP F 201 8.38 -40.97 16.13
N ARG F 202 7.53 -42.00 16.19
CA ARG F 202 6.09 -41.83 16.04
C ARG F 202 5.32 -43.03 16.59
N VAL F 203 3.99 -42.94 16.62
CA VAL F 203 3.13 -44.04 17.09
C VAL F 203 2.10 -44.49 16.03
N LEU F 204 2.18 -45.79 15.66
CA LEU F 204 1.37 -46.43 14.59
C LEU F 204 -0.01 -46.98 15.04
N ARG F 205 0.01 -48.05 15.82
CA ARG F 205 -1.21 -48.57 16.41
C ARG F 205 -0.85 -49.12 17.79
N PRO F 206 -1.67 -48.78 18.78
CA PRO F 206 -1.44 -49.21 20.16
C PRO F 206 -1.74 -50.71 20.42
N ALA F 207 -1.24 -51.22 21.54
CA ALA F 207 -1.54 -52.58 22.02
C ALA F 207 -2.64 -52.55 23.09
N MET F 208 -3.54 -53.53 23.03
CA MET F 208 -4.51 -53.71 24.09
C MET F 208 -3.78 -54.47 25.19
N VAL F 209 -3.65 -53.86 26.37
CA VAL F 209 -2.67 -54.31 27.34
C VAL F 209 -3.24 -54.56 28.74
N LYS F 210 -2.64 -55.54 29.42
CA LYS F 210 -3.03 -55.94 30.79
C LYS F 210 -2.56 -54.95 31.85
N MET G 1 29.79 -27.81 -23.61
CA MET G 1 30.46 -29.01 -24.13
C MET G 1 29.93 -30.32 -23.49
N SER G 2 30.81 -31.33 -23.44
CA SER G 2 30.47 -32.63 -22.87
C SER G 2 31.53 -33.14 -21.89
N LYS G 3 31.04 -33.89 -20.89
CA LYS G 3 31.89 -34.44 -19.85
C LYS G 3 32.31 -35.83 -20.29
N ILE G 4 33.56 -36.21 -19.98
CA ILE G 4 34.14 -37.46 -20.49
C ILE G 4 33.84 -38.61 -19.55
N ILE G 5 33.00 -39.53 -20.04
CA ILE G 5 32.34 -40.55 -19.20
C ILE G 5 33.09 -41.88 -19.06
N GLY G 6 33.36 -42.28 -17.82
CA GLY G 6 33.99 -43.57 -17.58
C GLY G 6 33.13 -44.78 -17.94
N ILE G 7 33.76 -45.78 -18.59
CA ILE G 7 33.22 -47.15 -18.62
C ILE G 7 34.31 -48.21 -18.48
N ASP G 8 34.24 -48.97 -17.39
CA ASP G 8 35.10 -50.14 -17.19
C ASP G 8 34.36 -51.42 -17.55
N LEU G 9 35.06 -52.38 -18.13
CA LEU G 9 34.47 -53.68 -18.27
C LEU G 9 35.49 -54.63 -17.62
N GLY G 10 35.06 -55.29 -16.54
CA GLY G 10 35.88 -56.23 -15.77
C GLY G 10 35.49 -57.72 -15.82
N THR G 11 34.67 -58.08 -16.83
CA THR G 11 34.20 -59.45 -17.05
C THR G 11 33.46 -59.99 -15.86
N THR G 12 32.19 -59.57 -15.74
CA THR G 12 31.37 -59.87 -14.57
C THR G 12 31.54 -58.80 -13.49
N ASN G 13 32.52 -57.94 -13.67
CA ASN G 13 32.58 -56.70 -12.93
C ASN G 13 32.58 -55.61 -14.00
N SER G 14 31.59 -54.73 -14.03
CA SER G 14 31.60 -53.59 -14.99
C SER G 14 30.77 -52.33 -14.56
N CYS G 15 31.25 -51.14 -14.93
CA CYS G 15 30.54 -49.88 -14.61
C CYS G 15 30.77 -48.71 -15.62
N VAL G 16 29.78 -47.85 -15.78
CA VAL G 16 29.98 -46.57 -16.48
C VAL G 16 29.68 -45.37 -15.54
N ALA G 17 30.72 -44.63 -15.12
CA ALA G 17 30.59 -43.56 -14.11
C ALA G 17 30.90 -42.13 -14.60
N VAL G 18 30.75 -41.13 -13.71
CA VAL G 18 31.01 -39.73 -14.09
C VAL G 18 31.42 -38.80 -12.94
N LEU G 19 31.73 -37.55 -13.28
CA LEU G 19 32.02 -36.53 -12.27
C LEU G 19 31.16 -35.25 -12.47
N GLU G 20 30.31 -34.96 -11.48
CA GLU G 20 29.48 -33.73 -11.42
C GLU G 20 29.94 -32.84 -10.28
N GLY G 21 30.52 -31.70 -10.63
CA GLY G 21 31.08 -30.80 -9.66
C GLY G 21 32.41 -31.28 -9.11
N GLY G 22 32.56 -31.17 -7.78
CA GLY G 22 33.77 -31.56 -7.07
C GLY G 22 33.72 -32.89 -6.32
N GLU G 23 32.81 -33.76 -6.74
CA GLU G 23 32.64 -35.06 -6.09
C GLU G 23 32.51 -36.20 -7.12
N VAL G 24 33.34 -37.23 -6.98
CA VAL G 24 33.34 -38.38 -7.90
C VAL G 24 32.11 -39.30 -7.81
N LYS G 25 31.47 -39.62 -8.95
CA LYS G 25 30.14 -40.27 -9.00
C LYS G 25 29.98 -41.63 -9.75
N VAL G 26 29.32 -42.59 -9.07
CA VAL G 26 29.10 -43.94 -9.60
C VAL G 26 27.66 -44.16 -10.04
N ILE G 27 27.45 -44.25 -11.34
CA ILE G 27 26.11 -44.25 -11.92
C ILE G 27 25.26 -45.46 -11.53
N PRO G 28 23.96 -45.31 -11.74
CA PRO G 28 23.02 -46.40 -11.57
C PRO G 28 22.58 -46.91 -12.94
N ASN G 29 22.26 -48.20 -13.01
CA ASN G 29 21.78 -48.84 -14.24
C ASN G 29 20.26 -48.77 -14.38
N PRO G 30 19.73 -49.36 -15.45
CA PRO G 30 18.29 -49.42 -15.66
C PRO G 30 17.65 -50.40 -14.69
N GLU G 31 18.41 -51.43 -14.36
CA GLU G 31 18.01 -52.36 -13.33
C GLU G 31 18.23 -51.60 -12.05
N GLY G 32 17.54 -52.02 -10.99
CA GLY G 32 17.71 -51.43 -9.68
C GLY G 32 19.16 -51.47 -9.22
N ASN G 33 19.97 -52.27 -9.93
CA ASN G 33 21.37 -52.49 -9.61
C ASN G 33 22.28 -51.23 -9.64
N ARG G 34 22.98 -51.00 -8.53
CA ARG G 34 24.01 -49.97 -8.40
C ARG G 34 24.98 -50.10 -9.56
N THR G 35 25.20 -51.36 -9.97
CA THR G 35 25.89 -51.76 -11.20
C THR G 35 25.29 -53.01 -11.89
N THR G 36 25.00 -52.92 -13.19
CA THR G 36 24.53 -54.06 -13.97
C THR G 36 25.71 -54.51 -14.80
N PRO G 37 25.78 -55.82 -15.08
CA PRO G 37 27.05 -56.48 -15.41
C PRO G 37 27.28 -56.88 -16.89
N SER G 38 28.46 -57.47 -17.14
CA SER G 38 29.01 -57.73 -18.48
C SER G 38 28.85 -59.15 -19.03
N VAL G 39 27.85 -59.27 -19.91
CA VAL G 39 27.43 -60.49 -20.59
C VAL G 39 26.14 -60.03 -21.28
N VAL G 40 25.66 -60.76 -22.28
CA VAL G 40 24.50 -60.31 -23.07
C VAL G 40 23.85 -61.40 -23.94
N ALA G 41 22.92 -61.00 -24.82
CA ALA G 41 22.31 -61.95 -25.76
C ALA G 41 21.73 -61.27 -26.99
N PHE G 42 21.11 -62.09 -27.85
CA PHE G 42 20.20 -61.60 -28.90
C PHE G 42 19.05 -62.59 -29.21
N LYS G 43 18.14 -62.12 -30.06
CA LYS G 43 16.94 -62.86 -30.43
C LYS G 43 16.49 -62.21 -31.73
N ASN G 44 15.25 -62.46 -32.14
CA ASN G 44 14.80 -62.02 -33.46
C ASN G 44 14.52 -60.52 -33.46
N GLY G 45 15.31 -59.80 -34.26
CA GLY G 45 15.12 -58.38 -34.50
C GLY G 45 15.37 -57.47 -33.30
N GLU G 46 15.56 -58.05 -32.11
CA GLU G 46 15.63 -57.26 -30.86
C GLU G 46 16.73 -57.75 -29.91
N ARG G 47 17.58 -56.83 -29.46
CA ARG G 47 18.68 -57.15 -28.54
C ARG G 47 18.20 -57.22 -27.09
N LEU G 48 18.89 -58.04 -26.28
CA LEU G 48 18.69 -58.02 -24.82
C LEU G 48 20.04 -58.03 -24.08
N VAL G 49 20.26 -57.02 -23.24
CA VAL G 49 21.56 -56.75 -22.62
C VAL G 49 21.47 -56.64 -21.11
N GLY G 50 22.59 -56.96 -20.44
CA GLY G 50 22.74 -56.80 -18.99
C GLY G 50 22.28 -57.90 -18.02
N GLU G 51 21.72 -57.48 -16.86
CA GLU G 51 21.07 -58.37 -15.89
C GLU G 51 19.72 -58.88 -16.43
N VAL G 52 19.19 -58.16 -17.43
CA VAL G 52 18.02 -58.58 -18.21
C VAL G 52 18.35 -59.57 -19.37
N ALA G 53 19.56 -59.50 -19.92
CA ALA G 53 20.04 -60.50 -20.87
C ALA G 53 20.37 -61.80 -20.12
N LYS G 54 21.04 -61.68 -18.97
CA LYS G 54 21.70 -62.80 -18.28
C LYS G 54 20.86 -63.92 -17.62
N ARG G 55 19.59 -63.68 -17.25
CA ARG G 55 18.70 -64.77 -16.79
C ARG G 55 17.77 -65.31 -17.89
N GLN G 56 17.89 -64.71 -19.08
CA GLN G 56 17.36 -65.28 -20.31
C GLN G 56 18.49 -66.08 -20.96
N ALA G 57 19.61 -66.19 -20.23
CA ALA G 57 20.83 -66.94 -20.64
C ALA G 57 20.88 -68.50 -20.41
N ILE G 58 20.32 -68.99 -19.29
CA ILE G 58 20.15 -70.42 -19.04
C ILE G 58 18.82 -70.90 -19.62
N THR G 59 18.02 -69.93 -20.07
CA THR G 59 16.76 -70.14 -20.82
C THR G 59 16.72 -69.89 -22.37
N ASN G 60 17.82 -69.45 -22.98
CA ASN G 60 17.81 -69.13 -24.43
C ASN G 60 19.17 -69.22 -25.13
N PRO G 61 19.12 -69.51 -26.42
CA PRO G 61 20.32 -69.88 -27.19
C PRO G 61 21.45 -68.92 -26.89
N ASN G 62 21.11 -67.62 -26.81
CA ASN G 62 22.10 -66.54 -26.73
C ASN G 62 22.41 -66.06 -25.31
N THR G 63 23.61 -66.40 -24.86
CA THR G 63 24.31 -65.81 -23.72
C THR G 63 25.82 -65.75 -23.97
N ILE G 64 26.45 -64.58 -23.87
CA ILE G 64 27.91 -64.53 -23.84
C ILE G 64 28.36 -64.32 -22.38
N ILE G 65 29.31 -65.13 -21.92
CA ILE G 65 29.69 -65.10 -20.51
C ILE G 65 31.18 -64.78 -20.30
N SER G 66 31.47 -63.58 -19.77
CA SER G 66 32.84 -63.07 -19.54
C SER G 66 33.81 -63.12 -20.72
N ILE G 67 33.56 -62.27 -21.72
CA ILE G 67 34.30 -62.28 -22.98
C ILE G 67 35.66 -61.58 -22.88
N LYS G 68 36.00 -61.14 -21.67
CA LYS G 68 37.31 -60.58 -21.37
C LYS G 68 38.45 -61.43 -21.97
N ARG G 69 38.28 -62.76 -21.91
CA ARG G 69 39.24 -63.78 -22.40
C ARG G 69 39.56 -63.70 -23.90
N HIS G 70 38.61 -63.14 -24.67
CA HIS G 70 38.76 -62.93 -26.13
C HIS G 70 39.09 -61.54 -26.70
N MET G 71 39.32 -60.55 -25.83
CA MET G 71 39.73 -59.22 -26.28
C MET G 71 41.22 -59.17 -26.65
N GLY G 72 41.50 -58.79 -27.90
CA GLY G 72 42.85 -58.89 -28.46
C GLY G 72 43.25 -60.27 -29.03
N THR G 73 42.25 -61.12 -29.29
CA THR G 73 42.43 -62.51 -29.79
C THR G 73 41.76 -62.61 -31.19
N ASP G 74 42.08 -63.65 -31.95
CA ASP G 74 41.43 -63.91 -33.25
C ASP G 74 40.12 -64.71 -33.10
N TYR G 75 39.65 -64.80 -31.84
CA TYR G 75 38.41 -65.49 -31.44
C TYR G 75 37.16 -65.02 -32.24
N LYS G 76 36.49 -65.99 -32.86
CA LYS G 76 35.22 -65.72 -33.53
C LYS G 76 34.15 -66.76 -33.17
N VAL G 77 33.05 -66.24 -32.64
CA VAL G 77 31.88 -67.03 -32.27
C VAL G 77 30.98 -67.28 -33.50
N GLU G 78 30.55 -68.52 -33.66
CA GLU G 78 29.46 -68.85 -34.59
C GLU G 78 28.10 -68.71 -33.83
N ILE G 79 27.30 -67.73 -34.28
CA ILE G 79 26.00 -67.37 -33.71
C ILE G 79 24.94 -67.14 -34.82
N GLU G 80 23.64 -67.18 -34.46
CA GLU G 80 22.57 -67.21 -35.48
C GLU G 80 22.55 -66.03 -36.46
N GLY G 81 22.67 -66.35 -37.75
CA GLY G 81 22.47 -65.39 -38.82
C GLY G 81 23.69 -64.58 -39.25
N LYS G 82 24.62 -64.39 -38.32
CA LYS G 82 26.02 -64.08 -38.64
C LYS G 82 26.90 -64.55 -37.47
N GLN G 83 28.09 -65.10 -37.77
CA GLN G 83 29.06 -65.39 -36.72
C GLN G 83 29.44 -64.03 -36.11
N TYR G 84 29.94 -64.00 -34.86
CA TYR G 84 30.32 -62.70 -34.31
C TYR G 84 31.72 -62.58 -33.63
N THR G 85 32.21 -61.33 -33.54
CA THR G 85 33.55 -61.03 -33.01
C THR G 85 33.45 -60.29 -31.67
N PRO G 86 34.50 -60.37 -30.83
CA PRO G 86 34.50 -59.68 -29.53
C PRO G 86 34.12 -58.17 -29.64
N GLN G 87 34.55 -57.53 -30.74
CA GLN G 87 34.33 -56.10 -30.97
C GLN G 87 32.85 -55.72 -31.17
N GLU G 88 32.14 -56.46 -32.01
CA GLU G 88 30.76 -56.11 -32.35
C GLU G 88 29.81 -56.41 -31.19
N ILE G 89 30.17 -57.40 -30.39
CA ILE G 89 29.44 -57.76 -29.18
C ILE G 89 29.66 -56.74 -28.06
N SER G 90 30.91 -56.25 -27.96
CA SER G 90 31.26 -55.19 -27.01
C SER G 90 30.76 -53.77 -27.41
N ALA G 91 30.56 -53.58 -28.72
CA ALA G 91 29.93 -52.40 -29.28
C ALA G 91 28.55 -52.23 -28.71
N ILE G 92 27.88 -53.37 -28.50
CA ILE G 92 26.57 -53.43 -27.85
C ILE G 92 26.62 -53.36 -26.32
N ILE G 93 27.66 -53.96 -25.74
CA ILE G 93 27.91 -53.73 -24.32
C ILE G 93 27.86 -52.23 -24.06
N LEU G 94 28.59 -51.46 -24.86
CA LEU G 94 28.67 -50.02 -24.61
C LEU G 94 27.63 -49.17 -25.36
N GLN G 95 26.88 -49.80 -26.26
CA GLN G 95 25.69 -49.16 -26.88
C GLN G 95 24.65 -49.06 -25.77
N TYR G 96 24.46 -50.18 -25.04
CA TYR G 96 23.53 -50.24 -23.90
C TYR G 96 24.01 -49.37 -22.75
N LEU G 97 25.31 -49.44 -22.44
CA LEU G 97 25.92 -48.52 -21.47
C LEU G 97 25.78 -47.02 -21.88
N LYS G 98 25.74 -46.76 -23.19
CA LYS G 98 25.49 -45.42 -23.76
C LYS G 98 24.06 -44.91 -23.51
N SER G 99 23.07 -45.69 -23.96
CA SER G 99 21.67 -45.38 -23.67
C SER G 99 21.42 -45.22 -22.16
N TYR G 100 22.15 -45.98 -21.34
CA TYR G 100 21.95 -45.96 -19.89
C TYR G 100 22.58 -44.74 -19.18
N ALA G 101 23.78 -44.35 -19.62
CA ALA G 101 24.41 -43.12 -19.10
C ALA G 101 23.66 -41.87 -19.58
N GLU G 102 23.01 -42.05 -20.74
CA GLU G 102 22.16 -41.02 -21.36
C GLU G 102 20.83 -40.86 -20.63
N ASP G 103 20.23 -41.99 -20.27
CA ASP G 103 18.96 -42.01 -19.57
C ASP G 103 19.16 -41.72 -18.08
N TYR G 104 20.42 -41.61 -17.68
CA TYR G 104 20.72 -41.00 -16.40
C TYR G 104 20.97 -39.47 -16.52
N LEU G 105 21.98 -39.06 -17.28
CA LEU G 105 22.39 -37.65 -17.31
C LEU G 105 21.52 -36.64 -18.12
N GLY G 106 21.22 -36.95 -19.38
CA GLY G 106 20.48 -36.03 -20.24
C GLY G 106 21.45 -35.11 -20.96
N GLU G 107 22.63 -34.92 -20.38
CA GLU G 107 23.73 -34.22 -21.05
C GLU G 107 24.64 -35.32 -21.57
N PRO G 108 24.55 -35.58 -22.87
CA PRO G 108 25.16 -36.80 -23.41
C PRO G 108 26.67 -36.82 -23.22
N VAL G 109 27.20 -38.04 -23.11
CA VAL G 109 28.62 -38.19 -23.18
C VAL G 109 28.92 -38.90 -24.51
N THR G 110 29.50 -38.15 -25.45
CA THR G 110 30.15 -38.75 -26.60
C THR G 110 31.57 -39.18 -26.23
N ARG G 111 32.33 -38.27 -25.63
CA ARG G 111 33.69 -38.57 -25.22
C ARG G 111 33.64 -39.40 -23.96
N ALA G 112 34.48 -40.45 -23.94
CA ALA G 112 34.48 -41.48 -22.88
C ALA G 112 35.87 -42.14 -22.76
N VAL G 113 36.13 -42.83 -21.65
CA VAL G 113 37.44 -43.43 -21.38
C VAL G 113 37.30 -44.80 -20.68
N ILE G 114 38.27 -45.71 -20.88
CA ILE G 114 38.12 -47.12 -20.48
C ILE G 114 39.11 -47.63 -19.42
N THR G 115 38.74 -48.74 -18.74
CA THR G 115 39.59 -49.40 -17.75
C THR G 115 40.00 -50.81 -18.15
N VAL G 116 41.28 -50.97 -18.51
CA VAL G 116 41.84 -52.23 -19.06
C VAL G 116 42.81 -52.84 -18.05
N PRO G 117 43.41 -53.98 -18.40
CA PRO G 117 44.41 -54.58 -17.52
C PRO G 117 45.77 -53.90 -17.71
N ALA G 118 46.58 -53.94 -16.65
CA ALA G 118 47.91 -53.31 -16.64
C ALA G 118 48.91 -54.18 -17.41
N TYR G 119 48.56 -55.46 -17.59
CA TYR G 119 49.39 -56.44 -18.28
C TYR G 119 49.31 -56.30 -19.80
N PHE G 120 48.21 -55.72 -20.28
CA PHE G 120 47.93 -55.68 -21.70
C PHE G 120 48.88 -54.79 -22.49
N ASN G 121 48.91 -55.02 -23.80
CA ASN G 121 49.90 -54.42 -24.72
C ASN G 121 49.27 -54.07 -26.09
N ASP G 122 50.09 -53.73 -27.08
CA ASP G 122 49.60 -53.07 -28.31
C ASP G 122 48.35 -53.71 -28.99
N ALA G 123 48.15 -55.02 -28.80
CA ALA G 123 47.06 -55.74 -29.47
C ALA G 123 45.66 -55.44 -28.93
N GLN G 124 45.44 -55.84 -27.67
CA GLN G 124 44.16 -55.79 -26.93
C GLN G 124 43.73 -54.41 -26.36
N ARG G 125 44.70 -53.65 -25.82
CA ARG G 125 44.53 -52.29 -25.30
C ARG G 125 44.28 -51.27 -26.42
N GLN G 126 44.59 -51.65 -27.66
CA GLN G 126 44.05 -50.97 -28.82
C GLN G 126 42.59 -51.45 -29.02
N ALA G 127 42.35 -52.76 -28.92
CA ALA G 127 41.00 -53.35 -29.03
C ALA G 127 39.99 -52.59 -28.17
N THR G 128 40.47 -52.04 -27.05
CA THR G 128 39.67 -51.19 -26.15
C THR G 128 39.22 -49.83 -26.73
N LYS G 129 40.16 -49.07 -27.28
CA LYS G 129 39.84 -47.77 -27.86
C LYS G 129 38.96 -48.00 -29.08
N ASP G 130 39.29 -49.06 -29.83
CA ASP G 130 38.57 -49.45 -31.04
C ASP G 130 37.10 -49.84 -30.80
N ALA G 131 36.87 -50.86 -29.96
CA ALA G 131 35.51 -51.29 -29.64
C ALA G 131 34.81 -50.24 -28.79
N GLY G 132 35.62 -49.40 -28.15
CA GLY G 132 35.14 -48.25 -27.39
C GLY G 132 34.41 -47.32 -28.33
N ARG G 133 34.97 -47.12 -29.53
CA ARG G 133 34.34 -46.32 -30.62
C ARG G 133 33.44 -47.10 -31.61
N ILE G 134 33.36 -48.43 -31.43
CA ILE G 134 32.47 -49.30 -32.23
C ILE G 134 30.98 -49.08 -31.91
N ALA G 135 30.68 -48.88 -30.63
CA ALA G 135 29.33 -48.62 -30.16
C ALA G 135 28.90 -47.22 -30.55
N GLY G 136 29.90 -46.39 -30.84
CA GLY G 136 29.74 -44.96 -31.09
C GLY G 136 30.32 -43.95 -30.10
N LEU G 137 30.71 -44.41 -28.91
CA LEU G 137 31.26 -43.48 -27.91
C LEU G 137 32.81 -43.39 -27.91
N GLU G 138 33.31 -42.26 -28.40
CA GLU G 138 34.75 -42.08 -28.60
C GLU G 138 35.58 -42.20 -27.33
N VAL G 139 36.82 -42.65 -27.47
CA VAL G 139 37.74 -42.77 -26.36
C VAL G 139 38.87 -41.72 -26.44
N GLU G 140 38.91 -40.82 -25.45
CA GLU G 140 39.96 -39.82 -25.34
C GLU G 140 41.27 -40.37 -24.73
N ARG G 141 41.21 -41.62 -24.30
CA ARG G 141 42.39 -42.37 -23.84
C ARG G 141 41.90 -43.67 -23.21
N ILE G 142 42.80 -44.63 -23.00
CA ILE G 142 42.44 -45.85 -22.26
C ILE G 142 43.36 -46.03 -21.08
N ILE G 143 42.79 -45.91 -19.87
CA ILE G 143 43.54 -46.17 -18.64
C ILE G 143 43.70 -47.69 -18.45
N ASN G 144 44.40 -48.09 -17.39
CA ASN G 144 44.45 -49.50 -17.03
C ASN G 144 43.80 -49.60 -15.67
N GLU G 145 43.12 -50.72 -15.41
CA GLU G 145 42.39 -50.84 -14.16
C GLU G 145 43.19 -50.32 -12.97
N PRO G 146 44.41 -50.88 -12.76
CA PRO G 146 45.28 -50.54 -11.62
C PRO G 146 45.82 -49.07 -11.53
N THR G 147 46.39 -48.56 -12.63
CA THR G 147 46.81 -47.16 -12.67
C THR G 147 45.53 -46.29 -12.56
N ALA G 148 44.42 -46.83 -13.08
CA ALA G 148 43.10 -46.20 -12.95
C ALA G 148 42.68 -45.91 -11.50
N ALA G 149 42.36 -46.93 -10.68
CA ALA G 149 41.92 -46.68 -9.29
C ALA G 149 43.02 -45.99 -8.44
N ALA G 150 44.27 -46.27 -8.81
CA ALA G 150 45.39 -45.49 -8.30
C ALA G 150 45.13 -44.02 -8.46
N LEU G 151 44.66 -43.61 -9.65
CA LEU G 151 44.34 -42.19 -9.88
C LEU G 151 42.88 -41.80 -9.67
N ALA G 152 42.04 -42.78 -9.28
CA ALA G 152 40.74 -42.49 -8.71
C ALA G 152 40.97 -41.82 -7.40
N TYR G 153 41.77 -42.51 -6.62
CA TYR G 153 42.37 -41.89 -5.48
C TYR G 153 43.28 -40.71 -5.92
N GLY G 154 44.37 -41.07 -6.58
CA GLY G 154 45.39 -40.20 -7.16
C GLY G 154 46.68 -40.07 -6.35
N LEU G 155 47.82 -40.16 -7.07
CA LEU G 155 49.16 -40.09 -6.47
C LEU G 155 50.09 -38.87 -6.68
N ASP G 156 49.64 -37.89 -7.47
CA ASP G 156 50.52 -36.86 -8.06
C ASP G 156 50.84 -35.60 -7.20
N LYS G 157 50.15 -35.46 -6.06
CA LYS G 157 50.54 -34.45 -5.07
C LYS G 157 51.87 -34.94 -4.54
N GLU G 158 51.84 -36.22 -4.17
CA GLU G 158 52.87 -36.92 -3.39
C GLU G 158 54.17 -37.09 -4.20
N GLU G 159 55.13 -37.84 -3.63
CA GLU G 159 56.50 -37.94 -4.19
C GLU G 159 56.86 -39.27 -4.90
N ASP G 160 58.08 -39.35 -5.47
CA ASP G 160 58.48 -40.58 -6.20
C ASP G 160 58.41 -41.76 -5.22
N GLN G 161 57.64 -42.76 -5.63
CA GLN G 161 57.18 -43.76 -4.69
C GLN G 161 57.06 -45.11 -5.36
N THR G 162 56.49 -46.06 -4.64
CA THR G 162 56.24 -47.41 -5.16
C THR G 162 54.99 -47.95 -4.50
N ILE G 163 54.37 -48.94 -5.13
CA ILE G 163 53.07 -49.46 -4.69
C ILE G 163 52.77 -50.87 -5.23
N LEU G 164 51.78 -51.57 -4.66
CA LEU G 164 51.17 -52.76 -5.29
C LEU G 164 49.65 -52.70 -5.11
N VAL G 165 48.90 -52.96 -6.20
CA VAL G 165 47.45 -52.89 -6.12
C VAL G 165 46.88 -54.19 -5.58
N TYR G 166 45.57 -54.21 -5.36
CA TYR G 166 44.83 -55.44 -5.11
C TYR G 166 43.65 -55.39 -6.11
N ASP G 167 43.62 -56.25 -7.12
CA ASP G 167 42.39 -56.40 -7.91
C ASP G 167 41.69 -57.65 -7.38
N LEU G 168 40.42 -57.52 -7.05
CA LEU G 168 39.61 -58.69 -6.81
C LEU G 168 38.48 -58.64 -7.86
N GLY G 169 38.54 -59.59 -8.80
CA GLY G 169 37.50 -59.72 -9.80
C GLY G 169 36.37 -60.55 -9.21
N GLY G 170 35.52 -61.03 -10.10
CA GLY G 170 34.26 -61.69 -9.74
C GLY G 170 34.36 -63.18 -9.47
N GLY G 171 35.50 -63.63 -8.97
CA GLY G 171 36.00 -64.98 -9.21
C GLY G 171 37.30 -65.00 -10.04
N THR G 172 37.93 -63.83 -10.19
CA THR G 172 39.36 -63.66 -10.57
C THR G 172 40.13 -62.80 -9.52
N PHE G 173 41.39 -63.13 -9.27
CA PHE G 173 42.28 -62.26 -8.48
C PHE G 173 43.45 -61.69 -9.31
N ASP G 174 43.91 -60.51 -8.89
CA ASP G 174 45.09 -59.85 -9.45
C ASP G 174 45.68 -58.84 -8.46
N VAL G 175 46.94 -58.48 -8.68
CA VAL G 175 47.60 -57.33 -8.08
C VAL G 175 48.67 -56.84 -9.08
N SER G 176 48.82 -55.53 -9.20
CA SER G 176 49.85 -54.96 -10.08
C SER G 176 50.70 -53.92 -9.32
N ILE G 177 51.98 -54.23 -9.19
CA ILE G 177 52.94 -53.32 -8.58
C ILE G 177 53.30 -52.13 -9.51
N LEU G 178 53.27 -50.89 -8.96
CA LEU G 178 53.43 -49.65 -9.72
C LEU G 178 54.52 -48.76 -9.10
N GLU G 179 55.00 -47.76 -9.85
CA GLU G 179 55.85 -46.68 -9.29
C GLU G 179 55.53 -45.26 -9.77
N LEU G 180 55.92 -44.25 -8.99
CA LEU G 180 55.80 -42.86 -9.45
C LEU G 180 57.07 -42.40 -10.22
N GLY G 181 56.81 -41.81 -11.40
CA GLY G 181 57.76 -41.11 -12.25
C GLY G 181 57.70 -39.59 -12.02
N ASP G 182 57.30 -39.20 -10.81
CA ASP G 182 57.07 -37.78 -10.42
C ASP G 182 56.10 -37.08 -11.37
N GLY G 183 54.90 -37.66 -11.48
CA GLY G 183 53.93 -37.30 -12.50
C GLY G 183 53.68 -38.39 -13.54
N VAL G 184 54.43 -39.47 -13.48
CA VAL G 184 54.23 -40.53 -14.45
C VAL G 184 53.87 -41.88 -13.82
N PHE G 185 52.90 -42.58 -14.42
CA PHE G 185 52.63 -43.98 -14.05
C PHE G 185 53.10 -44.97 -15.12
N GLU G 186 53.96 -45.89 -14.68
CA GLU G 186 54.34 -47.10 -15.41
C GLU G 186 54.18 -48.30 -14.44
N VAL G 187 53.24 -49.19 -14.77
CA VAL G 187 52.98 -50.41 -13.98
C VAL G 187 54.17 -51.34 -14.14
N LYS G 188 54.73 -51.75 -13.01
CA LYS G 188 55.97 -52.55 -12.98
C LYS G 188 55.70 -54.07 -12.99
N ALA G 189 55.02 -54.58 -11.95
CA ALA G 189 54.77 -56.01 -11.82
C ALA G 189 53.28 -56.42 -11.86
N THR G 190 53.06 -57.71 -12.14
CA THR G 190 51.72 -58.26 -12.35
C THR G 190 51.66 -59.68 -11.72
N ALA G 191 50.55 -60.01 -11.03
CA ALA G 191 50.28 -61.39 -10.54
C ALA G 191 48.81 -61.58 -10.09
N GLY G 192 48.44 -62.81 -9.66
CA GLY G 192 47.07 -63.14 -9.30
C GLY G 192 46.59 -64.57 -9.62
N ASP G 193 45.28 -64.82 -9.62
CA ASP G 193 44.70 -66.14 -9.96
C ASP G 193 43.51 -66.07 -10.95
N ASN G 194 43.53 -66.95 -11.96
CA ASN G 194 42.51 -66.99 -13.03
C ASN G 194 41.09 -67.30 -12.54
N HIS G 195 40.96 -68.24 -11.61
CA HIS G 195 39.73 -68.38 -10.83
C HIS G 195 40.06 -68.37 -9.32
N LEU G 196 39.71 -67.27 -8.66
CA LEU G 196 39.60 -67.20 -7.21
C LEU G 196 38.77 -65.94 -6.96
N GLY G 197 38.06 -65.84 -5.85
CA GLY G 197 37.22 -64.65 -5.60
C GLY G 197 36.07 -64.75 -4.60
N GLY G 198 35.05 -63.92 -4.81
CA GLY G 198 33.86 -63.93 -3.98
C GLY G 198 32.90 -65.12 -4.09
N ASP G 199 32.59 -65.55 -5.31
CA ASP G 199 31.64 -66.65 -5.56
C ASP G 199 32.17 -67.96 -4.97
N ASP G 200 33.50 -68.07 -5.03
CA ASP G 200 34.22 -69.21 -4.51
C ASP G 200 34.06 -69.25 -2.98
N PHE G 201 34.25 -68.09 -2.36
CA PHE G 201 33.96 -67.84 -0.94
C PHE G 201 32.55 -68.32 -0.51
N ASP G 202 31.57 -67.89 -1.31
CA ASP G 202 30.16 -68.30 -1.13
C ASP G 202 30.02 -69.81 -1.21
N GLN G 203 30.83 -70.43 -2.07
CA GLN G 203 30.78 -71.89 -2.28
C GLN G 203 31.53 -72.73 -1.22
N VAL G 204 32.46 -72.11 -0.48
CA VAL G 204 33.05 -72.74 0.73
C VAL G 204 32.01 -72.71 1.86
N ILE G 205 31.26 -71.61 1.92
CA ILE G 205 30.07 -71.52 2.80
C ILE G 205 29.02 -72.58 2.47
N ILE G 206 28.54 -72.59 1.23
CA ILE G 206 27.63 -73.62 0.71
C ILE G 206 28.14 -75.07 0.84
N ASP G 207 29.45 -75.25 0.70
CA ASP G 207 30.11 -76.57 0.82
C ASP G 207 30.21 -77.16 2.24
N TYR G 208 30.81 -76.40 3.17
CA TYR G 208 30.86 -76.86 4.55
C TYR G 208 29.43 -76.94 5.12
N LEU G 209 28.58 -76.02 4.68
CA LEU G 209 27.17 -76.03 5.04
C LEU G 209 26.51 -77.36 4.63
N VAL G 210 26.41 -77.58 3.32
CA VAL G 210 25.78 -78.79 2.81
C VAL G 210 26.38 -80.08 3.42
N ASN G 211 27.72 -80.13 3.48
CA ASN G 211 28.45 -81.24 4.10
C ASN G 211 28.06 -81.48 5.58
N GLN G 212 27.85 -80.39 6.33
CA GLN G 212 27.41 -80.45 7.74
C GLN G 212 25.95 -80.92 7.88
N PHE G 213 25.10 -80.51 6.93
CA PHE G 213 23.71 -80.99 6.93
C PHE G 213 23.62 -82.48 6.61
N LYS G 214 24.47 -82.97 5.70
CA LYS G 214 24.62 -84.42 5.49
C LYS G 214 25.27 -85.06 6.73
N GLN G 215 25.96 -84.23 7.53
CA GLN G 215 26.57 -84.63 8.81
C GLN G 215 25.56 -84.89 9.91
N GLU G 216 24.44 -84.18 9.85
CA GLU G 216 23.37 -84.39 10.83
C GLU G 216 22.30 -85.35 10.28
N HIS G 217 21.47 -84.87 9.36
CA HIS G 217 20.25 -85.59 8.99
C HIS G 217 20.51 -86.67 7.96
N GLY G 218 21.75 -86.74 7.50
CA GLY G 218 22.15 -87.68 6.47
C GLY G 218 21.65 -87.29 5.08
N ILE G 219 20.75 -86.30 5.05
CA ILE G 219 20.11 -85.87 3.81
C ILE G 219 20.88 -84.77 3.06
N ASP G 220 21.31 -85.11 1.84
CA ASP G 220 22.15 -84.26 0.96
C ASP G 220 21.46 -82.99 0.40
N LEU G 221 22.26 -81.97 0.04
CA LEU G 221 21.77 -80.61 -0.32
C LEU G 221 21.70 -80.24 -1.82
N SER G 222 22.85 -80.30 -2.51
CA SER G 222 23.07 -79.71 -3.85
C SER G 222 22.16 -80.17 -5.02
N LYS G 223 21.38 -81.22 -4.78
CA LYS G 223 20.37 -81.69 -5.74
C LYS G 223 19.26 -80.63 -5.99
N ASP G 224 19.14 -79.68 -5.05
CA ASP G 224 18.02 -78.72 -4.97
C ASP G 224 18.39 -77.21 -5.17
N LYS G 225 17.92 -76.58 -6.26
CA LYS G 225 18.39 -75.22 -6.61
C LYS G 225 17.67 -73.94 -6.10
N MET G 226 16.45 -74.05 -5.56
CA MET G 226 15.87 -72.93 -4.78
C MET G 226 16.41 -72.94 -3.35
N ALA G 227 16.68 -74.15 -2.89
CA ALA G 227 17.41 -74.43 -1.65
C ALA G 227 18.82 -73.88 -1.78
N LEU G 228 19.53 -74.29 -2.83
CA LEU G 228 20.90 -73.82 -3.14
C LEU G 228 20.91 -72.31 -3.44
N GLN G 229 19.84 -71.79 -4.02
CA GLN G 229 19.80 -70.35 -4.21
C GLN G 229 19.74 -69.71 -2.82
N ARG G 230 18.80 -70.23 -2.02
CA ARG G 230 18.62 -69.85 -0.60
C ARG G 230 20.00 -69.81 0.09
N LEU G 231 20.81 -70.84 -0.22
CA LEU G 231 22.16 -71.04 0.27
C LEU G 231 23.10 -69.90 -0.16
N LYS G 232 23.21 -69.69 -1.48
CA LYS G 232 24.08 -68.66 -2.05
C LYS G 232 23.83 -67.30 -1.39
N ASP G 233 22.56 -66.96 -1.31
CA ASP G 233 22.18 -65.68 -0.78
C ASP G 233 22.52 -65.61 0.72
N ALA G 234 21.96 -66.51 1.52
CA ALA G 234 22.11 -66.41 2.98
C ALA G 234 23.58 -66.51 3.43
N ALA G 235 24.34 -67.28 2.65
CA ALA G 235 25.75 -67.53 2.91
C ALA G 235 26.60 -66.33 2.50
N GLU G 236 26.17 -65.65 1.44
CA GLU G 236 26.77 -64.38 1.08
C GLU G 236 26.64 -63.40 2.26
N LYS G 237 25.42 -63.35 2.79
CA LYS G 237 25.10 -62.56 3.99
C LYS G 237 26.07 -62.83 5.13
N ALA G 238 26.03 -64.07 5.64
CA ALA G 238 26.91 -64.47 6.72
C ALA G 238 28.35 -64.04 6.40
N LYS G 239 28.76 -64.18 5.12
CA LYS G 239 30.11 -63.76 4.71
C LYS G 239 30.38 -62.32 5.10
N LYS G 240 29.65 -61.40 4.48
CA LYS G 240 29.98 -59.99 4.64
C LYS G 240 29.81 -59.54 6.09
N GLU G 241 28.91 -60.23 6.80
CA GLU G 241 28.83 -60.11 8.25
C GLU G 241 30.18 -60.46 8.92
N LEU G 242 30.69 -61.68 8.69
CA LEU G 242 31.97 -62.14 9.26
C LEU G 242 33.02 -61.09 9.05
N SER G 243 32.98 -60.47 7.86
CA SER G 243 33.79 -59.28 7.59
C SER G 243 33.60 -58.19 8.66
N GLY G 244 32.43 -57.56 8.63
CA GLY G 244 32.18 -56.51 9.60
C GLY G 244 32.04 -57.04 11.03
N VAL G 245 31.03 -57.89 11.23
CA VAL G 245 30.58 -58.31 12.56
C VAL G 245 31.48 -59.31 13.32
N THR G 246 31.38 -59.27 14.65
CA THR G 246 32.09 -60.18 15.56
C THR G 246 31.39 -61.54 15.79
N GLN G 247 30.06 -61.57 15.67
CA GLN G 247 29.31 -62.84 15.78
C GLN G 247 28.21 -62.92 14.72
N THR G 248 27.79 -64.13 14.40
CA THR G 248 26.72 -64.33 13.42
C THR G 248 25.77 -65.51 13.72
N GLN G 249 24.78 -65.67 12.84
CA GLN G 249 23.92 -66.86 12.75
C GLN G 249 23.36 -66.82 11.34
N ILE G 250 22.71 -67.88 10.89
CA ILE G 250 21.94 -67.78 9.67
C ILE G 250 20.53 -68.34 9.87
N SER G 251 19.52 -67.55 9.54
CA SER G 251 18.16 -68.09 9.56
C SER G 251 17.80 -68.46 8.11
N LEU G 252 17.97 -69.75 7.82
CA LEU G 252 17.63 -70.35 6.53
C LEU G 252 16.32 -71.17 6.54
N PRO G 253 15.59 -71.13 7.66
CA PRO G 253 14.59 -72.16 8.03
C PRO G 253 13.32 -72.28 7.15
N PHE G 254 12.46 -73.24 7.51
CA PHE G 254 11.48 -73.84 6.58
C PHE G 254 12.17 -74.34 5.31
N ILE G 255 13.33 -74.98 5.52
CA ILE G 255 14.16 -75.59 4.47
C ILE G 255 13.49 -76.71 3.65
N SER G 256 13.20 -77.83 4.32
CA SER G 256 12.43 -78.94 3.74
C SER G 256 12.15 -80.06 4.75
N HIS G 264 14.82 -77.89 8.38
CA HIS G 264 15.27 -76.50 8.20
C HIS G 264 16.53 -76.15 9.02
N LEU G 265 17.51 -75.54 8.37
CA LEU G 265 18.77 -75.27 9.02
C LEU G 265 18.78 -73.88 9.66
N GLU G 266 18.81 -73.85 11.01
CA GLU G 266 19.11 -72.62 11.76
C GLU G 266 20.40 -72.76 12.58
N MET G 267 21.46 -72.09 12.12
CA MET G 267 22.79 -72.21 12.71
C MET G 267 23.29 -70.87 13.31
N THR G 268 24.25 -70.95 14.23
CA THR G 268 24.89 -69.74 14.73
C THR G 268 26.22 -69.63 14.02
N LEU G 269 26.26 -68.71 13.04
CA LEU G 269 27.31 -68.62 12.03
C LEU G 269 28.60 -68.08 12.64
N THR G 270 29.69 -68.85 12.53
CA THR G 270 30.91 -68.40 13.17
C THR G 270 31.87 -67.72 12.19
N ARG G 271 32.86 -67.06 12.78
CA ARG G 271 33.74 -66.11 12.11
C ARG G 271 35.11 -66.75 11.90
N ALA G 272 35.74 -67.14 13.02
CA ALA G 272 37.00 -67.91 13.01
C ALA G 272 36.88 -69.35 12.47
N LYS G 273 35.68 -69.91 12.41
CA LYS G 273 35.48 -71.15 11.68
C LYS G 273 35.37 -70.87 10.19
N PHE G 274 34.71 -69.76 9.85
CA PHE G 274 34.67 -69.30 8.47
C PHE G 274 36.05 -68.82 8.05
N GLU G 275 36.83 -68.34 9.01
CA GLU G 275 38.19 -67.87 8.76
C GLU G 275 39.16 -69.03 8.54
N GLU G 276 39.14 -70.01 9.43
CA GLU G 276 39.94 -71.22 9.23
C GLU G 276 39.37 -71.95 8.03
N LEU G 277 38.14 -71.57 7.68
CA LEU G 277 37.50 -72.06 6.47
C LEU G 277 38.19 -71.42 5.26
N SER G 278 38.37 -70.10 5.36
CA SER G 278 38.91 -69.25 4.31
C SER G 278 40.37 -68.82 4.45
N ALA G 279 41.08 -69.30 5.47
CA ALA G 279 42.43 -68.80 5.70
C ALA G 279 43.49 -69.55 4.86
N HIS G 280 43.02 -70.49 4.04
CA HIS G 280 43.85 -71.27 3.07
C HIS G 280 44.17 -70.63 1.68
N LEU G 281 43.17 -69.98 1.06
CA LEU G 281 43.31 -69.29 -0.25
C LEU G 281 43.92 -67.88 -0.16
N VAL G 282 44.06 -67.41 1.09
CA VAL G 282 44.70 -66.15 1.45
C VAL G 282 46.22 -66.27 1.26
N GLU G 283 46.71 -67.51 1.20
CA GLU G 283 48.09 -67.87 0.79
C GLU G 283 48.23 -68.35 -0.68
N ARG G 284 47.09 -68.37 -1.41
CA ARG G 284 47.06 -68.52 -2.88
C ARG G 284 47.22 -67.14 -3.53
N THR G 285 47.31 -66.14 -2.65
CA THR G 285 47.36 -64.73 -2.93
C THR G 285 48.79 -64.31 -2.66
N MET G 286 49.24 -64.57 -1.42
CA MET G 286 50.61 -64.32 -1.00
C MET G 286 51.60 -64.84 -2.05
N GLY G 287 51.22 -65.91 -2.75
CA GLY G 287 51.99 -66.33 -3.90
C GLY G 287 52.07 -65.29 -5.02
N PRO G 288 50.90 -64.86 -5.59
CA PRO G 288 50.88 -63.80 -6.61
C PRO G 288 51.61 -62.54 -6.16
N VAL G 289 51.35 -62.16 -4.91
CA VAL G 289 51.94 -60.99 -4.24
C VAL G 289 53.48 -60.98 -4.22
N ARG G 290 54.07 -62.03 -3.64
CA ARG G 290 55.53 -62.13 -3.53
C ARG G 290 56.18 -62.40 -4.92
N GLN G 291 55.42 -63.03 -5.83
CA GLN G 291 55.85 -63.20 -7.25
C GLN G 291 56.01 -61.85 -7.91
N ALA G 292 55.11 -60.93 -7.54
CA ALA G 292 55.32 -59.52 -7.86
C ALA G 292 56.60 -59.01 -7.17
N LEU G 293 56.72 -59.25 -5.86
CA LEU G 293 57.86 -58.75 -5.07
C LEU G 293 59.22 -59.09 -5.72
N GLN G 294 59.26 -60.23 -6.42
CA GLN G 294 60.38 -60.64 -7.31
C GLN G 294 60.37 -60.12 -8.78
N ASP G 295 59.18 -59.99 -9.39
CA ASP G 295 59.09 -59.42 -10.73
C ASP G 295 59.72 -58.01 -10.74
N ALA G 296 59.48 -57.24 -9.67
CA ALA G 296 60.12 -55.93 -9.43
C ALA G 296 61.53 -55.98 -8.77
N GLY G 297 61.71 -56.91 -7.83
CA GLY G 297 63.01 -57.16 -7.21
C GLY G 297 63.13 -56.56 -5.83
N LEU G 298 62.23 -55.61 -5.57
CA LEU G 298 62.26 -54.87 -4.33
C LEU G 298 61.39 -55.60 -3.31
N THR G 299 61.90 -55.74 -2.09
CA THR G 299 61.27 -56.53 -1.04
C THR G 299 59.93 -55.92 -0.59
N PRO G 300 59.15 -56.67 0.21
CA PRO G 300 57.93 -56.11 0.81
C PRO G 300 58.18 -54.76 1.50
N ALA G 301 59.44 -54.48 1.88
CA ALA G 301 59.81 -53.26 2.61
C ALA G 301 60.19 -52.06 1.72
N ASP G 302 60.03 -52.18 0.40
CA ASP G 302 60.42 -51.14 -0.55
C ASP G 302 59.35 -50.08 -0.98
N ILE G 303 58.09 -50.23 -0.53
CA ILE G 303 56.94 -49.46 -1.08
C ILE G 303 56.50 -48.20 -0.32
N ASP G 304 56.05 -47.15 -1.02
CA ASP G 304 55.50 -45.91 -0.40
C ASP G 304 53.99 -45.89 0.06
N LYS G 305 53.11 -46.54 -0.70
CA LYS G 305 51.68 -46.72 -0.38
C LYS G 305 51.18 -48.09 -0.99
N VAL G 306 50.12 -48.70 -0.45
CA VAL G 306 49.45 -49.87 -1.10
C VAL G 306 47.90 -49.97 -0.82
N ILE G 307 47.18 -50.68 -1.71
CA ILE G 307 45.68 -50.61 -1.74
C ILE G 307 44.84 -51.93 -1.84
N LEU G 308 43.55 -51.79 -1.44
CA LEU G 308 42.49 -52.84 -1.47
C LEU G 308 41.41 -52.60 -2.54
N VAL G 309 41.32 -53.45 -3.56
CA VAL G 309 40.34 -53.28 -4.65
C VAL G 309 39.44 -54.51 -4.80
N GLY G 310 38.34 -54.35 -5.54
CA GLY G 310 37.48 -55.46 -5.90
C GLY G 310 36.21 -55.54 -5.07
N GLY G 311 35.36 -56.52 -5.40
CA GLY G 311 34.09 -56.70 -4.72
C GLY G 311 34.10 -57.43 -3.39
N SER G 312 34.85 -58.52 -3.34
CA SER G 312 34.87 -59.41 -2.17
C SER G 312 35.98 -59.08 -1.18
N THR G 313 36.67 -57.95 -1.41
CA THR G 313 37.84 -57.53 -0.65
C THR G 313 37.48 -56.88 0.70
N ARG G 314 36.19 -56.81 0.96
CA ARG G 314 35.66 -56.13 2.14
C ARG G 314 35.80 -56.91 3.46
N ILE G 315 36.09 -58.21 3.39
CA ILE G 315 36.35 -59.03 4.57
C ILE G 315 37.78 -58.83 5.12
N PRO G 316 37.96 -58.89 6.46
CA PRO G 316 39.24 -58.86 7.20
C PRO G 316 40.24 -60.04 6.99
N ALA G 317 39.85 -61.10 6.28
CA ALA G 317 40.76 -62.20 5.88
C ALA G 317 42.11 -61.76 5.26
N VAL G 318 42.06 -61.20 4.06
CA VAL G 318 43.30 -60.75 3.41
C VAL G 318 44.06 -59.70 4.25
N GLN G 319 43.32 -58.83 4.96
CA GLN G 319 43.88 -57.66 5.73
C GLN G 319 44.61 -58.02 7.06
N GLU G 320 44.17 -59.14 7.68
CA GLU G 320 44.89 -59.85 8.75
C GLU G 320 46.04 -60.73 8.16
N ALA G 321 45.94 -61.13 6.87
CA ALA G 321 47.11 -61.71 6.15
C ALA G 321 48.22 -60.69 5.73
N ILE G 322 47.81 -59.43 5.49
CA ILE G 322 48.67 -58.25 5.23
C ILE G 322 49.27 -57.42 6.39
N LYS G 323 48.46 -57.03 7.39
CA LYS G 323 48.97 -56.19 8.50
C LYS G 323 50.25 -56.82 9.09
N ARG G 324 50.27 -58.16 9.08
CA ARG G 324 51.42 -59.02 9.44
C ARG G 324 52.27 -59.48 8.21
N GLU G 325 51.97 -58.96 7.03
CA GLU G 325 52.75 -59.24 5.82
C GLU G 325 53.69 -58.08 5.43
N LEU G 326 53.09 -56.94 5.04
CA LEU G 326 53.84 -55.73 4.60
C LEU G 326 54.04 -54.54 5.63
N GLY G 327 53.54 -54.69 6.86
CA GLY G 327 53.90 -53.80 7.97
C GLY G 327 52.92 -52.71 8.40
N LYS G 328 51.98 -52.41 7.52
CA LYS G 328 51.05 -51.30 7.72
C LYS G 328 49.65 -51.59 7.15
N GLU G 329 48.72 -50.64 7.33
CA GLU G 329 47.34 -50.75 6.82
C GLU G 329 47.14 -50.13 5.41
N PRO G 330 46.12 -50.62 4.66
CA PRO G 330 45.75 -50.18 3.31
C PRO G 330 44.94 -48.88 3.28
N HIS G 331 44.88 -48.20 2.12
CA HIS G 331 43.99 -47.03 1.98
C HIS G 331 42.59 -47.57 1.54
N LYS G 332 41.64 -47.48 2.49
CA LYS G 332 40.25 -47.97 2.39
C LYS G 332 39.31 -46.84 1.96
N GLY G 333 39.90 -45.70 1.59
CA GLY G 333 39.18 -44.45 1.44
C GLY G 333 38.23 -44.53 0.26
N VAL G 334 38.09 -45.72 -0.32
CA VAL G 334 37.12 -45.92 -1.41
C VAL G 334 35.93 -46.82 -1.02
N ASN G 335 35.05 -47.00 -2.00
CA ASN G 335 33.97 -47.97 -2.00
C ASN G 335 34.45 -48.87 -3.14
N PRO G 336 35.33 -49.83 -2.79
CA PRO G 336 36.13 -50.66 -3.69
C PRO G 336 35.32 -51.28 -4.83
N ASP G 337 34.09 -51.71 -4.56
CA ASP G 337 33.29 -52.42 -5.56
C ASP G 337 33.26 -51.76 -6.95
N GLU G 338 33.00 -50.46 -7.02
CA GLU G 338 32.91 -49.82 -8.33
C GLU G 338 34.20 -49.08 -8.72
N VAL G 339 35.22 -49.20 -7.87
CA VAL G 339 36.39 -48.28 -7.80
C VAL G 339 37.18 -48.04 -9.12
N VAL G 340 36.94 -48.88 -10.12
CA VAL G 340 37.55 -48.68 -11.44
C VAL G 340 36.88 -47.54 -12.23
N ALA G 341 35.55 -47.50 -12.18
CA ALA G 341 34.68 -46.65 -13.03
C ALA G 341 35.04 -45.18 -12.91
N ILE G 342 34.85 -44.65 -11.71
CA ILE G 342 35.17 -43.26 -11.40
C ILE G 342 36.63 -42.95 -11.78
N GLY G 343 37.53 -43.84 -11.40
CA GLY G 343 38.92 -43.68 -11.79
C GLY G 343 39.06 -43.36 -13.26
N ALA G 344 38.39 -44.12 -14.12
CA ALA G 344 38.44 -43.85 -15.56
C ALA G 344 38.17 -42.38 -15.88
N ALA G 345 37.22 -41.76 -15.21
CA ALA G 345 36.86 -40.38 -15.52
C ALA G 345 37.62 -39.29 -14.76
N ILE G 346 38.36 -39.67 -13.73
CA ILE G 346 39.11 -38.66 -12.97
C ILE G 346 39.86 -37.78 -13.95
N GLN G 347 40.86 -38.34 -14.60
CA GLN G 347 41.55 -37.53 -15.60
C GLN G 347 40.58 -37.15 -16.74
N GLY G 348 39.50 -37.94 -16.89
CA GLY G 348 38.48 -37.66 -17.88
C GLY G 348 38.10 -36.20 -17.79
N GLY G 349 38.06 -35.71 -16.56
CA GLY G 349 37.81 -34.31 -16.27
C GLY G 349 39.04 -33.53 -15.87
N VAL G 350 40.20 -34.18 -15.83
CA VAL G 350 41.46 -33.44 -15.67
C VAL G 350 42.01 -32.91 -17.02
N ILE G 351 41.45 -33.44 -18.11
CA ILE G 351 41.86 -33.13 -19.48
C ILE G 351 41.00 -32.06 -20.16
N ALA G 352 39.72 -32.42 -20.34
CA ALA G 352 38.69 -31.72 -21.13
C ALA G 352 37.89 -30.69 -20.32
N GLY G 353 38.42 -30.34 -19.16
CA GLY G 353 37.65 -29.77 -18.06
C GLY G 353 38.53 -29.10 -17.01
N GLU G 354 38.00 -29.04 -15.79
CA GLU G 354 38.56 -28.24 -14.70
C GLU G 354 40.03 -28.46 -14.46
N VAL G 355 40.66 -27.39 -13.99
CA VAL G 355 42.08 -27.34 -13.61
C VAL G 355 42.21 -26.90 -12.12
N LYS G 356 43.42 -26.49 -11.72
CA LYS G 356 43.88 -26.52 -10.31
C LYS G 356 42.94 -25.95 -9.22
N ASP G 357 42.73 -26.76 -8.18
CA ASP G 357 41.60 -26.59 -7.26
C ASP G 357 41.94 -26.39 -5.77
N VAL G 358 41.72 -25.15 -5.26
CA VAL G 358 41.78 -24.87 -3.80
C VAL G 358 40.56 -25.50 -3.10
N VAL G 359 39.35 -25.03 -3.43
CA VAL G 359 38.15 -25.51 -2.75
C VAL G 359 38.28 -25.20 -1.24
N LEU G 360 38.64 -23.94 -0.94
CA LEU G 360 38.82 -23.51 0.45
C LEU G 360 38.00 -22.29 0.90
N LEU G 361 37.88 -22.19 2.22
CA LEU G 361 36.80 -21.48 2.91
C LEU G 361 35.44 -21.92 2.34
N ASP G 362 35.27 -23.25 2.37
CA ASP G 362 34.03 -23.92 2.00
C ASP G 362 33.02 -23.98 3.16
N VAL G 363 33.35 -23.35 4.31
CA VAL G 363 32.45 -23.36 5.49
C VAL G 363 32.21 -21.98 6.21
N THR G 364 31.04 -21.87 6.87
CA THR G 364 30.59 -20.65 7.59
C THR G 364 30.74 -20.77 9.11
N PRO G 365 31.41 -19.76 9.74
CA PRO G 365 31.68 -19.85 11.18
C PRO G 365 30.43 -20.16 12.00
N LEU G 366 29.35 -19.41 11.76
CA LEU G 366 28.16 -19.52 12.61
C LEU G 366 26.86 -19.15 11.90
N SER G 367 25.75 -19.55 12.52
CA SER G 367 24.43 -19.09 12.10
C SER G 367 24.29 -17.60 12.41
N LEU G 368 24.02 -16.82 11.35
CA LEU G 368 23.85 -15.37 11.44
C LEU G 368 22.39 -14.97 11.21
N GLY G 369 21.96 -14.04 12.04
CA GLY G 369 20.57 -13.65 12.03
C GLY G 369 20.58 -12.32 12.75
N ILE G 370 19.42 -11.82 13.13
CA ILE G 370 19.37 -10.45 13.60
C ILE G 370 18.28 -10.29 14.60
N GLU G 371 18.05 -9.04 14.99
CA GLU G 371 17.33 -8.65 16.20
C GLU G 371 15.83 -8.48 15.98
N THR G 372 15.05 -9.50 16.35
CA THR G 372 13.61 -9.44 16.16
C THR G 372 13.11 -8.92 17.47
N MET G 373 11.83 -8.57 17.52
CA MET G 373 11.07 -8.55 18.78
C MET G 373 12.00 -8.41 19.99
N GLY G 374 12.69 -7.27 20.06
CA GLY G 374 13.60 -6.99 21.15
C GLY G 374 14.62 -8.07 21.42
N GLY G 375 15.34 -8.51 20.41
CA GLY G 375 16.43 -9.43 20.67
C GLY G 375 16.21 -10.88 20.34
N VAL G 376 14.96 -11.33 20.16
CA VAL G 376 14.74 -12.72 19.73
C VAL G 376 15.49 -12.88 18.44
N PHE G 377 16.34 -13.90 18.36
CA PHE G 377 17.27 -14.02 17.24
C PHE G 377 16.83 -15.04 16.17
N THR G 378 16.58 -14.54 14.97
CA THR G 378 16.23 -15.42 13.87
C THR G 378 17.38 -15.51 12.87
N LYS G 379 17.55 -16.73 12.39
CA LYS G 379 18.64 -17.05 11.50
C LYS G 379 18.22 -16.78 10.07
N LEU G 380 19.18 -16.33 9.27
CA LEU G 380 19.11 -16.39 7.80
C LEU G 380 20.26 -17.28 7.33
N ILE G 381 21.49 -16.87 7.62
CA ILE G 381 22.65 -17.71 7.41
C ILE G 381 22.69 -18.82 8.46
N GLU G 382 22.93 -20.06 8.08
CA GLU G 382 23.23 -21.06 9.10
C GLU G 382 24.76 -21.16 9.28
N ARG G 383 25.22 -22.13 10.08
CA ARG G 383 26.66 -22.47 10.19
C ARG G 383 27.06 -23.34 8.98
N ASN G 384 28.36 -23.64 8.86
CA ASN G 384 28.89 -24.62 7.88
C ASN G 384 28.80 -24.22 6.38
N THR G 385 28.17 -23.07 6.11
CA THR G 385 27.78 -22.68 4.75
C THR G 385 28.90 -22.09 3.89
N THR G 386 28.99 -22.62 2.67
CA THR G 386 30.04 -22.22 1.78
C THR G 386 30.03 -20.67 1.77
N ILE G 387 31.20 -20.09 2.03
CA ILE G 387 31.35 -18.64 2.28
C ILE G 387 30.97 -17.66 1.14
N PRO G 388 31.34 -17.97 -0.11
CA PRO G 388 30.96 -16.99 -1.13
C PRO G 388 29.45 -17.01 -1.40
N THR G 389 28.63 -16.52 -0.47
CA THR G 389 27.19 -16.52 -0.65
C THR G 389 26.54 -15.39 0.15
N SER G 390 25.32 -15.06 -0.24
CA SER G 390 24.53 -14.08 0.50
C SER G 390 23.03 -14.42 0.44
N LYS G 391 22.33 -14.22 1.57
CA LYS G 391 20.91 -14.55 1.71
C LYS G 391 20.14 -13.31 2.11
N SER G 392 18.92 -13.18 1.64
CA SER G 392 18.23 -11.94 1.90
C SER G 392 16.82 -12.13 2.42
N GLN G 393 16.47 -11.29 3.39
CA GLN G 393 15.15 -11.33 4.00
C GLN G 393 14.68 -9.95 4.42
N VAL G 394 13.35 -9.85 4.45
CA VAL G 394 12.68 -8.60 4.64
C VAL G 394 11.70 -8.77 5.79
N PHE G 395 11.93 -7.95 6.79
CA PHE G 395 11.00 -7.81 7.88
C PHE G 395 10.03 -6.66 7.57
N THR G 396 9.31 -6.21 8.61
CA THR G 396 8.39 -5.06 8.54
C THR G 396 8.38 -4.31 9.88
N THR G 397 7.33 -3.50 10.10
CA THR G 397 7.22 -2.62 11.26
C THR G 397 7.03 -3.22 12.62
N ALA G 398 7.86 -2.84 13.58
CA ALA G 398 7.61 -3.22 14.94
C ALA G 398 6.21 -2.73 15.20
N ALA G 399 6.07 -1.43 15.33
CA ALA G 399 4.80 -0.84 15.72
C ALA G 399 4.35 0.27 14.77
N ASP G 400 3.06 0.56 14.77
CA ASP G 400 2.53 1.52 13.81
C ASP G 400 3.43 2.74 13.84
N ASN G 401 3.67 3.31 12.66
CA ASN G 401 4.37 4.57 12.52
C ASN G 401 5.84 4.56 12.87
N GLN G 402 6.50 3.42 12.78
CA GLN G 402 7.93 3.41 13.09
C GLN G 402 8.49 4.45 12.17
N THR G 403 9.10 5.48 12.74
CA THR G 403 9.62 6.57 11.94
C THR G 403 10.97 6.15 11.47
N THR G 404 11.53 5.20 12.18
CA THR G 404 12.85 4.75 11.84
C THR G 404 13.06 3.35 12.41
N VAL G 405 14.04 2.63 11.85
CA VAL G 405 14.42 1.32 12.35
C VAL G 405 15.93 1.12 12.45
N ASP G 406 16.31 0.75 13.65
CA ASP G 406 17.66 0.34 13.98
C ASP G 406 17.83 -1.15 13.63
N ILE G 407 19.06 -1.53 13.28
CA ILE G 407 19.35 -2.91 12.97
C ILE G 407 20.47 -3.44 13.86
N HIS G 408 20.22 -4.61 14.45
CA HIS G 408 21.15 -5.33 15.33
C HIS G 408 21.20 -6.80 14.98
N VAL G 409 22.39 -7.26 14.64
CA VAL G 409 22.62 -8.61 14.14
C VAL G 409 23.49 -9.46 15.07
N LEU G 410 23.15 -10.74 15.14
CA LEU G 410 23.84 -11.69 16.00
C LEU G 410 24.50 -12.79 15.19
N GLN G 411 25.49 -13.40 15.87
CA GLN G 411 26.18 -14.62 15.45
C GLN G 411 26.24 -15.63 16.59
N GLY G 412 25.77 -16.84 16.31
CA GLY G 412 25.76 -17.92 17.25
C GLY G 412 24.55 -18.77 16.94
N GLU G 413 24.11 -19.55 17.93
CA GLU G 413 22.92 -20.38 17.79
C GLU G 413 21.82 -20.01 18.79
N ARG G 414 22.20 -19.94 20.06
CA ARG G 414 21.24 -19.68 21.12
C ARG G 414 20.36 -18.54 20.68
N PRO G 415 19.05 -18.80 20.57
CA PRO G 415 18.09 -17.75 20.21
C PRO G 415 17.94 -16.62 21.25
N MET G 416 19.04 -15.92 21.61
CA MET G 416 18.96 -14.74 22.48
C MET G 416 20.02 -13.68 22.33
N ALA G 417 19.61 -12.46 22.68
CA ALA G 417 20.28 -11.17 22.40
C ALA G 417 21.74 -11.04 22.84
N ALA G 418 21.97 -11.04 24.15
CA ALA G 418 23.32 -11.08 24.73
C ALA G 418 23.80 -12.52 25.14
N ASP G 419 22.90 -13.51 24.99
CA ASP G 419 23.24 -14.93 24.95
C ASP G 419 23.88 -15.12 23.58
N ASN G 420 23.98 -14.03 22.82
CA ASN G 420 24.79 -13.99 21.59
C ASN G 420 25.75 -12.81 21.39
N LYS G 421 26.62 -12.96 20.41
CA LYS G 421 27.67 -11.96 20.14
C LYS G 421 27.14 -10.77 19.34
N SER G 422 27.17 -9.57 19.92
CA SER G 422 26.63 -8.39 19.23
C SER G 422 27.51 -8.15 18.04
N LEU G 423 26.92 -8.14 16.85
CA LEU G 423 27.77 -7.95 15.69
C LEU G 423 27.66 -6.53 15.20
N GLY G 424 26.60 -6.24 14.45
CA GLY G 424 26.32 -4.87 14.05
C GLY G 424 25.22 -4.16 14.80
N ARG G 425 25.37 -2.84 14.93
CA ARG G 425 24.27 -1.95 15.28
C ARG G 425 24.36 -0.67 14.43
N PHE G 426 23.36 -0.45 13.57
CA PHE G 426 23.28 0.79 12.79
C PHE G 426 21.83 1.05 12.41
N GLN G 427 21.43 2.31 12.29
CA GLN G 427 20.02 2.59 12.01
C GLN G 427 19.68 3.30 10.70
N LEU G 428 18.38 3.37 10.46
CA LEU G 428 17.86 3.75 9.16
C LEU G 428 16.57 4.58 9.30
N THR G 429 16.54 5.79 8.75
CA THR G 429 15.39 6.68 9.01
C THR G 429 14.74 7.34 7.79
N GLY G 430 13.53 7.86 7.99
CA GLY G 430 12.76 8.49 6.94
C GLY G 430 11.57 7.64 6.53
N ILE G 431 11.47 6.46 7.12
CA ILE G 431 10.43 5.57 6.70
C ILE G 431 9.17 6.39 6.69
N PRO G 432 8.28 6.12 5.76
CA PRO G 432 6.94 6.69 5.74
C PRO G 432 6.10 6.18 6.90
N PRO G 433 5.36 7.08 7.55
CA PRO G 433 4.43 6.75 8.65
C PRO G 433 3.23 5.98 8.20
N ALA G 434 2.95 4.87 8.85
CA ALA G 434 1.81 4.05 8.46
C ALA G 434 1.75 2.73 9.24
N PRO G 435 0.61 2.01 9.15
CA PRO G 435 0.32 0.90 10.05
C PRO G 435 1.48 -0.05 10.18
N ARG G 436 1.67 -0.64 11.36
CA ARG G 436 2.77 -1.59 11.58
C ARG G 436 2.62 -2.83 10.73
N GLY G 437 3.78 -3.42 10.42
CA GLY G 437 3.86 -4.65 9.66
C GLY G 437 3.91 -4.45 8.17
N VAL G 438 3.39 -3.30 7.72
CA VAL G 438 3.21 -3.04 6.31
C VAL G 438 4.42 -2.75 5.47
N PRO G 439 5.21 -1.76 5.87
CA PRO G 439 6.31 -1.27 5.06
C PRO G 439 7.36 -2.35 4.99
N GLN G 440 8.12 -2.41 3.92
CA GLN G 440 9.06 -3.49 3.74
C GLN G 440 10.46 -2.94 3.84
N ILE G 441 11.26 -3.57 4.68
CA ILE G 441 12.69 -3.28 4.76
C ILE G 441 13.53 -4.54 4.51
N GLU G 442 14.48 -4.43 3.58
CA GLU G 442 15.25 -5.61 3.18
C GLU G 442 16.60 -5.60 3.82
N VAL G 443 17.05 -6.78 4.14
CA VAL G 443 18.43 -6.96 4.48
C VAL G 443 18.98 -8.17 3.73
N THR G 444 19.90 -7.89 2.84
CA THR G 444 20.67 -8.91 2.19
C THR G 444 21.90 -9.06 3.07
N PHE G 445 22.06 -10.22 3.65
CA PHE G 445 23.32 -10.52 4.25
C PHE G 445 24.10 -10.87 3.01
N ASP G 446 25.15 -10.11 2.74
CA ASP G 446 25.98 -10.36 1.58
C ASP G 446 27.34 -10.82 2.03
N ILE G 447 27.59 -12.12 1.90
CA ILE G 447 28.80 -12.74 2.42
C ILE G 447 29.68 -13.10 1.26
N ASP G 448 30.84 -12.46 1.20
CA ASP G 448 31.79 -12.72 0.13
C ASP G 448 32.48 -14.04 0.39
N ALA G 449 33.51 -14.36 -0.37
CA ALA G 449 34.29 -15.52 -0.01
C ALA G 449 35.26 -15.22 1.13
N ASN G 450 35.93 -14.07 1.04
CA ASN G 450 37.13 -13.76 1.82
C ASN G 450 36.98 -13.39 3.31
N GLY G 451 35.75 -13.22 3.80
CA GLY G 451 35.52 -13.06 5.24
C GLY G 451 35.10 -11.73 5.86
N ILE G 452 35.20 -10.64 5.14
CA ILE G 452 34.57 -9.39 5.55
C ILE G 452 33.13 -9.39 5.00
N VAL G 453 32.11 -9.37 5.88
CA VAL G 453 30.72 -9.46 5.38
C VAL G 453 29.96 -8.10 5.26
N HIS G 454 29.39 -7.88 4.07
CA HIS G 454 28.56 -6.73 3.77
C HIS G 454 27.13 -7.09 4.19
N VAL G 455 26.37 -6.14 4.73
CA VAL G 455 24.95 -6.37 5.00
C VAL G 455 24.01 -5.15 4.78
N ARG G 456 23.01 -5.31 3.91
CA ARG G 456 22.12 -4.21 3.52
C ARG G 456 20.69 -4.29 4.06
N ALA G 457 20.15 -3.14 4.41
CA ALA G 457 18.73 -3.00 4.73
C ALA G 457 18.28 -1.73 4.04
N LYS G 458 17.17 -1.82 3.33
CA LYS G 458 16.68 -0.68 2.60
C LYS G 458 15.19 -0.82 2.41
N ASP G 459 14.47 0.29 2.54
CA ASP G 459 13.04 0.23 2.43
C ASP G 459 12.79 -0.19 1.03
N LEU G 460 11.58 -0.61 0.73
CA LEU G 460 11.22 -0.73 -0.66
C LEU G 460 10.72 0.60 -1.17
N GLY G 461 9.51 0.95 -0.77
CA GLY G 461 8.88 2.14 -1.30
C GLY G 461 9.75 3.37 -1.23
N THR G 462 10.74 3.35 -0.34
CA THR G 462 11.68 4.45 -0.26
C THR G 462 12.64 4.26 -1.38
N ASN G 463 13.30 3.12 -1.35
CA ASN G 463 14.55 2.96 -2.03
C ASN G 463 15.60 3.80 -1.33
N LYS G 464 15.35 4.18 -0.07
CA LYS G 464 16.42 4.72 0.77
C LYS G 464 17.04 3.54 1.52
N GLU G 465 18.37 3.46 1.54
CA GLU G 465 19.09 2.24 1.96
C GLU G 465 20.28 2.48 2.87
N GLN G 466 20.33 1.76 3.98
CA GLN G 466 21.56 1.73 4.75
C GLN G 466 22.08 0.30 4.91
N SER G 467 23.37 0.15 4.65
CA SER G 467 24.05 -1.12 4.75
C SER G 467 25.32 -0.88 5.53
N ILE G 468 25.98 -1.97 5.90
CA ILE G 468 27.21 -1.91 6.65
C ILE G 468 28.26 -2.85 6.07
N THR G 469 29.52 -2.44 6.16
CA THR G 469 30.65 -3.30 5.85
C THR G 469 31.43 -3.59 7.14
N ILE G 470 31.30 -4.82 7.65
CA ILE G 470 31.87 -5.18 8.96
C ILE G 470 33.38 -5.31 8.78
N LYS G 471 34.10 -5.74 9.80
CA LYS G 471 35.54 -5.95 9.60
C LYS G 471 36.02 -7.41 9.77
N SER G 472 36.20 -7.86 11.02
CA SER G 472 36.83 -9.16 11.33
C SER G 472 35.90 -10.37 11.14
N SER G 473 34.71 -10.28 11.74
CA SER G 473 33.69 -11.33 11.74
C SER G 473 34.10 -12.42 12.71
N SER G 474 35.42 -12.52 12.93
CA SER G 474 36.03 -13.51 13.83
C SER G 474 37.09 -12.84 14.71
N GLY G 475 38.21 -12.48 14.07
CA GLY G 475 39.33 -11.79 14.71
C GLY G 475 40.07 -12.71 15.66
N LEU G 476 39.48 -13.90 15.87
CA LEU G 476 39.86 -14.83 16.93
C LEU G 476 40.09 -16.29 16.43
N SER G 477 40.23 -17.22 17.39
CA SER G 477 40.68 -18.60 17.17
C SER G 477 39.61 -19.72 17.15
N GLU G 478 40.06 -20.93 16.86
CA GLU G 478 39.18 -22.09 16.74
C GLU G 478 38.50 -22.48 18.06
N GLU G 479 39.30 -22.75 19.10
CA GLU G 479 38.80 -23.19 20.40
C GLU G 479 37.75 -22.27 20.99
N GLU G 480 37.96 -20.97 20.83
CA GLU G 480 37.07 -19.95 21.37
C GLU G 480 35.66 -20.07 20.77
N ILE G 481 35.62 -20.28 19.45
CA ILE G 481 34.36 -20.49 18.74
C ILE G 481 33.73 -21.81 19.18
N GLN G 482 34.46 -22.91 19.03
CA GLN G 482 33.89 -24.23 19.27
C GLN G 482 33.47 -24.41 20.71
N ARG G 483 34.07 -23.62 21.60
CA ARG G 483 33.69 -23.56 23.01
C ARG G 483 32.27 -22.99 23.16
N MET G 484 31.92 -22.11 22.22
CA MET G 484 30.57 -21.59 22.12
C MET G 484 29.62 -22.53 21.37
N ILE G 485 30.09 -23.10 20.26
CA ILE G 485 29.30 -24.06 19.52
C ILE G 485 28.91 -25.14 20.49
N LYS G 486 29.83 -25.44 21.40
CA LYS G 486 29.56 -26.30 22.55
C LYS G 486 28.52 -25.61 23.43
N GLU G 487 28.73 -24.32 23.71
CA GLU G 487 27.88 -23.58 24.64
C GLU G 487 26.36 -23.61 24.35
N ALA G 488 25.98 -23.49 23.08
CA ALA G 488 24.58 -23.64 22.71
C ALA G 488 24.05 -25.00 23.16
N GLU G 489 24.82 -26.05 22.86
CA GLU G 489 24.42 -27.38 23.26
C GLU G 489 24.32 -27.47 24.77
N GLU G 490 25.39 -27.01 25.42
CA GLU G 490 25.55 -26.97 26.88
C GLU G 490 24.32 -26.36 27.58
N ASN G 491 23.80 -25.25 27.02
CA ASN G 491 22.59 -24.67 27.58
C ASN G 491 21.33 -25.57 27.44
N ALA G 492 21.13 -26.25 26.29
CA ALA G 492 20.08 -27.29 26.22
C ALA G 492 18.76 -26.83 26.87
N GLU G 493 17.99 -26.04 26.13
CA GLU G 493 16.80 -25.26 26.57
C GLU G 493 16.98 -24.02 27.52
N ALA G 494 17.58 -22.94 26.99
CA ALA G 494 17.37 -21.55 27.42
C ALA G 494 16.21 -20.99 26.60
N ASP G 495 15.55 -21.93 25.91
CA ASP G 495 14.38 -21.72 25.05
C ASP G 495 13.16 -21.23 25.82
N ARG G 496 13.33 -21.12 27.13
CA ARG G 496 12.32 -20.57 28.01
C ARG G 496 11.78 -19.22 27.51
N LYS G 497 12.56 -18.56 26.66
CA LYS G 497 12.15 -17.29 26.03
C LYS G 497 11.00 -17.42 25.01
N ARG G 498 10.43 -18.62 24.87
CA ARG G 498 9.10 -18.74 24.27
C ARG G 498 8.14 -17.89 25.12
N LYS G 499 8.64 -17.47 26.28
CA LYS G 499 8.00 -16.49 27.16
C LYS G 499 7.78 -15.14 26.45
N GLU G 500 8.78 -14.72 25.68
CA GLU G 500 8.63 -13.56 24.82
C GLU G 500 7.96 -13.97 23.50
N ALA G 501 7.74 -15.28 23.34
CA ALA G 501 7.02 -15.77 22.17
C ALA G 501 5.53 -15.56 22.41
N ALA G 502 5.14 -15.55 23.68
CA ALA G 502 3.76 -15.24 24.04
C ALA G 502 3.59 -13.74 24.33
N GLU G 503 4.66 -12.98 24.08
CA GLU G 503 4.73 -11.50 24.17
C GLU G 503 4.16 -10.87 22.88
N LEU G 504 3.59 -11.76 22.07
CA LEU G 504 2.66 -11.38 21.02
C LEU G 504 1.44 -10.75 21.67
N ARG G 505 1.47 -10.66 23.00
CA ARG G 505 0.58 -9.78 23.76
C ARG G 505 0.67 -8.40 23.17
N ASN G 506 1.80 -8.14 22.51
CA ASN G 506 2.09 -6.83 21.90
C ASN G 506 0.91 -6.35 21.06
N GLU G 507 0.21 -7.33 20.46
CA GLU G 507 -1.02 -7.12 19.71
C GLU G 507 -2.11 -6.63 20.64
N ALA G 508 -2.66 -5.45 20.34
CA ALA G 508 -3.69 -4.83 21.17
C ALA G 508 -4.89 -4.51 20.29
N ASP G 509 -5.97 -5.25 20.49
CA ASP G 509 -7.17 -5.18 19.64
C ASP G 509 -8.28 -5.95 20.34
N MET H 1 -6.61 -8.67 16.10
CA MET H 1 -7.23 -9.14 14.86
C MET H 1 -6.94 -10.63 14.65
N SER H 2 -6.87 -11.36 15.75
CA SER H 2 -6.57 -12.79 15.77
C SER H 2 -7.64 -13.65 15.04
N LYS H 3 -7.31 -14.91 14.74
CA LYS H 3 -8.28 -15.78 14.06
C LYS H 3 -9.49 -16.18 14.92
N ILE H 4 -10.54 -16.66 14.26
CA ILE H 4 -11.74 -17.15 14.95
C ILE H 4 -12.15 -18.56 14.52
N ILE H 5 -12.09 -19.49 15.48
CA ILE H 5 -12.19 -20.94 15.22
C ILE H 5 -13.48 -21.57 15.71
N GLY H 6 -13.98 -22.56 14.97
CA GLY H 6 -15.08 -23.40 15.43
C GLY H 6 -14.69 -24.61 16.28
N ILE H 7 -15.52 -24.89 17.30
CA ILE H 7 -15.35 -26.03 18.22
C ILE H 7 -16.69 -26.70 18.62
N ASP H 8 -16.83 -28.01 18.34
CA ASP H 8 -18.02 -28.77 18.80
C ASP H 8 -17.74 -29.63 20.05
N LEU H 9 -18.48 -29.37 21.14
CA LEU H 9 -18.30 -30.02 22.43
C LEU H 9 -19.45 -30.99 22.71
N GLY H 10 -19.15 -32.12 23.38
CA GLY H 10 -20.15 -33.12 23.73
C GLY H 10 -19.74 -34.31 24.60
N THR H 11 -20.60 -35.33 24.62
CA THR H 11 -20.34 -36.55 25.38
C THR H 11 -19.26 -37.39 24.73
N THR H 12 -19.61 -37.92 23.54
CA THR H 12 -18.71 -38.76 22.73
C THR H 12 -17.35 -38.10 22.61
N ASN H 13 -17.26 -37.07 21.76
CA ASN H 13 -16.04 -36.28 21.63
C ASN H 13 -16.30 -34.98 20.88
N SER H 14 -15.25 -34.17 20.80
CA SER H 14 -15.34 -32.80 20.29
C SER H 14 -14.40 -32.65 19.07
N CYS H 15 -14.72 -31.75 18.15
CA CYS H 15 -13.82 -31.49 17.01
C CYS H 15 -13.77 -30.03 16.49
N VAL H 16 -12.56 -29.51 16.30
CA VAL H 16 -12.35 -28.07 16.07
C VAL H 16 -11.86 -27.65 14.69
N ALA H 17 -12.76 -27.05 13.92
CA ALA H 17 -12.45 -26.65 12.57
C ALA H 17 -12.32 -25.12 12.40
N VAL H 18 -11.24 -24.70 11.76
CA VAL H 18 -11.02 -23.27 11.48
C VAL H 18 -11.02 -22.98 9.97
N LEU H 19 -11.41 -21.77 9.59
CA LEU H 19 -11.36 -21.37 8.18
C LEU H 19 -9.96 -20.84 7.84
N GLU H 20 -9.26 -21.52 6.94
CA GLU H 20 -7.99 -21.01 6.43
C GLU H 20 -8.02 -20.95 4.92
N GLY H 21 -7.36 -19.92 4.38
CA GLY H 21 -7.39 -19.69 2.95
C GLY H 21 -8.81 -19.64 2.40
N GLY H 22 -9.05 -20.42 1.35
CA GLY H 22 -10.38 -20.55 0.76
C GLY H 22 -11.40 -21.26 1.63
N GLU H 23 -10.99 -22.36 2.26
CA GLU H 23 -11.94 -23.24 2.95
C GLU H 23 -11.54 -23.57 4.39
N VAL H 24 -12.27 -24.52 4.97
CA VAL H 24 -12.05 -24.90 6.36
C VAL H 24 -11.20 -26.16 6.55
N LYS H 25 -10.11 -26.06 7.30
CA LYS H 25 -9.32 -27.22 7.68
C LYS H 25 -9.53 -27.47 9.17
N VAL H 26 -9.38 -28.72 9.65
CA VAL H 26 -9.38 -28.99 11.10
C VAL H 26 -7.99 -28.62 11.68
N ILE H 27 -7.70 -29.03 12.91
CA ILE H 27 -6.40 -28.69 13.48
C ILE H 27 -5.53 -29.93 13.70
N PRO H 28 -4.33 -29.72 14.26
CA PRO H 28 -3.43 -30.80 14.67
C PRO H 28 -3.15 -30.78 16.18
N ASN H 29 -3.45 -31.92 16.86
CA ASN H 29 -3.19 -32.13 18.29
C ASN H 29 -1.67 -32.24 18.46
N PRO H 30 -1.18 -32.37 19.70
CA PRO H 30 0.27 -32.53 19.88
C PRO H 30 0.70 -33.92 19.37
N GLU H 31 -0.25 -34.86 19.44
CA GLU H 31 -0.30 -36.05 18.58
C GLU H 31 -1.37 -35.87 17.48
N GLY H 32 -1.75 -36.97 16.84
CA GLY H 32 -2.63 -36.97 15.70
C GLY H 32 -4.01 -36.64 16.24
N ASN H 33 -5.01 -37.44 15.89
CA ASN H 33 -6.37 -37.24 16.40
C ASN H 33 -7.12 -36.04 15.85
N ARG H 34 -7.61 -36.23 14.63
CA ARG H 34 -8.69 -35.42 14.06
C ARG H 34 -9.90 -35.35 15.03
N THR H 35 -9.98 -36.32 15.95
CA THR H 35 -10.90 -36.25 17.08
C THR H 35 -10.09 -36.47 18.36
N THR H 36 -10.25 -35.56 19.30
CA THR H 36 -9.70 -35.76 20.64
C THR H 36 -10.84 -36.14 21.60
N PRO H 37 -10.53 -37.02 22.55
CA PRO H 37 -11.53 -37.76 23.31
C PRO H 37 -12.07 -36.99 24.53
N SER H 38 -13.39 -37.03 24.71
CA SER H 38 -14.00 -36.24 25.76
C SER H 38 -13.59 -36.83 27.08
N VAL H 39 -12.76 -36.08 27.79
CA VAL H 39 -12.27 -36.48 29.09
C VAL H 39 -11.18 -35.50 29.47
N VAL H 40 -10.81 -35.49 30.77
CA VAL H 40 -9.66 -34.75 31.30
C VAL H 40 -9.22 -35.31 32.70
N ALA H 41 -7.99 -34.99 33.13
CA ALA H 41 -7.59 -35.22 34.55
C ALA H 41 -6.25 -34.61 35.05
N PHE H 42 -5.98 -34.83 36.35
CA PHE H 42 -4.69 -34.54 36.98
C PHE H 42 -4.58 -35.33 38.29
N LYS H 43 -3.34 -35.47 38.79
CA LYS H 43 -3.07 -36.08 40.11
C LYS H 43 -2.38 -35.05 41.02
N ASN H 44 -1.21 -34.57 40.56
CA ASN H 44 -0.49 -33.42 41.13
C ASN H 44 0.25 -32.59 40.05
N GLY H 45 0.30 -31.27 40.20
CA GLY H 45 0.91 -30.42 39.18
C GLY H 45 0.07 -30.37 37.90
N GLU H 46 0.74 -30.18 36.76
CA GLU H 46 0.08 -29.92 35.46
C GLU H 46 -0.85 -31.05 35.00
N ARG H 47 -1.81 -30.75 34.12
CA ARG H 47 -2.84 -31.73 33.74
C ARG H 47 -2.85 -32.08 32.25
N LEU H 48 -3.77 -32.96 31.87
CA LEU H 48 -3.96 -33.33 30.47
C LEU H 48 -5.36 -33.90 30.15
N VAL H 49 -5.81 -33.71 28.90
CA VAL H 49 -7.09 -34.20 28.41
C VAL H 49 -6.94 -34.92 27.06
N GLY H 50 -8.06 -35.32 26.49
CA GLY H 50 -8.05 -36.12 25.27
C GLY H 50 -7.68 -37.58 25.55
N GLU H 51 -7.25 -38.32 24.52
CA GLU H 51 -6.84 -39.72 24.67
C GLU H 51 -5.45 -39.90 25.30
N VAL H 52 -4.69 -38.81 25.41
CA VAL H 52 -3.45 -38.73 26.20
C VAL H 52 -3.70 -39.21 27.64
N ALA H 53 -4.80 -38.77 28.24
CA ALA H 53 -5.20 -39.32 29.52
C ALA H 53 -6.09 -40.57 29.34
N LYS H 54 -6.48 -40.90 28.09
CA LYS H 54 -7.44 -41.99 27.80
C LYS H 54 -7.04 -43.36 28.33
N ARG H 55 -5.76 -43.71 28.14
CA ARG H 55 -5.18 -44.90 28.76
C ARG H 55 -4.51 -44.59 30.13
N GLN H 56 -4.62 -43.33 30.59
CA GLN H 56 -4.07 -42.86 31.87
C GLN H 56 -5.13 -42.91 32.99
N ALA H 57 -6.32 -43.44 32.67
CA ALA H 57 -7.51 -43.32 33.53
C ALA H 57 -7.55 -44.20 34.80
N ILE H 58 -6.64 -45.17 34.88
CA ILE H 58 -6.45 -45.99 36.08
C ILE H 58 -5.55 -45.29 37.14
N THR H 59 -4.29 -45.01 36.80
CA THR H 59 -3.25 -44.59 37.76
C THR H 59 -3.59 -43.35 38.61
N ASN H 60 -4.67 -42.66 38.25
CA ASN H 60 -5.28 -41.65 39.12
C ASN H 60 -6.78 -41.89 39.35
N PRO H 61 -7.19 -41.71 40.62
CA PRO H 61 -8.58 -41.86 41.06
C PRO H 61 -9.43 -40.67 40.59
N ASN H 62 -8.77 -39.58 40.22
CA ASN H 62 -9.49 -38.56 39.53
C ASN H 62 -9.35 -38.85 38.03
N THR H 63 -10.44 -39.33 37.43
CA THR H 63 -10.55 -39.45 35.97
C THR H 63 -11.93 -38.97 35.50
N ILE H 64 -11.95 -37.86 34.77
CA ILE H 64 -13.21 -37.23 34.39
C ILE H 64 -13.83 -37.82 33.10
N ILE H 65 -15.13 -38.09 33.16
CA ILE H 65 -15.86 -38.64 32.01
C ILE H 65 -17.32 -38.20 31.98
N SER H 66 -17.84 -37.94 30.78
CA SER H 66 -19.23 -37.51 30.50
C SER H 66 -19.87 -36.40 31.41
N ILE H 67 -19.37 -35.16 31.28
CA ILE H 67 -19.83 -33.98 32.05
C ILE H 67 -21.03 -33.31 31.40
N LYS H 68 -21.40 -33.80 30.21
CA LYS H 68 -22.46 -33.21 29.39
C LYS H 68 -23.84 -33.03 30.06
N ARG H 69 -24.50 -34.12 30.50
CA ARG H 69 -25.84 -34.00 31.10
C ARG H 69 -25.81 -33.16 32.39
N HIS H 70 -24.59 -32.81 32.83
CA HIS H 70 -24.35 -31.96 34.00
C HIS H 70 -24.02 -30.45 33.82
N MET H 71 -24.14 -29.91 32.60
CA MET H 71 -23.89 -28.46 32.31
C MET H 71 -24.96 -27.42 32.71
N GLY H 72 -24.58 -26.44 33.53
CA GLY H 72 -25.48 -25.40 34.00
C GLY H 72 -26.33 -25.88 35.17
N THR H 73 -26.33 -27.18 35.36
CA THR H 73 -27.09 -27.79 36.42
C THR H 73 -26.31 -27.56 37.73
N ASP H 74 -26.89 -27.98 38.85
CA ASP H 74 -26.29 -27.89 40.21
C ASP H 74 -25.12 -28.86 40.49
N TYR H 75 -25.27 -30.13 40.07
CA TYR H 75 -24.32 -31.22 40.32
C TYR H 75 -22.92 -30.83 39.83
N LYS H 76 -21.96 -30.85 40.76
CA LYS H 76 -20.58 -30.44 40.51
C LYS H 76 -19.70 -31.67 40.26
N VAL H 77 -18.39 -31.50 40.29
CA VAL H 77 -17.53 -32.68 40.54
C VAL H 77 -16.51 -32.52 41.68
N GLU H 78 -16.58 -33.51 42.59
CA GLU H 78 -15.81 -33.56 43.83
C GLU H 78 -14.68 -34.56 43.60
N ILE H 79 -13.48 -34.04 43.47
CA ILE H 79 -12.38 -34.90 43.14
C ILE H 79 -11.15 -34.46 43.85
N GLU H 80 -10.52 -35.38 44.58
CA GLU H 80 -9.23 -35.09 45.16
C GLU H 80 -9.27 -33.84 46.06
N GLY H 81 -10.43 -33.57 46.67
CA GLY H 81 -10.59 -32.48 47.64
C GLY H 81 -11.00 -31.09 47.13
N LYS H 82 -10.74 -30.83 45.85
CA LYS H 82 -11.14 -29.58 45.19
C LYS H 82 -12.47 -29.77 44.44
N GLN H 83 -13.55 -29.15 44.97
CA GLN H 83 -14.90 -29.39 44.45
C GLN H 83 -15.41 -28.31 43.52
N TYR H 84 -15.51 -28.66 42.24
CA TYR H 84 -15.65 -27.66 41.18
C TYR H 84 -16.90 -27.89 40.34
N THR H 85 -16.96 -27.18 39.21
CA THR H 85 -18.12 -27.12 38.32
C THR H 85 -17.81 -27.66 36.92
N PRO H 86 -18.77 -28.41 36.30
CA PRO H 86 -18.66 -29.01 34.96
C PRO H 86 -18.25 -28.03 33.84
N GLN H 87 -18.70 -26.78 34.01
CA GLN H 87 -18.37 -25.67 33.13
C GLN H 87 -16.86 -25.39 33.12
N GLU H 88 -16.23 -25.61 34.26
CA GLU H 88 -14.77 -25.48 34.41
C GLU H 88 -14.04 -26.64 33.78
N ILE H 89 -14.66 -27.82 33.83
CA ILE H 89 -14.15 -29.01 33.14
C ILE H 89 -13.96 -28.64 31.67
N SER H 90 -15.09 -28.40 31.01
CA SER H 90 -15.03 -27.90 29.64
C SER H 90 -13.99 -26.77 29.56
N ALA H 91 -13.97 -25.93 30.58
CA ALA H 91 -13.13 -24.71 30.63
C ALA H 91 -11.58 -24.86 30.51
N ILE H 92 -10.92 -25.38 31.54
CA ILE H 92 -9.47 -25.56 31.53
C ILE H 92 -9.08 -26.53 30.40
N ILE H 93 -10.01 -27.45 30.12
CA ILE H 93 -9.82 -28.36 28.99
C ILE H 93 -9.60 -27.60 27.68
N LEU H 94 -10.57 -26.77 27.30
CA LEU H 94 -10.45 -26.03 26.05
C LEU H 94 -9.43 -24.86 26.09
N GLN H 95 -9.03 -24.40 27.28
CA GLN H 95 -7.88 -23.49 27.40
C GLN H 95 -6.64 -24.19 26.87
N TYR H 96 -6.59 -25.50 27.12
CA TYR H 96 -5.61 -26.32 26.41
C TYR H 96 -5.93 -26.46 24.89
N LEU H 97 -7.19 -26.71 24.54
CA LEU H 97 -7.52 -26.85 23.12
C LEU H 97 -7.01 -25.60 22.39
N LYS H 98 -6.86 -24.51 23.16
CA LYS H 98 -6.21 -23.27 22.71
C LYS H 98 -4.70 -23.43 22.78
N SER H 99 -4.22 -24.17 23.78
CA SER H 99 -2.80 -24.50 23.83
C SER H 99 -2.36 -25.00 22.42
N TYR H 100 -3.07 -26.06 21.96
CA TYR H 100 -2.73 -26.74 20.70
C TYR H 100 -3.19 -26.02 19.43
N ALA H 101 -4.26 -25.21 19.53
CA ALA H 101 -4.60 -24.32 18.44
C ALA H 101 -3.46 -23.31 18.18
N GLU H 102 -2.97 -22.68 19.25
CA GLU H 102 -1.82 -21.75 19.21
C GLU H 102 -0.66 -22.46 18.59
N ASP H 103 -0.56 -23.78 18.89
CA ASP H 103 0.40 -24.70 18.24
C ASP H 103 0.32 -24.82 16.72
N TYR H 104 -0.89 -25.05 16.21
CA TYR H 104 -1.11 -25.20 14.78
C TYR H 104 -0.41 -24.07 14.03
N LEU H 105 -0.56 -22.84 14.51
CA LEU H 105 -0.15 -21.66 13.76
C LEU H 105 0.72 -20.70 14.56
N GLY H 106 0.94 -19.53 13.96
CA GLY H 106 1.69 -18.45 14.57
C GLY H 106 0.85 -17.29 15.11
N GLU H 107 -0.45 -17.33 14.85
CA GLU H 107 -1.37 -16.36 15.43
C GLU H 107 -2.08 -17.03 16.63
N PRO H 108 -2.03 -16.42 17.84
CA PRO H 108 -2.83 -17.08 18.88
C PRO H 108 -4.28 -16.86 18.54
N VAL H 109 -5.22 -17.69 19.00
CA VAL H 109 -6.64 -17.41 18.72
C VAL H 109 -7.34 -16.67 19.88
N THR H 110 -7.73 -15.42 19.65
CA THR H 110 -8.31 -14.63 20.71
C THR H 110 -9.76 -15.02 20.86
N ARG H 111 -10.32 -15.70 19.86
CA ARG H 111 -11.72 -16.07 19.95
C ARG H 111 -12.02 -17.37 19.27
N ALA H 112 -13.29 -17.77 19.34
CA ALA H 112 -13.81 -18.99 18.72
C ALA H 112 -15.33 -19.13 18.92
N VAL H 113 -15.96 -19.95 18.10
CA VAL H 113 -17.41 -20.17 18.22
C VAL H 113 -17.64 -21.55 18.86
N ILE H 114 -18.68 -21.68 19.68
CA ILE H 114 -19.08 -22.99 20.21
C ILE H 114 -20.51 -23.36 19.80
N THR H 115 -20.91 -24.58 20.13
CA THR H 115 -22.28 -25.03 19.93
C THR H 115 -22.65 -26.12 20.92
N VAL H 116 -23.93 -26.18 21.29
CA VAL H 116 -24.47 -27.33 22.02
C VAL H 116 -25.92 -27.47 21.54
N PRO H 117 -26.50 -28.69 21.68
CA PRO H 117 -27.76 -29.14 21.04
C PRO H 117 -28.97 -28.26 21.35
N ALA H 118 -30.00 -28.31 20.50
CA ALA H 118 -31.13 -27.37 20.62
C ALA H 118 -32.16 -27.79 21.65
N TYR H 119 -31.90 -28.88 22.40
CA TYR H 119 -32.74 -29.21 23.56
C TYR H 119 -32.30 -28.60 24.92
N PHE H 120 -31.21 -27.85 24.88
CA PHE H 120 -30.67 -27.09 26.02
C PHE H 120 -31.52 -25.89 26.48
N ASN H 121 -31.23 -25.44 27.70
CA ASN H 121 -31.83 -24.24 28.27
C ASN H 121 -30.79 -23.14 28.47
N ASP H 122 -31.27 -21.91 28.48
CA ASP H 122 -30.43 -20.73 28.55
C ASP H 122 -29.48 -20.70 29.75
N ALA H 123 -29.86 -21.34 30.85
CA ALA H 123 -29.07 -21.26 32.05
C ALA H 123 -27.82 -22.10 31.89
N GLN H 124 -28.00 -23.25 31.26
CA GLN H 124 -26.87 -24.13 31.06
C GLN H 124 -26.01 -23.72 29.88
N ARG H 125 -26.65 -23.23 28.81
CA ARG H 125 -25.95 -22.71 27.64
C ARG H 125 -25.21 -21.42 28.00
N GLN H 126 -25.74 -20.76 29.03
CA GLN H 126 -25.02 -19.71 29.71
C GLN H 126 -23.84 -20.42 30.36
N ALA H 127 -24.11 -21.44 31.16
CA ALA H 127 -23.02 -22.09 31.85
C ALA H 127 -21.90 -22.26 30.84
N THR H 128 -22.25 -22.61 29.61
CA THR H 128 -21.27 -22.87 28.55
C THR H 128 -20.53 -21.60 28.13
N LYS H 129 -21.30 -20.57 27.74
CA LYS H 129 -20.65 -19.34 27.32
C LYS H 129 -19.58 -19.19 28.40
N ASP H 130 -19.99 -19.54 29.63
CA ASP H 130 -19.20 -19.43 30.85
C ASP H 130 -17.91 -20.22 30.80
N ALA H 131 -18.00 -21.49 30.45
CA ALA H 131 -16.80 -22.25 30.25
C ALA H 131 -15.89 -21.41 29.37
N GLY H 132 -16.46 -20.89 28.31
CA GLY H 132 -15.65 -20.18 27.35
C GLY H 132 -14.90 -19.06 28.02
N ARG H 133 -15.62 -18.11 28.63
CA ARG H 133 -15.03 -16.85 29.11
C ARG H 133 -14.16 -17.03 30.37
N ILE H 134 -14.59 -17.93 31.25
CA ILE H 134 -13.78 -18.29 32.42
C ILE H 134 -12.50 -18.93 31.92
N ALA H 135 -12.55 -19.44 30.68
CA ALA H 135 -11.37 -20.00 30.01
C ALA H 135 -10.30 -18.93 29.84
N GLY H 136 -10.64 -17.71 30.23
CA GLY H 136 -9.84 -16.57 29.90
C GLY H 136 -9.87 -16.65 28.40
N LEU H 137 -11.10 -16.79 27.85
CA LEU H 137 -11.35 -17.03 26.40
C LEU H 137 -12.64 -16.39 25.78
N GLU H 138 -12.58 -15.88 24.54
CA GLU H 138 -13.66 -15.02 24.06
C GLU H 138 -14.69 -15.74 23.17
N VAL H 139 -15.89 -15.99 23.71
CA VAL H 139 -16.91 -16.76 23.01
C VAL H 139 -17.64 -15.90 22.03
N GLU H 140 -17.59 -16.23 20.75
CA GLU H 140 -18.27 -15.39 19.77
C GLU H 140 -19.77 -15.66 19.61
N ARG H 141 -20.16 -16.92 19.49
CA ARG H 141 -21.57 -17.19 19.26
C ARG H 141 -21.92 -18.55 19.87
N ILE H 142 -23.18 -18.73 20.28
CA ILE H 142 -23.70 -20.05 20.66
C ILE H 142 -25.08 -20.34 20.06
N ILE H 143 -25.11 -21.27 19.13
CA ILE H 143 -26.34 -21.64 18.45
C ILE H 143 -26.37 -23.15 18.40
N ASN H 144 -27.53 -23.67 18.02
CA ASN H 144 -27.80 -25.09 18.08
C ASN H 144 -26.70 -25.90 17.39
N GLU H 145 -26.51 -27.15 17.85
CA GLU H 145 -25.78 -28.15 17.08
C GLU H 145 -26.42 -28.66 15.79
N PRO H 146 -27.76 -28.78 15.74
CA PRO H 146 -28.29 -29.13 14.43
C PRO H 146 -27.79 -28.16 13.39
N THR H 147 -27.97 -26.87 13.63
CA THR H 147 -27.59 -25.86 12.63
C THR H 147 -26.07 -25.90 12.39
N ALA H 148 -25.33 -26.53 13.31
CA ALA H 148 -23.88 -26.58 13.23
C ALA H 148 -23.47 -27.51 12.10
N ALA H 149 -23.74 -28.80 12.29
CA ALA H 149 -23.53 -29.78 11.24
C ALA H 149 -24.52 -29.53 10.10
N ALA H 150 -25.44 -28.60 10.32
CA ALA H 150 -26.34 -28.12 9.26
C ALA H 150 -25.91 -26.79 8.66
N LEU H 151 -24.81 -26.24 9.16
CA LEU H 151 -24.24 -25.05 8.54
C LEU H 151 -23.29 -25.49 7.45
N ALA H 152 -22.99 -26.79 7.46
CA ALA H 152 -22.37 -27.43 6.31
C ALA H 152 -23.26 -27.10 5.13
N TYR H 153 -24.53 -27.47 5.21
CA TYR H 153 -25.43 -27.00 4.19
C TYR H 153 -26.10 -25.64 4.35
N GLY H 154 -26.30 -25.14 5.56
CA GLY H 154 -26.58 -23.72 5.65
C GLY H 154 -27.58 -23.27 4.59
N LEU H 155 -28.73 -23.94 4.56
CA LEU H 155 -29.72 -23.83 3.49
C LEU H 155 -30.53 -22.59 3.71
N ASP H 156 -30.06 -21.81 4.68
CA ASP H 156 -30.57 -20.49 5.08
C ASP H 156 -30.72 -19.45 3.94
N LYS H 157 -29.92 -19.68 2.89
CA LYS H 157 -29.78 -18.85 1.69
C LYS H 157 -30.81 -19.22 0.61
N GLU H 158 -31.77 -20.06 1.04
CA GLU H 158 -32.81 -20.63 0.18
C GLU H 158 -34.20 -20.43 0.80
N GLU H 159 -35.21 -21.11 0.21
CA GLU H 159 -36.63 -21.00 0.59
C GLU H 159 -37.00 -21.43 2.03
N ASP H 160 -38.16 -20.99 2.51
CA ASP H 160 -38.65 -21.46 3.80
C ASP H 160 -38.99 -22.96 3.73
N GLN H 161 -38.45 -23.71 4.68
CA GLN H 161 -38.59 -25.16 4.64
C GLN H 161 -38.39 -25.78 6.02
N THR H 162 -38.85 -27.01 6.19
CA THR H 162 -38.66 -27.75 7.43
C THR H 162 -37.55 -28.78 7.28
N ILE H 163 -36.71 -28.90 8.30
CA ILE H 163 -35.54 -29.74 8.21
C ILE H 163 -35.31 -30.66 9.43
N LEU H 164 -35.32 -31.96 9.20
CA LEU H 164 -34.92 -32.94 10.19
C LEU H 164 -33.47 -32.72 10.51
N VAL H 165 -33.01 -33.19 11.65
CA VAL H 165 -31.61 -33.54 11.80
C VAL H 165 -31.45 -34.81 12.64
N TYR H 166 -30.79 -35.80 12.07
CA TYR H 166 -30.45 -37.00 12.82
C TYR H 166 -29.01 -36.82 13.31
N ASP H 167 -28.82 -36.63 14.61
CA ASP H 167 -27.47 -36.66 15.16
C ASP H 167 -27.21 -37.93 15.97
N LEU H 168 -25.97 -38.41 15.91
CA LEU H 168 -25.56 -39.59 16.66
C LEU H 168 -24.18 -39.29 17.27
N GLY H 169 -23.97 -39.69 18.52
CA GLY H 169 -22.65 -39.63 19.13
C GLY H 169 -22.05 -41.02 19.28
N GLY H 170 -20.81 -41.06 19.72
CA GLY H 170 -20.22 -42.31 20.15
C GLY H 170 -20.77 -42.65 21.52
N GLY H 171 -21.10 -41.62 22.29
CA GLY H 171 -21.74 -41.78 23.58
C GLY H 171 -23.24 -41.52 23.62
N THR H 172 -23.80 -40.89 22.58
CA THR H 172 -25.24 -40.51 22.56
C THR H 172 -25.97 -40.63 21.21
N PHE H 173 -27.26 -40.31 21.23
CA PHE H 173 -28.11 -40.12 20.02
C PHE H 173 -29.07 -38.93 20.27
N ASP H 174 -29.10 -37.94 19.38
CA ASP H 174 -30.00 -36.79 19.58
C ASP H 174 -30.66 -36.32 18.27
N VAL H 175 -32.00 -36.27 18.18
CA VAL H 175 -32.60 -35.83 16.89
C VAL H 175 -33.48 -34.56 16.93
N SER H 176 -33.07 -33.51 16.20
CA SER H 176 -33.67 -32.17 16.33
C SER H 176 -34.35 -31.59 15.09
N ILE H 177 -35.68 -31.51 15.09
CA ILE H 177 -36.43 -31.03 13.93
C ILE H 177 -36.59 -29.50 13.90
N LEU H 178 -36.01 -28.85 12.89
CA LEU H 178 -35.83 -27.39 12.83
C LEU H 178 -36.57 -26.81 11.65
N GLU H 179 -36.72 -25.49 11.62
CA GLU H 179 -37.26 -24.84 10.42
C GLU H 179 -36.45 -23.60 9.99
N LEU H 180 -36.33 -23.42 8.69
CA LEU H 180 -35.76 -22.20 8.19
C LEU H 180 -36.94 -21.39 7.69
N GLY H 181 -37.36 -20.43 8.50
CA GLY H 181 -38.20 -19.36 8.03
C GLY H 181 -37.30 -18.19 7.77
N ASP H 182 -37.61 -17.37 6.78
CA ASP H 182 -36.90 -16.11 6.55
C ASP H 182 -35.39 -16.32 6.23
N GLY H 183 -34.89 -17.54 6.49
CA GLY H 183 -33.47 -17.85 6.46
C GLY H 183 -32.83 -18.04 7.84
N VAL H 184 -33.48 -17.49 8.86
CA VAL H 184 -33.09 -17.68 10.26
C VAL H 184 -33.48 -19.08 10.69
N PHE H 185 -32.91 -19.54 11.80
CA PHE H 185 -33.37 -20.81 12.31
C PHE H 185 -34.35 -20.76 13.48
N GLU H 186 -35.59 -21.11 13.14
CA GLU H 186 -36.72 -21.13 14.05
C GLU H 186 -37.03 -22.57 14.50
N VAL H 187 -36.71 -22.92 15.76
CA VAL H 187 -36.80 -24.32 16.23
C VAL H 187 -38.21 -24.77 16.70
N LYS H 188 -38.53 -26.04 16.41
CA LYS H 188 -39.86 -26.61 16.63
C LYS H 188 -39.86 -27.87 17.52
N ALA H 189 -39.14 -28.91 17.10
CA ALA H 189 -39.19 -30.17 17.83
C ALA H 189 -37.82 -30.73 18.27
N THR H 190 -37.80 -31.47 19.39
CA THR H 190 -36.65 -32.30 19.83
C THR H 190 -37.07 -33.68 20.38
N ALA H 191 -36.50 -34.77 19.83
CA ALA H 191 -36.79 -36.11 20.37
C ALA H 191 -35.56 -37.04 20.43
N GLY H 192 -35.78 -38.26 20.93
CA GLY H 192 -34.72 -39.24 20.89
C GLY H 192 -34.88 -40.52 21.66
N ASP H 193 -33.74 -41.19 21.82
CA ASP H 193 -33.58 -42.35 22.65
C ASP H 193 -32.27 -42.06 23.39
N ASN H 194 -32.35 -41.96 24.73
CA ASN H 194 -31.29 -41.28 25.50
C ASN H 194 -29.95 -41.99 25.72
N HIS H 195 -29.94 -43.32 25.76
CA HIS H 195 -28.69 -44.06 25.61
C HIS H 195 -28.74 -44.87 24.30
N LEU H 196 -28.13 -44.30 23.25
CA LEU H 196 -27.71 -45.00 22.05
C LEU H 196 -26.37 -44.34 21.64
N GLY H 197 -25.27 -45.09 21.71
CA GLY H 197 -23.92 -44.54 21.56
C GLY H 197 -23.34 -44.76 20.17
N GLY H 198 -22.04 -45.04 20.10
CA GLY H 198 -21.50 -45.77 18.98
C GLY H 198 -21.14 -47.21 19.29
N ASP H 199 -21.03 -47.52 20.59
CA ASP H 199 -20.34 -48.73 21.02
C ASP H 199 -21.14 -50.03 20.82
N ASP H 200 -22.48 -49.92 20.91
CA ASP H 200 -23.38 -51.06 21.07
C ASP H 200 -23.50 -52.07 19.90
N PHE H 201 -23.30 -51.58 18.66
CA PHE H 201 -23.16 -52.43 17.44
C PHE H 201 -22.01 -53.44 17.57
N ASP H 202 -20.95 -53.02 18.26
CA ASP H 202 -19.81 -53.87 18.57
C ASP H 202 -19.98 -54.57 19.92
N GLN H 203 -21.08 -54.38 20.64
CA GLN H 203 -21.47 -55.30 21.71
C GLN H 203 -22.23 -56.55 21.20
N VAL H 204 -23.21 -56.36 20.29
CA VAL H 204 -23.94 -57.47 19.63
C VAL H 204 -22.97 -58.35 18.82
N ILE H 205 -21.99 -57.71 18.17
CA ILE H 205 -20.84 -58.40 17.65
C ILE H 205 -20.01 -59.05 18.78
N ILE H 206 -19.61 -58.26 19.78
CA ILE H 206 -18.72 -58.74 20.89
C ILE H 206 -19.23 -60.00 21.57
N ASP H 207 -20.49 -59.95 21.98
CA ASP H 207 -21.11 -61.09 22.62
C ASP H 207 -21.46 -62.23 21.61
N TYR H 208 -21.65 -61.88 20.32
CA TYR H 208 -22.07 -62.87 19.31
C TYR H 208 -20.93 -63.80 19.04
N LEU H 209 -19.82 -63.18 18.68
CA LEU H 209 -18.57 -63.88 18.45
C LEU H 209 -18.13 -64.63 19.72
N VAL H 210 -18.16 -64.00 20.90
CA VAL H 210 -17.77 -64.77 22.10
C VAL H 210 -18.77 -65.93 22.35
N ASN H 211 -20.01 -65.81 21.85
CA ASN H 211 -21.00 -66.87 22.06
C ASN H 211 -20.78 -68.09 21.15
N GLN H 212 -20.71 -67.83 19.84
CA GLN H 212 -20.42 -68.84 18.81
C GLN H 212 -19.09 -69.58 19.04
N PHE H 213 -17.99 -68.81 19.17
CA PHE H 213 -16.69 -69.36 19.54
C PHE H 213 -16.84 -70.18 20.82
N LYS H 214 -17.64 -69.70 21.77
CA LYS H 214 -17.76 -70.41 23.04
C LYS H 214 -18.60 -71.70 22.88
N GLN H 215 -19.34 -71.77 21.78
CA GLN H 215 -20.02 -72.99 21.37
C GLN H 215 -19.08 -73.95 20.63
N GLU H 216 -18.05 -73.41 19.99
CA GLU H 216 -17.09 -74.24 19.26
C GLU H 216 -15.80 -74.52 20.03
N HIS H 217 -15.64 -73.98 21.23
CA HIS H 217 -14.42 -74.18 22.05
C HIS H 217 -14.62 -74.55 23.56
N GLY H 218 -15.19 -73.63 24.35
CA GLY H 218 -15.49 -73.86 25.76
C GLY H 218 -14.74 -73.13 26.87
N ILE H 219 -13.60 -72.52 26.57
CA ILE H 219 -12.93 -71.58 27.51
C ILE H 219 -13.31 -70.12 27.12
N ASP H 220 -13.81 -69.35 28.09
CA ASP H 220 -14.34 -67.99 27.80
C ASP H 220 -13.42 -67.00 27.06
N LEU H 221 -13.95 -66.39 26.00
CA LEU H 221 -13.28 -65.28 25.34
C LEU H 221 -13.68 -63.92 25.98
N SER H 222 -14.68 -63.95 26.86
CA SER H 222 -15.01 -62.80 27.69
C SER H 222 -14.18 -62.81 28.97
N LYS H 223 -13.59 -63.96 29.28
CA LYS H 223 -12.83 -64.17 30.52
C LYS H 223 -11.45 -63.51 30.49
N ASP H 224 -10.79 -63.61 29.34
CA ASP H 224 -9.53 -62.90 29.13
C ASP H 224 -9.82 -61.50 28.58
N LYS H 225 -9.25 -60.47 29.24
CA LYS H 225 -9.55 -59.05 28.99
C LYS H 225 -8.90 -58.46 27.71
N MET H 226 -7.60 -58.72 27.54
CA MET H 226 -6.83 -58.28 26.36
C MET H 226 -7.26 -59.02 25.06
N ALA H 227 -7.98 -60.13 25.23
CA ALA H 227 -8.61 -60.87 24.13
C ALA H 227 -9.90 -60.15 23.66
N LEU H 228 -10.60 -59.53 24.61
CA LEU H 228 -11.75 -58.65 24.35
C LEU H 228 -11.34 -57.25 23.80
N GLN H 229 -10.12 -56.79 24.16
CA GLN H 229 -9.51 -55.52 23.64
C GLN H 229 -8.87 -55.61 22.23
N ARG H 230 -8.31 -56.79 21.91
CA ARG H 230 -7.93 -57.19 20.52
C ARG H 230 -9.16 -57.51 19.64
N LEU H 231 -10.15 -58.17 20.25
CA LEU H 231 -11.49 -58.32 19.69
C LEU H 231 -12.22 -56.97 19.53
N LYS H 232 -11.77 -55.96 20.28
CA LYS H 232 -12.25 -54.57 20.16
C LYS H 232 -11.62 -53.72 19.03
N ASP H 233 -10.28 -53.67 19.00
CA ASP H 233 -9.60 -53.03 17.88
C ASP H 233 -10.05 -53.70 16.55
N ALA H 234 -10.10 -55.04 16.58
CA ALA H 234 -10.53 -55.85 15.42
C ALA H 234 -12.04 -55.75 15.07
N ALA H 235 -12.93 -56.01 16.03
CA ALA H 235 -14.37 -55.94 15.79
C ALA H 235 -14.70 -54.57 15.20
N GLU H 236 -13.93 -53.57 15.64
CA GLU H 236 -13.99 -52.24 15.05
C GLU H 236 -13.55 -52.25 13.57
N LYS H 237 -12.38 -52.84 13.30
CA LYS H 237 -11.98 -53.00 11.90
C LYS H 237 -13.12 -53.65 11.10
N ALA H 238 -13.93 -54.44 11.79
CA ALA H 238 -15.04 -55.17 11.20
C ALA H 238 -16.19 -54.25 10.82
N LYS H 239 -16.69 -53.49 11.79
CA LYS H 239 -17.82 -52.58 11.57
C LYS H 239 -17.49 -51.57 10.46
N LYS H 240 -16.25 -51.07 10.51
CA LYS H 240 -15.76 -50.19 9.46
C LYS H 240 -15.73 -50.95 8.14
N GLU H 241 -15.43 -52.26 8.19
CA GLU H 241 -15.39 -53.11 6.98
C GLU H 241 -16.72 -53.78 6.61
N LEU H 242 -17.74 -53.64 7.46
CA LEU H 242 -19.01 -54.36 7.30
C LEU H 242 -20.04 -53.61 6.45
N SER H 243 -19.65 -52.50 5.86
CA SER H 243 -20.60 -51.63 5.18
C SER H 243 -20.82 -51.92 3.67
N GLY H 244 -19.86 -51.53 2.84
CA GLY H 244 -19.95 -51.61 1.38
C GLY H 244 -19.09 -52.60 0.61
N VAL H 245 -18.39 -53.49 1.33
CA VAL H 245 -17.63 -54.65 0.78
C VAL H 245 -18.42 -56.01 0.85
N THR H 246 -17.78 -57.16 0.60
CA THR H 246 -18.48 -58.49 0.63
C THR H 246 -18.51 -59.25 2.00
N GLN H 247 -17.35 -59.75 2.45
CA GLN H 247 -17.19 -60.32 3.81
C GLN H 247 -15.84 -59.96 4.49
N THR H 248 -15.92 -59.45 5.72
CA THR H 248 -14.74 -59.21 6.54
C THR H 248 -14.46 -60.40 7.44
N GLN H 249 -13.37 -61.11 7.14
CA GLN H 249 -12.94 -62.22 7.97
C GLN H 249 -12.54 -61.66 9.32
N ILE H 250 -12.98 -62.34 10.37
CA ILE H 250 -12.59 -62.00 11.73
C ILE H 250 -11.37 -62.84 12.12
N SER H 251 -10.23 -62.15 12.19
CA SER H 251 -8.94 -62.79 12.46
C SER H 251 -8.11 -62.01 13.50
N LEU H 252 -7.75 -62.75 14.54
CA LEU H 252 -6.79 -62.32 15.55
C LEU H 252 -6.21 -63.62 16.07
N PRO H 253 -5.00 -63.57 16.61
CA PRO H 253 -4.39 -64.81 17.04
C PRO H 253 -3.81 -64.76 18.46
N PHE H 254 -3.32 -65.92 18.92
CA PHE H 254 -2.85 -66.13 20.29
C PHE H 254 -3.99 -66.03 21.31
N ILE H 255 -5.19 -66.42 20.87
CA ILE H 255 -6.39 -66.37 21.71
C ILE H 255 -6.46 -67.55 22.68
N HIS H 264 -6.70 -69.96 17.56
CA HIS H 264 -6.84 -68.53 17.25
C HIS H 264 -8.13 -68.28 16.48
N LEU H 265 -8.99 -67.45 17.06
CA LEU H 265 -10.38 -67.34 16.59
C LEU H 265 -10.45 -66.75 15.21
N GLU H 266 -11.23 -67.38 14.35
CA GLU H 266 -11.37 -66.94 12.98
C GLU H 266 -12.73 -67.31 12.39
N MET H 267 -13.26 -66.41 11.57
CA MET H 267 -14.43 -66.73 10.76
C MET H 267 -14.51 -65.88 9.46
N THR H 268 -15.40 -66.25 8.55
CA THR H 268 -15.86 -65.27 7.57
C THR H 268 -17.00 -64.47 8.24
N LEU H 269 -16.83 -63.16 8.41
CA LEU H 269 -17.91 -62.32 8.93
C LEU H 269 -18.56 -61.56 7.75
N THR H 270 -19.76 -62.01 7.34
CA THR H 270 -20.45 -61.46 6.16
C THR H 270 -21.58 -60.50 6.56
N ARG H 271 -21.65 -59.36 5.85
CA ARG H 271 -22.48 -58.18 6.20
C ARG H 271 -23.98 -58.45 6.42
N ALA H 272 -24.50 -59.49 5.78
CA ALA H 272 -25.87 -59.96 6.01
C ALA H 272 -26.15 -60.37 7.49
N LYS H 273 -25.19 -61.04 8.15
CA LYS H 273 -25.36 -61.47 9.55
C LYS H 273 -25.28 -60.30 10.53
N PHE H 274 -24.61 -59.23 10.10
CA PHE H 274 -24.57 -57.94 10.81
C PHE H 274 -25.90 -57.15 10.62
N GLU H 275 -26.48 -57.28 9.43
CA GLU H 275 -27.87 -56.87 9.15
C GLU H 275 -28.83 -57.61 10.12
N GLU H 276 -28.46 -58.84 10.49
CA GLU H 276 -29.20 -59.69 11.47
C GLU H 276 -29.09 -59.33 12.97
N LEU H 277 -27.84 -59.18 13.45
CA LEU H 277 -27.50 -58.78 14.84
C LEU H 277 -27.90 -57.33 15.19
N SER H 278 -28.07 -56.53 14.15
CA SER H 278 -28.42 -55.12 14.30
C SER H 278 -29.95 -54.87 14.24
N ALA H 279 -30.73 -55.91 13.90
CA ALA H 279 -32.12 -55.79 13.45
C ALA H 279 -33.10 -54.97 14.34
N HIS H 280 -33.38 -55.45 15.55
CA HIS H 280 -34.41 -54.85 16.38
C HIS H 280 -34.00 -53.51 17.00
N LEU H 281 -32.73 -53.11 16.85
CA LEU H 281 -32.22 -51.81 17.33
C LEU H 281 -32.61 -50.68 16.36
N VAL H 282 -32.51 -50.97 15.06
CA VAL H 282 -32.97 -50.06 14.01
C VAL H 282 -34.51 -50.16 13.84
N GLU H 283 -35.08 -51.30 14.24
CA GLU H 283 -36.53 -51.37 14.44
C GLU H 283 -36.94 -50.43 15.57
N ARG H 284 -36.16 -50.47 16.66
CA ARG H 284 -36.26 -49.60 17.85
C ARG H 284 -36.26 -48.11 17.52
N THR H 285 -35.32 -47.76 16.63
CA THR H 285 -34.92 -46.37 16.30
C THR H 285 -35.99 -45.40 15.76
N MET H 286 -37.01 -45.92 15.06
CA MET H 286 -37.96 -45.05 14.38
C MET H 286 -39.06 -44.35 15.22
N GLY H 287 -39.11 -44.64 16.52
CA GLY H 287 -40.02 -43.99 17.47
C GLY H 287 -39.87 -42.54 17.94
N PRO H 288 -38.70 -42.16 18.53
CA PRO H 288 -38.56 -40.74 18.87
C PRO H 288 -38.78 -39.89 17.61
N VAL H 289 -38.60 -40.55 16.45
CA VAL H 289 -38.82 -40.00 15.11
C VAL H 289 -40.29 -39.80 14.66
N ARG H 290 -41.09 -40.87 14.72
CA ARG H 290 -42.52 -40.78 14.43
C ARG H 290 -43.13 -39.80 15.40
N GLN H 291 -42.54 -39.79 16.60
CA GLN H 291 -42.86 -38.82 17.64
C GLN H 291 -42.60 -37.38 17.19
N ALA H 292 -41.34 -37.04 16.90
CA ALA H 292 -40.94 -35.69 16.50
C ALA H 292 -41.68 -35.16 15.26
N LEU H 293 -41.77 -35.96 14.19
CA LEU H 293 -42.60 -35.58 13.04
C LEU H 293 -44.05 -35.27 13.48
N GLN H 294 -44.54 -36.02 14.47
CA GLN H 294 -45.88 -35.84 15.05
C GLN H 294 -45.84 -34.78 16.16
N ASP H 295 -44.64 -34.30 16.47
CA ASP H 295 -44.44 -33.25 17.46
C ASP H 295 -44.74 -31.87 16.88
N ALA H 296 -44.54 -31.75 15.56
CA ALA H 296 -44.94 -30.55 14.82
C ALA H 296 -46.29 -30.63 14.09
N GLY H 297 -46.87 -31.82 14.01
CA GLY H 297 -48.09 -32.01 13.22
C GLY H 297 -47.80 -32.31 11.76
N LEU H 298 -46.57 -32.77 11.50
CA LEU H 298 -46.03 -32.91 10.14
C LEU H 298 -46.52 -34.14 9.38
N THR H 299 -46.72 -33.95 8.08
CA THR H 299 -46.96 -35.02 7.14
C THR H 299 -45.73 -35.04 6.22
N PRO H 300 -45.42 -36.18 5.59
CA PRO H 300 -44.23 -36.27 4.75
C PRO H 300 -44.17 -35.12 3.73
N ALA H 301 -45.23 -35.00 2.91
CA ALA H 301 -45.33 -33.94 1.90
C ALA H 301 -45.13 -32.56 2.52
N ASP H 302 -45.35 -32.47 3.83
CA ASP H 302 -45.11 -31.22 4.58
C ASP H 302 -43.64 -31.00 4.95
N ILE H 303 -42.87 -32.09 5.12
CA ILE H 303 -41.44 -31.99 5.39
C ILE H 303 -40.64 -31.70 4.10
N ASP H 304 -39.33 -31.50 4.20
CA ASP H 304 -38.52 -31.33 2.98
C ASP H 304 -37.29 -32.25 2.95
N LYS H 305 -36.29 -31.96 3.80
CA LYS H 305 -35.07 -32.77 3.80
C LYS H 305 -34.56 -33.20 5.18
N VAL H 306 -33.42 -33.86 5.20
CA VAL H 306 -33.03 -34.59 6.37
C VAL H 306 -31.55 -34.61 6.47
N ILE H 307 -31.05 -35.04 7.61
CA ILE H 307 -29.62 -35.09 7.80
C ILE H 307 -29.21 -36.27 8.62
N LEU H 308 -27.96 -36.67 8.41
CA LEU H 308 -27.37 -37.85 8.97
C LEU H 308 -26.03 -37.37 9.55
N VAL H 309 -25.88 -37.42 10.87
CA VAL H 309 -24.60 -37.05 11.48
C VAL H 309 -24.16 -37.92 12.65
N GLY H 310 -22.96 -38.50 12.55
CA GLY H 310 -22.41 -39.26 13.65
C GLY H 310 -21.32 -40.22 13.26
N GLY H 311 -20.83 -40.96 14.26
CA GLY H 311 -19.69 -41.85 14.15
C GLY H 311 -19.85 -43.11 13.31
N SER H 312 -20.84 -43.93 13.62
CA SER H 312 -21.13 -45.12 12.79
C SER H 312 -22.32 -45.00 11.75
N THR H 313 -22.91 -43.80 11.64
CA THR H 313 -24.01 -43.52 10.69
C THR H 313 -23.63 -43.81 9.24
N ARG H 314 -22.32 -43.97 9.03
CA ARG H 314 -21.71 -44.39 7.75
C ARG H 314 -22.21 -45.76 7.22
N ILE H 315 -22.65 -46.65 8.14
CA ILE H 315 -23.18 -48.02 7.82
C ILE H 315 -24.34 -48.02 6.80
N PRO H 316 -24.24 -48.82 5.70
CA PRO H 316 -25.20 -48.65 4.57
C PRO H 316 -26.65 -49.09 4.92
N ALA H 317 -26.78 -49.92 5.95
CA ALA H 317 -28.07 -50.33 6.52
C ALA H 317 -28.73 -49.24 7.41
N VAL H 318 -27.93 -48.66 8.31
CA VAL H 318 -28.32 -47.50 9.11
C VAL H 318 -28.69 -46.26 8.27
N GLN H 319 -27.80 -45.86 7.37
CA GLN H 319 -28.05 -44.81 6.35
C GLN H 319 -29.25 -45.12 5.44
N GLU H 320 -29.34 -46.36 4.95
CA GLU H 320 -30.50 -46.76 4.14
C GLU H 320 -31.80 -46.88 4.98
N ALA H 321 -31.66 -46.87 6.31
CA ALA H 321 -32.85 -46.94 7.15
C ALA H 321 -33.87 -45.81 6.84
N ILE H 322 -33.38 -44.69 6.30
CA ILE H 322 -34.19 -43.49 6.02
C ILE H 322 -34.90 -43.44 4.65
N LYS H 323 -34.12 -43.26 3.57
CA LYS H 323 -34.63 -42.76 2.27
C LYS H 323 -35.97 -43.38 1.85
N ARG H 324 -36.13 -44.68 2.10
CA ARG H 324 -37.38 -45.39 1.86
C ARG H 324 -38.54 -44.85 2.71
N GLU H 325 -38.34 -44.81 4.02
CA GLU H 325 -39.34 -44.27 4.93
C GLU H 325 -39.62 -42.83 4.48
N LEU H 326 -38.53 -42.08 4.34
CA LEU H 326 -38.58 -40.66 4.02
C LEU H 326 -38.83 -40.42 2.53
N GLY H 327 -38.81 -39.15 2.14
CA GLY H 327 -38.94 -38.79 0.73
C GLY H 327 -37.56 -38.63 0.12
N LYS H 328 -36.54 -38.48 0.97
CA LYS H 328 -35.16 -38.31 0.51
C LYS H 328 -34.13 -38.84 1.53
N GLU H 329 -33.01 -39.32 0.99
CA GLU H 329 -31.84 -39.66 1.79
C GLU H 329 -31.04 -38.40 2.18
N PRO H 330 -30.61 -38.34 3.46
CA PRO H 330 -29.64 -37.39 4.00
C PRO H 330 -28.30 -37.39 3.22
N HIS H 331 -27.82 -36.24 2.76
CA HIS H 331 -26.62 -36.25 1.88
C HIS H 331 -25.35 -36.76 2.55
N LYS H 332 -24.82 -37.82 1.96
CA LYS H 332 -23.59 -38.42 2.45
C LYS H 332 -22.46 -37.60 1.86
N GLY H 333 -21.24 -38.09 2.05
CA GLY H 333 -20.06 -37.36 1.64
C GLY H 333 -19.73 -36.35 2.72
N VAL H 334 -20.72 -36.05 3.56
CA VAL H 334 -20.53 -35.16 4.67
C VAL H 334 -19.51 -35.87 5.56
N ASN H 335 -18.90 -35.13 6.47
CA ASN H 335 -17.96 -35.74 7.38
C ASN H 335 -18.71 -35.65 8.69
N PRO H 336 -19.77 -36.49 8.82
CA PRO H 336 -20.63 -36.62 10.00
C PRO H 336 -19.87 -37.06 11.26
N ASP H 337 -18.62 -37.51 11.11
CA ASP H 337 -17.76 -37.71 12.27
C ASP H 337 -17.34 -36.38 12.94
N GLU H 338 -16.83 -35.43 12.17
CA GLU H 338 -16.48 -34.08 12.66
C GLU H 338 -17.45 -32.93 12.36
N VAL H 339 -18.57 -33.23 11.71
CA VAL H 339 -19.39 -32.24 10.98
C VAL H 339 -20.02 -31.05 11.72
N VAL H 340 -19.92 -30.99 13.05
CA VAL H 340 -20.30 -29.74 13.70
C VAL H 340 -19.23 -28.64 13.58
N ALA H 341 -17.93 -29.02 13.65
CA ALA H 341 -16.81 -28.08 13.45
C ALA H 341 -16.84 -27.55 12.03
N ILE H 342 -17.65 -28.23 11.21
CA ILE H 342 -18.17 -27.72 9.96
C ILE H 342 -18.93 -26.41 10.17
N GLY H 343 -20.08 -26.45 10.84
CA GLY H 343 -20.84 -25.24 11.10
C GLY H 343 -20.12 -24.21 11.95
N ALA H 344 -19.23 -24.67 12.83
CA ALA H 344 -18.51 -23.79 13.74
C ALA H 344 -17.35 -23.15 13.02
N ALA H 345 -16.90 -23.80 11.96
CA ALA H 345 -15.91 -23.21 11.07
C ALA H 345 -16.59 -22.18 10.18
N ILE H 346 -17.73 -22.58 9.61
CA ILE H 346 -18.53 -21.65 8.82
C ILE H 346 -18.86 -20.40 9.63
N GLN H 347 -19.76 -20.52 10.59
CA GLN H 347 -20.16 -19.38 11.41
C GLN H 347 -18.94 -18.75 12.06
N GLY H 348 -18.21 -19.59 12.77
CA GLY H 348 -17.07 -19.17 13.56
C GLY H 348 -16.11 -18.37 12.70
N GLY H 349 -16.23 -18.51 11.37
CA GLY H 349 -15.54 -17.64 10.44
C GLY H 349 -16.34 -16.49 9.87
N VAL H 350 -17.66 -16.62 9.86
CA VAL H 350 -18.53 -15.59 9.31
C VAL H 350 -18.43 -14.40 10.20
N ILE H 351 -17.92 -14.61 11.41
CA ILE H 351 -17.82 -13.51 12.36
C ILE H 351 -17.01 -12.30 11.86
N ALA H 352 -15.82 -12.54 11.37
CA ALA H 352 -14.89 -11.47 11.05
C ALA H 352 -15.16 -10.86 9.69
N GLY H 353 -16.24 -11.31 9.06
CA GLY H 353 -16.67 -10.79 7.77
C GLY H 353 -17.96 -9.98 7.71
N GLU H 354 -18.48 -9.55 8.86
CA GLU H 354 -19.68 -8.72 8.88
C GLU H 354 -19.28 -7.28 8.96
N VAL H 355 -17.99 -7.06 8.85
CA VAL H 355 -17.37 -5.81 9.21
C VAL H 355 -17.43 -4.80 8.06
N LYS H 356 -18.26 -5.10 7.06
CA LYS H 356 -18.15 -4.63 5.66
C LYS H 356 -17.93 -3.17 5.26
N ASP H 357 -18.09 -2.22 6.17
CA ASP H 357 -18.01 -0.78 5.87
C ASP H 357 -16.66 -0.19 5.48
N VAL H 358 -16.71 0.98 4.85
CA VAL H 358 -15.51 1.60 4.26
C VAL H 358 -15.33 3.09 4.54
N VAL H 359 -14.07 3.53 4.50
CA VAL H 359 -13.68 4.95 4.63
C VAL H 359 -12.63 5.36 3.58
N LEU H 360 -12.46 6.65 3.33
CA LEU H 360 -11.63 7.05 2.20
C LEU H 360 -10.25 7.51 2.65
N LEU H 361 -9.23 7.23 1.84
CA LEU H 361 -7.89 7.63 2.21
C LEU H 361 -7.30 8.49 1.13
N ASP H 362 -6.57 9.54 1.51
CA ASP H 362 -6.04 10.48 0.54
C ASP H 362 -5.07 9.82 -0.45
N VAL H 363 -5.31 10.06 -1.73
CA VAL H 363 -4.67 9.29 -2.76
C VAL H 363 -3.53 9.84 -3.58
N THR H 364 -3.22 11.12 -3.51
CA THR H 364 -2.40 11.78 -4.55
C THR H 364 -3.07 11.82 -5.90
N PRO H 365 -4.24 12.43 -6.01
CA PRO H 365 -5.10 12.10 -7.14
C PRO H 365 -4.32 12.07 -8.41
N LEU H 366 -3.20 12.76 -8.47
CA LEU H 366 -2.31 12.63 -9.60
C LEU H 366 -0.88 12.39 -9.23
N SER H 367 -0.12 11.88 -10.18
CA SER H 367 1.21 11.36 -9.93
C SER H 367 2.25 12.36 -10.33
N LEU H 368 3.30 12.50 -9.54
CA LEU H 368 4.23 13.60 -9.78
C LEU H 368 5.63 13.13 -10.07
N GLY H 369 6.51 14.09 -10.35
CA GLY H 369 7.86 13.77 -10.76
C GLY H 369 8.62 14.98 -11.27
N ILE H 370 9.62 14.75 -12.10
CA ILE H 370 10.41 15.84 -12.65
C ILE H 370 10.62 15.59 -14.14
N GLU H 371 11.08 16.62 -14.85
CA GLU H 371 11.58 16.38 -16.22
C GLU H 371 12.98 15.75 -16.17
N THR H 372 13.24 14.74 -17.01
CA THR H 372 14.57 14.14 -17.16
C THR H 372 15.17 14.32 -18.54
N MET H 373 16.45 14.59 -18.50
CA MET H 373 17.13 15.30 -19.57
C MET H 373 16.98 14.78 -20.99
N GLY H 374 16.51 15.68 -21.86
CA GLY H 374 16.58 15.43 -23.27
C GLY H 374 15.37 15.08 -24.12
N GLY H 375 14.13 15.25 -23.66
CA GLY H 375 13.78 15.60 -22.32
C GLY H 375 12.46 14.85 -22.20
N VAL H 376 12.05 14.53 -20.98
CA VAL H 376 10.97 13.59 -20.74
C VAL H 376 10.36 13.68 -19.33
N PHE H 377 9.17 13.16 -19.11
CA PHE H 377 8.61 13.18 -17.76
C PHE H 377 8.96 11.88 -17.07
N THR H 378 9.60 11.95 -15.92
CA THR H 378 9.86 10.73 -15.17
C THR H 378 8.83 10.65 -14.09
N LYS H 379 8.28 9.46 -13.85
CA LYS H 379 7.40 9.35 -12.70
C LYS H 379 8.25 9.14 -11.48
N LEU H 380 7.88 9.80 -10.38
CA LEU H 380 8.49 9.58 -9.09
C LEU H 380 7.49 9.04 -8.10
N ILE H 381 6.41 9.75 -7.81
CA ILE H 381 5.41 9.14 -6.95
C ILE H 381 4.20 8.77 -7.77
N GLU H 382 4.02 7.49 -8.06
CA GLU H 382 3.08 7.13 -9.12
C GLU H 382 1.72 7.47 -8.63
N ARG H 383 0.70 7.17 -9.41
CA ARG H 383 -0.48 7.96 -9.25
C ARG H 383 -1.23 7.51 -8.03
N ASN H 384 -2.15 6.58 -8.10
CA ASN H 384 -2.93 6.52 -6.90
C ASN H 384 -2.01 5.83 -5.95
N THR H 385 -1.50 6.56 -4.98
CA THR H 385 -0.46 6.03 -4.16
C THR H 385 -1.02 5.81 -2.80
N THR H 386 -1.17 6.87 -2.02
CA THR H 386 -1.53 6.68 -0.64
C THR H 386 -1.53 8.00 0.12
N ILE H 387 -1.88 7.96 1.39
CA ILE H 387 -1.64 9.09 2.31
C ILE H 387 -0.14 9.18 2.48
N PRO H 388 0.36 9.86 3.50
CA PRO H 388 1.67 10.39 3.25
C PRO H 388 2.50 9.29 2.72
N THR H 389 3.41 9.59 1.80
CA THR H 389 4.39 8.60 1.41
C THR H 389 5.64 9.34 1.02
N SER H 390 6.66 8.62 0.65
CA SER H 390 7.90 9.26 0.33
C SER H 390 8.51 8.36 -0.70
N LYS H 391 9.31 8.91 -1.60
CA LYS H 391 9.99 8.10 -2.60
C LYS H 391 11.21 8.81 -3.05
N SER H 392 12.15 8.09 -3.63
CA SER H 392 13.39 8.74 -4.05
C SER H 392 14.07 8.03 -5.21
N GLN H 393 14.92 8.76 -5.94
CA GLN H 393 15.74 8.16 -7.00
C GLN H 393 17.04 8.95 -7.24
N VAL H 394 17.78 8.55 -8.28
CA VAL H 394 19.05 9.18 -8.57
C VAL H 394 19.26 9.29 -10.06
N PHE H 395 19.62 10.49 -10.56
CA PHE H 395 20.22 10.57 -11.91
C PHE H 395 21.41 11.52 -11.90
N THR H 396 22.05 11.68 -13.05
CA THR H 396 23.29 12.44 -13.07
C THR H 396 23.33 13.58 -14.08
N THR H 397 24.52 14.17 -14.16
CA THR H 397 24.73 15.43 -14.83
C THR H 397 24.25 15.46 -16.28
N ALA H 398 23.42 16.44 -16.57
CA ALA H 398 22.78 16.55 -17.87
C ALA H 398 23.81 16.70 -19.00
N ALA H 399 25.07 16.86 -18.64
CA ALA H 399 26.09 17.14 -19.63
C ALA H 399 27.46 16.77 -19.13
N ASP H 400 28.49 17.17 -19.88
CA ASP H 400 29.87 16.90 -19.49
C ASP H 400 30.17 17.93 -18.41
N ASN H 401 30.40 17.46 -17.19
CA ASN H 401 30.62 18.37 -16.08
C ASN H 401 29.59 19.49 -16.10
N GLN H 402 28.30 19.17 -15.97
CA GLN H 402 27.29 20.22 -16.06
C GLN H 402 27.55 21.28 -15.01
N THR H 403 27.46 22.52 -15.43
CA THR H 403 27.57 23.66 -14.55
C THR H 403 26.65 23.55 -13.31
N THR H 404 25.35 23.36 -13.58
CA THR H 404 24.31 23.43 -12.56
C THR H 404 23.12 22.52 -12.97
N VAL H 405 22.29 22.11 -12.01
CA VAL H 405 21.19 21.21 -12.34
C VAL H 405 19.84 21.81 -11.98
N ASP H 406 18.99 21.90 -12.98
CA ASP H 406 17.65 22.47 -12.81
C ASP H 406 16.68 21.35 -12.46
N ILE H 407 15.76 21.60 -11.54
CA ILE H 407 14.76 20.60 -11.25
C ILE H 407 13.39 21.19 -11.44
N HIS H 408 12.71 20.71 -12.45
CA HIS H 408 11.43 21.26 -12.84
C HIS H 408 10.44 20.15 -12.56
N VAL H 409 9.65 20.32 -11.49
CA VAL H 409 8.80 19.23 -10.97
C VAL H 409 7.35 19.32 -11.39
N LEU H 410 6.90 18.27 -12.04
CA LEU H 410 5.68 18.32 -12.80
C LEU H 410 4.79 17.24 -12.30
N GLN H 411 3.49 17.40 -12.49
CA GLN H 411 2.58 16.35 -12.11
C GLN H 411 1.73 16.05 -13.32
N GLY H 412 1.55 14.77 -13.61
CA GLY H 412 0.70 14.36 -14.72
C GLY H 412 0.86 12.94 -15.17
N GLU H 413 0.05 12.57 -16.14
CA GLU H 413 0.08 11.26 -16.75
C GLU H 413 0.98 11.19 -17.97
N ARG H 414 0.65 11.95 -19.00
CA ARG H 414 1.35 11.84 -20.27
C ARG H 414 2.86 11.82 -20.08
N PRO H 415 3.53 11.00 -20.88
CA PRO H 415 4.94 10.61 -20.77
C PRO H 415 5.99 11.65 -21.07
N MET H 416 5.75 12.51 -22.05
CA MET H 416 6.81 13.37 -22.61
C MET H 416 7.52 14.34 -21.71
N ALA H 417 6.80 14.76 -20.68
CA ALA H 417 7.23 15.80 -19.74
C ALA H 417 6.88 17.22 -20.07
N ALA H 418 6.49 17.50 -21.29
CA ALA H 418 6.04 18.84 -21.47
C ALA H 418 4.57 18.95 -21.43
N ASP H 419 3.90 17.82 -21.54
CA ASP H 419 2.46 17.85 -21.73
C ASP H 419 1.68 18.09 -20.47
N ASN H 420 2.21 17.64 -19.36
CA ASN H 420 1.48 17.70 -18.11
C ASN H 420 1.55 19.05 -17.45
N LYS H 421 0.82 19.25 -16.36
CA LYS H 421 0.86 20.54 -15.70
C LYS H 421 2.24 20.74 -15.09
N SER H 422 2.70 21.98 -15.01
CA SER H 422 4.02 22.27 -14.45
C SER H 422 3.83 22.91 -13.09
N LEU H 423 4.68 22.58 -12.11
CA LEU H 423 4.46 23.12 -10.76
C LEU H 423 5.52 24.07 -10.27
N GLY H 424 6.59 23.56 -9.69
CA GLY H 424 7.66 24.45 -9.28
C GLY H 424 8.87 24.24 -10.12
N ARG H 425 9.81 25.16 -10.07
CA ARG H 425 11.12 24.84 -10.59
C ARG H 425 12.10 25.15 -9.52
N PHE H 426 13.36 24.81 -9.76
CA PHE H 426 14.45 25.38 -8.98
C PHE H 426 15.82 25.05 -9.52
N GLN H 427 16.84 25.56 -8.86
CA GLN H 427 18.20 25.29 -9.29
C GLN H 427 18.96 24.59 -8.19
N LEU H 428 20.02 23.91 -8.55
CA LEU H 428 20.96 23.39 -7.60
C LEU H 428 22.28 23.69 -8.22
N THR H 429 23.13 24.42 -7.52
CA THR H 429 24.36 24.94 -8.13
C THR H 429 25.66 24.41 -7.47
N GLY H 430 26.81 24.81 -8.03
CA GLY H 430 28.10 24.61 -7.38
C GLY H 430 28.71 23.23 -7.13
N ILE H 431 28.90 22.45 -8.19
CA ILE H 431 29.47 21.12 -8.05
C ILE H 431 30.86 21.04 -8.71
N PRO H 432 31.71 20.12 -8.22
CA PRO H 432 32.92 19.81 -8.99
C PRO H 432 32.52 19.39 -10.40
N PRO H 433 33.07 20.07 -11.42
CA PRO H 433 32.74 19.86 -12.82
C PRO H 433 33.23 18.49 -13.31
N ALA H 434 32.52 17.46 -12.91
CA ALA H 434 32.95 16.11 -13.17
C ALA H 434 32.42 15.60 -14.50
N PRO H 435 33.07 14.56 -15.04
CA PRO H 435 32.70 13.86 -16.28
C PRO H 435 31.23 13.45 -16.32
N ARG H 436 30.67 13.38 -17.52
CA ARG H 436 29.27 13.00 -17.69
C ARG H 436 28.90 11.63 -17.05
N GLY H 437 27.74 11.58 -16.41
CA GLY H 437 27.20 10.36 -15.85
C GLY H 437 27.77 10.03 -14.50
N VAL H 438 28.94 10.61 -14.23
CA VAL H 438 29.62 10.45 -12.93
C VAL H 438 28.95 11.18 -11.75
N PRO H 439 28.49 12.42 -11.99
CA PRO H 439 28.00 13.32 -10.92
C PRO H 439 26.65 12.90 -10.35
N GLN H 440 26.65 11.98 -9.40
CA GLN H 440 25.44 11.50 -8.76
C GLN H 440 24.58 12.63 -8.15
N ILE H 441 23.27 12.59 -8.39
CA ILE H 441 22.33 13.44 -7.68
C ILE H 441 21.13 12.61 -7.25
N GLU H 442 20.90 12.55 -5.95
CA GLU H 442 19.75 11.86 -5.40
C GLU H 442 18.72 12.92 -5.14
N VAL H 443 17.50 12.70 -5.59
CA VAL H 443 16.46 13.64 -5.22
C VAL H 443 15.23 12.85 -4.88
N THR H 444 14.34 13.49 -4.12
CA THR H 444 13.21 12.76 -3.58
C THR H 444 11.97 13.58 -3.26
N PHE H 445 10.84 12.90 -3.31
CA PHE H 445 9.60 13.54 -2.97
C PHE H 445 9.23 13.08 -1.59
N ASP H 446 8.84 14.03 -0.75
CA ASP H 446 8.23 13.73 0.54
C ASP H 446 6.81 14.23 0.45
N ILE H 447 5.85 13.42 0.86
CA ILE H 447 4.43 13.80 0.78
C ILE H 447 3.77 13.60 2.14
N ASP H 448 3.35 14.70 2.77
CA ASP H 448 2.76 14.73 4.11
C ASP H 448 1.29 14.45 4.11
N ALA H 449 0.70 14.41 5.29
CA ALA H 449 -0.67 13.94 5.36
C ALA H 449 -1.67 14.86 4.68
N ASN H 450 -1.29 16.11 4.51
CA ASN H 450 -2.20 17.09 3.91
C ASN H 450 -2.24 17.03 2.38
N GLY H 451 -1.11 16.64 1.79
CA GLY H 451 -0.94 16.75 0.36
C GLY H 451 0.12 17.77 0.03
N ILE H 452 0.60 18.47 1.04
CA ILE H 452 1.78 19.29 0.89
C ILE H 452 2.90 18.32 0.58
N VAL H 453 3.85 18.72 -0.26
CA VAL H 453 5.03 17.88 -0.58
C VAL H 453 6.34 18.63 -0.87
N HIS H 454 7.45 18.05 -0.43
CA HIS H 454 8.76 18.68 -0.52
C HIS H 454 9.58 17.92 -1.54
N VAL H 455 10.52 18.61 -2.16
CA VAL H 455 11.38 17.96 -3.14
C VAL H 455 12.83 18.24 -2.79
N ARG H 456 13.58 17.17 -2.61
CA ARG H 456 14.91 17.26 -2.03
C ARG H 456 15.97 16.94 -3.07
N ALA H 457 16.82 17.91 -3.35
CA ALA H 457 17.93 17.68 -4.27
C ALA H 457 19.24 17.65 -3.52
N LYS H 458 19.82 16.47 -3.44
CA LYS H 458 21.01 16.28 -2.64
C LYS H 458 22.06 15.74 -3.61
N ASP H 459 23.20 16.42 -3.71
CA ASP H 459 24.36 15.83 -4.36
C ASP H 459 25.13 15.09 -3.29
N LEU H 460 25.64 13.91 -3.63
CA LEU H 460 26.22 13.07 -2.60
C LEU H 460 27.63 13.47 -2.16
N GLY H 461 28.48 13.84 -3.11
CA GLY H 461 29.87 14.13 -2.77
C GLY H 461 29.98 15.25 -1.74
N THR H 462 29.45 16.42 -2.10
CA THR H 462 29.58 17.60 -1.25
C THR H 462 28.36 17.81 -0.37
N ASN H 463 27.42 16.88 -0.44
CA ASN H 463 26.36 16.80 0.57
C ASN H 463 25.40 18.01 0.57
N LYS H 464 25.67 18.98 -0.29
CA LYS H 464 25.02 20.28 -0.26
C LYS H 464 23.78 20.34 -1.15
N GLU H 465 22.66 20.78 -0.60
CA GLU H 465 21.39 20.56 -1.25
C GLU H 465 20.41 21.71 -1.12
N GLN H 466 19.78 22.11 -2.22
CA GLN H 466 18.58 22.93 -2.15
C GLN H 466 17.38 22.08 -2.49
N SER H 467 16.26 22.37 -1.86
CA SER H 467 15.07 21.61 -2.11
C SER H 467 14.00 22.64 -2.14
N ILE H 468 12.76 22.26 -2.33
CA ILE H 468 11.73 23.27 -2.22
C ILE H 468 10.52 22.60 -1.65
N THR H 469 9.45 23.36 -1.51
CA THR H 469 8.19 22.86 -1.06
C THR H 469 7.18 23.30 -2.08
N ILE H 470 6.16 22.49 -2.33
CA ILE H 470 5.15 22.93 -3.28
C ILE H 470 3.84 23.14 -2.56
N LYS H 471 3.33 24.36 -2.62
CA LYS H 471 2.00 24.67 -2.06
C LYS H 471 0.91 24.23 -3.02
N SER H 472 -0.20 23.77 -2.46
CA SER H 472 -1.20 23.08 -3.25
C SER H 472 -2.05 24.09 -3.98
N SER H 473 -1.66 25.35 -3.87
CA SER H 473 -2.43 26.43 -4.46
C SER H 473 -2.64 26.31 -5.99
N SER H 474 -1.82 25.50 -6.68
CA SER H 474 -1.90 25.38 -8.16
C SER H 474 -2.50 24.08 -8.74
N GLY H 475 -2.69 24.07 -10.08
CA GLY H 475 -3.26 22.93 -10.76
C GLY H 475 -4.48 22.37 -10.06
N LEU H 476 -5.44 23.25 -9.68
CA LEU H 476 -6.44 22.96 -8.62
C LEU H 476 -7.14 21.59 -8.68
N SER H 477 -7.32 20.96 -7.53
CA SER H 477 -7.70 19.58 -7.59
C SER H 477 -9.21 19.49 -7.58
N GLU H 478 -9.85 19.29 -8.72
CA GLU H 478 -11.01 18.39 -8.77
C GLU H 478 -11.29 17.66 -10.09
N GLU H 479 -11.78 18.43 -11.05
CA GLU H 479 -12.24 17.90 -12.33
C GLU H 479 -11.08 17.75 -13.29
N GLU H 480 -10.15 18.69 -13.17
CA GLU H 480 -8.97 18.77 -14.01
C GLU H 480 -8.29 17.39 -14.16
N ILE H 481 -8.38 16.57 -13.11
CA ILE H 481 -7.82 15.24 -13.17
C ILE H 481 -8.71 14.37 -14.05
N GLN H 482 -9.98 14.32 -13.71
CA GLN H 482 -10.89 13.37 -14.34
C GLN H 482 -10.83 13.67 -15.80
N ARG H 483 -10.24 14.82 -16.10
CA ARG H 483 -9.95 15.20 -17.45
C ARG H 483 -8.67 14.50 -17.81
N MET H 484 -7.59 15.03 -17.27
CA MET H 484 -6.28 14.73 -17.77
C MET H 484 -6.06 13.24 -17.91
N ILE H 485 -6.65 12.47 -17.00
CA ILE H 485 -6.53 11.03 -17.07
C ILE H 485 -7.05 10.51 -18.41
N LYS H 486 -8.37 10.50 -18.61
CA LYS H 486 -8.86 9.89 -19.84
C LYS H 486 -8.25 10.63 -21.02
N GLU H 487 -7.73 11.83 -20.75
CA GLU H 487 -6.92 12.50 -21.76
C GLU H 487 -5.71 11.65 -22.19
N ALA H 488 -4.80 11.38 -21.27
CA ALA H 488 -3.57 10.61 -21.56
C ALA H 488 -3.81 9.12 -21.71
N GLU H 489 -5.00 8.67 -21.38
CA GLU H 489 -5.36 7.33 -21.75
C GLU H 489 -5.65 7.42 -23.22
N GLU H 490 -6.71 8.13 -23.58
CA GLU H 490 -7.22 8.07 -24.93
C GLU H 490 -6.06 8.20 -25.92
N ASN H 491 -5.07 9.02 -25.62
CA ASN H 491 -3.89 9.19 -26.48
C ASN H 491 -2.63 8.35 -26.18
N ALA H 492 -2.78 7.29 -25.40
CA ALA H 492 -1.65 6.49 -24.90
C ALA H 492 -0.65 6.02 -25.96
N GLU H 493 -1.03 6.06 -27.23
CA GLU H 493 -0.06 5.81 -28.31
C GLU H 493 1.05 6.86 -28.23
N ALA H 494 0.92 7.74 -27.25
CA ALA H 494 1.98 8.64 -26.83
C ALA H 494 3.28 7.87 -26.52
N ASP H 495 3.20 6.55 -26.37
CA ASP H 495 4.37 5.79 -25.89
C ASP H 495 5.71 5.87 -26.68
N ARG H 496 5.67 6.42 -27.89
CA ARG H 496 6.87 6.62 -28.71
C ARG H 496 7.51 7.87 -28.11
N LYS H 497 7.16 8.04 -26.85
CA LYS H 497 8.06 8.65 -25.91
C LYS H 497 9.40 8.01 -26.22
N ARG H 498 9.39 6.80 -26.80
CA ARG H 498 10.69 6.21 -27.17
C ARG H 498 11.51 7.21 -27.97
N LYS H 499 10.83 8.14 -28.64
CA LYS H 499 11.48 9.20 -29.39
C LYS H 499 12.61 9.69 -28.54
N GLU H 500 12.19 10.30 -27.45
CA GLU H 500 13.06 10.93 -26.51
C GLU H 500 14.12 9.96 -26.06
N ALA H 501 13.69 8.77 -25.65
CA ALA H 501 14.67 7.81 -25.19
C ALA H 501 15.67 7.50 -26.32
N ALA H 502 15.15 7.37 -27.56
CA ALA H 502 15.94 7.05 -28.75
C ALA H 502 16.83 8.19 -29.05
N GLU H 503 16.36 9.36 -28.65
CA GLU H 503 17.02 10.61 -28.90
C GLU H 503 18.17 10.55 -27.92
N LEU H 504 18.43 9.32 -27.49
CA LEU H 504 19.69 8.91 -26.87
C LEU H 504 20.69 9.56 -27.79
N ARG H 505 20.16 9.90 -28.96
CA ARG H 505 20.84 10.72 -29.96
C ARG H 505 21.64 11.85 -29.33
N ASN H 506 20.95 12.81 -28.72
CA ASN H 506 21.60 14.05 -28.32
C ASN H 506 22.89 13.75 -27.53
N GLU H 507 23.08 12.48 -27.17
CA GLU H 507 24.39 12.00 -26.76
C GLU H 507 25.03 11.52 -28.04
N ALA H 508 25.94 12.32 -28.59
CA ALA H 508 26.70 11.94 -29.78
C ALA H 508 28.12 11.48 -29.44
N ASP H 509 28.45 11.55 -28.15
CA ASP H 509 29.84 11.49 -27.67
C ASP H 509 30.66 12.70 -28.11
#